data_6JR8
#
_entry.id   6JR8
#
_cell.length_a   102.370
_cell.length_b   112.625
_cell.length_c   114.172
_cell.angle_alpha   111.06
_cell.angle_beta   92.98
_cell.angle_gamma   114.54
#
_symmetry.space_group_name_H-M   'P 1'
#
loop_
_entity.id
_entity.type
_entity.pdbx_description
1 polymer 'Candidate alpha-glycosidase Glycoside hydrolase family 31'
2 branched alpha-D-glucopyranose-(1-6)-alpha-D-glucopyranose-(1-6)-alpha-D-glucopyranose
3 non-polymer 'ACETATE ION'
4 non-polymer (4S)-2-METHYL-2,4-PENTANEDIOL
5 water water
#
_entity_poly.entity_id   1
_entity_poly.type   'polypeptide(L)'
_entity_poly.pdbx_seq_one_letter_code
;MGSSHHHHHHSSGLVPRGSHMASQKKEQYLGNCTAYSVKGNKVVFSCANNSKIMLQLCSGEVVKIWASADGNFVRNNESF
AVIEEDLGWKGNVTVKEEPSTYEIFTEQLRIRVNKAPFQLQIFDKYQKLLFSDYAEKGFVNDNGKIRTNKVLRNDEQFFG
LGEKSGNLNRRGSAYKMWNSDQPCYGVNEDPLYKSIPFFMSSYRYGIFFDNTYKTEFKFGSESNDYYSFEAPAGQMVYYF
MFGNDYKEIIQNYIALTGKPIMPPKWALGFSQCRGDYTREDQAREIAAEFRKRKIPCDIIYQDIGWTEGLQDFDWRKNNY
NNPKGMVKDLSDMGFKMIVSQDPVISQANQQQWKEADALGHLVKDVRTGKSYDMPWPWGGNCGVVDFTKPEVADWWGSYQ
QKPLNDGVRGFWTAMGEPAWSNEDAVDRLNMKHHLGMHNEIHNVYGFTWDKVVTEQFYKHNPNKRIFQMTRAAYAGLQRY
TFGWSGDSGNGSNVLDGWKQMANQIPVGLSAGMGLIPFWTCDISGYCGDIKDYDAMAELYVRWLQFGVFTPLSRAHHEGG
NAVEPWKFGTEAENISRKSIELKYKLFPYLYTYAREAHDTGLPIMRALLLEYPNDKETFKLNGQFLVGKELLVAPVVEQG
AVTKDVYLPEGEWIDFNNCKTKYKGEQWITVDAPLNTIPVFVKKGSIIPQMPVMQYIDEKKVYPVTFDIFPGNLNKETSF
TFYEDDGESRDYERDVFCKTKITSKASNEEIKITVGEREYKGYSPAGPRNFILKIHASNKPKDVFAGGEKLKNVKPHVLE
KNIEADFTKINWSWNEAENVISVRIPDSGKNAVITIKN
;
_entity_poly.pdbx_strand_id   A,B,C,D
#
# COMPACT_ATOMS: atom_id res chain seq x y z
N GLU A 27 46.11 16.83 53.66
CA GLU A 27 46.03 15.55 52.90
C GLU A 27 47.14 15.45 51.84
N GLN A 28 47.54 14.22 51.58
CA GLN A 28 48.76 13.90 50.84
C GLN A 28 48.37 13.27 49.52
N TYR A 29 48.98 13.76 48.43
CA TYR A 29 48.83 13.17 47.09
C TYR A 29 50.11 12.47 46.68
N LEU A 30 50.07 11.71 45.59
CA LEU A 30 51.30 11.05 45.11
C LEU A 30 52.34 12.08 44.65
N GLY A 31 51.89 13.16 44.01
CA GLY A 31 52.80 14.15 43.43
C GLY A 31 53.60 13.58 42.30
N ASN A 32 54.81 14.10 42.10
CA ASN A 32 55.58 13.76 40.92
C ASN A 32 56.26 12.41 41.02
N CYS A 33 56.24 11.69 39.91
CA CYS A 33 56.89 10.39 39.81
C CYS A 33 58.30 10.58 39.28
N THR A 34 59.27 10.10 40.06
CA THR A 34 60.70 10.25 39.77
C THR A 34 61.38 9.04 39.14
N ALA A 35 60.74 7.86 39.17
CA ALA A 35 61.40 6.61 38.79
C ALA A 35 60.40 5.48 38.73
N TYR A 36 60.77 4.41 38.05
CA TYR A 36 60.00 3.18 38.06
C TYR A 36 60.93 1.98 38.11
N SER A 37 60.36 0.88 38.54
CA SER A 37 61.06 -0.38 38.62
C SER A 37 60.08 -1.48 38.22
N VAL A 38 60.53 -2.41 37.40
CA VAL A 38 59.75 -3.56 36.98
C VAL A 38 60.22 -4.80 37.73
N LYS A 39 59.26 -5.60 38.19
CA LYS A 39 59.51 -6.93 38.75
C LYS A 39 58.52 -7.92 38.15
N GLY A 40 58.92 -8.56 37.05
CA GLY A 40 58.03 -9.46 36.32
C GLY A 40 56.84 -8.69 35.77
N ASN A 41 55.64 -9.10 36.17
CA ASN A 41 54.38 -8.45 35.76
C ASN A 41 54.01 -7.24 36.63
N LYS A 42 54.90 -6.81 37.55
CA LYS A 42 54.65 -5.68 38.42
C LYS A 42 55.55 -4.51 38.08
N VAL A 43 54.96 -3.32 38.01
CA VAL A 43 55.74 -2.08 37.91
C VAL A 43 55.39 -1.16 39.07
N VAL A 44 56.42 -0.68 39.76
CA VAL A 44 56.28 0.24 40.87
C VAL A 44 56.81 1.63 40.49
N PHE A 45 55.95 2.63 40.62
CA PHE A 45 56.27 4.03 40.34
C PHE A 45 56.52 4.71 41.66
N SER A 46 57.70 5.30 41.81
CA SER A 46 58.05 6.04 43.02
C SER A 46 57.66 7.50 42.85
N CYS A 47 56.90 8.02 43.82
CA CYS A 47 56.38 9.38 43.76
C CYS A 47 56.89 10.17 44.98
N ALA A 48 56.14 11.17 45.46
CA ALA A 48 56.65 12.09 46.48
C ALA A 48 56.66 11.47 47.87
N ASN A 49 57.68 11.80 48.67
CA ASN A 49 57.70 11.50 50.12
C ASN A 49 57.44 10.03 50.44
N ASN A 50 58.22 9.16 49.79
CA ASN A 50 58.12 7.71 50.00
C ASN A 50 56.88 7.01 49.42
N SER A 51 55.87 7.76 48.97
CA SER A 51 54.71 7.15 48.33
C SER A 51 55.08 6.45 47.01
N LYS A 52 54.32 5.39 46.71
CA LYS A 52 54.52 4.57 45.53
C LYS A 52 53.18 4.04 45.05
N ILE A 53 53.13 3.65 43.78
CA ILE A 53 51.95 2.99 43.22
C ILE A 53 52.39 1.87 42.31
N MET A 54 51.78 0.70 42.50
CA MET A 54 52.07 -0.47 41.69
C MET A 54 50.96 -0.71 40.70
N LEU A 55 51.35 -1.03 39.46
CA LEU A 55 50.44 -1.62 38.48
C LEU A 55 50.92 -3.02 38.23
N GLN A 56 50.00 -3.99 38.30
CA GLN A 56 50.32 -5.37 38.08
C GLN A 56 49.40 -5.90 37.02
N LEU A 57 49.99 -6.42 35.96
CA LEU A 57 49.22 -6.98 34.87
C LEU A 57 48.87 -8.42 35.20
N CYS A 58 47.60 -8.65 35.52
CA CYS A 58 47.10 -10.01 35.75
C CYS A 58 46.82 -10.67 34.41
N SER A 59 46.37 -9.86 33.46
CA SER A 59 46.16 -10.26 32.08
C SER A 59 46.23 -8.98 31.23
N GLY A 60 46.01 -9.12 29.93
CA GLY A 60 45.87 -7.94 29.07
C GLY A 60 44.69 -7.00 29.40
N GLU A 61 43.70 -7.54 30.13
CA GLU A 61 42.49 -6.80 30.48
C GLU A 61 42.36 -6.40 31.94
N VAL A 62 43.13 -7.03 32.83
CA VAL A 62 42.92 -6.87 34.26
C VAL A 62 44.18 -6.34 34.91
N VAL A 63 44.07 -5.17 35.54
CA VAL A 63 45.20 -4.53 36.19
C VAL A 63 44.92 -4.41 37.69
N LYS A 64 45.80 -4.98 38.50
CA LYS A 64 45.80 -4.74 39.93
C LYS A 64 46.58 -3.46 40.22
N ILE A 65 45.94 -2.56 40.95
CA ILE A 65 46.50 -1.26 41.25
C ILE A 65 46.58 -1.12 42.76
N TRP A 66 47.76 -0.80 43.27
CA TRP A 66 47.98 -0.66 44.69
C TRP A 66 48.69 0.67 44.91
N ALA A 67 47.98 1.64 45.46
CA ALA A 67 48.54 2.95 45.79
C ALA A 67 48.89 2.94 47.27
N SER A 68 50.09 3.41 47.60
CA SER A 68 50.64 3.32 48.94
C SER A 68 51.24 4.66 49.37
N ALA A 69 50.76 5.18 50.49
CA ALA A 69 51.26 6.43 51.07
C ALA A 69 52.70 6.32 51.57
N ASP A 70 53.10 5.14 52.06
CA ASP A 70 54.43 4.94 52.66
C ASP A 70 55.38 4.07 51.85
N GLY A 71 54.89 3.50 50.75
CA GLY A 71 55.69 2.66 49.89
C GLY A 71 55.95 1.24 50.34
N ASN A 72 55.27 0.78 51.40
CA ASN A 72 55.57 -0.55 51.99
C ASN A 72 54.85 -1.79 51.39
N PHE A 73 53.68 -1.58 50.81
CA PHE A 73 52.89 -2.66 50.18
C PHE A 73 52.67 -3.91 51.06
N VAL A 74 52.17 -3.65 52.27
CA VAL A 74 51.71 -4.70 53.18
C VAL A 74 50.29 -4.40 53.64
N ARG A 75 49.56 -5.47 53.90
CA ARG A 75 48.20 -5.38 54.38
C ARG A 75 48.08 -6.34 55.55
N ASN A 76 47.22 -5.99 56.49
CA ASN A 76 47.04 -6.80 57.70
C ASN A 76 46.51 -8.19 57.36
N ASN A 77 45.62 -8.25 56.39
CA ASN A 77 45.11 -9.51 55.87
C ASN A 77 45.17 -9.50 54.35
N GLU A 78 45.59 -10.63 53.78
CA GLU A 78 45.53 -10.82 52.35
C GLU A 78 44.07 -10.91 51.95
N SER A 79 43.79 -10.82 50.65
CA SER A 79 42.40 -10.74 50.20
C SER A 79 41.59 -11.96 50.70
N PHE A 80 40.40 -11.69 51.22
CA PHE A 80 39.43 -12.76 51.49
C PHE A 80 38.67 -13.17 50.21
N ALA A 81 38.64 -12.27 49.22
CA ALA A 81 37.83 -12.45 48.01
C ALA A 81 38.60 -13.02 46.83
N VAL A 82 39.81 -12.54 46.62
CA VAL A 82 40.60 -12.94 45.46
C VAL A 82 41.27 -14.29 45.71
N ILE A 83 41.03 -15.23 44.81
CA ILE A 83 41.64 -16.56 44.89
C ILE A 83 42.66 -16.82 43.77
N GLU A 84 42.77 -15.91 42.80
CA GLU A 84 43.67 -16.08 41.65
C GLU A 84 43.99 -14.71 41.10
N GLU A 85 45.27 -14.35 41.07
CA GLU A 85 45.72 -13.13 40.39
C GLU A 85 46.34 -13.38 39.01
N ASP A 86 46.72 -14.62 38.70
CA ASP A 86 47.28 -14.95 37.40
C ASP A 86 46.16 -15.22 36.41
N LEU A 87 45.81 -14.21 35.61
CA LEU A 87 44.76 -14.36 34.59
C LEU A 87 45.37 -14.53 33.19
N GLY A 88 46.63 -15.00 33.15
CA GLY A 88 47.25 -15.43 31.89
C GLY A 88 48.31 -14.50 31.31
N TRP A 89 48.58 -13.37 31.99
CA TRP A 89 49.67 -12.48 31.57
C TRP A 89 51.01 -13.25 31.47
N LYS A 90 51.68 -13.11 30.32
CA LYS A 90 53.00 -13.75 30.09
C LYS A 90 54.11 -12.70 30.02
N GLY A 91 55.21 -12.98 30.71
CA GLY A 91 56.42 -12.18 30.64
C GLY A 91 56.41 -10.96 31.52
N ASN A 92 57.37 -10.08 31.25
CA ASN A 92 57.51 -8.85 32.03
C ASN A 92 56.58 -7.76 31.49
N VAL A 93 56.24 -6.81 32.34
CA VAL A 93 55.61 -5.56 31.87
C VAL A 93 56.71 -4.77 31.17
N THR A 94 56.42 -4.34 29.96
CA THR A 94 57.29 -3.44 29.21
C THR A 94 56.82 -2.01 29.43
N VAL A 95 57.72 -1.16 29.91
CA VAL A 95 57.44 0.25 30.15
C VAL A 95 58.26 1.10 29.18
N LYS A 96 57.60 1.98 28.45
CA LYS A 96 58.26 2.91 27.52
C LYS A 96 58.29 4.27 28.20
N GLU A 97 59.48 4.82 28.40
CA GLU A 97 59.61 6.12 28.98
C GLU A 97 59.65 7.21 27.88
N GLU A 98 58.87 8.27 28.09
CA GLU A 98 58.84 9.45 27.22
C GLU A 98 59.21 10.62 28.11
N PRO A 99 59.38 11.82 27.52
CA PRO A 99 59.82 12.94 28.37
C PRO A 99 58.89 13.28 29.53
N SER A 100 57.58 13.21 29.33
CA SER A 100 56.65 13.61 30.36
C SER A 100 55.69 12.51 30.85
N THR A 101 55.83 11.31 30.28
CA THR A 101 54.92 10.20 30.56
C THR A 101 55.66 8.85 30.47
N TYR A 102 55.04 7.81 31.04
CA TYR A 102 55.39 6.43 30.76
C TYR A 102 54.20 5.79 30.04
N GLU A 103 54.49 4.82 29.18
CA GLU A 103 53.45 4.07 28.44
C GLU A 103 53.60 2.55 28.64
N ILE A 104 52.46 1.86 28.78
CA ILE A 104 52.40 0.39 28.89
C ILE A 104 51.26 -0.04 27.97
N PHE A 105 51.53 -0.98 27.07
CA PHE A 105 50.58 -1.49 26.08
C PHE A 105 50.28 -2.95 26.46
N THR A 106 49.01 -3.33 26.33
CA THR A 106 48.63 -4.73 26.30
C THR A 106 47.84 -4.94 25.02
N GLU A 107 47.41 -6.16 24.81
CA GLU A 107 46.60 -6.48 23.64
C GLU A 107 45.26 -5.68 23.63
N GLN A 108 44.71 -5.33 24.81
CA GLN A 108 43.41 -4.64 24.93
C GLN A 108 43.48 -3.21 25.45
N LEU A 109 44.60 -2.82 26.04
CA LEU A 109 44.69 -1.55 26.75
C LEU A 109 45.91 -0.73 26.29
N ARG A 110 45.81 0.59 26.46
CA ARG A 110 46.92 1.50 26.35
C ARG A 110 46.92 2.27 27.63
N ILE A 111 48.03 2.22 28.36
CA ILE A 111 48.13 2.89 29.64
C ILE A 111 49.12 4.06 29.47
N ARG A 112 48.69 5.24 29.91
CA ARG A 112 49.50 6.47 29.94
C ARG A 112 49.63 6.87 31.40
N VAL A 113 50.86 7.01 31.87
CA VAL A 113 51.14 7.51 33.20
C VAL A 113 51.81 8.87 33.04
N ASN A 114 51.14 9.93 33.51
CA ASN A 114 51.74 11.25 33.55
C ASN A 114 52.79 11.26 34.67
N LYS A 115 53.95 11.87 34.42
CA LYS A 115 55.02 11.91 35.41
C LYS A 115 54.74 12.95 36.49
N ALA A 116 54.42 14.17 36.06
CA ALA A 116 54.44 15.34 36.94
C ALA A 116 53.13 16.08 36.82
N PRO A 117 52.17 15.86 37.72
CA PRO A 117 52.19 14.86 38.81
C PRO A 117 51.70 13.49 38.32
N PHE A 118 51.87 12.45 39.14
CA PHE A 118 51.41 11.12 38.79
C PHE A 118 49.92 11.16 38.42
N GLN A 119 49.61 10.67 37.22
CA GLN A 119 48.25 10.38 36.80
C GLN A 119 48.23 9.11 35.99
N LEU A 120 47.30 8.22 36.35
CA LEU A 120 47.05 6.98 35.61
C LEU A 120 45.85 7.19 34.69
N GLN A 121 46.06 6.90 33.41
CA GLN A 121 45.01 6.91 32.43
C GLN A 121 45.03 5.60 31.68
N ILE A 122 43.86 4.99 31.53
CA ILE A 122 43.74 3.75 30.77
C ILE A 122 42.80 3.98 29.59
N PHE A 123 43.28 3.62 28.40
CA PHE A 123 42.55 3.73 27.15
C PHE A 123 42.32 2.34 26.60
N ASP A 124 41.32 2.17 25.73
CA ASP A 124 41.23 0.95 24.94
C ASP A 124 42.24 1.00 23.80
N LYS A 125 42.34 -0.08 23.03
CA LYS A 125 43.33 -0.14 21.95
C LYS A 125 43.10 0.83 20.79
N TYR A 126 41.92 1.47 20.75
CA TYR A 126 41.57 2.49 19.74
C TYR A 126 41.83 3.90 20.25
N GLN A 127 42.48 3.99 21.42
CA GLN A 127 42.87 5.24 22.06
C GLN A 127 41.68 6.07 22.55
N LYS A 128 40.57 5.41 22.91
CA LYS A 128 39.48 6.05 23.65
C LYS A 128 39.74 5.91 25.14
N LEU A 129 39.66 7.02 25.88
CA LEU A 129 39.88 7.05 27.30
C LEU A 129 38.77 6.34 28.06
N LEU A 130 39.16 5.39 28.93
CA LEU A 130 38.21 4.63 29.75
C LEU A 130 38.14 5.13 31.17
N PHE A 131 39.29 5.49 31.74
CA PHE A 131 39.47 5.50 33.17
C PHE A 131 40.70 6.36 33.51
N SER A 132 40.47 7.49 34.16
CA SER A 132 41.53 8.47 34.40
C SER A 132 41.50 9.02 35.83
N ASP A 133 42.66 9.12 36.47
CA ASP A 133 42.80 9.88 37.70
C ASP A 133 42.32 11.31 37.50
N TYR A 134 41.68 11.85 38.53
CA TYR A 134 41.23 13.24 38.51
C TYR A 134 42.36 14.17 38.97
N ALA A 135 42.82 15.02 38.04
CA ALA A 135 43.83 16.04 38.35
C ALA A 135 45.03 15.42 39.07
N GLU A 136 45.49 16.00 40.17
CA GLU A 136 46.61 15.43 40.92
C GLU A 136 46.15 14.53 42.07
N LYS A 137 44.83 14.29 42.13
CA LYS A 137 44.19 13.66 43.28
C LYS A 137 43.74 12.23 42.99
N GLY A 138 44.49 11.53 42.17
CA GLY A 138 44.17 10.14 41.86
C GLY A 138 44.23 9.29 43.12
N PHE A 139 45.21 9.55 43.98
CA PHE A 139 45.27 8.91 45.29
C PHE A 139 45.42 9.98 46.36
N VAL A 140 44.60 9.91 47.38
CA VAL A 140 44.66 10.84 48.50
C VAL A 140 44.77 10.04 49.79
N ASN A 141 45.79 10.34 50.61
CA ASN A 141 45.90 9.79 51.96
C ASN A 141 45.77 10.90 53.00
N ASP A 142 45.01 10.64 54.05
CA ASP A 142 44.86 11.60 55.16
C ASP A 142 44.85 10.83 56.46
N ASN A 143 46.04 10.63 57.02
CA ASN A 143 46.24 9.96 58.30
C ASN A 143 45.58 8.56 58.30
N GLY A 144 45.76 7.82 57.21
CA GLY A 144 45.19 6.47 57.08
C GLY A 144 43.91 6.36 56.25
N LYS A 145 43.11 7.43 56.20
CA LYS A 145 41.97 7.49 55.29
C LYS A 145 42.51 7.52 53.88
N ILE A 146 41.97 6.69 53.02
CA ILE A 146 42.50 6.54 51.67
C ILE A 146 41.36 6.74 50.67
N ARG A 147 41.65 7.47 49.60
CA ARG A 147 40.63 7.80 48.58
C ARG A 147 41.25 7.83 47.20
N THR A 148 40.47 7.42 46.22
CA THR A 148 40.82 7.44 44.81
C THR A 148 39.78 8.32 44.13
N ASN A 149 40.23 9.32 43.38
CA ASN A 149 39.34 10.21 42.60
C ASN A 149 39.56 10.01 41.12
N LYS A 150 38.47 9.80 40.38
CA LYS A 150 38.56 9.53 38.96
C LYS A 150 37.72 10.52 38.20
N VAL A 151 38.15 10.84 36.98
CA VAL A 151 37.38 11.68 36.08
C VAL A 151 36.03 11.02 35.86
N LEU A 152 34.96 11.80 35.94
CA LEU A 152 33.61 11.33 35.66
C LEU A 152 33.14 11.96 34.37
N ARG A 153 32.82 11.14 33.38
CA ARG A 153 32.38 11.63 32.06
C ARG A 153 30.87 11.91 32.14
N ASN A 154 30.39 12.87 31.37
CA ASN A 154 28.96 13.30 31.45
C ASN A 154 27.97 12.15 31.20
N ASP A 155 28.34 11.22 30.32
CA ASP A 155 27.47 10.10 29.94
C ASP A 155 27.81 8.75 30.62
N GLU A 156 28.69 8.79 31.63
CA GLU A 156 29.15 7.57 32.32
C GLU A 156 28.14 7.14 33.37
N GLN A 157 27.62 5.93 33.21
CA GLN A 157 26.68 5.31 34.14
C GLN A 157 27.38 4.18 34.90
N PHE A 158 26.80 3.79 36.02
CA PHE A 158 27.37 2.78 36.92
C PHE A 158 26.32 1.80 37.42
N PHE A 159 26.73 0.52 37.53
CA PHE A 159 25.87 -0.55 38.05
C PHE A 159 26.63 -1.37 39.06
N GLY A 160 25.87 -1.97 39.97
CA GLY A 160 26.40 -2.98 40.89
C GLY A 160 26.52 -2.54 42.34
N LEU A 161 27.66 -2.88 42.94
CA LEU A 161 27.87 -2.84 44.39
C LEU A 161 26.98 -3.83 45.16
N GLY A 162 26.60 -4.91 44.50
CA GLY A 162 25.95 -6.02 45.13
C GLY A 162 24.51 -5.76 45.50
N GLU A 163 24.12 -6.30 46.66
CA GLU A 163 22.74 -6.31 47.10
C GLU A 163 22.42 -4.99 47.80
N LYS A 164 21.96 -4.05 46.99
CA LYS A 164 21.68 -2.68 47.41
C LYS A 164 20.43 -2.18 46.73
N SER A 165 19.77 -1.23 47.40
CA SER A 165 18.45 -0.74 47.04
C SER A 165 18.52 0.44 46.05
N GLY A 166 17.35 0.99 45.71
CA GLY A 166 17.25 2.08 44.77
C GLY A 166 17.26 1.64 43.34
N ASN A 167 17.48 2.61 42.46
CA ASN A 167 17.53 2.32 41.03
C ASN A 167 18.80 1.57 40.65
N LEU A 168 18.67 0.73 39.62
CA LEU A 168 19.79 -0.05 39.07
C LEU A 168 21.00 0.82 38.78
N ASN A 169 20.74 1.97 38.13
CA ASN A 169 21.81 2.92 37.78
C ASN A 169 22.25 3.71 39.03
N ARG A 170 23.50 3.54 39.43
CA ARG A 170 24.06 4.15 40.63
C ARG A 170 24.55 5.59 40.39
N ARG A 171 24.58 6.02 39.14
CA ARG A 171 25.10 7.36 38.80
C ARG A 171 24.32 8.41 39.59
N GLY A 172 25.06 9.31 40.24
CA GLY A 172 24.48 10.41 41.03
C GLY A 172 24.29 10.15 42.51
N SER A 173 24.53 8.90 42.94
CA SER A 173 24.30 8.50 44.33
C SER A 173 25.58 8.00 44.99
N ALA A 174 25.50 7.93 46.32
CA ALA A 174 26.58 7.47 47.17
C ALA A 174 26.11 6.23 47.94
N TYR A 175 27.05 5.30 48.14
CA TYR A 175 26.79 4.02 48.78
C TYR A 175 27.91 3.66 49.70
N LYS A 176 27.59 2.93 50.76
CA LYS A 176 28.53 2.57 51.79
C LYS A 176 28.52 1.05 52.03
N MET A 177 29.68 0.51 52.38
CA MET A 177 29.83 -0.89 52.78
C MET A 177 29.99 -1.05 54.28
N TRP A 178 28.88 -1.38 54.92
CA TRP A 178 28.87 -1.72 56.35
C TRP A 178 27.72 -2.66 56.55
N ASN A 179 27.99 -3.96 56.66
CA ASN A 179 26.91 -4.93 56.71
C ASN A 179 25.99 -4.54 57.87
N SER A 180 24.74 -4.29 57.52
CA SER A 180 23.78 -3.70 58.43
C SER A 180 22.51 -4.51 58.50
N ASP A 181 21.80 -4.29 59.61
CA ASP A 181 20.60 -4.97 59.98
C ASP A 181 19.55 -3.86 60.11
N GLN A 182 18.80 -3.68 59.04
CA GLN A 182 17.79 -2.63 58.88
C GLN A 182 16.47 -3.32 58.51
N PRO A 183 15.72 -3.80 59.54
CA PRO A 183 14.50 -4.54 59.26
C PRO A 183 13.48 -3.67 58.55
N CYS A 184 12.67 -4.30 57.70
CA CYS A 184 11.60 -3.61 56.98
C CYS A 184 12.16 -2.41 56.19
N TYR A 185 13.31 -2.62 55.56
CA TYR A 185 14.04 -1.53 54.91
C TYR A 185 13.30 -0.88 53.74
N GLY A 186 13.54 0.43 53.59
CA GLY A 186 12.93 1.24 52.56
C GLY A 186 13.53 1.04 51.18
N VAL A 187 12.88 1.71 50.22
CA VAL A 187 13.23 1.65 48.82
C VAL A 187 14.65 2.17 48.52
N ASN A 188 15.20 3.00 49.38
CA ASN A 188 16.54 3.56 49.16
C ASN A 188 17.49 3.32 50.33
N GLU A 189 17.12 2.46 51.28
CA GLU A 189 17.94 2.27 52.46
C GLU A 189 19.31 1.69 52.10
N ASP A 190 20.36 2.30 52.64
CA ASP A 190 21.72 1.84 52.43
C ASP A 190 22.53 2.25 53.66
N PRO A 191 23.46 1.41 54.11
CA PRO A 191 23.83 0.08 53.66
C PRO A 191 22.83 -0.97 54.11
N LEU A 192 22.83 -2.10 53.40
CA LEU A 192 22.05 -3.27 53.78
C LEU A 192 23.01 -4.38 54.26
N TYR A 193 22.64 -5.63 54.08
CA TYR A 193 23.27 -6.76 54.77
C TYR A 193 24.58 -7.25 54.17
N LYS A 194 24.79 -6.99 52.87
CA LYS A 194 25.96 -7.53 52.16
C LYS A 194 26.84 -6.42 51.56
N SER A 195 28.14 -6.65 51.51
CA SER A 195 29.11 -5.71 50.98
C SER A 195 29.97 -6.32 49.89
N ILE A 196 29.61 -6.06 48.63
CA ILE A 196 30.32 -6.61 47.48
C ILE A 196 30.84 -5.43 46.68
N PRO A 197 32.08 -4.98 46.98
CA PRO A 197 32.57 -3.72 46.37
C PRO A 197 33.06 -3.88 44.91
N PHE A 198 32.15 -4.33 44.04
CA PHE A 198 32.39 -4.53 42.63
C PHE A 198 31.31 -3.76 41.88
N PHE A 199 31.75 -2.74 41.12
CA PHE A 199 30.85 -2.01 40.21
C PHE A 199 31.35 -2.07 38.80
N MET A 200 30.42 -1.84 37.86
CA MET A 200 30.74 -1.71 36.45
C MET A 200 30.31 -0.33 35.93
N SER A 201 31.11 0.19 35.01
CA SER A 201 30.87 1.47 34.34
C SER A 201 30.40 1.21 32.92
N SER A 202 29.56 2.11 32.40
CA SER A 202 29.13 2.03 31.00
C SER A 202 30.27 2.33 30.03
N TYR A 203 31.40 2.81 30.54
CA TYR A 203 32.64 2.85 29.75
C TYR A 203 33.33 1.47 29.61
N ARG A 204 32.66 0.40 30.00
CA ARG A 204 33.10 -0.99 29.80
C ARG A 204 34.35 -1.38 30.60
N TYR A 205 34.35 -1.00 31.86
CA TYR A 205 35.26 -1.61 32.81
C TYR A 205 34.53 -1.84 34.12
N GLY A 206 35.06 -2.80 34.87
CA GLY A 206 34.66 -2.98 36.24
C GLY A 206 35.80 -2.62 37.19
N ILE A 207 35.42 -2.33 38.42
CA ILE A 207 36.33 -2.07 39.50
C ILE A 207 35.92 -2.96 40.68
N PHE A 208 36.88 -3.66 41.25
CA PHE A 208 36.69 -4.37 42.48
C PHE A 208 37.66 -3.73 43.48
N PHE A 209 37.11 -3.08 44.50
CA PHE A 209 37.90 -2.40 45.49
C PHE A 209 38.12 -3.42 46.61
N ASP A 210 39.33 -3.96 46.65
CA ASP A 210 39.71 -5.14 47.47
C ASP A 210 40.05 -4.71 48.90
N ASN A 211 39.09 -4.04 49.55
CA ASN A 211 39.25 -3.51 50.91
C ASN A 211 38.00 -3.84 51.72
N THR A 212 38.18 -4.28 52.99
CA THR A 212 37.07 -4.78 53.81
C THR A 212 36.53 -3.81 54.85
N TYR A 213 37.12 -2.62 54.93
CA TYR A 213 36.69 -1.60 55.87
C TYR A 213 35.39 -0.95 55.36
N LYS A 214 34.92 0.07 56.09
CA LYS A 214 33.70 0.79 55.73
C LYS A 214 33.93 1.68 54.52
N THR A 215 33.91 1.06 53.33
CA THR A 215 34.21 1.76 52.09
C THR A 215 33.00 2.56 51.62
N GLU A 216 33.26 3.62 50.86
CA GLU A 216 32.20 4.46 50.36
C GLU A 216 32.47 4.77 48.91
N PHE A 217 31.41 4.77 48.11
CA PHE A 217 31.46 4.97 46.68
C PHE A 217 30.55 6.15 46.38
N LYS A 218 31.08 7.15 45.68
CA LYS A 218 30.37 8.41 45.38
C LYS A 218 30.43 8.60 43.88
N PHE A 219 29.33 8.24 43.21
CA PHE A 219 29.28 8.21 41.74
C PHE A 219 28.77 9.54 41.17
N GLY A 220 29.56 10.59 41.34
CA GLY A 220 29.16 11.92 40.93
C GLY A 220 28.18 12.56 41.89
N SER A 221 28.11 12.05 43.11
CA SER A 221 27.22 12.58 44.13
C SER A 221 27.78 13.86 44.78
N GLU A 222 29.09 14.05 44.71
CA GLU A 222 29.76 15.25 45.24
C GLU A 222 29.98 16.30 44.16
N SER A 223 30.25 15.85 42.95
CA SER A 223 30.57 16.72 41.83
C SER A 223 30.32 15.97 40.53
N ASN A 224 29.94 16.68 39.49
CA ASN A 224 29.91 16.11 38.16
C ASN A 224 31.25 15.88 37.49
N ASP A 225 32.33 16.41 38.06
CA ASP A 225 33.67 16.34 37.51
C ASP A 225 34.42 15.05 37.88
N TYR A 226 34.04 14.41 38.97
CA TYR A 226 34.77 13.22 39.43
C TYR A 226 33.87 12.27 40.21
N TYR A 227 34.27 11.01 40.27
CA TYR A 227 33.69 10.05 41.20
C TYR A 227 34.82 9.51 42.05
N SER A 228 34.44 8.93 43.18
CA SER A 228 35.45 8.41 44.09
C SER A 228 35.06 7.12 44.78
N PHE A 229 36.07 6.39 45.22
CA PHE A 229 35.88 5.34 46.21
C PHE A 229 36.97 5.46 47.27
N GLU A 230 36.62 5.14 48.51
CA GLU A 230 37.47 5.42 49.65
C GLU A 230 37.26 4.45 50.78
N ALA A 231 38.24 4.41 51.68
CA ALA A 231 38.15 3.63 52.92
C ALA A 231 38.74 4.44 54.08
N PRO A 232 38.27 4.18 55.31
CA PRO A 232 38.82 4.89 56.48
C PRO A 232 40.20 4.38 56.94
N ALA A 233 40.59 3.20 56.48
CA ALA A 233 41.84 2.57 56.87
C ALA A 233 42.15 1.46 55.85
N GLY A 234 43.26 0.73 56.07
CA GLY A 234 43.66 -0.34 55.17
C GLY A 234 44.33 0.19 53.92
N GLN A 235 44.39 -0.66 52.90
CA GLN A 235 45.18 -0.40 51.72
C GLN A 235 44.30 -0.14 50.48
N MET A 236 44.76 0.79 49.65
CA MET A 236 44.08 1.14 48.39
C MET A 236 44.51 0.16 47.31
N VAL A 237 43.85 -1.00 47.31
CA VAL A 237 44.08 -2.05 46.36
C VAL A 237 42.78 -2.24 45.57
N TYR A 238 42.85 -2.09 44.27
CA TYR A 238 41.67 -2.28 43.43
C TYR A 238 42.06 -2.89 42.11
N TYR A 239 41.12 -3.58 41.51
CA TYR A 239 41.32 -4.25 40.25
C TYR A 239 40.49 -3.57 39.18
N PHE A 240 41.17 -3.15 38.12
CA PHE A 240 40.56 -2.62 36.91
C PHE A 240 40.36 -3.80 35.97
N MET A 241 39.11 -4.03 35.55
CA MET A 241 38.77 -5.16 34.72
C MET A 241 38.10 -4.63 33.46
N PHE A 242 38.86 -4.57 32.37
CA PHE A 242 38.29 -4.19 31.08
C PHE A 242 37.41 -5.32 30.56
N GLY A 243 36.38 -4.98 29.80
CA GLY A 243 35.73 -5.96 28.95
C GLY A 243 35.20 -5.30 27.70
N ASN A 244 35.09 -6.06 26.62
CA ASN A 244 34.40 -5.59 25.42
C ASN A 244 32.90 -5.51 25.60
N ASP A 245 32.39 -6.15 26.65
CA ASP A 245 31.02 -5.99 27.09
C ASP A 245 30.94 -6.32 28.60
N TYR A 246 29.74 -6.27 29.19
CA TYR A 246 29.60 -6.58 30.63
C TYR A 246 29.88 -8.02 30.93
N LYS A 247 29.54 -8.92 30.00
CA LYS A 247 29.81 -10.36 30.16
C LYS A 247 31.30 -10.60 30.40
N GLU A 248 32.15 -10.00 29.56
CA GLU A 248 33.59 -10.15 29.75
C GLU A 248 34.10 -9.60 31.08
N ILE A 249 33.53 -8.50 31.55
CA ILE A 249 33.93 -7.92 32.85
C ILE A 249 33.64 -8.94 33.98
N ILE A 250 32.45 -9.50 33.94
CA ILE A 250 32.02 -10.50 34.93
C ILE A 250 32.85 -11.79 34.85
N GLN A 251 33.18 -12.21 33.63
CA GLN A 251 34.09 -13.36 33.45
C GLN A 251 35.47 -13.09 34.10
N ASN A 252 35.98 -11.87 33.93
CA ASN A 252 37.22 -11.45 34.58
C ASN A 252 37.08 -11.44 36.10
N TYR A 253 35.94 -10.95 36.59
CA TYR A 253 35.66 -10.93 38.02
C TYR A 253 35.62 -12.33 38.66
N ILE A 254 35.00 -13.32 38.01
CA ILE A 254 35.01 -14.68 38.56
C ILE A 254 36.37 -15.40 38.34
N ALA A 255 37.19 -14.94 37.39
CA ALA A 255 38.57 -15.46 37.31
C ALA A 255 39.31 -15.04 38.58
N LEU A 256 39.08 -13.81 39.02
CA LEU A 256 39.66 -13.30 40.27
C LEU A 256 39.07 -13.91 41.53
N THR A 257 37.74 -14.01 41.59
CA THR A 257 37.05 -14.30 42.87
C THR A 257 36.29 -15.63 42.94
N GLY A 258 36.31 -16.39 41.85
CA GLY A 258 35.81 -17.76 41.87
C GLY A 258 34.52 -17.99 41.14
N LYS A 259 34.41 -19.20 40.59
CA LYS A 259 33.19 -19.66 39.93
C LYS A 259 32.10 -19.90 40.98
N PRO A 260 30.86 -19.46 40.70
CA PRO A 260 29.75 -19.81 41.59
C PRO A 260 29.53 -21.31 41.69
N ILE A 261 29.44 -21.81 42.91
CA ILE A 261 28.92 -23.16 43.11
C ILE A 261 27.45 -23.19 42.72
N MET A 262 27.03 -24.33 42.16
CA MET A 262 25.64 -24.60 41.85
C MET A 262 24.92 -25.18 43.06
N PRO A 263 23.63 -24.84 43.24
CA PRO A 263 22.85 -25.54 44.23
C PRO A 263 22.52 -26.96 43.80
N PRO A 264 22.07 -27.80 44.74
CA PRO A 264 21.40 -29.01 44.31
C PRO A 264 20.23 -28.66 43.40
N LYS A 265 19.98 -29.46 42.38
CA LYS A 265 18.93 -29.17 41.39
C LYS A 265 17.56 -28.80 41.98
N TRP A 266 17.22 -29.46 43.08
CA TRP A 266 15.91 -29.27 43.76
C TRP A 266 15.73 -27.90 44.38
N ALA A 267 16.83 -27.17 44.58
CA ALA A 267 16.74 -25.77 45.07
C ALA A 267 16.04 -24.82 44.09
N LEU A 268 15.95 -25.19 42.82
CA LEU A 268 15.26 -24.38 41.82
C LEU A 268 13.74 -24.56 41.80
N GLY A 269 13.20 -25.39 42.69
CA GLY A 269 11.75 -25.46 42.91
C GLY A 269 11.25 -24.32 43.79
N PHE A 270 10.15 -24.58 44.47
CA PHE A 270 9.52 -23.59 45.34
C PHE A 270 9.86 -23.98 46.77
N SER A 271 10.09 -22.96 47.62
CA SER A 271 10.50 -23.16 48.99
C SER A 271 9.57 -22.40 49.93
N GLN A 272 9.34 -22.96 51.11
CA GLN A 272 8.42 -22.39 52.09
C GLN A 272 9.02 -22.31 53.47
N CYS A 273 8.76 -21.17 54.12
CA CYS A 273 9.26 -20.90 55.44
C CYS A 273 8.22 -20.06 56.21
N ARG A 274 8.47 -19.94 57.52
CA ARG A 274 7.80 -18.99 58.39
C ARG A 274 8.65 -18.83 59.62
N GLY A 275 8.50 -17.69 60.29
CA GLY A 275 9.18 -17.45 61.57
C GLY A 275 8.99 -18.53 62.63
N ASP A 276 7.81 -19.17 62.62
CA ASP A 276 7.50 -20.23 63.57
C ASP A 276 7.63 -21.64 63.02
N TYR A 277 8.29 -21.82 61.87
CA TYR A 277 8.57 -23.15 61.32
C TYR A 277 9.68 -23.76 62.15
N THR A 278 9.29 -24.25 63.32
CA THR A 278 10.23 -24.74 64.33
C THR A 278 9.70 -26.00 65.04
N ARG A 279 8.78 -26.71 64.39
CA ARG A 279 8.11 -27.86 65.00
C ARG A 279 7.84 -28.97 64.02
N GLU A 280 7.99 -30.19 64.52
CA GLU A 280 7.70 -31.38 63.76
C GLU A 280 6.23 -31.47 63.38
N ASP A 281 5.32 -31.20 64.32
CA ASP A 281 3.88 -31.34 64.00
C ASP A 281 3.46 -30.44 62.86
N GLN A 282 3.90 -29.18 62.93
CA GLN A 282 3.60 -28.21 61.89
C GLN A 282 4.26 -28.57 60.56
N ALA A 283 5.51 -29.02 60.60
CA ALA A 283 6.16 -29.48 59.35
C ALA A 283 5.35 -30.61 58.68
N ARG A 284 4.89 -31.58 59.48
CA ARG A 284 4.09 -32.69 58.92
C ARG A 284 2.76 -32.19 58.35
N GLU A 285 2.11 -31.30 59.09
CA GLU A 285 0.86 -30.66 58.63
C GLU A 285 1.03 -29.94 57.29
N ILE A 286 2.05 -29.09 57.19
CA ILE A 286 2.30 -28.27 56.00
C ILE A 286 2.70 -29.13 54.79
N ALA A 287 3.60 -30.07 55.02
CA ALA A 287 4.01 -31.00 53.95
C ALA A 287 2.80 -31.70 53.32
N ALA A 288 1.92 -32.22 54.17
CA ALA A 288 0.72 -32.88 53.68
C ALA A 288 -0.17 -31.93 52.90
N GLU A 289 -0.33 -30.71 53.40
CA GLU A 289 -1.20 -29.73 52.75
C GLU A 289 -0.72 -29.35 51.35
N PHE A 290 0.58 -29.08 51.20
CA PHE A 290 1.12 -28.79 49.86
C PHE A 290 0.76 -29.88 48.85
N ARG A 291 0.98 -31.14 49.23
CA ARG A 291 0.77 -32.26 48.34
C ARG A 291 -0.71 -32.49 48.07
N LYS A 292 -1.55 -32.29 49.08
CA LYS A 292 -3.02 -32.44 48.93
C LYS A 292 -3.56 -31.42 47.95
N ARG A 293 -3.07 -30.18 48.04
CA ARG A 293 -3.51 -29.08 47.18
C ARG A 293 -2.77 -29.01 45.84
N LYS A 294 -1.84 -29.94 45.61
CA LYS A 294 -1.06 -30.00 44.39
C LYS A 294 -0.42 -28.66 44.06
N ILE A 295 0.22 -28.08 45.07
CA ILE A 295 1.02 -26.85 44.91
C ILE A 295 2.46 -27.34 45.01
N PRO A 296 3.20 -27.33 43.89
CA PRO A 296 4.56 -27.88 43.96
C PRO A 296 5.45 -27.18 44.97
N CYS A 297 6.32 -27.96 45.61
CA CYS A 297 7.19 -27.43 46.64
C CYS A 297 8.30 -28.45 46.93
N ASP A 298 9.56 -28.00 46.94
CA ASP A 298 10.69 -28.87 47.24
C ASP A 298 11.28 -28.74 48.62
N ILE A 299 11.25 -27.52 49.19
CA ILE A 299 11.97 -27.25 50.43
C ILE A 299 11.05 -26.71 51.51
N ILE A 300 11.10 -27.37 52.67
CA ILE A 300 10.55 -26.85 53.91
C ILE A 300 11.72 -26.43 54.77
N TYR A 301 11.82 -25.12 55.00
CA TYR A 301 12.83 -24.55 55.88
C TYR A 301 12.38 -24.70 57.32
N GLN A 302 13.33 -24.64 58.25
CA GLN A 302 13.03 -24.45 59.67
C GLN A 302 13.80 -23.23 60.14
N ASP A 303 13.11 -22.36 60.89
CA ASP A 303 13.70 -21.13 61.41
C ASP A 303 14.43 -21.40 62.72
N ILE A 304 15.00 -20.35 63.29
CA ILE A 304 16.02 -20.43 64.32
C ILE A 304 15.56 -21.09 65.61
N GLY A 305 14.26 -21.04 65.90
CA GLY A 305 13.72 -21.74 67.05
C GLY A 305 13.77 -23.25 66.99
N TRP A 306 14.21 -23.84 65.87
CA TRP A 306 14.37 -25.28 65.78
C TRP A 306 15.40 -25.85 66.77
N THR A 307 16.41 -25.04 67.11
CA THR A 307 17.53 -25.52 67.89
C THR A 307 17.29 -25.27 69.38
N GLU A 308 17.82 -26.14 70.22
CA GLU A 308 17.52 -26.08 71.64
C GLU A 308 18.00 -24.76 72.24
N GLY A 309 19.19 -24.35 71.83
CA GLY A 309 19.71 -23.03 72.12
C GLY A 309 20.69 -22.60 71.06
N LEU A 310 20.97 -21.30 71.02
CA LEU A 310 22.01 -20.76 70.16
C LEU A 310 23.35 -21.21 70.72
N GLN A 311 24.14 -22.00 69.99
CA GLN A 311 23.83 -22.54 68.67
C GLN A 311 24.39 -23.96 68.67
N ASP A 312 23.61 -24.85 69.31
CA ASP A 312 24.03 -26.23 69.60
C ASP A 312 23.59 -27.26 68.58
N PHE A 313 22.67 -26.86 67.68
CA PHE A 313 22.19 -27.70 66.60
C PHE A 313 21.52 -28.99 67.09
N ASP A 314 20.92 -28.92 68.27
CA ASP A 314 20.14 -30.02 68.85
C ASP A 314 18.68 -29.71 68.61
N TRP A 315 17.94 -30.65 68.03
CA TRP A 315 16.52 -30.44 67.76
C TRP A 315 15.79 -30.18 69.07
N ARG A 316 15.08 -29.05 69.18
CA ARG A 316 14.49 -28.64 70.45
C ARG A 316 13.55 -29.75 70.96
N LYS A 317 13.78 -30.24 72.17
CA LYS A 317 13.10 -31.47 72.61
C LYS A 317 11.57 -31.37 72.64
N ASN A 318 11.04 -30.25 73.13
CA ASN A 318 9.57 -30.02 73.13
C ASN A 318 8.95 -29.91 71.73
N ASN A 319 9.75 -29.55 70.72
CA ASN A 319 9.25 -29.21 69.40
C ASN A 319 9.35 -30.36 68.41
N TYR A 320 10.21 -31.35 68.68
CA TYR A 320 10.41 -32.49 67.79
C TYR A 320 10.44 -33.80 68.57
N ASN A 321 9.43 -34.64 68.35
CA ASN A 321 9.38 -35.98 68.95
C ASN A 321 10.37 -36.95 68.30
N ASN A 322 10.41 -36.95 66.98
CA ASN A 322 11.17 -37.91 66.18
C ASN A 322 11.80 -37.17 64.98
N PRO A 323 12.87 -36.38 65.24
CA PRO A 323 13.42 -35.57 64.14
C PRO A 323 13.92 -36.38 62.91
N LYS A 324 14.60 -37.50 63.16
CA LYS A 324 15.02 -38.39 62.06
C LYS A 324 13.85 -38.87 61.24
N GLY A 325 12.80 -39.29 61.93
CA GLY A 325 11.58 -39.76 61.29
C GLY A 325 10.89 -38.70 60.46
N MET A 326 10.84 -37.49 61.01
CA MET A 326 10.29 -36.33 60.32
C MET A 326 11.03 -36.09 59.02
N VAL A 327 12.36 -36.02 59.08
CA VAL A 327 13.15 -35.69 57.89
C VAL A 327 12.95 -36.77 56.83
N LYS A 328 12.99 -38.04 57.24
CA LYS A 328 12.78 -39.15 56.31
C LYS A 328 11.38 -39.16 55.71
N ASP A 329 10.36 -38.94 56.55
CA ASP A 329 8.96 -38.93 56.06
C ASP A 329 8.76 -37.80 55.05
N LEU A 330 9.32 -36.62 55.35
CA LEU A 330 9.26 -35.51 54.39
C LEU A 330 10.04 -35.82 53.12
N SER A 331 11.21 -36.41 53.27
CA SER A 331 12.02 -36.84 52.14
C SER A 331 11.25 -37.82 51.22
N ASP A 332 10.56 -38.79 51.84
CA ASP A 332 9.71 -39.72 51.06
C ASP A 332 8.60 -39.02 50.30
N MET A 333 8.15 -37.86 50.79
CA MET A 333 7.18 -37.02 50.08
C MET A 333 7.82 -35.99 49.15
N GLY A 334 9.13 -36.09 48.92
CA GLY A 334 9.84 -35.16 48.05
C GLY A 334 10.30 -33.83 48.65
N PHE A 335 10.14 -33.65 49.96
CA PHE A 335 10.57 -32.43 50.62
C PHE A 335 11.98 -32.59 51.19
N LYS A 336 12.81 -31.58 50.95
CA LYS A 336 14.12 -31.46 51.58
C LYS A 336 14.00 -30.41 52.66
N MET A 337 14.80 -30.53 53.73
CA MET A 337 14.73 -29.57 54.83
C MET A 337 16.04 -28.81 54.96
N ILE A 338 15.91 -27.52 55.24
CA ILE A 338 17.06 -26.62 55.41
C ILE A 338 16.81 -25.91 56.72
N VAL A 339 17.81 -25.90 57.61
CA VAL A 339 17.64 -25.32 58.95
C VAL A 339 18.51 -24.07 59.17
N SER A 340 18.03 -23.18 60.04
CA SER A 340 18.73 -21.94 60.33
C SER A 340 19.91 -22.14 61.26
N GLN A 341 20.91 -21.25 61.13
CA GLN A 341 21.88 -21.06 62.20
C GLN A 341 22.21 -19.60 62.32
N ASP A 342 22.39 -19.16 63.57
CA ASP A 342 22.95 -17.88 63.95
C ASP A 342 24.41 -18.09 64.34
N PRO A 343 25.21 -16.99 64.36
CA PRO A 343 26.64 -17.15 64.61
C PRO A 343 27.08 -16.90 66.05
N VAL A 344 26.17 -17.09 66.99
CA VAL A 344 26.42 -16.73 68.38
C VAL A 344 26.02 -17.88 69.27
N ILE A 345 26.60 -17.87 70.47
CA ILE A 345 26.25 -18.81 71.54
C ILE A 345 25.65 -17.99 72.68
N SER A 346 24.41 -18.28 73.04
CA SER A 346 23.79 -17.55 74.15
C SER A 346 24.56 -17.84 75.44
N GLN A 347 24.78 -16.80 76.24
CA GLN A 347 25.36 -17.02 77.58
C GLN A 347 24.49 -17.97 78.45
N ALA A 348 23.17 -17.90 78.28
CA ALA A 348 22.22 -18.81 78.94
C ALA A 348 22.40 -20.28 78.53
N ASN A 349 22.96 -20.51 77.34
CA ASN A 349 23.32 -21.86 76.89
C ASN A 349 24.66 -22.16 77.54
N GLN A 350 24.61 -22.47 78.84
CA GLN A 350 25.80 -22.40 79.67
C GLN A 350 26.87 -23.38 79.24
N GLN A 351 26.46 -24.60 78.93
CA GLN A 351 27.37 -25.67 78.52
C GLN A 351 28.20 -25.23 77.29
N GLN A 352 27.54 -24.79 76.23
CA GLN A 352 28.24 -24.41 74.99
C GLN A 352 29.02 -23.09 75.11
N TRP A 353 28.46 -22.12 75.83
CA TRP A 353 29.12 -20.83 76.01
C TRP A 353 30.44 -21.04 76.78
N LYS A 354 30.35 -21.75 77.91
CA LYS A 354 31.53 -22.03 78.72
C LYS A 354 32.60 -22.77 77.92
N GLU A 355 32.17 -23.78 77.15
CA GLU A 355 33.06 -24.53 76.25
C GLU A 355 33.76 -23.59 75.28
N ALA A 356 32.97 -22.76 74.60
CA ALA A 356 33.52 -21.83 73.61
C ALA A 356 34.44 -20.79 74.23
N ASP A 357 34.00 -20.19 75.34
CA ASP A 357 34.80 -19.18 76.05
C ASP A 357 36.14 -19.76 76.54
N ALA A 358 36.10 -20.97 77.09
CA ALA A 358 37.32 -21.59 77.64
C ALA A 358 38.31 -21.96 76.54
N LEU A 359 37.81 -22.34 75.35
CA LEU A 359 38.68 -22.64 74.21
C LEU A 359 39.23 -21.40 73.49
N GLY A 360 38.69 -20.22 73.81
CA GLY A 360 39.09 -18.98 73.20
C GLY A 360 38.48 -18.84 71.82
N HIS A 361 37.30 -19.44 71.63
CA HIS A 361 36.64 -19.48 70.33
C HIS A 361 35.69 -18.31 70.11
N LEU A 362 35.51 -17.47 71.13
CA LEU A 362 34.62 -16.32 70.99
C LEU A 362 35.40 -15.07 70.64
N VAL A 363 34.79 -14.20 69.86
CA VAL A 363 35.37 -12.89 69.56
C VAL A 363 35.57 -12.13 70.90
N LYS A 364 36.74 -11.47 71.02
CA LYS A 364 37.14 -10.81 72.26
C LYS A 364 36.78 -9.33 72.29
N ASP A 365 36.88 -8.73 73.47
CA ASP A 365 36.74 -7.29 73.66
C ASP A 365 38.16 -6.78 73.96
N VAL A 366 38.64 -5.87 73.12
CA VAL A 366 39.99 -5.31 73.26
C VAL A 366 40.18 -4.58 74.60
N ARG A 367 39.11 -4.06 75.20
CA ARG A 367 39.18 -3.36 76.49
C ARG A 367 39.48 -4.30 77.66
N THR A 368 39.06 -5.57 77.54
CA THR A 368 39.17 -6.53 78.62
C THR A 368 40.06 -7.73 78.32
N GLY A 369 40.28 -8.07 77.05
CA GLY A 369 40.91 -9.35 76.69
C GLY A 369 40.00 -10.56 76.87
N LYS A 370 38.74 -10.35 77.25
CA LYS A 370 37.82 -11.43 77.50
C LYS A 370 36.80 -11.48 76.36
N SER A 371 35.94 -12.49 76.39
CA SER A 371 34.91 -12.63 75.36
C SER A 371 34.00 -11.40 75.33
N TYR A 372 33.79 -10.87 74.12
CA TYR A 372 32.90 -9.72 73.95
C TYR A 372 31.47 -10.10 74.34
N ASP A 373 30.84 -9.18 75.07
CA ASP A 373 29.50 -9.35 75.62
C ASP A 373 28.47 -8.71 74.67
N MET A 374 27.84 -9.54 73.86
CA MET A 374 27.02 -9.07 72.72
C MET A 374 25.54 -9.20 73.05
N PRO A 375 24.77 -8.10 72.96
CA PRO A 375 23.32 -8.28 73.10
C PRO A 375 22.74 -9.01 71.87
N TRP A 376 21.61 -9.70 72.03
CA TRP A 376 20.99 -10.41 70.92
C TRP A 376 19.46 -10.38 71.09
N PRO A 377 18.70 -10.39 69.98
CA PRO A 377 17.24 -10.26 70.17
C PRO A 377 16.52 -11.45 70.82
N TRP A 378 17.14 -12.62 70.82
CA TRP A 378 16.58 -13.79 71.51
C TRP A 378 17.70 -14.59 72.18
N GLY A 379 17.36 -15.19 73.32
CA GLY A 379 18.29 -16.05 74.05
C GLY A 379 19.20 -15.35 75.03
N GLY A 380 19.10 -14.02 75.12
CA GLY A 380 19.90 -13.18 76.04
C GLY A 380 21.21 -12.76 75.40
N ASN A 381 22.08 -12.13 76.20
CA ASN A 381 23.39 -11.76 75.72
C ASN A 381 24.18 -13.02 75.32
N CYS A 382 25.14 -12.84 74.42
CA CYS A 382 25.78 -13.95 73.72
C CYS A 382 27.26 -13.71 73.47
N GLY A 383 27.95 -14.79 73.12
CA GLY A 383 29.31 -14.74 72.60
C GLY A 383 29.21 -14.81 71.08
N VAL A 384 30.01 -14.01 70.39
CA VAL A 384 30.07 -14.01 68.93
C VAL A 384 31.16 -14.98 68.57
N VAL A 385 30.83 -16.01 67.80
CA VAL A 385 31.80 -17.08 67.50
C VAL A 385 32.84 -16.54 66.51
N ASP A 386 34.13 -16.79 66.80
CA ASP A 386 35.17 -16.20 65.97
C ASP A 386 35.54 -17.13 64.82
N PHE A 387 34.82 -17.02 63.70
CA PHE A 387 35.11 -17.86 62.53
C PHE A 387 36.38 -17.50 61.79
N THR A 388 37.05 -16.41 62.20
CA THR A 388 38.39 -16.14 61.67
C THR A 388 39.49 -16.95 62.42
N LYS A 389 39.16 -17.55 63.55
CA LYS A 389 40.14 -18.38 64.30
C LYS A 389 40.19 -19.78 63.69
N PRO A 390 41.36 -20.25 63.20
CA PRO A 390 41.39 -21.53 62.46
C PRO A 390 40.74 -22.73 63.17
N GLU A 391 41.01 -22.89 64.47
CA GLU A 391 40.50 -24.03 65.26
C GLU A 391 38.97 -24.05 65.40
N VAL A 392 38.34 -22.87 65.25
CA VAL A 392 36.88 -22.77 65.32
C VAL A 392 36.19 -23.57 64.22
N ALA A 393 36.81 -23.67 63.05
CA ALA A 393 36.19 -24.33 61.92
C ALA A 393 35.78 -25.79 62.24
N ASP A 394 36.73 -26.62 62.67
CA ASP A 394 36.41 -28.03 62.98
C ASP A 394 35.41 -28.15 64.15
N TRP A 395 35.52 -27.23 65.10
CA TRP A 395 34.63 -27.22 66.27
C TRP A 395 33.18 -26.94 65.84
N TRP A 396 33.00 -25.92 65.03
CA TRP A 396 31.67 -25.60 64.48
C TRP A 396 31.18 -26.69 63.58
N GLY A 397 32.09 -27.22 62.77
CA GLY A 397 31.76 -28.30 61.83
C GLY A 397 31.10 -29.48 62.51
N SER A 398 31.64 -29.87 63.66
CA SER A 398 31.11 -30.99 64.41
C SER A 398 29.75 -30.70 65.01
N TYR A 399 29.54 -29.47 65.47
CA TYR A 399 28.23 -29.07 65.96
C TYR A 399 27.18 -29.06 64.84
N GLN A 400 27.50 -28.40 63.71
CA GLN A 400 26.51 -28.22 62.62
C GLN A 400 26.18 -29.53 61.90
N GLN A 401 27.08 -30.53 62.01
CA GLN A 401 26.87 -31.80 61.31
C GLN A 401 25.67 -32.58 61.87
N LYS A 402 25.27 -32.32 63.12
CA LYS A 402 24.24 -33.09 63.78
C LYS A 402 22.93 -33.19 62.98
N PRO A 403 22.34 -32.05 62.57
CA PRO A 403 21.10 -32.16 61.77
C PRO A 403 21.36 -32.77 60.40
N LEU A 404 22.56 -32.56 59.87
CA LEU A 404 22.94 -33.16 58.58
C LEU A 404 22.98 -34.69 58.66
N ASN A 405 23.42 -35.21 59.80
CA ASN A 405 23.37 -36.66 60.04
C ASN A 405 21.93 -37.20 60.07
N ASP A 406 20.94 -36.36 60.37
CA ASP A 406 19.51 -36.77 60.31
C ASP A 406 18.88 -36.56 58.95
N GLY A 407 19.64 -36.09 57.96
CA GLY A 407 19.16 -35.95 56.58
C GLY A 407 18.82 -34.54 56.12
N VAL A 408 18.99 -33.54 56.99
CA VAL A 408 18.90 -32.13 56.61
C VAL A 408 19.94 -31.85 55.51
N ARG A 409 19.58 -31.04 54.52
CA ARG A 409 20.40 -30.84 53.32
C ARG A 409 21.24 -29.57 53.30
N GLY A 410 21.16 -28.78 54.36
CA GLY A 410 21.89 -27.54 54.39
C GLY A 410 21.28 -26.52 55.32
N PHE A 411 21.72 -25.26 55.15
CA PHE A 411 21.46 -24.21 56.11
C PHE A 411 21.04 -22.88 55.50
N TRP A 412 20.41 -22.06 56.32
CA TRP A 412 20.39 -20.65 56.06
C TRP A 412 21.11 -19.97 57.19
N THR A 413 22.15 -19.23 56.82
CA THR A 413 23.01 -18.56 57.76
C THR A 413 22.52 -17.12 57.92
N ALA A 414 21.88 -16.85 59.06
CA ALA A 414 21.24 -15.59 59.35
C ALA A 414 22.05 -14.77 60.31
N MET A 415 21.88 -13.44 60.23
CA MET A 415 22.36 -12.50 61.26
C MET A 415 23.90 -12.40 61.39
N GLY A 416 24.60 -12.69 60.29
CA GLY A 416 26.05 -12.61 60.25
C GLY A 416 26.65 -11.26 59.99
N GLU A 417 25.92 -10.16 60.20
CA GLU A 417 26.44 -8.84 59.85
C GLU A 417 27.65 -8.39 60.72
N PRO A 418 27.79 -8.81 61.99
CA PRO A 418 26.77 -9.42 62.85
C PRO A 418 25.52 -8.54 62.98
N ALA A 419 24.37 -9.16 63.27
CA ALA A 419 23.14 -8.42 63.53
C ALA A 419 23.35 -7.41 64.68
N TRP A 420 22.46 -6.43 64.75
CA TRP A 420 22.48 -5.44 65.82
C TRP A 420 23.86 -4.75 65.96
N SER A 421 24.50 -4.52 64.81
CA SER A 421 25.83 -3.90 64.77
C SER A 421 25.94 -2.90 63.63
N ASN A 422 24.90 -2.07 63.50
CA ASN A 422 24.92 -0.95 62.54
C ASN A 422 25.98 0.10 62.91
N GLU A 423 26.21 1.05 61.99
CA GLU A 423 27.28 2.05 62.16
C GLU A 423 27.24 2.75 63.51
N ASP A 424 26.02 3.07 63.95
CA ASP A 424 25.80 3.80 65.20
C ASP A 424 26.08 2.97 66.45
N ALA A 425 26.13 1.65 66.35
CA ALA A 425 26.48 0.77 67.49
C ALA A 425 28.00 0.70 67.63
N VAL A 426 28.59 1.81 68.08
CA VAL A 426 30.04 1.97 68.13
C VAL A 426 30.75 1.07 69.12
N ASP A 427 30.03 0.55 70.12
CA ASP A 427 30.61 -0.39 71.07
C ASP A 427 31.19 -1.61 70.37
N ARG A 428 30.59 -2.00 69.24
CA ARG A 428 31.04 -3.18 68.47
C ARG A 428 32.47 -3.04 67.97
N LEU A 429 32.95 -1.81 67.81
CA LEU A 429 34.30 -1.56 67.31
C LEU A 429 35.37 -2.09 68.28
N ASN A 430 34.98 -2.36 69.52
CA ASN A 430 35.87 -2.99 70.49
C ASN A 430 36.10 -4.48 70.24
N MET A 431 35.29 -5.10 69.37
CA MET A 431 35.51 -6.52 69.03
C MET A 431 36.86 -6.73 68.39
N LYS A 432 37.58 -7.72 68.91
CA LYS A 432 38.89 -8.09 68.42
C LYS A 432 38.79 -9.56 68.04
N HIS A 433 38.92 -9.79 66.73
CA HIS A 433 38.84 -11.11 66.13
C HIS A 433 40.28 -11.59 65.94
N HIS A 434 40.43 -12.91 65.83
CA HIS A 434 41.71 -13.52 65.53
C HIS A 434 42.47 -12.80 64.40
N LEU A 435 41.79 -12.45 63.32
CA LEU A 435 42.43 -11.82 62.15
C LEU A 435 42.45 -10.29 62.16
N GLY A 436 41.81 -9.66 63.12
CA GLY A 436 41.84 -8.22 63.22
C GLY A 436 40.72 -7.58 64.03
N MET A 437 40.79 -6.26 64.10
CA MET A 437 39.78 -5.49 64.79
C MET A 437 38.48 -5.40 64.00
N HIS A 438 37.39 -5.10 64.71
CA HIS A 438 36.07 -5.10 64.09
C HIS A 438 35.95 -4.14 62.90
N ASN A 439 36.64 -3.00 62.94
CA ASN A 439 36.52 -2.05 61.82
C ASN A 439 36.96 -2.67 60.47
N GLU A 440 37.94 -3.58 60.54
CA GLU A 440 38.40 -4.36 59.38
C GLU A 440 37.55 -5.61 59.09
N ILE A 441 37.18 -6.33 60.13
CA ILE A 441 36.63 -7.69 60.04
C ILE A 441 35.10 -7.74 59.92
N HIS A 442 34.41 -6.69 60.39
CA HIS A 442 32.94 -6.61 60.31
C HIS A 442 32.38 -7.10 58.96
N ASN A 443 32.89 -6.51 57.89
CA ASN A 443 32.33 -6.79 56.57
C ASN A 443 32.71 -8.18 56.05
N VAL A 444 33.67 -8.87 56.68
CA VAL A 444 33.96 -10.29 56.34
C VAL A 444 33.63 -11.26 57.51
N TYR A 445 32.90 -10.78 58.52
CA TYR A 445 32.53 -11.61 59.65
C TYR A 445 31.65 -12.77 59.16
N GLY A 446 30.56 -12.41 58.47
CA GLY A 446 29.63 -13.37 57.90
C GLY A 446 30.25 -14.17 56.78
N PHE A 447 31.08 -13.51 55.97
CA PHE A 447 31.80 -14.17 54.89
C PHE A 447 32.63 -15.33 55.44
N THR A 448 33.43 -15.06 56.47
CA THR A 448 34.30 -16.11 57.02
C THR A 448 33.52 -17.19 57.73
N TRP A 449 32.43 -16.84 58.41
CA TRP A 449 31.47 -17.83 58.92
C TRP A 449 30.95 -18.74 57.82
N ASP A 450 30.43 -18.14 56.75
CA ASP A 450 29.83 -18.89 55.65
C ASP A 450 30.85 -19.83 54.99
N LYS A 451 32.09 -19.37 54.88
CA LYS A 451 33.18 -20.17 54.34
C LYS A 451 33.43 -21.41 55.22
N VAL A 452 33.45 -21.21 56.53
CA VAL A 452 33.56 -22.32 57.48
C VAL A 452 32.42 -23.31 57.32
N VAL A 453 31.20 -22.80 57.23
CA VAL A 453 29.98 -23.66 57.11
C VAL A 453 30.16 -24.59 55.90
N THR A 454 30.58 -24.01 54.78
CA THR A 454 30.72 -24.75 53.55
C THR A 454 31.92 -25.70 53.57
N GLU A 455 33.07 -25.21 54.06
CA GLU A 455 34.26 -26.06 54.20
C GLU A 455 33.98 -27.31 55.03
N GLN A 456 33.28 -27.11 56.15
CA GLN A 456 33.00 -28.20 57.08
C GLN A 456 31.96 -29.15 56.52
N PHE A 457 30.98 -28.59 55.82
CA PHE A 457 30.04 -29.40 55.06
C PHE A 457 30.77 -30.33 54.10
N TYR A 458 31.72 -29.78 53.34
CA TYR A 458 32.50 -30.60 52.39
C TYR A 458 33.28 -31.70 53.11
N LYS A 459 33.90 -31.33 54.21
CA LYS A 459 34.70 -32.25 55.04
C LYS A 459 33.90 -33.44 55.57
N HIS A 460 32.63 -33.25 55.91
CA HIS A 460 31.83 -34.26 56.60
C HIS A 460 30.75 -34.90 55.72
N ASN A 461 30.57 -34.43 54.47
CA ASN A 461 29.49 -34.89 53.61
C ASN A 461 30.04 -35.10 52.19
N PRO A 462 30.72 -36.22 51.97
CA PRO A 462 31.58 -36.32 50.79
C PRO A 462 30.87 -36.19 49.45
N ASN A 463 31.46 -35.37 48.58
CA ASN A 463 31.02 -35.20 47.19
C ASN A 463 29.54 -34.82 47.09
N LYS A 464 29.13 -33.90 47.95
CA LYS A 464 27.79 -33.38 47.94
C LYS A 464 27.83 -31.86 47.80
N ARG A 465 26.93 -31.32 46.96
CA ARG A 465 26.73 -29.87 46.89
C ARG A 465 26.10 -29.41 48.20
N ILE A 466 26.61 -28.30 48.75
CA ILE A 466 25.94 -27.67 49.88
C ILE A 466 24.68 -26.90 49.40
N PHE A 467 23.67 -26.82 50.27
CA PHE A 467 22.73 -25.72 50.16
C PHE A 467 23.00 -24.77 51.33
N GLN A 468 23.46 -23.57 51.03
CA GLN A 468 23.61 -22.52 52.05
C GLN A 468 23.02 -21.25 51.44
N MET A 469 22.16 -20.57 52.18
CA MET A 469 21.59 -19.29 51.72
C MET A 469 21.82 -18.31 52.83
N THR A 470 22.50 -17.19 52.54
CA THR A 470 22.98 -16.29 53.57
C THR A 470 22.39 -14.90 53.53
N ARG A 471 22.42 -14.24 54.69
CA ARG A 471 21.99 -12.84 54.82
C ARG A 471 23.18 -11.87 54.68
N ALA A 472 24.22 -12.08 55.46
CA ALA A 472 25.41 -11.22 55.43
C ALA A 472 26.54 -11.84 54.63
N ALA A 473 27.27 -11.01 53.89
CA ALA A 473 28.34 -11.49 53.03
C ALA A 473 29.29 -10.40 52.57
N TYR A 474 30.37 -10.86 51.96
CA TYR A 474 31.37 -10.03 51.28
C TYR A 474 31.62 -10.61 49.88
N ALA A 475 32.26 -9.82 49.04
CA ALA A 475 32.72 -10.25 47.71
C ALA A 475 33.43 -11.61 47.78
N GLY A 476 33.14 -12.47 46.80
CA GLY A 476 33.65 -13.84 46.78
C GLY A 476 32.72 -14.90 47.35
N LEU A 477 31.61 -14.45 47.93
CA LEU A 477 30.64 -15.34 48.56
C LEU A 477 30.16 -16.48 47.68
N GLN A 478 30.17 -16.27 46.35
CA GLN A 478 29.67 -17.25 45.39
C GLN A 478 30.36 -18.62 45.46
N ARG A 479 31.59 -18.64 46.00
CA ARG A 479 32.30 -19.92 46.22
C ARG A 479 31.69 -20.77 47.33
N TYR A 480 30.95 -20.13 48.24
CA TYR A 480 30.45 -20.81 49.45
C TYR A 480 28.95 -20.83 49.68
N THR A 481 28.23 -19.87 49.08
CA THR A 481 26.86 -19.63 49.54
C THR A 481 26.03 -18.85 48.53
N PHE A 482 24.72 -19.05 48.63
CA PHE A 482 23.71 -18.33 47.88
C PHE A 482 23.20 -17.22 48.81
N GLY A 483 22.21 -16.46 48.38
CA GLY A 483 21.77 -15.32 49.17
C GLY A 483 20.30 -15.03 49.16
N TRP A 484 19.79 -14.43 50.25
CA TRP A 484 18.46 -13.82 50.23
C TRP A 484 18.55 -12.44 50.83
N SER A 485 17.60 -11.59 50.44
CA SER A 485 17.69 -10.15 50.71
C SER A 485 17.16 -9.70 52.09
N GLY A 486 17.06 -10.62 53.04
CA GLY A 486 16.74 -10.28 54.41
C GLY A 486 15.33 -9.81 54.67
N ASP A 487 15.16 -8.95 55.68
CA ASP A 487 13.85 -8.67 56.25
C ASP A 487 13.21 -7.52 55.53
N SER A 488 12.67 -7.81 54.36
CA SER A 488 12.05 -6.80 53.47
C SER A 488 10.57 -6.61 53.80
N GLY A 489 9.95 -5.59 53.20
CA GLY A 489 8.52 -5.34 53.34
C GLY A 489 8.20 -4.32 54.42
N ASN A 490 6.90 -3.99 54.54
CA ASN A 490 6.46 -2.92 55.44
C ASN A 490 5.96 -3.49 56.77
N GLY A 491 6.61 -3.09 57.85
CA GLY A 491 6.24 -3.55 59.19
C GLY A 491 5.09 -2.81 59.84
N SER A 492 4.88 -1.54 59.49
CA SER A 492 3.74 -0.77 60.05
C SER A 492 2.41 -1.21 59.44
N ASN A 493 2.40 -1.46 58.14
CA ASN A 493 1.23 -2.02 57.48
C ASN A 493 1.67 -2.85 56.29
N VAL A 494 1.51 -4.18 56.39
CA VAL A 494 1.95 -5.11 55.36
C VAL A 494 1.37 -4.72 53.99
N LEU A 495 0.15 -4.17 54.00
CA LEU A 495 -0.53 -3.78 52.74
C LEU A 495 0.13 -2.61 52.00
N ASP A 496 1.00 -1.86 52.69
CA ASP A 496 1.72 -0.73 52.13
C ASP A 496 3.09 -1.09 51.55
N GLY A 497 3.35 -2.36 51.29
CA GLY A 497 4.67 -2.79 50.84
C GLY A 497 4.90 -2.86 49.34
N TRP A 498 3.97 -2.32 48.54
CA TRP A 498 4.09 -2.40 47.08
C TRP A 498 5.41 -1.88 46.52
N LYS A 499 5.80 -0.67 46.92
CA LYS A 499 7.03 -0.08 46.40
C LYS A 499 8.28 -0.82 46.89
N GLN A 500 8.22 -1.30 48.13
CA GLN A 500 9.29 -2.15 48.65
C GLN A 500 9.42 -3.48 47.87
N MET A 501 8.29 -4.15 47.59
CA MET A 501 8.31 -5.33 46.75
C MET A 501 8.92 -5.01 45.38
N ALA A 502 8.46 -3.92 44.77
CA ALA A 502 8.96 -3.47 43.47
C ALA A 502 10.47 -3.28 43.46
N ASN A 503 11.03 -2.75 44.55
CA ASN A 503 12.46 -2.53 44.59
C ASN A 503 13.28 -3.82 44.71
N GLN A 504 12.63 -4.92 45.07
CA GLN A 504 13.30 -6.22 45.07
C GLN A 504 13.77 -6.63 43.66
N ILE A 505 13.16 -6.09 42.59
CA ILE A 505 13.65 -6.36 41.26
C ILE A 505 15.08 -5.86 41.08
N PRO A 506 15.34 -4.54 41.21
CA PRO A 506 16.73 -4.13 41.06
C PRO A 506 17.68 -4.60 42.18
N VAL A 507 17.18 -4.80 43.40
CA VAL A 507 18.00 -5.42 44.45
C VAL A 507 18.50 -6.78 43.97
N GLY A 508 17.59 -7.61 43.44
CA GLY A 508 17.96 -8.94 42.95
C GLY A 508 18.85 -8.94 41.72
N LEU A 509 18.58 -8.03 40.79
CA LEU A 509 19.44 -7.88 39.61
C LEU A 509 20.84 -7.40 39.97
N SER A 510 20.92 -6.49 40.96
CA SER A 510 22.19 -5.96 41.42
C SER A 510 22.97 -7.04 42.19
N ALA A 511 22.26 -7.82 43.00
CA ALA A 511 22.83 -8.98 43.68
C ALA A 511 23.39 -9.93 42.63
N GLY A 512 22.66 -10.13 41.54
CA GLY A 512 23.14 -10.97 40.46
C GLY A 512 24.45 -10.46 39.84
N MET A 513 24.51 -9.17 39.57
CA MET A 513 25.73 -8.54 39.05
C MET A 513 26.90 -8.56 40.06
N GLY A 514 26.61 -8.76 41.33
CA GLY A 514 27.58 -8.94 42.38
C GLY A 514 27.89 -10.39 42.71
N LEU A 515 27.50 -11.30 41.82
CA LEU A 515 27.78 -12.72 41.92
C LEU A 515 27.00 -13.41 43.04
N ILE A 516 25.73 -13.04 43.12
CA ILE A 516 24.70 -13.83 43.79
C ILE A 516 23.70 -14.32 42.72
N PRO A 517 24.14 -15.31 41.90
CA PRO A 517 23.24 -15.82 40.88
C PRO A 517 22.07 -16.62 41.49
N PHE A 518 22.32 -17.26 42.63
CA PHE A 518 21.31 -18.04 43.33
C PHE A 518 20.78 -17.16 44.48
N TRP A 519 19.67 -16.53 44.17
CA TRP A 519 19.13 -15.45 44.96
C TRP A 519 17.63 -15.59 45.10
N THR A 520 17.09 -15.07 46.20
CA THR A 520 15.65 -14.86 46.31
C THR A 520 15.40 -13.75 47.31
N CYS A 521 14.14 -13.36 47.43
CA CYS A 521 13.66 -12.45 48.46
C CYS A 521 12.55 -13.19 49.21
N ASP A 522 12.16 -12.65 50.37
CA ASP A 522 11.05 -13.20 51.10
C ASP A 522 9.76 -12.87 50.31
N ILE A 523 9.16 -13.88 49.71
CA ILE A 523 7.90 -13.69 48.99
C ILE A 523 6.84 -13.43 50.07
N SER A 524 6.10 -12.34 49.88
CA SER A 524 5.21 -11.69 50.88
C SER A 524 5.91 -10.64 51.76
N GLY A 525 7.22 -10.53 51.62
CA GLY A 525 8.08 -9.80 52.54
C GLY A 525 8.21 -10.49 53.87
N TYR A 526 9.18 -10.04 54.67
CA TYR A 526 9.29 -10.51 56.04
C TYR A 526 8.32 -9.78 56.96
N CYS A 527 8.18 -8.48 56.76
CA CYS A 527 7.55 -7.63 57.76
C CYS A 527 6.03 -7.48 57.61
N GLY A 528 5.40 -7.16 58.73
CA GLY A 528 4.00 -6.72 58.79
C GLY A 528 3.02 -7.83 59.10
N ASP A 529 2.24 -7.65 60.16
CA ASP A 529 1.24 -8.63 60.50
C ASP A 529 0.15 -8.69 59.44
N ILE A 530 -0.25 -9.90 59.09
CA ILE A 530 -1.31 -10.10 58.08
C ILE A 530 -2.63 -10.23 58.82
N LYS A 531 -3.25 -9.07 59.04
CA LYS A 531 -4.52 -8.97 59.78
C LYS A 531 -5.72 -9.28 58.88
N ASP A 532 -5.53 -9.15 57.58
CA ASP A 532 -6.62 -9.33 56.63
C ASP A 532 -6.08 -10.00 55.38
N TYR A 533 -6.30 -11.30 55.30
CA TYR A 533 -5.81 -12.12 54.18
C TYR A 533 -6.46 -11.79 52.84
N ASP A 534 -7.74 -11.39 52.86
CA ASP A 534 -8.40 -10.97 51.62
C ASP A 534 -7.74 -9.72 51.07
N ALA A 535 -7.46 -8.75 51.95
CA ALA A 535 -6.83 -7.49 51.53
C ALA A 535 -5.38 -7.68 51.05
N MET A 536 -4.68 -8.66 51.63
CA MET A 536 -3.29 -8.96 51.26
C MET A 536 -3.18 -9.82 49.98
N ALA A 537 -4.27 -10.45 49.53
CA ALA A 537 -4.19 -11.42 48.43
C ALA A 537 -3.51 -10.87 47.16
N GLU A 538 -3.85 -9.64 46.77
CA GLU A 538 -3.32 -9.06 45.52
C GLU A 538 -1.79 -8.92 45.59
N LEU A 539 -1.34 -8.31 46.67
CA LEU A 539 0.08 -8.06 46.91
C LEU A 539 0.82 -9.39 47.02
N TYR A 540 0.25 -10.36 47.72
CA TYR A 540 0.88 -11.68 47.80
C TYR A 540 1.05 -12.30 46.43
N VAL A 541 -0.05 -12.31 45.65
CA VAL A 541 -0.04 -12.90 44.32
C VAL A 541 1.05 -12.24 43.44
N ARG A 542 1.12 -10.92 43.45
CA ARG A 542 2.14 -10.23 42.66
C ARG A 542 3.53 -10.54 43.17
N TRP A 543 3.69 -10.62 44.49
CA TRP A 543 5.02 -10.91 45.06
C TRP A 543 5.49 -12.30 44.62
N LEU A 544 4.57 -13.27 44.57
CA LEU A 544 4.89 -14.63 44.19
C LEU A 544 5.13 -14.73 42.67
N GLN A 545 4.38 -13.98 41.88
CA GLN A 545 4.58 -13.96 40.43
C GLN A 545 5.99 -13.47 40.08
N PHE A 546 6.43 -12.43 40.76
CA PHE A 546 7.83 -12.00 40.68
C PHE A 546 8.72 -13.10 41.24
N GLY A 547 8.37 -13.56 42.44
CA GLY A 547 9.19 -14.49 43.22
C GLY A 547 9.55 -15.81 42.56
N VAL A 548 8.63 -16.34 41.75
CA VAL A 548 8.89 -17.61 41.04
C VAL A 548 9.92 -17.47 39.92
N PHE A 549 10.23 -16.23 39.50
CA PHE A 549 11.35 -15.97 38.62
C PHE A 549 12.64 -15.59 39.32
N THR A 550 12.70 -15.78 40.65
CA THR A 550 13.98 -15.74 41.38
C THR A 550 14.44 -17.19 41.55
N PRO A 551 15.74 -17.46 41.39
CA PRO A 551 16.15 -18.87 41.45
C PRO A 551 15.78 -19.65 42.71
N LEU A 552 15.82 -19.01 43.88
CA LEU A 552 15.57 -19.70 45.14
C LEU A 552 14.22 -19.37 45.79
N SER A 553 13.27 -18.97 44.95
CA SER A 553 11.93 -18.59 45.32
C SER A 553 11.45 -19.17 46.66
N ARG A 554 11.39 -18.31 47.69
CA ARG A 554 10.99 -18.73 49.04
C ARG A 554 9.97 -17.78 49.66
N ALA A 555 8.80 -18.32 49.97
CA ALA A 555 7.82 -17.59 50.78
C ALA A 555 8.23 -17.69 52.24
N HIS A 556 8.13 -16.57 52.97
CA HIS A 556 8.51 -16.49 54.37
C HIS A 556 7.79 -15.28 54.94
N HIS A 557 7.63 -15.25 56.25
CA HIS A 557 7.10 -14.06 56.92
C HIS A 557 7.43 -14.15 58.40
N GLU A 558 7.41 -13.00 59.06
CA GLU A 558 7.67 -12.94 60.49
C GLU A 558 6.67 -13.76 61.30
N GLY A 559 7.19 -14.41 62.35
CA GLY A 559 6.39 -15.07 63.37
C GLY A 559 5.36 -16.08 62.89
N GLY A 560 4.11 -15.90 63.35
CA GLY A 560 3.00 -16.79 62.99
C GLY A 560 2.16 -16.34 61.81
N ASN A 561 2.69 -15.45 60.98
CA ASN A 561 1.99 -14.95 59.81
C ASN A 561 2.15 -15.95 58.67
N ALA A 562 1.20 -16.87 58.60
CA ALA A 562 1.20 -17.91 57.57
C ALA A 562 1.11 -17.30 56.17
N VAL A 563 1.99 -17.73 55.27
CA VAL A 563 2.04 -17.19 53.90
C VAL A 563 2.25 -18.32 52.87
N GLU A 564 1.70 -19.50 53.17
CA GLU A 564 1.63 -20.58 52.17
C GLU A 564 0.64 -20.14 51.08
N PRO A 565 0.80 -20.65 49.85
CA PRO A 565 0.04 -20.11 48.73
C PRO A 565 -1.48 -20.31 48.75
N TRP A 566 -2.01 -21.09 49.66
CA TRP A 566 -3.46 -21.30 49.81
C TRP A 566 -4.12 -20.42 50.88
N LYS A 567 -3.35 -19.60 51.58
CA LYS A 567 -3.87 -18.80 52.68
C LYS A 567 -4.67 -17.54 52.29
N PHE A 568 -4.73 -17.21 51.00
CA PHE A 568 -5.26 -15.94 50.52
C PHE A 568 -6.54 -16.12 49.73
N GLY A 569 -7.18 -17.29 49.87
CA GLY A 569 -8.41 -17.61 49.16
C GLY A 569 -8.17 -18.34 47.84
N THR A 570 -9.25 -18.88 47.31
CA THR A 570 -9.20 -19.79 46.17
C THR A 570 -8.62 -19.17 44.89
N GLU A 571 -9.03 -17.94 44.58
CA GLU A 571 -8.54 -17.26 43.37
C GLU A 571 -7.01 -17.14 43.44
N ALA A 572 -6.50 -16.61 44.55
CA ALA A 572 -5.05 -16.44 44.75
C ALA A 572 -4.32 -17.79 44.73
N GLU A 573 -4.96 -18.82 45.28
CA GLU A 573 -4.37 -20.15 45.32
C GLU A 573 -4.19 -20.70 43.90
N ASN A 574 -5.23 -20.59 43.09
CA ASN A 574 -5.17 -21.08 41.71
C ASN A 574 -4.14 -20.32 40.87
N ILE A 575 -4.07 -19.01 41.03
CA ILE A 575 -3.09 -18.20 40.34
C ILE A 575 -1.69 -18.61 40.82
N SER A 576 -1.51 -18.77 42.13
CA SER A 576 -0.19 -19.08 42.70
C SER A 576 0.27 -20.47 42.30
N ARG A 577 -0.66 -21.43 42.25
CA ARG A 577 -0.30 -22.77 41.76
C ARG A 577 0.25 -22.65 40.33
N LYS A 578 -0.41 -21.87 39.49
CA LYS A 578 0.02 -21.72 38.10
C LYS A 578 1.39 -21.03 37.99
N SER A 579 1.60 -19.98 38.79
CA SER A 579 2.90 -19.29 38.85
C SER A 579 4.01 -20.30 39.18
N ILE A 580 3.78 -21.09 40.23
CA ILE A 580 4.76 -22.09 40.67
C ILE A 580 4.94 -23.16 39.59
N GLU A 581 3.84 -23.65 39.05
CA GLU A 581 3.89 -24.61 37.96
C GLU A 581 4.72 -24.15 36.75
N LEU A 582 4.65 -22.87 36.41
CA LEU A 582 5.42 -22.32 35.29
C LEU A 582 6.92 -22.44 35.57
N LYS A 583 7.33 -22.12 36.79
CA LYS A 583 8.74 -22.29 37.17
C LYS A 583 9.21 -23.74 37.06
N TYR A 584 8.39 -24.67 37.54
CA TYR A 584 8.70 -26.09 37.46
C TYR A 584 8.78 -26.58 36.01
N LYS A 585 7.82 -26.19 35.17
CA LYS A 585 7.90 -26.52 33.77
C LYS A 585 9.22 -26.02 33.16
N LEU A 586 9.65 -24.84 33.58
CA LEU A 586 10.88 -24.25 33.06
C LEU A 586 12.18 -24.80 33.69
N PHE A 587 12.10 -25.81 34.54
CA PHE A 587 13.29 -26.29 35.23
C PHE A 587 14.48 -26.61 34.31
N PRO A 588 14.28 -27.36 33.20
CA PRO A 588 15.48 -27.68 32.41
C PRO A 588 16.14 -26.44 31.74
N TYR A 589 15.31 -25.43 31.45
CA TYR A 589 15.76 -24.12 31.00
C TYR A 589 16.53 -23.39 32.10
N LEU A 590 15.91 -23.28 33.27
CA LEU A 590 16.54 -22.57 34.38
C LEU A 590 17.82 -23.26 34.84
N TYR A 591 17.80 -24.58 34.88
CA TYR A 591 18.97 -25.33 35.30
C TYR A 591 20.17 -25.17 34.34
N THR A 592 19.90 -25.07 33.04
CA THR A 592 20.93 -24.77 32.07
C THR A 592 21.58 -23.43 32.38
N TYR A 593 20.77 -22.43 32.73
CA TYR A 593 21.31 -21.15 33.15
C TYR A 593 21.99 -21.14 34.53
N ALA A 594 21.56 -22.01 35.45
CA ALA A 594 22.31 -22.24 36.69
C ALA A 594 23.74 -22.70 36.37
N ARG A 595 23.89 -23.60 35.41
CA ARG A 595 25.23 -24.02 34.98
C ARG A 595 25.99 -22.87 34.34
N GLU A 596 25.30 -22.09 33.51
CA GLU A 596 25.96 -20.94 32.90
C GLU A 596 26.46 -19.94 33.96
N ALA A 597 25.75 -19.81 35.08
CA ALA A 597 26.23 -18.98 36.19
C ALA A 597 27.59 -19.48 36.70
N HIS A 598 27.68 -20.81 36.85
CA HIS A 598 28.94 -21.44 37.27
C HIS A 598 30.08 -21.20 36.29
N ASP A 599 29.80 -21.32 34.99
CA ASP A 599 30.85 -21.18 33.97
C ASP A 599 31.27 -19.77 33.65
N THR A 600 30.33 -18.84 33.66
CA THR A 600 30.55 -17.47 33.19
C THR A 600 30.39 -16.38 34.24
N GLY A 601 29.75 -16.70 35.37
CA GLY A 601 29.41 -15.71 36.39
C GLY A 601 28.10 -14.97 36.14
N LEU A 602 27.48 -15.13 34.98
CA LEU A 602 26.23 -14.40 34.68
C LEU A 602 25.09 -14.91 35.56
N PRO A 603 24.34 -13.97 36.14
CA PRO A 603 23.21 -14.37 36.94
C PRO A 603 22.10 -14.93 36.05
N ILE A 604 21.20 -15.69 36.65
CA ILE A 604 20.00 -16.13 35.93
C ILE A 604 19.09 -14.93 35.69
N MET A 605 18.88 -14.12 36.71
CA MET A 605 18.12 -12.88 36.61
C MET A 605 19.06 -11.82 36.06
N ARG A 606 18.79 -11.39 34.83
CA ARG A 606 19.69 -10.49 34.11
C ARG A 606 19.02 -9.15 33.82
N ALA A 607 19.61 -8.09 34.37
CA ALA A 607 19.34 -6.74 33.88
C ALA A 607 19.52 -6.76 32.36
N LEU A 608 18.60 -6.12 31.65
CA LEU A 608 18.67 -6.08 30.20
C LEU A 608 20.01 -5.55 29.67
N LEU A 609 20.61 -4.60 30.38
CA LEU A 609 21.91 -4.04 30.00
C LEU A 609 23.01 -5.11 29.81
N LEU A 610 22.92 -6.23 30.53
CA LEU A 610 23.90 -7.32 30.37
C LEU A 610 23.84 -7.98 28.99
N GLU A 611 22.66 -8.02 28.42
CA GLU A 611 22.46 -8.60 27.08
C GLU A 611 22.41 -7.60 25.94
N TYR A 612 22.03 -6.35 26.25
CA TYR A 612 21.88 -5.28 25.27
C TYR A 612 22.67 -4.06 25.73
N PRO A 613 24.00 -4.21 25.83
CA PRO A 613 24.82 -3.14 26.40
C PRO A 613 24.83 -1.81 25.60
N ASN A 614 24.57 -1.89 24.31
CA ASN A 614 24.51 -0.69 23.44
C ASN A 614 23.20 0.08 23.58
N ASP A 615 22.18 -0.51 24.20
CA ASP A 615 20.87 0.12 24.32
C ASP A 615 20.74 0.84 25.65
N LYS A 616 20.97 2.15 25.63
CA LYS A 616 20.98 2.98 26.86
C LYS A 616 19.64 3.05 27.58
N GLU A 617 18.55 2.74 26.87
CA GLU A 617 17.24 2.68 27.51
C GLU A 617 17.22 1.60 28.61
N THR A 618 18.04 0.56 28.45
CA THR A 618 18.09 -0.54 29.44
C THR A 618 18.63 -0.08 30.81
N PHE A 619 19.37 1.03 30.86
CA PHE A 619 19.92 1.53 32.13
C PHE A 619 18.83 1.98 33.11
N LYS A 620 17.66 2.31 32.55
CA LYS A 620 16.53 2.81 33.30
C LYS A 620 15.57 1.73 33.81
N LEU A 621 15.75 0.48 33.40
CA LEU A 621 14.71 -0.53 33.56
C LEU A 621 14.78 -1.20 34.92
N ASN A 622 13.92 -0.74 35.84
CA ASN A 622 13.82 -1.33 37.18
C ASN A 622 12.58 -2.23 37.35
N GLY A 623 11.79 -2.40 36.30
CA GLY A 623 10.51 -3.13 36.42
C GLY A 623 10.43 -4.40 35.63
N GLN A 624 11.57 -4.85 35.12
CA GLN A 624 11.62 -5.98 34.25
C GLN A 624 13.04 -6.50 34.14
N PHE A 625 13.17 -7.73 33.66
CA PHE A 625 14.46 -8.39 33.56
C PHE A 625 14.40 -9.58 32.62
N LEU A 626 15.57 -10.04 32.18
CA LEU A 626 15.65 -11.28 31.45
C LEU A 626 15.88 -12.42 32.44
N VAL A 627 15.38 -13.60 32.08
CA VAL A 627 15.69 -14.83 32.80
C VAL A 627 16.40 -15.68 31.77
N GLY A 628 17.72 -15.80 31.93
CA GLY A 628 18.59 -16.26 30.85
C GLY A 628 18.54 -15.22 29.72
N LYS A 629 18.70 -15.68 28.48
CA LYS A 629 18.66 -14.82 27.32
C LYS A 629 17.31 -14.81 26.62
N GLU A 630 16.57 -15.92 26.70
CA GLU A 630 15.40 -16.11 25.85
C GLU A 630 14.12 -15.51 26.39
N LEU A 631 14.02 -15.37 27.71
CA LEU A 631 12.76 -14.92 28.35
C LEU A 631 12.89 -13.55 28.97
N LEU A 632 11.92 -12.68 28.67
CA LEU A 632 11.81 -11.35 29.26
C LEU A 632 10.60 -11.38 30.19
N VAL A 633 10.83 -11.07 31.46
CA VAL A 633 9.79 -11.12 32.49
C VAL A 633 9.56 -9.70 33.01
N ALA A 634 8.31 -9.27 33.02
CA ALA A 634 7.98 -7.90 33.40
C ALA A 634 6.83 -7.98 34.41
N PRO A 635 7.16 -8.27 35.68
CA PRO A 635 6.11 -8.50 36.65
C PRO A 635 5.35 -7.24 37.01
N VAL A 636 4.04 -7.38 37.25
CA VAL A 636 3.25 -6.26 37.72
C VAL A 636 3.57 -6.04 39.19
N VAL A 637 4.02 -4.84 39.53
CA VAL A 637 4.43 -4.51 40.89
C VAL A 637 3.80 -3.19 41.37
N GLU A 638 2.66 -2.83 40.76
CA GLU A 638 1.91 -1.63 41.12
C GLU A 638 0.52 -2.04 41.57
N GLN A 639 0.08 -1.47 42.68
CA GLN A 639 -1.19 -1.83 43.29
C GLN A 639 -2.37 -1.46 42.39
N GLY A 640 -3.26 -2.43 42.16
CA GLY A 640 -4.46 -2.24 41.38
C GLY A 640 -4.23 -2.30 39.88
N ALA A 641 -2.99 -2.51 39.45
CA ALA A 641 -2.68 -2.43 38.03
C ALA A 641 -3.14 -3.69 37.33
N VAL A 642 -3.74 -3.48 36.17
CA VAL A 642 -4.14 -4.59 35.30
C VAL A 642 -3.50 -4.45 33.93
N THR A 643 -2.48 -3.61 33.83
CA THR A 643 -1.64 -3.52 32.66
C THR A 643 -0.19 -3.39 33.10
N LYS A 644 0.70 -3.52 32.13
CA LYS A 644 2.13 -3.38 32.36
C LYS A 644 2.81 -2.71 31.15
N ASP A 645 3.61 -1.69 31.44
CA ASP A 645 4.52 -1.09 30.46
C ASP A 645 5.82 -1.92 30.39
N VAL A 646 6.19 -2.29 29.16
CA VAL A 646 7.30 -3.21 28.92
C VAL A 646 8.18 -2.62 27.83
N TYR A 647 9.49 -2.56 28.10
CA TYR A 647 10.45 -2.20 27.07
C TYR A 647 10.99 -3.46 26.39
N LEU A 648 10.79 -3.54 25.08
CA LEU A 648 11.32 -4.63 24.29
C LEU A 648 12.62 -4.17 23.62
N PRO A 649 13.75 -4.86 23.88
CA PRO A 649 15.03 -4.51 23.23
C PRO A 649 15.08 -5.10 21.81
N GLU A 650 16.23 -5.00 21.14
CA GLU A 650 16.42 -5.52 19.78
C GLU A 650 15.86 -6.91 19.63
N GLY A 651 15.25 -7.15 18.47
CA GLY A 651 14.71 -8.45 18.09
C GLY A 651 13.22 -8.38 17.93
N GLU A 652 12.60 -9.56 17.84
CA GLU A 652 11.14 -9.67 17.87
C GLU A 652 10.79 -10.55 19.05
N TRP A 653 9.62 -10.29 19.63
CA TRP A 653 9.26 -10.82 20.94
C TRP A 653 7.85 -11.34 20.88
N ILE A 654 7.65 -12.53 21.41
CA ILE A 654 6.39 -13.24 21.37
C ILE A 654 5.84 -13.35 22.78
N ASP A 655 4.51 -13.19 22.94
CA ASP A 655 3.86 -13.42 24.23
C ASP A 655 3.99 -14.89 24.59
N PHE A 656 4.71 -15.19 25.66
CA PHE A 656 4.96 -16.58 26.07
C PHE A 656 3.73 -17.24 26.70
N ASN A 657 2.76 -16.44 27.17
CA ASN A 657 1.54 -16.99 27.75
C ASN A 657 0.66 -17.60 26.68
N ASN A 658 0.38 -16.85 25.61
CA ASN A 658 -0.40 -17.39 24.49
C ASN A 658 0.41 -17.95 23.28
N CYS A 659 1.60 -17.39 23.02
CA CYS A 659 2.52 -17.74 21.88
C CYS A 659 2.09 -17.28 20.50
N LYS A 660 1.07 -16.44 20.48
CA LYS A 660 0.44 -15.98 19.25
C LYS A 660 0.87 -14.54 18.98
N THR A 661 0.67 -13.66 19.97
CA THR A 661 0.93 -12.23 19.80
C THR A 661 2.42 -11.97 19.66
N LYS A 662 2.78 -11.19 18.65
CA LYS A 662 4.15 -10.89 18.34
C LYS A 662 4.40 -9.39 18.26
N TYR A 663 5.58 -8.95 18.71
CA TYR A 663 5.93 -7.53 18.74
C TYR A 663 7.30 -7.29 18.15
N LYS A 664 7.45 -6.12 17.51
CA LYS A 664 8.74 -5.62 17.08
C LYS A 664 9.53 -5.12 18.29
N GLY A 665 10.85 -5.22 18.21
CA GLY A 665 11.73 -4.74 19.26
C GLY A 665 12.05 -3.28 19.22
N GLU A 666 12.86 -2.87 20.19
CA GLU A 666 13.26 -1.48 20.43
C GLU A 666 12.08 -0.55 20.53
N GLN A 667 11.12 -0.92 21.38
CA GLN A 667 9.98 -0.07 21.67
C GLN A 667 9.36 -0.37 23.04
N TRP A 668 8.70 0.66 23.58
CA TRP A 668 7.80 0.51 24.73
C TRP A 668 6.41 0.10 24.25
N ILE A 669 5.85 -0.90 24.91
CA ILE A 669 4.48 -1.34 24.71
C ILE A 669 3.77 -1.36 26.05
N THR A 670 2.44 -1.42 25.98
CA THR A 670 1.59 -1.63 27.15
C THR A 670 0.77 -2.87 26.87
N VAL A 671 0.78 -3.83 27.80
CA VAL A 671 0.08 -5.10 27.64
C VAL A 671 -0.92 -5.27 28.77
N ASP A 672 -1.99 -6.04 28.50
CA ASP A 672 -2.96 -6.39 29.52
C ASP A 672 -2.28 -7.38 30.45
N ALA A 673 -2.45 -7.14 31.76
CA ALA A 673 -1.81 -7.95 32.79
C ALA A 673 -2.72 -7.99 34.00
N PRO A 674 -3.84 -8.72 33.88
CA PRO A 674 -4.74 -8.87 35.04
C PRO A 674 -4.07 -9.70 36.12
N LEU A 675 -4.74 -9.81 37.26
CA LEU A 675 -4.14 -10.46 38.43
C LEU A 675 -3.60 -11.87 38.17
N ASN A 676 -4.30 -12.63 37.31
CA ASN A 676 -3.88 -13.99 36.96
C ASN A 676 -2.72 -14.08 35.96
N THR A 677 -2.09 -12.95 35.61
CA THR A 677 -1.14 -12.91 34.50
C THR A 677 0.19 -12.33 34.92
N ILE A 678 1.25 -13.03 34.53
CA ILE A 678 2.63 -12.51 34.55
C ILE A 678 3.04 -12.22 33.10
N PRO A 679 3.36 -10.96 32.77
CA PRO A 679 3.88 -10.67 31.41
C PRO A 679 5.26 -11.29 31.21
N VAL A 680 5.28 -12.29 30.34
CA VAL A 680 6.49 -12.98 29.94
C VAL A 680 6.56 -13.01 28.42
N PHE A 681 7.73 -12.71 27.87
CA PHE A 681 7.93 -12.71 26.42
C PHE A 681 9.08 -13.62 26.09
N VAL A 682 9.00 -14.27 24.94
CA VAL A 682 10.05 -15.15 24.43
C VAL A 682 10.63 -14.51 23.16
N LYS A 683 11.95 -14.50 23.07
CA LYS A 683 12.59 -13.87 21.92
C LYS A 683 12.41 -14.75 20.69
N LYS A 684 12.04 -14.13 19.58
CA LYS A 684 11.93 -14.88 18.34
C LYS A 684 13.29 -15.51 18.01
N GLY A 685 13.26 -16.80 17.70
CA GLY A 685 14.48 -17.58 17.52
C GLY A 685 14.79 -18.55 18.66
N SER A 686 14.15 -18.34 19.82
CA SER A 686 14.42 -19.13 21.02
C SER A 686 13.95 -20.57 20.94
N ILE A 687 14.70 -21.42 21.66
CA ILE A 687 14.35 -22.80 21.91
C ILE A 687 14.34 -23.00 23.41
N ILE A 688 13.19 -23.37 23.97
CA ILE A 688 12.98 -23.47 25.43
C ILE A 688 12.70 -24.92 25.86
N PRO A 689 13.67 -25.57 26.56
CA PRO A 689 13.38 -26.89 27.09
C PRO A 689 12.43 -26.79 28.27
N GLN A 690 11.46 -27.71 28.33
CA GLN A 690 10.55 -27.79 29.46
C GLN A 690 10.28 -29.22 29.87
N MET A 691 9.89 -29.36 31.13
CA MET A 691 9.48 -30.64 31.67
C MET A 691 7.99 -30.59 32.05
N PRO A 692 7.37 -31.77 32.23
CA PRO A 692 5.99 -31.76 32.72
C PRO A 692 5.89 -31.26 34.15
N VAL A 693 4.70 -30.79 34.51
CA VAL A 693 4.37 -30.42 35.88
C VAL A 693 4.67 -31.61 36.81
N MET A 694 5.37 -31.32 37.90
CA MET A 694 5.65 -32.27 38.98
C MET A 694 5.50 -31.54 40.27
N GLN A 695 5.35 -32.27 41.38
CA GLN A 695 5.18 -31.65 42.69
C GLN A 695 6.49 -31.30 43.37
N TYR A 696 7.57 -31.94 42.92
CA TYR A 696 8.92 -31.62 43.33
C TYR A 696 9.87 -32.09 42.25
N ILE A 697 11.06 -31.52 42.28
CA ILE A 697 12.08 -31.82 41.27
C ILE A 697 12.45 -33.28 41.41
N ASP A 698 12.44 -34.00 40.30
CA ASP A 698 12.75 -35.42 40.28
C ASP A 698 11.68 -36.34 40.87
N GLU A 699 10.42 -35.87 40.97
CA GLU A 699 9.29 -36.74 41.32
C GLU A 699 9.20 -37.86 40.29
N LYS A 700 9.32 -37.48 39.02
CA LYS A 700 9.60 -38.41 37.94
C LYS A 700 11.09 -38.31 37.68
N LYS A 701 11.83 -39.39 37.90
CA LYS A 701 13.29 -39.39 37.70
C LYS A 701 13.65 -39.33 36.22
N VAL A 702 12.72 -39.72 35.37
CA VAL A 702 12.88 -39.70 33.91
C VAL A 702 11.61 -39.06 33.36
N TYR A 703 11.74 -38.15 32.40
CA TYR A 703 10.56 -37.53 31.81
C TYR A 703 10.84 -37.13 30.38
N PRO A 704 9.77 -37.05 29.56
CA PRO A 704 9.93 -36.50 28.22
C PRO A 704 10.28 -35.01 28.29
N VAL A 705 11.21 -34.58 27.45
CA VAL A 705 11.60 -33.19 27.41
C VAL A 705 10.97 -32.57 26.15
N THR A 706 10.25 -31.47 26.32
CA THR A 706 9.72 -30.73 25.19
C THR A 706 10.65 -29.55 24.91
N PHE A 707 10.76 -29.18 23.64
CA PHE A 707 11.54 -28.04 23.22
C PHE A 707 10.60 -27.15 22.42
N ASP A 708 10.18 -26.04 23.04
CA ASP A 708 9.36 -25.05 22.37
C ASP A 708 10.24 -24.17 21.52
N ILE A 709 10.04 -24.27 20.20
CA ILE A 709 10.88 -23.64 19.21
C ILE A 709 10.07 -22.55 18.51
N PHE A 710 10.62 -21.35 18.53
CA PHE A 710 10.08 -20.16 17.90
C PHE A 710 11.05 -19.76 16.79
N PRO A 711 10.87 -20.31 15.57
CA PRO A 711 11.86 -20.09 14.51
C PRO A 711 12.22 -18.63 14.26
N GLY A 712 13.51 -18.35 14.13
CA GLY A 712 14.00 -17.02 13.84
C GLY A 712 13.72 -16.64 12.39
N ASN A 713 14.14 -15.43 12.03
CA ASN A 713 13.99 -14.93 10.66
C ASN A 713 14.71 -15.82 9.66
N LEU A 714 14.33 -15.65 8.39
CA LEU A 714 14.95 -16.37 7.29
C LEU A 714 16.49 -16.28 7.36
N ASN A 715 17.14 -17.44 7.19
CA ASN A 715 18.61 -17.57 7.21
C ASN A 715 19.29 -17.28 8.55
N LYS A 716 18.55 -17.20 9.65
CA LYS A 716 19.17 -16.95 10.95
C LYS A 716 19.13 -18.23 11.79
N GLU A 717 20.31 -18.79 12.03
CA GLU A 717 20.45 -20.00 12.81
C GLU A 717 20.40 -19.64 14.29
N THR A 718 19.59 -20.36 15.04
CA THR A 718 19.53 -20.19 16.51
C THR A 718 19.65 -21.55 17.16
N SER A 719 19.95 -21.55 18.46
CA SER A 719 20.12 -22.80 19.20
C SER A 719 19.90 -22.66 20.70
N PHE A 720 19.72 -23.80 21.36
CA PHE A 720 19.80 -23.90 22.80
C PHE A 720 20.59 -25.15 23.16
N THR A 721 21.53 -25.01 24.10
CA THR A 721 22.30 -26.16 24.60
C THR A 721 21.79 -26.61 25.99
N PHE A 722 21.02 -27.70 25.97
CA PHE A 722 20.36 -28.27 27.12
C PHE A 722 21.40 -29.01 27.96
N TYR A 723 21.65 -28.49 29.15
CA TYR A 723 22.63 -29.05 30.10
C TYR A 723 21.99 -29.99 31.10
N GLU A 724 22.63 -31.12 31.35
CA GLU A 724 22.22 -32.03 32.40
C GLU A 724 23.42 -32.56 33.18
N ASP A 725 23.18 -32.85 34.45
CA ASP A 725 24.16 -33.50 35.32
C ASP A 725 23.40 -34.20 36.45
N ASP A 726 24.11 -34.72 37.43
CA ASP A 726 23.46 -35.53 38.45
C ASP A 726 22.69 -34.70 39.51
N GLY A 727 22.93 -33.38 39.55
CA GLY A 727 22.13 -32.48 40.35
C GLY A 727 22.43 -32.45 41.85
N GLU A 728 23.33 -33.31 42.32
CA GLU A 728 23.54 -33.52 43.74
C GLU A 728 25.01 -33.48 44.14
N SER A 729 25.90 -34.00 43.29
CA SER A 729 27.30 -34.19 43.64
C SER A 729 28.12 -32.99 43.19
N ARG A 730 29.39 -33.00 43.57
CA ARG A 730 30.35 -32.00 43.09
C ARG A 730 31.03 -32.40 41.77
N ASP A 731 30.61 -33.51 41.15
CA ASP A 731 31.21 -33.96 39.89
C ASP A 731 31.14 -32.87 38.80
N TYR A 732 30.05 -32.08 38.81
CA TYR A 732 29.92 -31.00 37.82
C TYR A 732 31.12 -30.03 37.88
N GLU A 733 31.78 -29.86 39.03
CA GLU A 733 32.93 -28.94 39.16
C GLU A 733 34.15 -29.45 38.40
N ARG A 734 34.20 -30.75 38.16
CA ARG A 734 35.16 -31.40 37.26
C ARG A 734 34.62 -31.63 35.84
N ASP A 735 33.57 -30.90 35.47
CA ASP A 735 32.97 -30.95 34.14
C ASP A 735 32.45 -32.32 33.73
N VAL A 736 31.78 -32.94 34.69
CA VAL A 736 31.04 -34.18 34.50
C VAL A 736 29.57 -33.84 34.28
N PHE A 737 29.13 -34.01 33.04
CA PHE A 737 27.81 -33.60 32.62
C PHE A 737 27.49 -34.21 31.27
N CYS A 738 26.31 -33.92 30.73
CA CYS A 738 26.08 -34.03 29.30
C CYS A 738 25.34 -32.81 28.80
N LYS A 739 25.40 -32.60 27.47
CA LYS A 739 24.75 -31.50 26.79
C LYS A 739 24.14 -31.98 25.49
N THR A 740 22.98 -31.43 25.13
CA THR A 740 22.32 -31.73 23.88
C THR A 740 21.95 -30.43 23.23
N LYS A 741 22.55 -30.14 22.08
CA LYS A 741 22.31 -28.90 21.38
C LYS A 741 21.15 -29.06 20.39
N ILE A 742 20.16 -28.19 20.50
CA ILE A 742 19.04 -28.15 19.57
C ILE A 742 19.24 -26.92 18.72
N THR A 743 19.23 -27.09 17.40
CA THR A 743 19.44 -25.98 16.46
C THR A 743 18.18 -25.77 15.60
N SER A 744 17.90 -24.52 15.25
CA SER A 744 16.79 -24.17 14.35
C SER A 744 17.28 -23.19 13.30
N LYS A 745 16.95 -23.47 12.04
CA LYS A 745 17.31 -22.56 10.95
C LYS A 745 16.24 -22.64 9.87
N ALA A 746 15.61 -21.49 9.62
CA ALA A 746 14.61 -21.35 8.57
C ALA A 746 15.31 -20.93 7.27
N SER A 747 14.86 -21.53 6.17
CA SER A 747 15.23 -21.13 4.79
C SER A 747 13.94 -21.11 3.94
N ASN A 748 14.05 -20.84 2.64
CA ASN A 748 12.88 -20.77 1.73
C ASN A 748 11.86 -21.91 1.93
N GLU A 749 10.68 -21.53 2.42
CA GLU A 749 9.56 -22.46 2.72
C GLU A 749 9.99 -23.79 3.40
N GLU A 750 10.91 -23.69 4.35
CA GLU A 750 11.49 -24.84 5.02
C GLU A 750 12.08 -24.48 6.38
N ILE A 751 11.89 -25.36 7.38
CA ILE A 751 12.53 -25.21 8.71
C ILE A 751 13.31 -26.48 9.07
N LYS A 752 14.61 -26.32 9.32
CA LYS A 752 15.47 -27.43 9.73
C LYS A 752 15.71 -27.37 11.25
N ILE A 753 15.27 -28.40 11.98
CA ILE A 753 15.58 -28.53 13.41
C ILE A 753 16.57 -29.67 13.60
N THR A 754 17.73 -29.38 14.16
CA THR A 754 18.74 -30.39 14.41
C THR A 754 18.81 -30.74 15.90
N VAL A 755 18.65 -32.02 16.22
CA VAL A 755 18.95 -32.52 17.56
C VAL A 755 20.40 -33.01 17.51
N GLY A 756 21.31 -32.24 18.11
CA GLY A 756 22.73 -32.56 18.06
C GLY A 756 23.07 -33.84 18.79
N GLU A 757 24.13 -34.49 18.34
CA GLU A 757 24.64 -35.69 19.03
C GLU A 757 24.92 -35.30 20.47
N ARG A 758 24.50 -36.12 21.42
CA ARG A 758 24.73 -35.82 22.82
C ARG A 758 26.23 -35.68 23.11
N GLU A 759 26.60 -34.55 23.71
CA GLU A 759 27.95 -34.32 24.16
C GLU A 759 28.05 -35.01 25.50
N TYR A 760 28.75 -36.13 25.55
CA TYR A 760 28.81 -36.98 26.72
C TYR A 760 30.13 -36.73 27.45
N LYS A 761 30.04 -36.19 28.67
CA LYS A 761 31.22 -35.94 29.49
C LYS A 761 31.09 -36.63 30.84
N GLY A 762 30.64 -37.88 30.83
CA GLY A 762 30.63 -38.74 32.01
C GLY A 762 29.36 -38.80 32.83
N TYR A 763 28.30 -38.12 32.39
CA TYR A 763 26.98 -38.24 32.98
C TYR A 763 26.01 -38.64 31.89
N SER A 764 25.26 -39.71 32.12
CA SER A 764 24.21 -40.15 31.20
C SER A 764 22.91 -39.64 31.73
N PRO A 765 22.10 -39.04 30.84
CA PRO A 765 20.85 -38.50 31.30
C PRO A 765 19.90 -39.58 31.72
N ALA A 766 18.89 -39.17 32.47
CA ALA A 766 17.78 -40.02 32.81
C ALA A 766 17.22 -40.57 31.50
N GLY A 767 16.93 -41.87 31.49
CA GLY A 767 16.46 -42.51 30.29
C GLY A 767 15.97 -43.91 30.57
N PRO A 768 15.35 -44.55 29.57
CA PRO A 768 15.06 -43.98 28.25
C PRO A 768 13.90 -42.96 28.27
N ARG A 769 13.89 -42.04 27.31
CA ARG A 769 12.86 -41.02 27.19
C ARG A 769 12.72 -40.54 25.76
N ASN A 770 11.63 -39.80 25.54
CA ASN A 770 11.32 -39.14 24.28
C ASN A 770 11.55 -37.63 24.34
N PHE A 771 11.91 -37.05 23.21
CA PHE A 771 11.86 -35.61 23.01
C PHE A 771 10.64 -35.28 22.18
N ILE A 772 10.02 -34.15 22.50
CA ILE A 772 8.99 -33.57 21.64
C ILE A 772 9.42 -32.18 21.23
N LEU A 773 9.69 -32.03 19.94
CA LEU A 773 10.03 -30.75 19.36
C LEU A 773 8.70 -30.07 19.02
N LYS A 774 8.48 -28.89 19.58
CA LYS A 774 7.24 -28.14 19.42
C LYS A 774 7.54 -26.86 18.68
N ILE A 775 7.30 -26.86 17.36
CA ILE A 775 7.65 -25.75 16.51
C ILE A 775 6.43 -24.87 16.30
N HIS A 776 6.53 -23.62 16.71
CA HIS A 776 5.44 -22.67 16.61
C HIS A 776 5.41 -22.11 15.19
N ALA A 777 4.28 -22.31 14.51
CA ALA A 777 4.15 -21.98 13.08
C ALA A 777 2.72 -21.58 12.76
N SER A 778 2.58 -20.76 11.72
CA SER A 778 1.27 -20.22 11.29
C SER A 778 0.33 -21.25 10.65
N ASN A 779 0.88 -22.19 9.89
CA ASN A 779 0.08 -23.17 9.14
C ASN A 779 0.63 -24.56 9.28
N LYS A 780 -0.25 -25.55 9.15
CA LYS A 780 0.18 -26.94 9.09
C LYS A 780 1.14 -27.10 7.90
N PRO A 781 2.32 -27.72 8.11
CA PRO A 781 3.24 -27.94 7.00
C PRO A 781 2.77 -29.09 6.10
N LYS A 782 3.41 -29.23 4.92
CA LYS A 782 3.09 -30.29 3.96
C LYS A 782 3.55 -31.64 4.49
N ASP A 783 4.82 -31.69 4.89
CA ASP A 783 5.46 -32.92 5.41
C ASP A 783 6.58 -32.62 6.40
N VAL A 784 6.94 -33.62 7.20
CA VAL A 784 8.10 -33.55 8.07
C VAL A 784 8.96 -34.78 7.84
N PHE A 785 10.27 -34.55 7.64
CA PHE A 785 11.26 -35.61 7.40
C PHE A 785 12.23 -35.73 8.58
N ALA A 786 12.63 -36.97 8.88
CA ALA A 786 13.75 -37.26 9.78
C ALA A 786 14.90 -37.87 8.97
N GLY A 787 15.91 -37.06 8.66
CA GLY A 787 16.96 -37.43 7.72
C GLY A 787 16.39 -37.36 6.31
N GLY A 788 16.47 -38.46 5.58
CA GLY A 788 15.84 -38.57 4.26
C GLY A 788 14.40 -39.04 4.30
N GLU A 789 13.99 -39.68 5.40
CA GLU A 789 12.70 -40.39 5.47
C GLU A 789 11.54 -39.52 5.91
N LYS A 790 10.47 -39.53 5.11
CA LYS A 790 9.21 -38.86 5.45
C LYS A 790 8.65 -39.48 6.73
N LEU A 791 8.14 -38.64 7.62
CA LEU A 791 7.51 -39.09 8.86
C LEU A 791 5.99 -39.13 8.73
N LYS A 792 5.40 -40.01 9.52
CA LYS A 792 3.97 -40.21 9.56
C LYS A 792 3.31 -39.07 10.34
N ASN A 793 2.31 -38.43 9.74
CA ASN A 793 1.43 -37.47 10.42
C ASN A 793 0.36 -38.26 11.17
N VAL A 794 0.18 -37.98 12.45
CA VAL A 794 -0.83 -38.65 13.28
C VAL A 794 -1.63 -37.64 14.09
N LYS A 795 -2.72 -38.09 14.71
CA LYS A 795 -3.51 -37.26 15.62
C LYS A 795 -2.65 -36.89 16.83
N PRO A 796 -2.88 -35.69 17.42
CA PRO A 796 -2.24 -35.37 18.70
C PRO A 796 -2.31 -36.51 19.75
N HIS A 797 -3.48 -37.14 19.90
CA HIS A 797 -3.68 -38.25 20.86
C HIS A 797 -2.71 -39.41 20.65
N VAL A 798 -2.45 -39.73 19.38
CA VAL A 798 -1.53 -40.81 19.00
C VAL A 798 -0.06 -40.43 19.27
N LEU A 799 0.31 -39.19 18.96
CA LEU A 799 1.67 -38.70 19.28
C LEU A 799 1.94 -38.77 20.79
N GLU A 800 0.92 -38.41 21.58
CA GLU A 800 0.98 -38.44 23.05
C GLU A 800 0.91 -39.83 23.69
N LYS A 801 0.49 -40.85 22.93
CA LYS A 801 0.24 -42.18 23.50
C LYS A 801 1.53 -42.91 23.87
N ASN A 802 1.63 -43.35 25.12
CA ASN A 802 2.80 -44.02 25.65
C ASN A 802 4.07 -43.18 25.43
N ILE A 803 3.98 -41.90 25.79
CA ILE A 803 5.11 -40.97 25.69
C ILE A 803 6.20 -41.32 26.71
N GLU A 804 5.83 -42.00 27.80
CA GLU A 804 6.77 -42.45 28.82
C GLU A 804 7.05 -43.95 28.83
N ALA A 805 6.49 -44.69 27.88
CA ALA A 805 6.59 -46.17 27.84
C ALA A 805 7.14 -46.73 26.52
N ASP A 806 6.82 -46.09 25.39
CA ASP A 806 7.27 -46.52 24.07
C ASP A 806 8.31 -45.52 23.53
N PHE A 807 9.50 -46.03 23.20
CA PHE A 807 10.62 -45.21 22.73
C PHE A 807 11.08 -45.63 21.35
N THR A 808 10.14 -46.09 20.52
CA THR A 808 10.39 -46.55 19.15
C THR A 808 9.65 -45.76 18.07
N LYS A 809 8.84 -44.79 18.49
CA LYS A 809 7.98 -44.02 17.59
C LYS A 809 8.65 -42.71 17.21
N ILE A 810 8.68 -42.42 15.91
CA ILE A 810 9.09 -41.11 15.38
C ILE A 810 7.96 -40.63 14.47
N ASN A 811 7.21 -39.63 14.90
CA ASN A 811 6.07 -39.12 14.14
C ASN A 811 5.81 -37.64 14.44
N TRP A 812 4.82 -37.04 13.77
CA TRP A 812 4.50 -35.65 14.00
C TRP A 812 3.01 -35.37 13.97
N SER A 813 2.61 -34.30 14.66
CA SER A 813 1.19 -33.90 14.76
C SER A 813 1.05 -32.40 14.65
N TRP A 814 -0.17 -31.96 14.36
CA TRP A 814 -0.53 -30.55 14.25
C TRP A 814 -1.66 -30.20 15.21
N ASN A 815 -1.52 -29.06 15.87
CA ASN A 815 -2.57 -28.45 16.70
C ASN A 815 -2.85 -27.08 16.08
N GLU A 816 -4.04 -26.94 15.48
CA GLU A 816 -4.50 -25.69 14.86
C GLU A 816 -4.78 -24.58 15.88
N ALA A 817 -5.35 -24.93 17.03
CA ALA A 817 -5.67 -23.94 18.07
C ALA A 817 -4.41 -23.23 18.60
N GLU A 818 -3.39 -24.02 18.92
CA GLU A 818 -2.12 -23.53 19.44
C GLU A 818 -1.12 -23.09 18.38
N ASN A 819 -1.34 -23.47 17.11
CA ASN A 819 -0.39 -23.20 16.01
C ASN A 819 0.97 -23.85 16.30
N VAL A 820 0.95 -25.16 16.55
CA VAL A 820 2.15 -25.90 16.96
C VAL A 820 2.29 -27.24 16.23
N ILE A 821 3.46 -27.42 15.64
CA ILE A 821 3.89 -28.69 15.08
C ILE A 821 4.64 -29.41 16.18
N SER A 822 4.17 -30.59 16.56
CA SER A 822 4.89 -31.46 17.49
C SER A 822 5.53 -32.59 16.70
N VAL A 823 6.79 -32.90 17.01
CA VAL A 823 7.53 -34.01 16.44
C VAL A 823 8.08 -34.88 17.59
N ARG A 824 7.56 -36.09 17.71
CA ARG A 824 8.07 -37.05 18.69
C ARG A 824 9.32 -37.73 18.14
N ILE A 825 10.35 -37.83 18.96
CA ILE A 825 11.59 -38.49 18.58
C ILE A 825 12.28 -39.04 19.85
N PRO A 826 12.68 -40.34 19.85
CA PRO A 826 13.40 -40.84 21.01
C PRO A 826 14.70 -40.11 21.24
N ASP A 827 15.07 -39.96 22.50
CA ASP A 827 16.35 -39.37 22.85
C ASP A 827 17.39 -40.49 22.77
N SER A 828 17.85 -40.77 21.56
CA SER A 828 18.84 -41.81 21.28
C SER A 828 20.27 -41.36 21.63
N GLY A 829 20.48 -40.05 21.68
CA GLY A 829 21.82 -39.48 21.81
C GLY A 829 22.52 -39.26 20.48
N LYS A 830 21.86 -39.59 19.36
CA LYS A 830 22.48 -39.46 18.03
C LYS A 830 21.98 -38.22 17.36
N ASN A 831 22.78 -37.73 16.40
CA ASN A 831 22.41 -36.61 15.57
C ASN A 831 21.16 -36.96 14.76
N ALA A 832 20.29 -35.98 14.59
CA ALA A 832 19.06 -36.14 13.80
C ALA A 832 18.70 -34.78 13.24
N VAL A 833 18.34 -34.73 11.96
CA VAL A 833 17.98 -33.49 11.28
C VAL A 833 16.52 -33.64 10.90
N ILE A 834 15.67 -32.77 11.47
CA ILE A 834 14.24 -32.80 11.21
C ILE A 834 13.98 -31.68 10.23
N THR A 835 13.39 -32.01 9.08
CA THR A 835 13.09 -31.01 8.06
C THR A 835 11.59 -30.85 7.89
N ILE A 836 11.12 -29.62 8.07
CA ILE A 836 9.71 -29.28 7.96
C ILE A 836 9.52 -28.55 6.63
N LYS A 837 8.65 -29.08 5.77
CA LYS A 837 8.33 -28.48 4.47
C LYS A 837 7.07 -27.61 4.60
N ASN A 838 7.24 -26.29 4.49
CA ASN A 838 6.14 -25.34 4.77
C ASN A 838 5.12 -25.33 3.65
N GLU B 27 18.63 39.33 23.86
CA GLU B 27 19.05 39.02 22.46
C GLU B 27 18.56 40.05 21.44
N GLN B 28 19.38 40.29 20.43
CA GLN B 28 19.26 41.43 19.52
C GLN B 28 18.84 40.96 18.12
N TYR B 29 17.76 41.54 17.60
CA TYR B 29 17.32 41.35 16.20
C TYR B 29 17.67 42.57 15.36
N LEU B 30 17.56 42.42 14.05
CA LEU B 30 17.80 43.54 13.13
C LEU B 30 16.77 44.66 13.31
N GLY B 31 15.50 44.31 13.50
CA GLY B 31 14.46 45.32 13.62
C GLY B 31 14.25 46.03 12.29
N ASN B 32 13.71 47.26 12.36
CA ASN B 32 13.25 47.96 11.16
C ASN B 32 14.40 48.48 10.33
N CYS B 33 14.30 48.30 9.03
CA CYS B 33 15.28 48.80 8.10
C CYS B 33 14.87 50.21 7.71
N THR B 34 15.77 51.17 7.92
CA THR B 34 15.50 52.59 7.67
C THR B 34 16.15 53.12 6.41
N ALA B 35 17.06 52.36 5.81
CA ALA B 35 17.81 52.85 4.65
C ALA B 35 18.58 51.74 3.97
N TYR B 36 18.96 51.97 2.72
CA TYR B 36 19.89 51.11 2.01
C TYR B 36 20.92 51.92 1.23
N SER B 37 22.04 51.28 0.96
CA SER B 37 23.10 51.87 0.15
C SER B 37 23.58 50.84 -0.87
N VAL B 38 23.76 51.24 -2.12
CA VAL B 38 24.29 50.35 -3.14
C VAL B 38 25.74 50.73 -3.47
N LYS B 39 26.60 49.72 -3.59
CA LYS B 39 27.99 49.88 -3.91
C LYS B 39 28.37 48.71 -4.81
N GLY B 40 28.29 48.91 -6.13
CA GLY B 40 28.57 47.85 -7.09
C GLY B 40 27.52 46.75 -6.98
N ASN B 41 27.96 45.49 -6.81
CA ASN B 41 27.04 44.36 -6.63
C ASN B 41 26.63 44.13 -5.18
N LYS B 42 26.90 45.08 -4.29
CA LYS B 42 26.56 44.96 -2.87
C LYS B 42 25.50 45.98 -2.50
N VAL B 43 24.55 45.54 -1.68
CA VAL B 43 23.58 46.46 -1.07
C VAL B 43 23.62 46.23 0.43
N VAL B 44 23.68 47.31 1.19
CA VAL B 44 23.70 47.24 2.64
C VAL B 44 22.43 47.89 3.16
N PHE B 45 21.68 47.14 3.97
CA PHE B 45 20.45 47.60 4.58
C PHE B 45 20.76 47.97 6.01
N SER B 46 20.47 49.22 6.39
CA SER B 46 20.69 49.68 7.76
C SER B 46 19.46 49.45 8.59
N CYS B 47 19.63 48.77 9.72
CA CYS B 47 18.53 48.37 10.58
C CYS B 47 18.72 49.01 11.99
N ALA B 48 18.21 48.37 13.04
CA ALA B 48 18.18 48.98 14.37
C ALA B 48 19.55 48.96 15.04
N ASN B 49 19.82 50.00 15.85
CA ASN B 49 20.99 50.02 16.75
C ASN B 49 22.31 49.66 16.08
N ASN B 50 22.62 50.35 14.98
CA ASN B 50 23.86 50.16 14.23
C ASN B 50 23.99 48.81 13.49
N SER B 51 23.01 47.91 13.60
CA SER B 51 23.02 46.65 12.88
C SER B 51 22.78 46.89 11.39
N LYS B 52 23.32 46.00 10.58
CA LYS B 52 23.26 46.14 9.12
C LYS B 52 23.29 44.74 8.52
N ILE B 53 22.76 44.61 7.32
CA ILE B 53 22.84 43.34 6.59
C ILE B 53 23.14 43.63 5.14
N MET B 54 24.14 42.92 4.62
CA MET B 54 24.58 43.05 3.26
C MET B 54 24.09 41.88 2.41
N LEU B 55 23.58 42.19 1.22
CA LEU B 55 23.33 41.21 0.16
C LEU B 55 24.26 41.57 -0.99
N GLN B 56 25.01 40.59 -1.47
CA GLN B 56 25.95 40.76 -2.56
C GLN B 56 25.61 39.76 -3.65
N LEU B 57 25.32 40.26 -4.86
CA LEU B 57 25.01 39.41 -6.01
C LEU B 57 26.30 38.93 -6.68
N CYS B 58 26.74 37.74 -6.31
CA CYS B 58 27.88 37.08 -6.93
C CYS B 58 27.52 36.68 -8.35
N SER B 59 26.28 36.23 -8.53
CA SER B 59 25.69 35.99 -9.85
C SER B 59 24.18 36.17 -9.69
N GLY B 60 23.42 35.89 -10.74
CA GLY B 60 21.95 35.89 -10.63
C GLY B 60 21.39 34.77 -9.73
N GLU B 61 22.23 33.77 -9.46
CA GLU B 61 21.85 32.61 -8.63
C GLU B 61 22.50 32.53 -7.26
N VAL B 62 23.59 33.27 -7.05
CA VAL B 62 24.36 33.14 -5.84
C VAL B 62 24.44 34.48 -5.11
N VAL B 63 23.88 34.50 -3.91
CA VAL B 63 23.81 35.69 -3.07
C VAL B 63 24.64 35.46 -1.81
N LYS B 64 25.66 36.30 -1.61
CA LYS B 64 26.38 36.33 -0.36
C LYS B 64 25.62 37.24 0.60
N ILE B 65 25.37 36.74 1.80
CA ILE B 65 24.59 37.42 2.80
C ILE B 65 25.46 37.55 4.04
N TRP B 66 25.60 38.79 4.53
CA TRP B 66 26.36 39.06 5.75
C TRP B 66 25.53 39.91 6.71
N ALA B 67 25.06 39.29 7.79
CA ALA B 67 24.30 39.97 8.84
C ALA B 67 25.27 40.40 9.94
N SER B 68 25.20 41.67 10.35
CA SER B 68 26.18 42.26 11.29
C SER B 68 25.46 42.99 12.44
N ALA B 69 25.77 42.59 13.67
CA ALA B 69 25.18 43.18 14.86
C ALA B 69 25.61 44.63 15.10
N ASP B 70 26.83 44.97 14.70
CA ASP B 70 27.42 46.31 14.93
C ASP B 70 27.63 47.13 13.67
N GLY B 71 27.38 46.54 12.49
CA GLY B 71 27.51 47.24 11.21
C GLY B 71 28.89 47.29 10.60
N ASN B 72 29.87 46.59 11.17
CA ASN B 72 31.28 46.77 10.75
C ASN B 72 31.81 45.96 9.55
N PHE B 73 31.23 44.79 9.29
CA PHE B 73 31.67 43.93 8.16
C PHE B 73 33.18 43.61 8.10
N VAL B 74 33.74 43.21 9.23
CA VAL B 74 35.11 42.70 9.30
C VAL B 74 35.12 41.32 9.96
N ARG B 75 36.11 40.52 9.59
CA ARG B 75 36.29 39.20 10.18
C ARG B 75 37.76 38.97 10.48
N ASN B 76 38.05 38.21 11.52
CA ASN B 76 39.42 37.97 11.95
C ASN B 76 40.24 37.32 10.83
N ASN B 77 39.63 36.34 10.15
CA ASN B 77 40.23 35.72 8.98
C ASN B 77 39.26 35.77 7.83
N GLU B 78 39.75 36.12 6.65
CA GLU B 78 38.95 35.99 5.43
C GLU B 78 38.70 34.49 5.20
N SER B 79 37.76 34.17 4.32
CA SER B 79 37.38 32.77 4.09
C SER B 79 38.56 31.88 3.68
N PHE B 80 38.69 30.74 4.37
CA PHE B 80 39.61 29.68 3.95
C PHE B 80 39.05 28.85 2.78
N ALA B 81 37.72 28.88 2.61
CA ALA B 81 37.03 28.04 1.65
C ALA B 81 36.77 28.73 0.32
N VAL B 82 36.34 29.98 0.36
CA VAL B 82 35.91 30.69 -0.83
C VAL B 82 37.13 31.22 -1.56
N ILE B 83 37.27 30.86 -2.83
CA ILE B 83 38.36 31.35 -3.68
C ILE B 83 37.90 32.26 -4.81
N GLU B 84 36.59 32.48 -4.94
CA GLU B 84 36.07 33.36 -5.97
C GLU B 84 34.68 33.82 -5.60
N GLU B 85 34.49 35.14 -5.49
CA GLU B 85 33.16 35.73 -5.26
C GLU B 85 32.50 36.28 -6.53
N ASP B 86 33.28 36.47 -7.60
CA ASP B 86 32.76 36.97 -8.88
C ASP B 86 32.31 35.78 -9.73
N LEU B 87 31.02 35.51 -9.67
CA LEU B 87 30.43 34.42 -10.44
C LEU B 87 29.68 34.98 -11.67
N GLY B 88 30.06 36.18 -12.09
CA GLY B 88 29.61 36.68 -13.39
C GLY B 88 28.53 37.73 -13.34
N TRP B 89 28.11 38.17 -12.14
CA TRP B 89 27.14 39.27 -12.04
C TRP B 89 27.71 40.51 -12.77
N LYS B 90 26.89 41.13 -13.61
CA LYS B 90 27.28 42.33 -14.37
C LYS B 90 26.54 43.55 -13.84
N GLY B 91 27.29 44.58 -13.49
CA GLY B 91 26.74 45.90 -13.16
C GLY B 91 26.42 46.04 -11.68
N ASN B 92 25.63 47.06 -11.37
CA ASN B 92 25.19 47.28 -10.00
C ASN B 92 24.03 46.35 -9.66
N VAL B 93 23.80 46.18 -8.37
CA VAL B 93 22.52 45.62 -7.90
C VAL B 93 21.50 46.74 -8.10
N THR B 94 20.35 46.40 -8.67
CA THR B 94 19.25 47.36 -8.80
C THR B 94 18.28 47.08 -7.67
N VAL B 95 18.02 48.09 -6.84
CA VAL B 95 17.07 47.99 -5.72
C VAL B 95 15.88 48.86 -6.07
N LYS B 96 14.68 48.26 -6.12
CA LYS B 96 13.47 49.05 -6.29
C LYS B 96 12.83 49.22 -4.92
N GLU B 97 12.69 50.47 -4.48
CA GLU B 97 12.00 50.73 -3.22
C GLU B 97 10.49 50.82 -3.47
N GLU B 98 9.75 50.13 -2.62
CA GLU B 98 8.28 50.17 -2.62
C GLU B 98 7.89 50.75 -1.25
N PRO B 99 6.59 51.03 -1.03
CA PRO B 99 6.21 51.63 0.27
C PRO B 99 6.58 50.82 1.52
N SER B 100 6.46 49.48 1.47
CA SER B 100 6.75 48.67 2.64
C SER B 100 7.86 47.63 2.42
N THR B 101 8.44 47.59 1.22
CA THR B 101 9.44 46.60 0.86
C THR B 101 10.49 47.18 -0.07
N TYR B 102 11.62 46.48 -0.18
CA TYR B 102 12.54 46.66 -1.30
C TYR B 102 12.50 45.39 -2.14
N GLU B 103 12.69 45.52 -3.44
CA GLU B 103 12.71 44.39 -4.37
C GLU B 103 14.04 44.35 -5.11
N ILE B 104 14.59 43.16 -5.24
CA ILE B 104 15.76 42.91 -6.10
C ILE B 104 15.46 41.73 -7.03
N PHE B 105 15.66 41.92 -8.33
CA PHE B 105 15.38 40.91 -9.35
C PHE B 105 16.69 40.41 -9.94
N THR B 106 16.74 39.11 -10.25
CA THR B 106 17.73 38.55 -11.15
C THR B 106 16.98 37.68 -12.16
N GLU B 107 17.71 37.12 -13.10
CA GLU B 107 17.14 36.18 -14.07
C GLU B 107 16.38 35.01 -13.39
N GLN B 108 16.88 34.54 -12.25
CA GLN B 108 16.32 33.39 -11.54
C GLN B 108 15.62 33.68 -10.22
N LEU B 109 15.89 34.83 -9.60
CA LEU B 109 15.42 35.14 -8.25
C LEU B 109 14.55 36.40 -8.20
N ARG B 110 13.62 36.39 -7.27
CA ARG B 110 12.81 37.56 -6.94
C ARG B 110 13.00 37.71 -5.46
N ILE B 111 13.72 38.75 -5.06
CA ILE B 111 14.06 38.96 -3.66
C ILE B 111 13.15 40.06 -3.12
N ARG B 112 12.48 39.76 -2.01
CA ARG B 112 11.59 40.72 -1.34
C ARG B 112 12.18 40.95 0.03
N VAL B 113 12.42 42.23 0.34
CA VAL B 113 12.91 42.61 1.64
C VAL B 113 11.82 43.42 2.32
N ASN B 114 11.30 42.91 3.45
CA ASN B 114 10.32 43.65 4.25
C ASN B 114 11.07 44.72 5.03
N LYS B 115 10.51 45.93 5.07
CA LYS B 115 11.17 47.05 5.76
C LYS B 115 11.03 46.97 7.27
N ALA B 116 9.81 46.75 7.74
CA ALA B 116 9.50 46.84 9.19
C ALA B 116 8.75 45.62 9.71
N PRO B 117 9.41 44.70 10.42
CA PRO B 117 10.87 44.64 10.60
C PRO B 117 11.58 44.05 9.37
N PHE B 118 12.92 44.12 9.35
CA PHE B 118 13.69 43.51 8.24
C PHE B 118 13.36 42.02 8.10
N GLN B 119 12.96 41.60 6.90
CA GLN B 119 12.83 40.18 6.57
C GLN B 119 13.32 39.95 5.15
N LEU B 120 14.27 39.02 4.98
CA LEU B 120 14.73 38.59 3.65
C LEU B 120 13.88 37.41 3.19
N GLN B 121 13.27 37.57 2.02
CA GLN B 121 12.50 36.50 1.39
C GLN B 121 12.99 36.35 -0.05
N ILE B 122 13.34 35.13 -0.45
CA ILE B 122 13.79 34.83 -1.80
C ILE B 122 12.79 33.90 -2.46
N PHE B 123 12.26 34.32 -3.61
CA PHE B 123 11.32 33.54 -4.42
C PHE B 123 11.99 33.16 -5.73
N ASP B 124 11.44 32.15 -6.39
CA ASP B 124 11.80 31.88 -7.77
C ASP B 124 10.96 32.76 -8.68
N LYS B 125 11.23 32.69 -9.98
CA LYS B 125 10.59 33.55 -10.94
C LYS B 125 9.09 33.22 -11.16
N TYR B 126 8.62 32.11 -10.58
CA TYR B 126 7.19 31.75 -10.62
C TYR B 126 6.49 32.23 -9.35
N GLN B 127 7.22 32.97 -8.51
CA GLN B 127 6.73 33.56 -7.28
C GLN B 127 6.40 32.52 -6.20
N LYS B 128 7.14 31.41 -6.20
CA LYS B 128 7.11 30.41 -5.15
C LYS B 128 8.19 30.80 -4.14
N LEU B 129 7.84 30.83 -2.87
CA LEU B 129 8.78 31.18 -1.81
C LEU B 129 9.80 30.05 -1.56
N LEU B 130 11.08 30.36 -1.70
CA LEU B 130 12.15 29.38 -1.48
C LEU B 130 12.74 29.40 -0.09
N PHE B 131 12.92 30.60 0.48
CA PHE B 131 13.86 30.80 1.57
C PHE B 131 13.48 32.10 2.25
N SER B 132 13.07 32.03 3.51
CA SER B 132 12.49 33.18 4.17
C SER B 132 12.93 33.28 5.61
N ASP B 133 13.29 34.48 6.04
CA ASP B 133 13.50 34.75 7.46
C ASP B 133 12.25 34.40 8.27
N TYR B 134 12.46 33.76 9.43
CA TYR B 134 11.37 33.47 10.36
C TYR B 134 11.01 34.70 11.22
N ALA B 135 9.81 35.23 10.99
CA ALA B 135 9.28 36.34 11.78
C ALA B 135 10.29 37.51 11.78
N GLU B 136 10.55 38.10 12.94
CA GLU B 136 11.57 39.15 13.09
C GLU B 136 12.95 38.61 13.49
N LYS B 137 13.11 37.29 13.54
CA LYS B 137 14.30 36.66 14.10
C LYS B 137 15.18 36.03 13.00
N GLY B 138 15.20 36.64 11.82
CA GLY B 138 16.06 36.19 10.74
C GLY B 138 17.52 36.14 11.16
N PHE B 139 17.96 37.18 11.86
CA PHE B 139 19.30 37.23 12.46
C PHE B 139 19.15 37.53 13.94
N VAL B 140 19.84 36.75 14.76
CA VAL B 140 19.82 36.94 16.21
C VAL B 140 21.27 36.99 16.68
N ASN B 141 21.60 38.04 17.42
CA ASN B 141 22.89 38.15 18.09
C ASN B 141 22.66 38.14 19.60
N ASP B 142 23.48 37.37 20.31
CA ASP B 142 23.43 37.30 21.76
C ASP B 142 24.85 37.31 22.29
N ASN B 143 25.37 38.52 22.50
CA ASN B 143 26.72 38.70 23.05
C ASN B 143 27.77 37.90 22.25
N GLY B 144 27.68 37.98 20.92
CA GLY B 144 28.63 37.30 20.03
C GLY B 144 28.15 35.98 19.43
N LYS B 145 27.24 35.30 20.12
CA LYS B 145 26.55 34.12 19.57
C LYS B 145 25.65 34.60 18.46
N ILE B 146 25.78 34.00 17.28
CA ILE B 146 25.08 34.44 16.09
C ILE B 146 24.24 33.31 15.52
N ARG B 147 23.04 33.64 15.09
CA ARG B 147 22.07 32.62 14.67
C ARG B 147 21.17 33.17 13.59
N THR B 148 20.86 32.30 12.62
CA THR B 148 19.96 32.61 11.53
C THR B 148 18.76 31.67 11.63
N ASN B 149 17.54 32.23 11.66
CA ASN B 149 16.32 31.43 11.70
C ASN B 149 15.52 31.63 10.44
N LYS B 150 15.15 30.51 9.80
CA LYS B 150 14.41 30.52 8.55
C LYS B 150 13.13 29.73 8.71
N VAL B 151 12.10 30.15 7.97
CA VAL B 151 10.83 29.42 7.94
C VAL B 151 11.07 28.01 7.43
N LEU B 152 10.43 27.03 8.06
CA LEU B 152 10.54 25.63 7.66
C LEU B 152 9.18 25.15 7.17
N ARG B 153 9.13 24.64 5.95
CA ARG B 153 7.89 24.10 5.39
C ARG B 153 7.83 22.58 5.66
N ASN B 154 6.61 22.05 5.78
CA ASN B 154 6.39 20.63 6.12
C ASN B 154 7.02 19.64 5.16
N ASP B 155 7.09 20.01 3.89
CA ASP B 155 7.66 19.15 2.86
C ASP B 155 9.15 19.42 2.58
N GLU B 156 9.80 20.28 3.36
CA GLU B 156 11.20 20.65 3.08
C GLU B 156 12.15 19.62 3.69
N GLN B 157 12.96 18.99 2.84
CA GLN B 157 13.98 18.01 3.22
C GLN B 157 15.36 18.64 3.07
N PHE B 158 16.35 18.05 3.71
CA PHE B 158 17.73 18.57 3.66
C PHE B 158 18.75 17.46 3.49
N PHE B 159 19.82 17.77 2.76
CA PHE B 159 20.93 16.86 2.53
C PHE B 159 22.25 17.60 2.74
N GLY B 160 23.26 16.83 3.09
CA GLY B 160 24.63 17.33 3.08
C GLY B 160 25.25 17.51 4.45
N LEU B 161 25.97 18.62 4.61
CA LEU B 161 26.88 18.85 5.74
C LEU B 161 28.07 17.89 5.76
N GLY B 162 28.42 17.38 4.58
CA GLY B 162 29.66 16.65 4.38
C GLY B 162 29.65 15.26 4.98
N GLU B 163 30.79 14.88 5.52
CA GLU B 163 31.02 13.53 5.94
C GLU B 163 30.43 13.35 7.34
N LYS B 164 29.16 12.95 7.36
CA LYS B 164 28.40 12.78 8.61
C LYS B 164 27.56 11.52 8.51
N SER B 165 27.24 10.97 9.68
CA SER B 165 26.56 9.68 9.81
C SER B 165 25.03 9.84 9.75
N GLY B 166 24.34 8.72 9.97
CA GLY B 166 22.89 8.69 9.96
C GLY B 166 22.36 8.61 8.54
N ASN B 167 21.06 8.85 8.41
CA ASN B 167 20.40 8.80 7.11
C ASN B 167 20.74 10.04 6.30
N LEU B 168 20.72 9.87 4.96
CA LEU B 168 21.00 10.97 4.03
C LEU B 168 20.18 12.20 4.31
N ASN B 169 18.89 12.00 4.53
CA ASN B 169 17.96 13.09 4.79
C ASN B 169 18.16 13.60 6.21
N ARG B 170 18.64 14.84 6.32
CA ARG B 170 18.95 15.48 7.59
C ARG B 170 17.75 16.08 8.31
N ARG B 171 16.59 16.16 7.64
CA ARG B 171 15.41 16.78 8.20
C ARG B 171 15.05 16.11 9.54
N GLY B 172 14.80 16.95 10.54
CA GLY B 172 14.40 16.49 11.88
C GLY B 172 15.53 16.37 12.88
N SER B 173 16.78 16.49 12.41
CA SER B 173 17.95 16.28 13.24
C SER B 173 18.83 17.53 13.33
N ALA B 174 19.75 17.48 14.29
CA ALA B 174 20.72 18.53 14.53
C ALA B 174 22.12 17.96 14.35
N TYR B 175 23.03 18.82 13.89
CA TYR B 175 24.37 18.44 13.51
C TYR B 175 25.28 19.57 13.91
N LYS B 176 26.50 19.20 14.29
CA LYS B 176 27.49 20.13 14.79
C LYS B 176 28.81 20.00 14.03
N MET B 177 29.50 21.13 13.87
CA MET B 177 30.83 21.15 13.25
C MET B 177 31.92 21.34 14.29
N TRP B 178 32.54 20.24 14.67
CA TRP B 178 33.72 20.28 15.55
C TRP B 178 34.51 19.05 15.21
N ASN B 179 35.60 19.20 14.47
CA ASN B 179 36.32 18.03 13.96
C ASN B 179 36.72 17.15 15.16
N SER B 180 36.24 15.91 15.16
CA SER B 180 36.29 15.04 16.32
C SER B 180 36.93 13.71 15.92
N ASP B 181 37.47 13.05 16.95
CA ASP B 181 38.21 11.82 16.85
C ASP B 181 37.42 10.85 17.74
N GLN B 182 36.53 10.09 17.10
CA GLN B 182 35.59 9.16 17.75
C GLN B 182 35.78 7.76 17.16
N PRO B 183 36.79 7.02 17.66
CA PRO B 183 37.09 5.72 17.06
C PRO B 183 35.93 4.76 17.16
N CYS B 184 35.76 3.95 16.14
CA CYS B 184 34.76 2.88 16.13
C CYS B 184 33.36 3.47 16.25
N TYR B 185 33.13 4.57 15.54
CA TYR B 185 31.95 5.42 15.73
C TYR B 185 30.67 4.74 15.28
N GLY B 186 29.57 5.09 15.97
CA GLY B 186 28.25 4.47 15.71
C GLY B 186 27.53 5.05 14.50
N VAL B 187 26.37 4.48 14.21
CA VAL B 187 25.53 4.84 13.04
C VAL B 187 25.02 6.28 13.05
N ASN B 188 24.98 6.91 14.23
CA ASN B 188 24.47 8.28 14.34
C ASN B 188 25.45 9.25 15.02
N GLU B 189 26.69 8.83 15.23
CA GLU B 189 27.67 9.64 15.91
C GLU B 189 27.94 10.95 15.16
N ASP B 190 27.86 12.05 15.90
CA ASP B 190 28.13 13.37 15.35
C ASP B 190 28.60 14.26 16.48
N PRO B 191 29.62 15.11 16.24
CA PRO B 191 30.40 15.32 15.03
C PRO B 191 31.43 14.23 14.76
N LEU B 192 31.83 14.13 13.50
CA LEU B 192 32.94 13.26 13.12
C LEU B 192 34.11 14.14 12.71
N TYR B 193 34.94 13.68 11.77
CA TYR B 193 36.30 14.21 11.54
C TYR B 193 36.36 15.47 10.69
N LYS B 194 35.37 15.66 9.82
CA LYS B 194 35.36 16.73 8.83
C LYS B 194 34.19 17.68 9.03
N SER B 195 34.43 18.96 8.77
CA SER B 195 33.42 20.01 8.88
C SER B 195 33.23 20.75 7.57
N ILE B 196 32.15 20.38 6.85
CA ILE B 196 31.84 21.01 5.58
C ILE B 196 30.44 21.60 5.66
N PRO B 197 30.32 22.89 6.03
CA PRO B 197 29.01 23.47 6.31
C PRO B 197 28.27 23.94 5.05
N PHE B 198 28.02 22.97 4.17
CA PHE B 198 27.29 23.17 2.94
C PHE B 198 26.15 22.15 2.97
N PHE B 199 24.91 22.65 2.92
CA PHE B 199 23.73 21.78 2.84
C PHE B 199 22.85 22.22 1.68
N MET B 200 21.99 21.30 1.24
CA MET B 200 21.02 21.59 0.19
C MET B 200 19.63 21.27 0.74
N SER B 201 18.68 22.09 0.35
CA SER B 201 17.26 21.91 0.62
C SER B 201 16.55 21.36 -0.62
N SER B 202 15.50 20.56 -0.40
CA SER B 202 14.62 20.11 -1.50
C SER B 202 13.79 21.24 -2.14
N TYR B 203 13.82 22.44 -1.55
CA TYR B 203 13.36 23.65 -2.22
C TYR B 203 14.36 24.15 -3.26
N ARG B 204 15.44 23.41 -3.46
CA ARG B 204 16.39 23.59 -4.57
C ARG B 204 17.21 24.86 -4.39
N TYR B 205 17.78 24.97 -3.19
CA TYR B 205 18.85 25.92 -2.93
C TYR B 205 19.86 25.25 -2.00
N GLY B 206 21.11 25.71 -2.08
CA GLY B 206 22.15 25.32 -1.14
C GLY B 206 22.50 26.47 -0.24
N ILE B 207 23.03 26.16 0.93
CA ILE B 207 23.54 27.17 1.85
C ILE B 207 24.96 26.73 2.19
N PHE B 208 25.90 27.66 2.04
CA PHE B 208 27.23 27.49 2.59
C PHE B 208 27.43 28.53 3.70
N PHE B 209 27.59 28.06 4.94
CA PHE B 209 27.77 28.92 6.11
C PHE B 209 29.27 29.08 6.28
N ASP B 210 29.75 30.25 5.88
CA ASP B 210 31.18 30.56 5.73
C ASP B 210 31.78 30.99 7.08
N ASN B 211 31.74 30.08 8.05
CA ASN B 211 32.16 30.34 9.44
C ASN B 211 32.82 29.06 9.94
N THR B 212 33.98 29.20 10.60
CA THR B 212 34.83 28.06 10.99
C THR B 212 34.70 27.65 12.45
N TYR B 213 33.90 28.36 13.22
CA TYR B 213 33.69 28.04 14.64
C TYR B 213 32.81 26.80 14.76
N LYS B 214 32.43 26.44 15.98
CA LYS B 214 31.60 25.27 16.25
C LYS B 214 30.16 25.55 15.86
N THR B 215 29.89 25.48 14.57
CA THR B 215 28.57 25.78 14.03
C THR B 215 27.60 24.62 14.31
N GLU B 216 26.32 24.96 14.39
CA GLU B 216 25.29 23.97 14.62
C GLU B 216 24.14 24.23 13.70
N PHE B 217 23.60 23.15 13.15
CA PHE B 217 22.52 23.20 12.16
C PHE B 217 21.38 22.40 12.75
N LYS B 218 20.20 22.99 12.81
CA LYS B 218 19.03 22.38 13.42
C LYS B 218 17.88 22.40 12.41
N PHE B 219 17.66 21.26 11.73
CA PHE B 219 16.79 21.18 10.59
C PHE B 219 15.38 20.77 11.03
N GLY B 220 14.73 21.63 11.80
CA GLY B 220 13.44 21.29 12.35
C GLY B 220 13.54 20.38 13.56
N SER B 221 14.71 20.34 14.20
CA SER B 221 14.91 19.55 15.40
C SER B 221 14.35 20.23 16.65
N GLU B 222 14.14 21.55 16.60
CA GLU B 222 13.59 22.32 17.74
C GLU B 222 12.12 22.62 17.53
N SER B 223 11.73 22.93 16.30
CA SER B 223 10.34 23.21 15.95
C SER B 223 10.06 22.84 14.50
N ASN B 224 8.79 22.54 14.17
CA ASN B 224 8.36 22.42 12.78
C ASN B 224 8.25 23.75 12.06
N ASP B 225 8.25 24.86 12.79
CA ASP B 225 8.00 26.16 12.18
C ASP B 225 9.27 26.84 11.64
N TYR B 226 10.44 26.43 12.13
CA TYR B 226 11.68 27.04 11.65
C TYR B 226 12.85 26.07 11.74
N TYR B 227 13.90 26.40 10.98
CA TYR B 227 15.18 25.73 11.07
C TYR B 227 16.23 26.80 11.25
N SER B 228 17.39 26.40 11.75
CA SER B 228 18.43 27.37 12.03
C SER B 228 19.83 26.86 11.79
N PHE B 229 20.72 27.81 11.55
CA PHE B 229 22.15 27.59 11.67
C PHE B 229 22.78 28.69 12.51
N GLU B 230 23.82 28.35 13.26
CA GLU B 230 24.37 29.25 14.26
C GLU B 230 25.84 28.98 14.54
N ALA B 231 26.48 29.96 15.19
CA ALA B 231 27.86 29.89 15.60
C ALA B 231 28.02 30.58 16.95
N PRO B 232 29.00 30.14 17.76
CA PRO B 232 29.20 30.77 19.07
C PRO B 232 29.96 32.10 19.00
N ALA B 233 30.56 32.40 17.86
CA ALA B 233 31.37 33.60 17.67
C ALA B 233 31.59 33.78 16.16
N GLY B 234 32.35 34.82 15.79
CA GLY B 234 32.64 35.10 14.40
C GLY B 234 31.49 35.80 13.70
N GLN B 235 31.49 35.75 12.37
CA GLN B 235 30.57 36.51 11.55
C GLN B 235 29.52 35.64 10.84
N MET B 236 28.32 36.19 10.74
CA MET B 236 27.20 35.52 10.08
C MET B 236 27.29 35.81 8.60
N VAL B 237 28.12 35.02 7.93
CA VAL B 237 28.33 35.09 6.49
C VAL B 237 27.89 33.76 5.90
N TYR B 238 26.95 33.81 4.97
CA TYR B 238 26.51 32.60 4.28
C TYR B 238 26.15 32.90 2.84
N TYR B 239 26.27 31.88 2.00
CA TYR B 239 25.97 31.98 0.58
C TYR B 239 24.72 31.19 0.28
N PHE B 240 23.72 31.87 -0.29
CA PHE B 240 22.50 31.25 -0.83
C PHE B 240 22.81 30.93 -2.29
N MET B 241 22.71 29.66 -2.66
CA MET B 241 23.05 29.18 -3.99
C MET B 241 21.82 28.52 -4.58
N PHE B 242 21.15 29.25 -5.44
CA PHE B 242 20.00 28.73 -6.18
C PHE B 242 20.41 27.67 -7.20
N GLY B 243 19.52 26.70 -7.40
CA GLY B 243 19.61 25.87 -8.57
C GLY B 243 18.23 25.42 -9.00
N ASN B 244 18.08 25.14 -10.30
CA ASN B 244 16.86 24.43 -10.75
C ASN B 244 16.93 22.92 -10.44
N ASP B 245 18.11 22.42 -10.04
CA ASP B 245 18.27 21.09 -9.53
C ASP B 245 19.52 21.04 -8.64
N TYR B 246 19.85 19.87 -8.10
CA TYR B 246 21.00 19.78 -7.19
C TYR B 246 22.32 19.93 -7.92
N LYS B 247 22.37 19.46 -9.16
CA LYS B 247 23.56 19.59 -10.00
C LYS B 247 23.96 21.09 -10.16
N GLU B 248 22.98 21.95 -10.41
CA GLU B 248 23.24 23.40 -10.53
C GLU B 248 23.71 24.02 -9.23
N ILE B 249 23.19 23.54 -8.10
CA ILE B 249 23.62 24.01 -6.79
C ILE B 249 25.09 23.67 -6.60
N ILE B 250 25.44 22.42 -6.89
CA ILE B 250 26.83 21.95 -6.73
C ILE B 250 27.78 22.67 -7.67
N GLN B 251 27.33 22.92 -8.90
CA GLN B 251 28.11 23.72 -9.84
C GLN B 251 28.40 25.11 -9.25
N ASN B 252 27.38 25.74 -8.66
CA ASN B 252 27.60 27.03 -8.00
C ASN B 252 28.57 26.92 -6.82
N TYR B 253 28.45 25.86 -6.05
CA TYR B 253 29.33 25.70 -4.90
C TYR B 253 30.80 25.59 -5.30
N ILE B 254 31.11 24.85 -6.38
CA ILE B 254 32.52 24.77 -6.83
C ILE B 254 33.01 26.04 -7.52
N ALA B 255 32.11 26.85 -8.07
CA ALA B 255 32.47 28.21 -8.53
C ALA B 255 33.01 29.03 -7.38
N LEU B 256 32.39 28.90 -6.22
CA LEU B 256 32.81 29.60 -5.01
C LEU B 256 34.05 28.99 -4.34
N THR B 257 34.10 27.65 -4.23
CA THR B 257 35.11 26.94 -3.41
C THR B 257 36.14 26.08 -4.16
N GLY B 258 36.03 26.01 -5.48
CA GLY B 258 37.05 25.45 -6.34
C GLY B 258 36.70 24.08 -6.93
N LYS B 259 37.25 23.84 -8.13
CA LYS B 259 37.09 22.55 -8.80
C LYS B 259 37.90 21.51 -8.04
N PRO B 260 37.34 20.29 -7.87
CA PRO B 260 38.15 19.20 -7.32
C PRO B 260 39.34 18.85 -8.18
N ILE B 261 40.50 18.72 -7.56
CA ILE B 261 41.66 18.10 -8.22
C ILE B 261 41.39 16.62 -8.45
N MET B 262 41.91 16.10 -9.55
CA MET B 262 41.84 14.69 -9.87
C MET B 262 43.08 13.97 -9.31
N PRO B 263 42.89 12.73 -8.83
CA PRO B 263 44.03 11.94 -8.42
C PRO B 263 44.82 11.46 -9.64
N PRO B 264 46.05 11.01 -9.43
CA PRO B 264 46.70 10.25 -10.48
C PRO B 264 45.79 9.11 -10.88
N LYS B 265 45.78 8.75 -12.16
CA LYS B 265 44.83 7.73 -12.65
C LYS B 265 44.85 6.41 -11.89
N TRP B 266 46.04 6.00 -11.47
CA TRP B 266 46.25 4.72 -10.77
C TRP B 266 45.56 4.65 -9.39
N ALA B 267 45.20 5.81 -8.83
CA ALA B 267 44.48 5.86 -7.56
C ALA B 267 43.08 5.22 -7.62
N LEU B 268 42.51 5.08 -8.82
CA LEU B 268 41.21 4.41 -8.97
C LEU B 268 41.28 2.88 -9.01
N GLY B 269 42.47 2.31 -8.80
CA GLY B 269 42.59 0.87 -8.60
C GLY B 269 42.25 0.49 -7.18
N PHE B 270 42.85 -0.62 -6.73
CA PHE B 270 42.65 -1.12 -5.36
C PHE B 270 43.88 -0.78 -4.55
N SER B 271 43.66 -0.45 -3.28
CA SER B 271 44.68 -0.04 -2.36
C SER B 271 44.64 -0.92 -1.10
N GLN B 272 45.83 -1.17 -0.53
CA GLN B 272 45.97 -2.03 0.65
C GLN B 272 46.80 -1.34 1.71
N CYS B 273 46.37 -1.51 2.96
CA CYS B 273 47.02 -0.94 4.11
C CYS B 273 46.86 -1.89 5.30
N ARG B 274 47.56 -1.56 6.37
CA ARG B 274 47.35 -2.17 7.68
C ARG B 274 48.04 -1.27 8.69
N GLY B 275 47.54 -1.28 9.91
CA GLY B 275 48.16 -0.53 10.98
C GLY B 275 49.64 -0.79 11.21
N ASP B 276 50.09 -2.00 10.88
CA ASP B 276 51.50 -2.36 11.03
C ASP B 276 52.29 -2.39 9.71
N TYR B 277 51.78 -1.76 8.65
CA TYR B 277 52.50 -1.68 7.37
C TYR B 277 53.57 -0.60 7.53
N THR B 278 54.68 -1.00 8.12
CA THR B 278 55.72 -0.06 8.55
C THR B 278 57.11 -0.62 8.29
N ARG B 279 57.26 -1.55 7.35
CA ARG B 279 58.58 -2.15 7.13
C ARG B 279 58.75 -2.74 5.74
N GLU B 280 59.98 -2.70 5.29
CA GLU B 280 60.37 -3.15 3.95
C GLU B 280 60.09 -4.60 3.60
N ASP B 281 60.52 -5.53 4.45
CA ASP B 281 60.35 -6.96 4.10
C ASP B 281 58.87 -7.33 3.88
N GLN B 282 58.00 -6.81 4.75
CA GLN B 282 56.57 -7.01 4.63
C GLN B 282 56.00 -6.38 3.34
N ALA B 283 56.39 -5.15 3.04
CA ALA B 283 55.89 -4.46 1.83
C ALA B 283 56.26 -5.27 0.59
N ARG B 284 57.50 -5.75 0.55
CA ARG B 284 57.93 -6.58 -0.57
C ARG B 284 57.16 -7.88 -0.65
N GLU B 285 56.91 -8.50 0.50
CA GLU B 285 56.19 -9.76 0.57
C GLU B 285 54.75 -9.59 0.14
N ILE B 286 54.10 -8.54 0.64
CA ILE B 286 52.71 -8.25 0.28
C ILE B 286 52.56 -7.98 -1.24
N ALA B 287 53.45 -7.17 -1.79
CA ALA B 287 53.46 -6.88 -3.24
C ALA B 287 53.53 -8.18 -4.06
N ALA B 288 54.44 -9.06 -3.69
CA ALA B 288 54.58 -10.38 -4.33
C ALA B 288 53.33 -11.22 -4.23
N GLU B 289 52.67 -11.21 -3.08
CA GLU B 289 51.47 -12.04 -2.89
C GLU B 289 50.34 -11.57 -3.78
N PHE B 290 50.10 -10.26 -3.84
CA PHE B 290 49.03 -9.75 -4.72
C PHE B 290 49.22 -10.26 -6.15
N ARG B 291 50.43 -10.10 -6.69
CA ARG B 291 50.75 -10.47 -8.08
C ARG B 291 50.69 -11.99 -8.32
N LYS B 292 51.20 -12.75 -7.37
CA LYS B 292 51.13 -14.21 -7.41
C LYS B 292 49.68 -14.73 -7.42
N ARG B 293 48.82 -14.10 -6.62
CA ARG B 293 47.40 -14.48 -6.54
C ARG B 293 46.52 -13.82 -7.61
N LYS B 294 47.13 -12.99 -8.46
CA LYS B 294 46.42 -12.25 -9.50
C LYS B 294 45.18 -11.52 -8.95
N ILE B 295 45.41 -10.82 -7.84
CA ILE B 295 44.43 -9.94 -7.23
C ILE B 295 44.91 -8.53 -7.57
N PRO B 296 44.20 -7.81 -8.47
CA PRO B 296 44.75 -6.51 -8.88
C PRO B 296 44.92 -5.54 -7.71
N CYS B 297 45.98 -4.74 -7.77
CA CYS B 297 46.30 -3.81 -6.70
C CYS B 297 47.31 -2.79 -7.21
N ASP B 298 47.01 -1.50 -6.98
CA ASP B 298 47.92 -0.42 -7.37
C ASP B 298 48.71 0.22 -6.27
N ILE B 299 48.14 0.31 -5.08
CA ILE B 299 48.78 1.10 -4.01
C ILE B 299 49.00 0.27 -2.76
N ILE B 300 50.23 0.32 -2.26
CA ILE B 300 50.57 -0.17 -0.93
C ILE B 300 50.87 1.04 -0.06
N TYR B 301 50.01 1.25 0.93
CA TYR B 301 50.17 2.30 1.91
C TYR B 301 51.22 1.88 2.95
N GLN B 302 51.82 2.85 3.65
CA GLN B 302 52.57 2.59 4.87
C GLN B 302 51.98 3.50 5.94
N ASP B 303 51.77 2.93 7.13
CA ASP B 303 51.14 3.63 8.23
C ASP B 303 52.23 4.37 9.01
N ILE B 304 51.81 5.06 10.07
CA ILE B 304 52.59 6.09 10.74
C ILE B 304 53.90 5.62 11.34
N GLY B 305 53.98 4.34 11.70
CA GLY B 305 55.23 3.77 12.20
C GLY B 305 56.37 3.69 11.20
N TRP B 306 56.10 4.00 9.92
CA TRP B 306 57.16 4.06 8.90
C TRP B 306 58.26 5.08 9.22
N THR B 307 57.88 6.17 9.87
CA THR B 307 58.81 7.28 10.10
C THR B 307 59.53 7.03 11.42
N GLU B 308 60.79 7.47 11.50
CA GLU B 308 61.63 7.21 12.66
C GLU B 308 61.04 7.84 13.91
N GLY B 309 60.57 9.07 13.77
CA GLY B 309 59.84 9.78 14.84
C GLY B 309 58.81 10.73 14.23
N LEU B 310 57.79 11.12 15.00
CA LEU B 310 56.87 12.16 14.58
C LEU B 310 57.64 13.49 14.61
N GLN B 311 57.79 14.19 13.49
CA GLN B 311 57.37 13.80 12.14
C GLN B 311 58.50 14.21 11.21
N ASP B 312 59.54 13.37 11.21
CA ASP B 312 60.82 13.72 10.58
C ASP B 312 60.94 13.17 9.16
N PHE B 313 60.02 12.27 8.77
CA PHE B 313 59.97 11.69 7.42
C PHE B 313 61.24 10.92 7.08
N ASP B 314 61.89 10.35 8.11
CA ASP B 314 63.04 9.49 7.92
C ASP B 314 62.58 8.06 8.02
N TRP B 315 62.97 7.22 7.06
CA TRP B 315 62.54 5.81 7.06
C TRP B 315 63.11 5.11 8.30
N ARG B 316 62.23 4.50 9.10
CA ARG B 316 62.64 3.90 10.38
C ARG B 316 63.79 2.90 10.19
N LYS B 317 64.89 3.10 10.91
CA LYS B 317 66.14 2.33 10.72
C LYS B 317 66.06 0.80 10.58
N ASN B 318 65.48 0.05 11.51
CA ASN B 318 65.59 -1.43 11.27
C ASN B 318 64.51 -1.87 10.27
N ASN B 319 63.38 -1.16 10.32
CA ASN B 319 62.25 -1.48 9.48
C ASN B 319 62.53 -1.36 7.98
N TYR B 320 63.40 -0.45 7.59
CA TYR B 320 63.78 -0.31 6.19
C TYR B 320 65.30 -0.33 6.06
N ASN B 321 65.79 -1.20 5.20
CA ASN B 321 67.20 -1.33 4.91
C ASN B 321 67.58 -0.55 3.66
N ASN B 322 66.78 -0.69 2.60
CA ASN B 322 67.04 -0.02 1.33
C ASN B 322 65.74 0.61 0.81
N PRO B 323 65.32 1.75 1.39
CA PRO B 323 64.04 2.36 1.00
C PRO B 323 63.94 2.71 -0.48
N LYS B 324 65.00 3.28 -1.04
CA LYS B 324 65.02 3.59 -2.48
C LYS B 324 64.80 2.37 -3.34
N GLY B 325 65.51 1.27 -3.03
CA GLY B 325 65.35 0.02 -3.75
C GLY B 325 63.97 -0.62 -3.60
N MET B 326 63.44 -0.57 -2.37
CA MET B 326 62.08 -1.04 -2.10
C MET B 326 61.05 -0.32 -3.00
N VAL B 327 61.08 1.01 -2.96
CA VAL B 327 60.11 1.81 -3.73
C VAL B 327 60.26 1.51 -5.21
N LYS B 328 61.51 1.50 -5.68
CA LYS B 328 61.81 1.18 -7.07
C LYS B 328 61.36 -0.21 -7.45
N ASP B 329 61.66 -1.22 -6.63
CA ASP B 329 61.23 -2.60 -6.94
C ASP B 329 59.70 -2.77 -6.97
N LEU B 330 59.01 -2.11 -6.05
CA LEU B 330 57.56 -2.11 -6.03
C LEU B 330 57.02 -1.39 -7.27
N SER B 331 57.63 -0.26 -7.62
CA SER B 331 57.25 0.48 -8.83
C SER B 331 57.37 -0.40 -10.08
N ASP B 332 58.48 -1.14 -10.21
CA ASP B 332 58.64 -2.07 -11.33
C ASP B 332 57.55 -3.15 -11.36
N MET B 333 57.00 -3.50 -10.20
CA MET B 333 55.86 -4.40 -10.10
C MET B 333 54.49 -3.70 -10.22
N GLY B 334 54.47 -2.42 -10.56
CA GLY B 334 53.22 -1.68 -10.75
C GLY B 334 52.59 -1.10 -9.49
N PHE B 335 53.30 -1.17 -8.35
CA PHE B 335 52.83 -0.61 -7.10
C PHE B 335 53.37 0.79 -6.83
N LYS B 336 52.47 1.66 -6.40
CA LYS B 336 52.80 2.98 -5.88
C LYS B 336 52.68 2.96 -4.36
N MET B 337 53.54 3.72 -3.67
CA MET B 337 53.51 3.80 -2.22
C MET B 337 53.04 5.18 -1.75
N ILE B 338 52.22 5.15 -0.72
CA ILE B 338 51.65 6.34 -0.05
C ILE B 338 51.96 6.20 1.44
N VAL B 339 52.59 7.22 2.03
CA VAL B 339 52.99 7.14 3.42
C VAL B 339 52.20 8.11 4.29
N SER B 340 52.05 7.74 5.57
CA SER B 340 51.32 8.55 6.52
C SER B 340 52.14 9.72 7.05
N GLN B 341 51.45 10.77 7.46
CA GLN B 341 52.02 11.81 8.31
C GLN B 341 50.99 12.29 9.30
N ASP B 342 51.47 12.57 10.51
CA ASP B 342 50.72 13.19 11.56
C ASP B 342 51.20 14.65 11.63
N PRO B 343 50.40 15.54 12.23
CA PRO B 343 50.72 16.96 12.22
C PRO B 343 51.49 17.43 13.44
N VAL B 344 52.22 16.52 14.09
CA VAL B 344 52.84 16.82 15.38
C VAL B 344 54.30 16.38 15.40
N ILE B 345 55.07 17.00 16.28
CA ILE B 345 56.47 16.63 16.54
C ILE B 345 56.54 16.14 17.98
N SER B 346 56.93 14.88 18.18
CA SER B 346 57.06 14.32 19.52
C SER B 346 58.16 15.03 20.27
N GLN B 347 57.94 15.35 21.53
CA GLN B 347 59.02 15.86 22.40
C GLN B 347 60.20 14.90 22.49
N ALA B 348 59.92 13.59 22.47
CA ALA B 348 60.98 12.59 22.44
C ALA B 348 61.88 12.65 21.19
N ASN B 349 61.37 13.22 20.10
CA ASN B 349 62.12 13.46 18.86
C ASN B 349 62.83 14.80 19.09
N GLN B 350 63.85 14.77 19.94
CA GLN B 350 64.40 15.99 20.54
C GLN B 350 64.93 16.96 19.50
N GLN B 351 65.60 16.44 18.48
CA GLN B 351 66.23 17.29 17.46
C GLN B 351 65.16 18.15 16.76
N GLN B 352 64.11 17.49 16.24
CA GLN B 352 63.07 18.21 15.52
C GLN B 352 62.17 19.05 16.41
N TRP B 353 61.90 18.58 17.63
CA TRP B 353 61.09 19.33 18.57
C TRP B 353 61.78 20.61 18.96
N LYS B 354 63.06 20.51 19.33
CA LYS B 354 63.83 21.71 19.68
C LYS B 354 63.84 22.72 18.52
N GLU B 355 64.06 22.21 17.31
CA GLU B 355 64.10 23.03 16.11
C GLU B 355 62.80 23.79 15.90
N ALA B 356 61.67 23.06 15.92
CA ALA B 356 60.35 23.68 15.73
C ALA B 356 60.04 24.68 16.82
N ASP B 357 60.30 24.29 18.06
CA ASP B 357 60.01 25.15 19.18
C ASP B 357 60.82 26.46 19.11
N ALA B 358 62.12 26.34 18.81
CA ALA B 358 63.02 27.52 18.72
C ALA B 358 62.60 28.47 17.59
N LEU B 359 62.15 27.89 16.48
CA LEU B 359 61.63 28.68 15.34
C LEU B 359 60.26 29.33 15.58
N GLY B 360 59.53 28.94 16.62
CA GLY B 360 58.18 29.41 16.87
C GLY B 360 57.14 28.73 15.97
N HIS B 361 57.46 27.51 15.52
CA HIS B 361 56.66 26.81 14.51
C HIS B 361 55.55 25.96 15.13
N LEU B 362 55.51 25.88 16.47
CA LEU B 362 54.49 25.10 17.16
C LEU B 362 53.38 26.00 17.66
N VAL B 363 52.18 25.44 17.72
CA VAL B 363 51.04 26.15 18.26
C VAL B 363 51.33 26.46 19.72
N LYS B 364 50.95 27.67 20.15
CA LYS B 364 51.31 28.14 21.46
C LYS B 364 50.18 27.87 22.43
N ASP B 365 50.47 28.02 23.72
CA ASP B 365 49.46 28.00 24.78
C ASP B 365 49.27 29.45 25.21
N VAL B 366 48.04 29.96 25.10
CA VAL B 366 47.76 31.36 25.47
C VAL B 366 48.10 31.66 26.94
N ARG B 367 48.08 30.65 27.80
CA ARG B 367 48.39 30.82 29.23
C ARG B 367 49.89 31.04 29.51
N THR B 368 50.78 30.46 28.70
CA THR B 368 52.22 30.56 28.90
C THR B 368 52.98 31.41 27.87
N GLY B 369 52.44 31.56 26.66
CA GLY B 369 53.21 32.12 25.54
C GLY B 369 54.21 31.16 24.92
N LYS B 370 54.24 29.91 25.39
CA LYS B 370 55.16 28.89 24.92
C LYS B 370 54.38 27.82 24.14
N SER B 371 55.11 26.89 23.53
CA SER B 371 54.51 25.83 22.73
C SER B 371 53.54 25.02 23.58
N TYR B 372 52.37 24.75 23.03
CA TYR B 372 51.34 24.00 23.74
C TYR B 372 51.83 22.56 23.91
N ASP B 373 51.60 22.02 25.11
CA ASP B 373 52.08 20.69 25.49
C ASP B 373 50.95 19.70 25.28
N MET B 374 51.01 18.96 24.17
CA MET B 374 49.86 18.18 23.68
C MET B 374 50.10 16.68 23.93
N PRO B 375 49.16 16.00 24.61
CA PRO B 375 49.29 14.54 24.68
C PRO B 375 49.00 13.89 23.31
N TRP B 376 49.57 12.71 23.08
CA TRP B 376 49.38 11.98 21.82
C TRP B 376 49.40 10.47 22.09
N PRO B 377 48.65 9.68 21.30
CA PRO B 377 48.60 8.24 21.59
C PRO B 377 49.86 7.43 21.32
N TRP B 378 50.77 7.94 20.48
CA TRP B 378 52.06 7.31 20.25
C TRP B 378 53.16 8.36 20.25
N GLY B 379 54.30 8.03 20.85
CA GLY B 379 55.50 8.86 20.80
C GLY B 379 55.62 9.88 21.92
N GLY B 380 54.68 9.86 22.87
CA GLY B 380 54.67 10.78 23.99
C GLY B 380 54.06 12.13 23.67
N ASN B 381 54.13 13.03 24.65
CA ASN B 381 53.67 14.39 24.43
C ASN B 381 54.41 15.04 23.26
N CYS B 382 53.69 15.93 22.58
CA CYS B 382 54.14 16.51 21.34
C CYS B 382 53.88 18.01 21.24
N GLY B 383 54.49 18.61 20.22
CA GLY B 383 54.14 19.91 19.74
C GLY B 383 53.25 19.77 18.52
N VAL B 384 52.18 20.56 18.50
CA VAL B 384 51.28 20.63 17.35
C VAL B 384 51.84 21.66 16.37
N VAL B 385 52.13 21.24 15.15
CA VAL B 385 52.79 22.11 14.18
C VAL B 385 51.79 23.18 13.71
N ASP B 386 52.23 24.45 13.66
CA ASP B 386 51.32 25.53 13.33
C ASP B 386 51.27 25.79 11.82
N PHE B 387 50.41 25.05 11.12
CA PHE B 387 50.33 25.24 9.66
C PHE B 387 49.64 26.52 9.22
N THR B 388 49.15 27.33 10.17
CA THR B 388 48.67 28.66 9.84
C THR B 388 49.78 29.73 9.82
N LYS B 389 50.97 29.37 10.31
CA LYS B 389 52.12 30.29 10.27
C LYS B 389 52.80 30.16 8.92
N PRO B 390 52.93 31.28 8.15
CA PRO B 390 53.45 31.18 6.78
C PRO B 390 54.78 30.43 6.66
N GLU B 391 55.73 30.73 7.56
CA GLU B 391 57.08 30.17 7.46
C GLU B 391 57.14 28.66 7.68
N VAL B 392 56.13 28.12 8.36
CA VAL B 392 56.02 26.68 8.56
C VAL B 392 55.90 25.94 7.23
N ALA B 393 55.26 26.56 6.23
CA ALA B 393 54.99 25.84 4.98
C ALA B 393 56.26 25.33 4.31
N ASP B 394 57.25 26.20 4.03
CA ASP B 394 58.50 25.74 3.41
C ASP B 394 59.29 24.77 4.31
N TRP B 395 59.23 25.00 5.61
CA TRP B 395 59.90 24.12 6.60
C TRP B 395 59.33 22.71 6.53
N TRP B 396 58.00 22.62 6.53
CA TRP B 396 57.36 21.31 6.39
C TRP B 396 57.59 20.69 5.04
N GLY B 397 57.56 21.51 3.99
CA GLY B 397 57.73 21.04 2.63
C GLY B 397 59.04 20.33 2.41
N SER B 398 60.09 20.87 3.00
CA SER B 398 61.42 20.27 2.91
C SER B 398 61.50 18.93 3.63
N TYR B 399 60.88 18.85 4.81
CA TYR B 399 60.80 17.58 5.56
C TYR B 399 60.04 16.50 4.80
N GLN B 400 58.82 16.84 4.34
CA GLN B 400 57.98 15.84 3.68
C GLN B 400 58.52 15.39 2.34
N GLN B 401 59.37 16.21 1.72
CA GLN B 401 59.93 15.88 0.41
C GLN B 401 60.85 14.64 0.44
N LYS B 402 61.38 14.29 1.60
CA LYS B 402 62.36 13.20 1.68
C LYS B 402 61.89 11.86 1.11
N PRO B 403 60.72 11.35 1.56
CA PRO B 403 60.22 10.10 0.95
C PRO B 403 59.85 10.27 -0.51
N LEU B 404 59.38 11.47 -0.89
CA LEU B 404 59.06 11.75 -2.29
C LEU B 404 60.31 11.66 -3.18
N ASN B 405 61.45 12.14 -2.67
CA ASN B 405 62.74 11.98 -3.36
C ASN B 405 63.13 10.52 -3.58
N ASP B 406 62.64 9.62 -2.72
CA ASP B 406 62.82 8.18 -2.91
C ASP B 406 61.78 7.50 -3.78
N GLY B 407 60.81 8.26 -4.30
CA GLY B 407 59.80 7.74 -5.24
C GLY B 407 58.40 7.46 -4.67
N VAL B 408 58.20 7.83 -3.40
CA VAL B 408 56.86 7.78 -2.79
C VAL B 408 55.99 8.80 -3.54
N ARG B 409 54.71 8.47 -3.74
CA ARG B 409 53.82 9.23 -4.63
C ARG B 409 52.84 10.15 -3.91
N GLY B 410 52.86 10.16 -2.57
CA GLY B 410 52.03 11.05 -1.80
C GLY B 410 51.78 10.54 -0.39
N PHE B 411 50.71 11.05 0.22
CA PHE B 411 50.50 10.94 1.65
C PHE B 411 49.07 10.64 2.05
N TRP B 412 48.94 10.12 3.25
CA TRP B 412 47.67 10.23 3.96
C TRP B 412 47.92 11.00 5.21
N THR B 413 47.13 12.05 5.37
CA THR B 413 47.26 13.01 6.46
C THR B 413 46.22 12.64 7.53
N ALA B 414 46.73 12.03 8.60
CA ALA B 414 45.91 11.51 9.67
C ALA B 414 45.99 12.43 10.88
N MET B 415 44.93 12.42 11.68
CA MET B 415 44.92 13.02 13.01
C MET B 415 44.94 14.55 13.03
N GLY B 416 44.40 15.15 11.96
CA GLY B 416 44.38 16.61 11.82
C GLY B 416 43.23 17.34 12.45
N GLU B 417 42.50 16.69 13.37
CA GLU B 417 41.29 17.29 13.92
C GLU B 417 41.55 18.53 14.79
N PRO B 418 42.69 18.69 15.48
CA PRO B 418 43.68 17.66 15.81
C PRO B 418 43.04 16.51 16.59
N ALA B 419 43.67 15.34 16.53
CA ALA B 419 43.23 14.18 17.30
C ALA B 419 43.21 14.51 18.79
N TRP B 420 42.42 13.74 19.55
CA TRP B 420 42.39 13.85 21.00
C TRP B 420 42.01 15.27 21.45
N SER B 421 41.11 15.89 20.68
CA SER B 421 40.69 17.27 20.90
C SER B 421 39.18 17.42 20.66
N ASN B 422 38.41 16.47 21.15
CA ASN B 422 36.97 16.56 21.10
C ASN B 422 36.46 17.70 21.98
N GLU B 423 35.16 18.00 21.81
CA GLU B 423 34.50 19.12 22.47
C GLU B 423 34.80 19.17 23.96
N ASP B 424 34.81 18.00 24.60
CA ASP B 424 34.98 17.91 26.05
C ASP B 424 36.43 18.07 26.52
N ALA B 425 37.40 18.04 25.60
CA ALA B 425 38.81 18.30 25.93
C ALA B 425 39.01 19.82 25.89
N VAL B 426 38.45 20.50 26.90
CA VAL B 426 38.40 21.97 26.92
C VAL B 426 39.78 22.64 27.05
N ASP B 427 40.78 21.91 27.55
CA ASP B 427 42.15 22.45 27.64
C ASP B 427 42.70 22.92 26.28
N ARG B 428 42.26 22.24 25.21
CA ARG B 428 42.68 22.57 23.84
C ARG B 428 42.27 23.99 23.42
N LEU B 429 41.26 24.56 24.06
CA LEU B 429 40.83 25.94 23.76
C LEU B 429 41.89 27.00 24.08
N ASN B 430 42.88 26.64 24.91
CA ASN B 430 44.05 27.49 25.16
C ASN B 430 45.05 27.56 23.99
N MET B 431 44.89 26.71 22.97
CA MET B 431 45.80 26.75 21.82
C MET B 431 45.63 28.05 21.06
N LYS B 432 46.75 28.72 20.81
CA LYS B 432 46.80 29.98 20.11
C LYS B 432 47.66 29.74 18.88
N HIS B 433 47.02 29.84 17.72
CA HIS B 433 47.65 29.60 16.42
C HIS B 433 47.98 30.95 15.83
N HIS B 434 48.87 30.97 14.86
CA HIS B 434 49.26 32.22 14.23
C HIS B 434 48.03 33.00 13.76
N LEU B 435 47.06 32.31 13.15
CA LEU B 435 45.87 33.00 12.62
C LEU B 435 44.68 33.14 13.57
N GLY B 436 44.76 32.60 14.79
CA GLY B 436 43.68 32.77 15.78
C GLY B 436 43.66 31.76 16.89
N MET B 437 42.70 31.91 17.79
CA MET B 437 42.53 31.00 18.90
C MET B 437 41.87 29.70 18.41
N HIS B 438 42.03 28.65 19.21
CA HIS B 438 41.57 27.31 18.84
C HIS B 438 40.06 27.21 18.54
N ASN B 439 39.23 27.99 19.21
CA ASN B 439 37.77 27.94 18.96
C ASN B 439 37.43 28.32 17.51
N GLU B 440 38.22 29.22 16.92
CA GLU B 440 38.12 29.60 15.50
C GLU B 440 38.84 28.63 14.56
N ILE B 441 40.05 28.24 14.95
CA ILE B 441 40.99 27.56 14.05
C ILE B 441 40.88 26.04 14.07
N HIS B 442 40.40 25.45 15.17
CA HIS B 442 40.23 23.99 15.26
C HIS B 442 39.71 23.37 13.96
N ASN B 443 38.59 23.88 13.47
CA ASN B 443 37.94 23.29 12.28
C ASN B 443 38.69 23.52 10.98
N VAL B 444 39.65 24.44 10.95
CA VAL B 444 40.53 24.61 9.82
C VAL B 444 41.98 24.22 10.12
N TYR B 445 42.21 23.52 11.24
CA TYR B 445 43.57 23.10 11.57
C TYR B 445 44.11 22.11 10.50
N GLY B 446 43.35 21.03 10.30
CA GLY B 446 43.69 20.02 9.30
C GLY B 446 43.60 20.56 7.88
N PHE B 447 42.63 21.44 7.64
CA PHE B 447 42.49 22.09 6.33
C PHE B 447 43.79 22.82 5.94
N THR B 448 44.26 23.70 6.84
CA THR B 448 45.47 24.49 6.57
C THR B 448 46.72 23.59 6.50
N TRP B 449 46.76 22.54 7.30
CA TRP B 449 47.80 21.51 7.15
C TRP B 449 47.80 20.89 5.77
N ASP B 450 46.64 20.40 5.34
CA ASP B 450 46.51 19.70 4.08
C ASP B 450 46.81 20.63 2.89
N LYS B 451 46.47 21.89 3.04
CA LYS B 451 46.77 22.92 2.04
C LYS B 451 48.29 23.11 1.93
N VAL B 452 48.98 23.19 3.06
CA VAL B 452 50.45 23.24 3.05
C VAL B 452 51.04 22.02 2.38
N VAL B 453 50.54 20.82 2.73
CA VAL B 453 51.05 19.58 2.16
C VAL B 453 50.99 19.60 0.63
N THR B 454 49.84 19.99 0.09
CA THR B 454 49.64 20.05 -1.36
C THR B 454 50.43 21.19 -2.03
N GLU B 455 50.40 22.39 -1.45
CA GLU B 455 51.19 23.54 -1.97
C GLU B 455 52.66 23.18 -2.05
N GLN B 456 53.17 22.57 -0.98
CA GLN B 456 54.58 22.19 -0.92
C GLN B 456 54.91 21.07 -1.88
N PHE B 457 54.02 20.09 -2.02
CA PHE B 457 54.16 19.09 -3.07
C PHE B 457 54.30 19.73 -4.46
N TYR B 458 53.42 20.69 -4.78
CA TYR B 458 53.47 21.39 -6.07
C TYR B 458 54.81 22.13 -6.30
N LYS B 459 55.25 22.85 -5.27
CA LYS B 459 56.52 23.61 -5.31
C LYS B 459 57.73 22.71 -5.57
N HIS B 460 57.78 21.57 -4.91
CA HIS B 460 58.90 20.64 -5.02
C HIS B 460 58.80 19.63 -6.14
N ASN B 461 57.61 19.41 -6.72
CA ASN B 461 57.39 18.37 -7.73
C ASN B 461 56.49 18.92 -8.85
N PRO B 462 57.04 19.83 -9.69
CA PRO B 462 56.17 20.61 -10.58
C PRO B 462 55.41 19.83 -11.61
N ASN B 463 54.21 20.31 -11.89
CA ASN B 463 53.30 19.75 -12.86
C ASN B 463 52.97 18.26 -12.61
N LYS B 464 52.83 17.91 -11.33
CA LYS B 464 52.40 16.55 -10.97
C LYS B 464 51.19 16.62 -10.05
N ARG B 465 50.24 15.73 -10.29
CA ARG B 465 49.11 15.55 -9.38
C ARG B 465 49.59 14.98 -8.07
N ILE B 466 49.20 15.61 -6.96
CA ILE B 466 49.39 14.99 -5.64
C ILE B 466 48.43 13.83 -5.44
N PHE B 467 48.86 12.83 -4.66
CA PHE B 467 47.91 11.96 -3.97
C PHE B 467 47.95 12.33 -2.50
N GLN B 468 46.85 12.87 -1.99
CA GLN B 468 46.68 13.13 -0.55
C GLN B 468 45.29 12.65 -0.18
N MET B 469 45.21 11.85 0.88
CA MET B 469 43.92 11.38 1.41
C MET B 469 43.91 11.69 2.89
N THR B 470 42.89 12.44 3.33
CA THR B 470 42.89 13.06 4.66
C THR B 470 41.74 12.59 5.53
N ARG B 471 41.96 12.69 6.84
CA ARG B 471 40.95 12.42 7.86
C ARG B 471 40.19 13.66 8.24
N ALA B 472 40.90 14.72 8.64
CA ALA B 472 40.27 15.97 9.08
C ALA B 472 40.30 17.02 7.99
N ALA B 473 39.21 17.79 7.89
CA ALA B 473 39.10 18.79 6.84
C ALA B 473 38.01 19.83 7.11
N TYR B 474 37.97 20.82 6.22
CA TYR B 474 36.94 21.85 6.19
C TYR B 474 36.49 22.01 4.74
N ALA B 475 35.35 22.68 4.54
CA ALA B 475 34.90 23.09 3.20
C ALA B 475 36.02 23.69 2.36
N GLY B 476 36.02 23.35 1.07
CA GLY B 476 37.09 23.72 0.16
C GLY B 476 38.21 22.72 0.00
N LEU B 477 38.20 21.65 0.80
CA LEU B 477 39.24 20.62 0.79
C LEU B 477 39.50 20.01 -0.59
N GLN B 478 38.49 20.01 -1.45
CA GLN B 478 38.63 19.41 -2.79
C GLN B 478 39.76 20.01 -3.62
N ARG B 479 40.20 21.21 -3.28
CA ARG B 479 41.31 21.81 -4.01
C ARG B 479 42.64 21.14 -3.68
N TYR B 480 42.74 20.49 -2.51
CA TYR B 480 44.02 20.01 -1.98
C TYR B 480 44.10 18.50 -1.69
N THR B 481 42.96 17.84 -1.49
CA THR B 481 43.00 16.51 -0.87
C THR B 481 41.69 15.75 -1.09
N PHE B 482 41.85 14.44 -1.08
CA PHE B 482 40.77 13.46 -1.09
C PHE B 482 40.54 13.05 0.37
N GLY B 483 39.61 12.13 0.62
CA GLY B 483 39.23 11.78 1.99
C GLY B 483 38.96 10.32 2.24
N TRP B 484 39.21 9.88 3.49
CA TRP B 484 38.62 8.65 3.98
C TRP B 484 37.91 8.90 5.30
N SER B 485 36.92 8.05 5.61
CA SER B 485 36.04 8.25 6.77
C SER B 485 36.59 7.80 8.13
N GLY B 486 37.92 7.67 8.26
CA GLY B 486 38.54 7.37 9.54
C GLY B 486 38.27 5.99 10.11
N ASP B 487 38.22 5.95 11.44
CA ASP B 487 38.28 4.69 12.19
C ASP B 487 36.89 4.11 12.41
N SER B 488 36.37 3.48 11.38
CA SER B 488 35.02 2.91 11.37
C SER B 488 35.01 1.46 11.87
N GLY B 489 33.81 0.97 12.12
CA GLY B 489 33.60 -0.42 12.51
C GLY B 489 33.48 -0.60 14.02
N ASN B 490 33.26 -1.86 14.41
CA ASN B 490 32.92 -2.19 15.79
C ASN B 490 34.17 -2.64 16.56
N GLY B 491 34.59 -1.85 17.54
CA GLY B 491 35.79 -2.20 18.33
C GLY B 491 35.56 -3.28 19.40
N SER B 492 34.33 -3.44 19.83
CA SER B 492 33.99 -4.47 20.84
C SER B 492 33.93 -5.87 20.25
N ASN B 493 33.35 -5.99 19.07
CA ASN B 493 33.25 -7.26 18.38
C ASN B 493 33.23 -6.96 16.88
N VAL B 494 34.34 -7.25 16.21
CA VAL B 494 34.46 -6.95 14.74
C VAL B 494 33.29 -7.55 13.93
N LEU B 495 32.75 -8.69 14.39
CA LEU B 495 31.70 -9.40 13.67
C LEU B 495 30.38 -8.69 13.72
N ASP B 496 30.21 -7.78 14.67
CA ASP B 496 28.97 -7.08 14.85
C ASP B 496 28.99 -5.68 14.20
N GLY B 497 29.73 -5.52 13.10
CA GLY B 497 29.89 -4.22 12.46
C GLY B 497 28.97 -4.03 11.26
N TRP B 498 27.99 -4.91 11.09
CA TRP B 498 27.11 -4.83 9.91
C TRP B 498 26.43 -3.45 9.76
N LYS B 499 25.81 -2.93 10.81
CA LYS B 499 25.11 -1.66 10.69
C LYS B 499 26.06 -0.46 10.45
N GLN B 500 27.22 -0.51 11.09
CA GLN B 500 28.27 0.50 10.88
C GLN B 500 28.79 0.48 9.44
N MET B 501 29.00 -0.71 8.89
CA MET B 501 29.37 -0.86 7.46
C MET B 501 28.29 -0.27 6.59
N ALA B 502 27.04 -0.62 6.88
CA ALA B 502 25.92 -0.15 6.07
C ALA B 502 25.86 1.37 6.06
N ASN B 503 26.13 1.99 7.21
CA ASN B 503 26.06 3.43 7.26
C ASN B 503 27.19 4.14 6.48
N GLN B 504 28.25 3.42 6.11
CA GLN B 504 29.28 4.03 5.25
C GLN B 504 28.72 4.42 3.87
N ILE B 505 27.61 3.82 3.46
CA ILE B 505 26.97 4.22 2.20
C ILE B 505 26.55 5.69 2.25
N PRO B 506 25.60 6.07 3.16
CA PRO B 506 25.24 7.48 3.20
C PRO B 506 26.37 8.40 3.69
N VAL B 507 27.29 7.92 4.50
CA VAL B 507 28.47 8.73 4.86
C VAL B 507 29.23 9.12 3.57
N GLY B 508 29.52 8.13 2.73
CA GLY B 508 30.21 8.37 1.48
C GLY B 508 29.44 9.21 0.52
N LEU B 509 28.13 9.00 0.43
CA LEU B 509 27.31 9.79 -0.46
C LEU B 509 27.23 11.24 0.00
N SER B 510 27.17 11.44 1.32
CA SER B 510 27.13 12.77 1.90
C SER B 510 28.49 13.45 1.72
N ALA B 511 29.55 12.69 1.93
CA ALA B 511 30.91 13.19 1.66
C ALA B 511 31.00 13.69 0.22
N GLY B 512 30.46 12.90 -0.71
CA GLY B 512 30.41 13.29 -2.11
C GLY B 512 29.68 14.57 -2.36
N MET B 513 28.50 14.73 -1.72
CA MET B 513 27.75 15.98 -1.81
C MET B 513 28.44 17.18 -1.15
N GLY B 514 29.41 16.90 -0.28
CA GLY B 514 30.26 17.93 0.34
C GLY B 514 31.58 18.15 -0.35
N LEU B 515 31.69 17.68 -1.59
CA LEU B 515 32.88 17.83 -2.41
C LEU B 515 34.07 16.99 -1.96
N ILE B 516 33.76 15.74 -1.59
CA ILE B 516 34.76 14.70 -1.47
C ILE B 516 34.45 13.65 -2.51
N PRO B 517 34.68 13.98 -3.79
CA PRO B 517 34.39 12.97 -4.82
C PRO B 517 35.35 11.78 -4.79
N PHE B 518 36.58 12.01 -4.36
CA PHE B 518 37.59 10.96 -4.25
C PHE B 518 37.63 10.54 -2.80
N TRP B 519 36.87 9.48 -2.53
CA TRP B 519 36.54 9.04 -1.16
C TRP B 519 36.69 7.53 -1.05
N THR B 520 36.99 7.10 0.17
CA THR B 520 36.82 5.70 0.51
C THR B 520 36.58 5.54 2.01
N CYS B 521 36.32 4.30 2.42
CA CYS B 521 36.31 3.92 3.83
C CYS B 521 37.28 2.77 4.03
N ASP B 522 37.56 2.44 5.29
CA ASP B 522 38.40 1.28 5.57
C ASP B 522 37.57 0.03 5.26
N ILE B 523 37.92 -0.66 4.18
CA ILE B 523 37.27 -1.91 3.84
C ILE B 523 37.70 -2.93 4.92
N SER B 524 36.71 -3.58 5.52
CA SER B 524 36.80 -4.38 6.77
C SER B 524 36.57 -3.55 8.05
N GLY B 525 36.45 -2.23 7.89
CA GLY B 525 36.52 -1.28 8.99
C GLY B 525 37.91 -1.16 9.61
N TYR B 526 38.09 -0.16 10.45
CA TYR B 526 39.34 -0.03 11.19
C TYR B 526 39.33 -0.91 12.44
N CYS B 527 38.21 -0.91 13.13
CA CYS B 527 38.15 -1.43 14.50
C CYS B 527 37.82 -2.90 14.57
N GLY B 528 38.22 -3.51 15.69
CA GLY B 528 37.85 -4.88 16.03
C GLY B 528 38.90 -5.91 15.68
N ASP B 529 39.43 -6.59 16.70
CA ASP B 529 40.39 -7.67 16.49
C ASP B 529 39.71 -8.81 15.75
N ILE B 530 40.39 -9.34 14.74
CA ILE B 530 39.86 -10.42 13.94
C ILE B 530 40.38 -11.70 14.56
N LYS B 531 39.61 -12.25 15.49
CA LYS B 531 39.98 -13.47 16.21
C LYS B 531 39.64 -14.76 15.44
N ASP B 532 38.79 -14.63 14.41
CA ASP B 532 38.27 -15.77 13.67
C ASP B 532 38.00 -15.33 12.21
N TYR B 533 38.95 -15.65 11.35
CA TYR B 533 38.87 -15.24 9.94
C TYR B 533 37.71 -15.88 9.19
N ASP B 534 37.37 -17.12 9.57
CA ASP B 534 36.22 -17.79 8.94
C ASP B 534 34.94 -17.06 9.26
N ALA B 535 34.77 -16.69 10.52
CA ALA B 535 33.58 -15.98 10.97
C ALA B 535 33.46 -14.58 10.33
N MET B 536 34.60 -13.93 10.10
CA MET B 536 34.65 -12.57 9.54
C MET B 536 34.48 -12.58 8.01
N ALA B 537 34.63 -13.73 7.36
CA ALA B 537 34.68 -13.76 5.90
C ALA B 537 33.48 -13.08 5.24
N GLU B 538 32.27 -13.36 5.73
CA GLU B 538 31.07 -12.80 5.10
C GLU B 538 31.07 -11.28 5.17
N LEU B 539 31.25 -10.74 6.37
CA LEU B 539 31.30 -9.28 6.54
C LEU B 539 32.41 -8.66 5.68
N TYR B 540 33.60 -9.27 5.67
CA TYR B 540 34.68 -8.76 4.81
C TYR B 540 34.28 -8.70 3.34
N VAL B 541 33.70 -9.79 2.85
CA VAL B 541 33.28 -9.86 1.46
C VAL B 541 32.29 -8.77 1.12
N ARG B 542 31.26 -8.60 1.94
CA ARG B 542 30.25 -7.57 1.67
C ARG B 542 30.87 -6.17 1.74
N TRP B 543 31.82 -5.98 2.65
CA TRP B 543 32.49 -4.69 2.82
C TRP B 543 33.30 -4.32 1.58
N LEU B 544 33.98 -5.32 1.02
CA LEU B 544 34.79 -5.13 -0.17
C LEU B 544 33.93 -4.98 -1.41
N GLN B 545 32.80 -5.69 -1.47
CA GLN B 545 31.87 -5.53 -2.58
C GLN B 545 31.32 -4.10 -2.69
N PHE B 546 30.99 -3.51 -1.56
CA PHE B 546 30.67 -2.08 -1.47
C PHE B 546 31.89 -1.23 -1.78
N GLY B 547 32.99 -1.53 -1.09
CA GLY B 547 34.23 -0.77 -1.14
C GLY B 547 34.86 -0.61 -2.51
N VAL B 548 34.72 -1.60 -3.39
CA VAL B 548 35.26 -1.47 -4.76
C VAL B 548 34.49 -0.45 -5.62
N PHE B 549 33.29 -0.05 -5.18
CA PHE B 549 32.55 1.06 -5.81
C PHE B 549 32.76 2.41 -5.13
N THR B 550 33.79 2.49 -4.27
CA THR B 550 34.30 3.77 -3.79
C THR B 550 35.56 4.09 -4.61
N PRO B 551 35.71 5.37 -5.01
CA PRO B 551 36.83 5.72 -5.88
C PRO B 551 38.21 5.32 -5.37
N LEU B 552 38.47 5.47 -4.07
CA LEU B 552 39.80 5.19 -3.53
C LEU B 552 39.87 3.88 -2.71
N SER B 553 38.96 2.95 -3.03
CA SER B 553 38.87 1.63 -2.37
C SER B 553 40.15 1.15 -1.68
N ARG B 554 40.14 1.20 -0.35
CA ARG B 554 41.29 0.82 0.44
C ARG B 554 40.88 -0.11 1.56
N ALA B 555 41.49 -1.30 1.60
CA ALA B 555 41.41 -2.19 2.76
C ALA B 555 42.46 -1.78 3.78
N HIS B 556 42.05 -1.78 5.04
CA HIS B 556 42.84 -1.33 6.17
C HIS B 556 42.20 -1.92 7.44
N HIS B 557 42.99 -2.02 8.48
CA HIS B 557 42.49 -2.44 9.79
C HIS B 557 43.52 -2.10 10.84
N GLU B 558 43.06 -1.93 12.07
CA GLU B 558 43.95 -1.64 13.20
C GLU B 558 45.06 -2.68 13.39
N GLY B 559 46.25 -2.18 13.72
CA GLY B 559 47.37 -2.99 14.15
C GLY B 559 47.80 -4.10 13.22
N GLY B 560 47.93 -5.30 13.79
CA GLY B 560 48.36 -6.50 13.07
C GLY B 560 47.22 -7.35 12.55
N ASN B 561 46.02 -6.78 12.47
CA ASN B 561 44.85 -7.47 11.95
C ASN B 561 44.90 -7.45 10.44
N ALA B 562 45.52 -8.47 9.87
CA ALA B 562 45.70 -8.59 8.43
C ALA B 562 44.37 -8.70 7.69
N VAL B 563 44.18 -7.89 6.64
CA VAL B 563 42.91 -7.85 5.91
C VAL B 563 43.09 -7.78 4.39
N GLU B 564 44.14 -8.43 3.91
CA GLU B 564 44.33 -8.59 2.48
C GLU B 564 43.25 -9.57 1.98
N PRO B 565 42.90 -9.49 0.68
CA PRO B 565 41.71 -10.23 0.22
C PRO B 565 41.81 -11.76 0.19
N TRP B 566 42.99 -12.32 0.46
CA TRP B 566 43.20 -13.75 0.57
C TRP B 566 43.17 -14.30 2.02
N LYS B 567 42.97 -13.44 3.00
CA LYS B 567 43.05 -13.86 4.41
C LYS B 567 41.83 -14.57 4.95
N PHE B 568 40.74 -14.60 4.20
CA PHE B 568 39.46 -15.12 4.69
C PHE B 568 39.02 -16.41 4.02
N GLY B 569 39.97 -17.10 3.41
CA GLY B 569 39.72 -18.38 2.75
C GLY B 569 39.52 -18.23 1.24
N THR B 570 39.54 -19.38 0.57
CA THR B 570 39.53 -19.43 -0.88
C THR B 570 38.24 -18.86 -1.50
N GLU B 571 37.08 -19.18 -0.94
CA GLU B 571 35.81 -18.67 -1.49
C GLU B 571 35.78 -17.12 -1.45
N ALA B 572 36.09 -16.56 -0.30
CA ALA B 572 36.13 -15.10 -0.14
C ALA B 572 37.21 -14.46 -1.03
N GLU B 573 38.34 -15.17 -1.20
CA GLU B 573 39.39 -14.69 -2.10
C GLU B 573 38.92 -14.60 -3.55
N ASN B 574 38.25 -15.64 -4.04
CA ASN B 574 37.75 -15.67 -5.41
C ASN B 574 36.65 -14.63 -5.66
N ILE B 575 35.73 -14.47 -4.71
CA ILE B 575 34.71 -13.43 -4.78
C ILE B 575 35.40 -12.05 -4.76
N SER B 576 36.35 -11.87 -3.85
CA SER B 576 37.03 -10.58 -3.72
C SER B 576 37.83 -10.21 -4.96
N ARG B 577 38.52 -11.20 -5.55
CA ARG B 577 39.21 -10.98 -6.84
C ARG B 577 38.25 -10.49 -7.92
N LYS B 578 37.09 -11.14 -8.02
CA LYS B 578 36.10 -10.73 -9.03
C LYS B 578 35.54 -9.32 -8.77
N SER B 579 35.30 -8.98 -7.51
CA SER B 579 34.87 -7.62 -7.15
C SER B 579 35.90 -6.57 -7.60
N ILE B 580 37.17 -6.80 -7.27
CA ILE B 580 38.27 -5.91 -7.66
C ILE B 580 38.42 -5.85 -9.18
N GLU B 581 38.44 -7.01 -9.82
CA GLU B 581 38.48 -7.07 -11.29
C GLU B 581 37.38 -6.24 -11.99
N LEU B 582 36.17 -6.25 -11.43
CA LEU B 582 35.07 -5.44 -11.98
C LEU B 582 35.41 -3.93 -11.95
N LYS B 583 35.95 -3.46 -10.83
CA LYS B 583 36.37 -2.06 -10.73
C LYS B 583 37.42 -1.73 -11.77
N TYR B 584 38.40 -2.63 -11.95
CA TYR B 584 39.45 -2.40 -12.93
C TYR B 584 38.90 -2.40 -14.36
N LYS B 585 37.99 -3.31 -14.68
CA LYS B 585 37.32 -3.32 -15.99
C LYS B 585 36.59 -2.00 -16.25
N LEU B 586 35.97 -1.46 -15.21
CA LEU B 586 35.29 -0.16 -15.31
C LEU B 586 36.18 1.08 -15.29
N PHE B 587 37.51 0.93 -15.24
CA PHE B 587 38.38 2.09 -15.11
C PHE B 587 38.10 3.24 -16.12
N PRO B 588 37.98 2.93 -17.43
CA PRO B 588 37.69 4.04 -18.35
C PRO B 588 36.37 4.77 -18.07
N TYR B 589 35.36 4.04 -17.60
CA TYR B 589 34.09 4.62 -17.17
C TYR B 589 34.28 5.47 -15.92
N LEU B 590 34.92 4.90 -14.90
CA LEU B 590 35.12 5.61 -13.64
C LEU B 590 35.99 6.83 -13.84
N TYR B 591 37.03 6.71 -14.67
CA TYR B 591 37.92 7.84 -14.92
C TYR B 591 37.21 9.00 -15.61
N THR B 592 36.26 8.68 -16.49
CA THR B 592 35.46 9.73 -17.13
C THR B 592 34.66 10.48 -16.06
N TYR B 593 34.13 9.75 -15.08
CA TYR B 593 33.40 10.41 -13.97
C TYR B 593 34.31 11.13 -12.98
N ALA B 594 35.55 10.67 -12.82
CA ALA B 594 36.56 11.43 -12.11
C ALA B 594 36.77 12.81 -12.74
N ARG B 595 36.86 12.87 -14.06
CA ARG B 595 36.95 14.14 -14.75
C ARG B 595 35.68 14.98 -14.57
N GLU B 596 34.51 14.34 -14.69
CA GLU B 596 33.25 15.05 -14.43
C GLU B 596 33.23 15.68 -13.02
N ALA B 597 33.81 15.01 -12.03
CA ALA B 597 33.88 15.59 -10.69
C ALA B 597 34.66 16.93 -10.71
N HIS B 598 35.77 16.96 -11.42
CA HIS B 598 36.58 18.15 -11.58
C HIS B 598 35.79 19.30 -12.27
N ASP B 599 35.05 18.97 -13.32
CA ASP B 599 34.31 19.97 -14.12
C ASP B 599 33.02 20.48 -13.48
N THR B 600 32.29 19.60 -12.80
CA THR B 600 30.95 19.90 -12.28
C THR B 600 30.79 19.87 -10.78
N GLY B 601 31.75 19.26 -10.08
CA GLY B 601 31.66 19.01 -8.65
C GLY B 601 30.86 17.76 -8.27
N LEU B 602 30.25 17.08 -9.23
CA LEU B 602 29.43 15.90 -8.91
C LEU B 602 30.31 14.76 -8.44
N PRO B 603 29.93 14.09 -7.33
CA PRO B 603 30.73 12.95 -6.92
C PRO B 603 30.54 11.78 -7.88
N ILE B 604 31.50 10.85 -7.85
CA ILE B 604 31.37 9.61 -8.62
C ILE B 604 30.24 8.78 -8.00
N MET B 605 30.25 8.65 -6.67
CA MET B 605 29.18 7.97 -5.92
C MET B 605 28.06 8.98 -5.71
N ARG B 606 26.92 8.77 -6.37
CA ARG B 606 25.82 9.72 -6.38
C ARG B 606 24.58 9.18 -5.70
N ALA B 607 24.13 9.85 -4.65
CA ALA B 607 22.79 9.62 -4.12
C ALA B 607 21.81 9.75 -5.30
N LEU B 608 20.83 8.86 -5.38
CA LEU B 608 19.88 8.90 -6.50
C LEU B 608 19.18 10.24 -6.63
N LEU B 609 18.96 10.93 -5.51
CA LEU B 609 18.35 12.25 -5.54
C LEU B 609 19.06 13.27 -6.45
N LEU B 610 20.37 13.13 -6.62
CA LEU B 610 21.14 14.03 -7.46
C LEU B 610 20.78 13.88 -8.94
N GLU B 611 20.43 12.66 -9.36
CA GLU B 611 20.01 12.38 -10.73
C GLU B 611 18.49 12.35 -10.94
N TYR B 612 17.73 12.07 -9.88
CA TYR B 612 16.25 11.96 -9.95
C TYR B 612 15.62 12.86 -8.89
N PRO B 613 15.87 14.18 -8.98
CA PRO B 613 15.39 15.09 -7.94
C PRO B 613 13.86 15.19 -7.85
N ASN B 614 13.17 14.83 -8.92
CA ASN B 614 11.70 14.82 -8.92
C ASN B 614 11.09 13.61 -8.21
N ASP B 615 11.89 12.61 -7.88
CA ASP B 615 11.41 11.38 -7.28
C ASP B 615 11.72 11.38 -5.78
N LYS B 616 10.71 11.74 -4.98
CA LYS B 616 10.86 11.86 -3.53
C LYS B 616 11.21 10.54 -2.84
N GLU B 617 10.95 9.40 -3.48
CA GLU B 617 11.37 8.12 -2.90
C GLU B 617 12.88 8.05 -2.72
N THR B 618 13.63 8.75 -3.58
CA THR B 618 15.09 8.75 -3.51
C THR B 618 15.63 9.34 -2.23
N PHE B 619 14.86 10.22 -1.59
CA PHE B 619 15.27 10.82 -0.32
C PHE B 619 15.53 9.79 0.79
N LYS B 620 14.90 8.61 0.69
CA LYS B 620 14.97 7.59 1.72
C LYS B 620 16.04 6.53 1.49
N LEU B 621 16.77 6.60 0.37
CA LEU B 621 17.58 5.49 -0.10
C LEU B 621 19.00 5.55 0.46
N ASN B 622 19.21 4.84 1.57
CA ASN B 622 20.52 4.73 2.21
C ASN B 622 21.26 3.43 1.93
N GLY B 623 20.66 2.53 1.13
CA GLY B 623 21.24 1.22 0.85
C GLY B 623 21.70 1.00 -0.59
N GLN B 624 21.73 2.06 -1.38
CA GLN B 624 22.08 1.98 -2.81
C GLN B 624 22.48 3.35 -3.32
N PHE B 625 23.13 3.37 -4.47
CA PHE B 625 23.62 4.61 -5.07
C PHE B 625 23.94 4.41 -6.53
N LEU B 626 24.06 5.53 -7.25
CA LEU B 626 24.54 5.47 -8.61
C LEU B 626 26.07 5.66 -8.60
N VAL B 627 26.72 5.06 -9.58
CA VAL B 627 28.14 5.30 -9.85
C VAL B 627 28.15 5.93 -11.23
N GLY B 628 28.44 7.23 -11.30
CA GLY B 628 28.09 8.04 -12.48
C GLY B 628 26.58 7.99 -12.71
N LYS B 629 26.15 8.10 -13.96
CA LYS B 629 24.72 8.06 -14.30
C LYS B 629 24.21 6.69 -14.73
N GLU B 630 25.08 5.87 -15.31
CA GLU B 630 24.67 4.67 -16.00
C GLU B 630 24.48 3.43 -15.10
N LEU B 631 25.18 3.39 -13.96
CA LEU B 631 25.18 2.21 -13.12
C LEU B 631 24.54 2.50 -11.76
N LEU B 632 23.64 1.61 -11.35
CA LEU B 632 23.03 1.63 -10.04
C LEU B 632 23.62 0.45 -9.26
N VAL B 633 24.18 0.73 -8.08
CA VAL B 633 24.84 -0.28 -7.24
C VAL B 633 24.05 -0.37 -5.95
N ALA B 634 23.70 -1.59 -5.56
CA ALA B 634 22.87 -1.83 -4.37
C ALA B 634 23.52 -2.93 -3.55
N PRO B 635 24.59 -2.59 -2.80
CA PRO B 635 25.32 -3.67 -2.10
C PRO B 635 24.49 -4.30 -0.98
N VAL B 636 24.68 -5.60 -0.79
CA VAL B 636 24.08 -6.28 0.35
C VAL B 636 24.85 -5.91 1.60
N VAL B 637 24.15 -5.39 2.59
CA VAL B 637 24.78 -4.90 3.83
C VAL B 637 24.08 -5.44 5.09
N GLU B 638 23.41 -6.58 4.97
CA GLU B 638 22.80 -7.26 6.12
C GLU B 638 23.32 -8.68 6.23
N GLN B 639 23.64 -9.09 7.45
CA GLN B 639 24.21 -10.40 7.72
C GLN B 639 23.27 -11.53 7.31
N GLY B 640 23.82 -12.52 6.62
CA GLY B 640 23.06 -13.68 6.16
C GLY B 640 22.16 -13.44 4.96
N ALA B 641 22.07 -12.20 4.48
CA ALA B 641 21.13 -11.89 3.40
C ALA B 641 21.64 -12.49 2.09
N VAL B 642 20.72 -13.06 1.34
CA VAL B 642 21.00 -13.63 0.02
C VAL B 642 20.08 -13.01 -1.04
N THR B 643 19.41 -11.92 -0.68
CA THR B 643 18.60 -11.12 -1.57
C THR B 643 18.84 -9.66 -1.21
N LYS B 644 18.34 -8.76 -2.05
CA LYS B 644 18.48 -7.32 -1.87
C LYS B 644 17.26 -6.62 -2.42
N ASP B 645 16.69 -5.72 -1.64
CA ASP B 645 15.61 -4.85 -2.11
C ASP B 645 16.25 -3.62 -2.77
N VAL B 646 15.82 -3.33 -4.00
CA VAL B 646 16.40 -2.29 -4.84
C VAL B 646 15.26 -1.41 -5.34
N TYR B 647 15.41 -0.10 -5.21
CA TYR B 647 14.50 0.84 -5.83
C TYR B 647 15.09 1.27 -7.16
N LEU B 648 14.29 1.08 -8.21
CA LEU B 648 14.65 1.50 -9.54
C LEU B 648 13.90 2.80 -9.84
N PRO B 649 14.62 3.88 -10.20
CA PRO B 649 14.02 5.14 -10.59
C PRO B 649 13.55 5.07 -12.05
N GLU B 650 13.14 6.22 -12.59
CA GLU B 650 12.72 6.33 -13.99
C GLU B 650 13.65 5.59 -14.95
N GLY B 651 13.06 4.97 -15.94
CA GLY B 651 13.80 4.31 -17.00
C GLY B 651 13.59 2.81 -16.96
N GLU B 652 14.31 2.10 -17.80
CA GLU B 652 14.36 0.65 -17.72
C GLU B 652 15.76 0.28 -17.29
N TRP B 653 15.85 -0.81 -16.54
CA TRP B 653 17.11 -1.19 -15.85
C TRP B 653 17.45 -2.64 -16.11
N ILE B 654 18.70 -2.88 -16.46
CA ILE B 654 19.17 -4.18 -16.87
C ILE B 654 20.17 -4.69 -15.86
N ASP B 655 20.05 -5.96 -15.47
CA ASP B 655 21.07 -6.62 -14.63
C ASP B 655 22.43 -6.61 -15.32
N PHE B 656 23.38 -5.89 -14.72
CA PHE B 656 24.69 -5.71 -15.32
C PHE B 656 25.53 -6.99 -15.20
N ASN B 657 25.18 -7.85 -14.25
CA ASN B 657 25.90 -9.13 -14.05
C ASN B 657 25.60 -10.14 -15.14
N ASN B 658 24.35 -10.23 -15.59
CA ASN B 658 23.98 -11.14 -16.70
C ASN B 658 23.65 -10.44 -18.06
N CYS B 659 22.99 -9.29 -18.01
CA CYS B 659 22.49 -8.50 -19.19
C CYS B 659 21.29 -9.04 -19.93
N LYS B 660 20.69 -10.11 -19.42
CA LYS B 660 19.48 -10.68 -20.01
C LYS B 660 18.24 -10.12 -19.29
N THR B 661 18.32 -9.98 -17.96
CA THR B 661 17.16 -9.57 -17.15
C THR B 661 16.95 -8.06 -17.15
N LYS B 662 15.75 -7.63 -17.52
CA LYS B 662 15.39 -6.22 -17.66
C LYS B 662 14.20 -5.91 -16.73
N TYR B 663 14.19 -4.72 -16.12
CA TYR B 663 13.14 -4.30 -15.20
C TYR B 663 12.60 -2.95 -15.60
N LYS B 664 11.31 -2.74 -15.39
CA LYS B 664 10.70 -1.41 -15.53
C LYS B 664 11.09 -0.56 -14.33
N GLY B 665 11.13 0.75 -14.55
CA GLY B 665 11.51 1.73 -13.53
C GLY B 665 10.38 2.15 -12.62
N GLU B 666 10.74 2.99 -11.67
CA GLU B 666 9.85 3.52 -10.62
C GLU B 666 9.13 2.42 -9.86
N GLN B 667 9.92 1.50 -9.31
CA GLN B 667 9.38 0.43 -8.48
C GLN B 667 10.44 -0.16 -7.60
N TRP B 668 10.02 -0.73 -6.48
CA TRP B 668 10.88 -1.58 -5.69
C TRP B 668 10.86 -3.00 -6.23
N ILE B 669 12.04 -3.63 -6.33
CA ILE B 669 12.15 -5.04 -6.65
C ILE B 669 12.98 -5.74 -5.58
N THR B 670 12.89 -7.06 -5.56
CA THR B 670 13.80 -7.88 -4.76
C THR B 670 14.54 -8.79 -5.72
N VAL B 671 15.87 -8.81 -5.64
CA VAL B 671 16.70 -9.63 -6.51
C VAL B 671 17.52 -10.63 -5.69
N ASP B 672 17.91 -11.75 -6.30
CA ASP B 672 18.83 -12.69 -5.69
C ASP B 672 20.19 -12.03 -5.59
N ALA B 673 20.84 -12.20 -4.46
CA ALA B 673 22.12 -11.59 -4.22
C ALA B 673 22.85 -12.45 -3.21
N PRO B 674 23.29 -13.65 -3.65
CA PRO B 674 24.08 -14.50 -2.76
C PRO B 674 25.45 -13.87 -2.49
N LEU B 675 26.24 -14.50 -1.61
CA LEU B 675 27.51 -13.91 -1.15
C LEU B 675 28.43 -13.52 -2.31
N ASN B 676 28.42 -14.31 -3.39
CA ASN B 676 29.26 -14.03 -4.54
C ASN B 676 28.74 -12.94 -5.50
N THR B 677 27.69 -12.21 -5.11
CA THR B 677 27.00 -11.29 -6.02
C THR B 677 26.88 -9.89 -5.43
N ILE B 678 27.16 -8.87 -6.26
CA ILE B 678 26.85 -7.47 -5.97
C ILE B 678 25.75 -7.10 -6.93
N PRO B 679 24.58 -6.68 -6.41
CA PRO B 679 23.54 -6.20 -7.33
C PRO B 679 23.98 -4.90 -8.03
N VAL B 680 24.11 -4.96 -9.36
CA VAL B 680 24.50 -3.82 -10.19
C VAL B 680 23.54 -3.79 -11.39
N PHE B 681 23.03 -2.61 -11.70
CA PHE B 681 22.10 -2.42 -12.81
C PHE B 681 22.64 -1.35 -13.72
N VAL B 682 22.39 -1.51 -15.02
CA VAL B 682 22.78 -0.53 -16.03
C VAL B 682 21.48 -0.02 -16.65
N LYS B 683 21.41 1.30 -16.81
CA LYS B 683 20.22 1.92 -17.35
C LYS B 683 20.16 1.64 -18.84
N LYS B 684 18.98 1.27 -19.34
CA LYS B 684 18.75 1.09 -20.76
C LYS B 684 19.03 2.43 -21.47
N GLY B 685 19.79 2.33 -22.55
CA GLY B 685 20.34 3.47 -23.24
C GLY B 685 21.83 3.65 -23.01
N SER B 686 22.38 3.02 -21.97
CA SER B 686 23.75 3.31 -21.56
C SER B 686 24.80 2.79 -22.51
N ILE B 687 25.95 3.48 -22.52
CA ILE B 687 27.14 3.01 -23.20
C ILE B 687 28.26 3.05 -22.17
N ILE B 688 28.89 1.90 -21.92
CA ILE B 688 29.86 1.74 -20.83
C ILE B 688 31.22 1.37 -21.40
N PRO B 689 32.21 2.27 -21.32
CA PRO B 689 33.55 1.89 -21.72
C PRO B 689 34.23 1.00 -20.67
N GLN B 690 34.92 -0.04 -21.16
CA GLN B 690 35.66 -0.95 -20.30
C GLN B 690 37.00 -1.32 -20.87
N MET B 691 37.91 -1.69 -19.98
CA MET B 691 39.23 -2.16 -20.37
C MET B 691 39.38 -3.62 -19.95
N PRO B 692 40.38 -4.34 -20.53
CA PRO B 692 40.68 -5.70 -20.05
C PRO B 692 41.15 -5.72 -18.61
N VAL B 693 40.95 -6.86 -17.95
CA VAL B 693 41.48 -7.08 -16.61
C VAL B 693 42.97 -6.89 -16.72
N MET B 694 43.53 -6.11 -15.81
CA MET B 694 44.96 -6.10 -15.57
C MET B 694 45.22 -5.94 -14.07
N GLN B 695 46.47 -6.15 -13.67
CA GLN B 695 46.85 -6.22 -12.24
C GLN B 695 47.10 -4.85 -11.63
N TYR B 696 47.36 -3.89 -12.49
CA TYR B 696 47.45 -2.50 -12.08
C TYR B 696 47.14 -1.62 -13.29
N ILE B 697 46.86 -0.36 -13.00
CA ILE B 697 46.45 0.61 -14.00
C ILE B 697 47.69 0.87 -14.84
N ASP B 698 47.53 0.74 -16.15
CA ASP B 698 48.64 0.82 -17.11
C ASP B 698 49.65 -0.34 -17.11
N GLU B 699 49.29 -1.50 -16.51
CA GLU B 699 50.09 -2.70 -16.73
C GLU B 699 50.27 -2.92 -18.24
N LYS B 700 49.18 -2.80 -18.99
CA LYS B 700 49.25 -2.59 -20.44
C LYS B 700 49.09 -1.08 -20.67
N LYS B 701 50.11 -0.45 -21.25
CA LYS B 701 50.05 0.98 -21.53
C LYS B 701 49.10 1.29 -22.71
N VAL B 702 48.85 0.29 -23.56
CA VAL B 702 47.89 0.43 -24.64
C VAL B 702 46.98 -0.79 -24.57
N TYR B 703 45.69 -0.58 -24.76
CA TYR B 703 44.75 -1.69 -24.69
C TYR B 703 43.50 -1.42 -25.50
N PRO B 704 42.87 -2.49 -26.01
CA PRO B 704 41.60 -2.31 -26.68
C PRO B 704 40.51 -1.86 -25.70
N VAL B 705 39.62 -0.99 -26.16
CA VAL B 705 38.54 -0.47 -25.33
C VAL B 705 37.23 -1.06 -25.85
N THR B 706 36.46 -1.67 -24.97
CA THR B 706 35.16 -2.17 -25.36
C THR B 706 34.13 -1.16 -24.89
N PHE B 707 33.06 -1.03 -25.67
CA PHE B 707 31.95 -0.18 -25.34
C PHE B 707 30.71 -1.06 -25.27
N ASP B 708 30.24 -1.34 -24.06
CA ASP B 708 28.99 -2.09 -23.88
C ASP B 708 27.79 -1.18 -24.05
N ILE B 709 27.02 -1.44 -25.11
CA ILE B 709 25.92 -0.60 -25.55
C ILE B 709 24.61 -1.32 -25.31
N PHE B 710 23.74 -0.69 -24.54
CA PHE B 710 22.41 -1.19 -24.26
C PHE B 710 21.43 -0.23 -24.91
N PRO B 711 21.00 -0.50 -26.15
CA PRO B 711 20.23 0.53 -26.88
C PRO B 711 18.96 1.04 -26.18
N GLY B 712 18.73 2.34 -26.26
CA GLY B 712 17.51 2.96 -25.72
C GLY B 712 16.27 2.63 -26.55
N ASN B 713 15.15 3.23 -26.19
CA ASN B 713 13.89 3.00 -26.92
C ASN B 713 13.96 3.56 -28.33
N LEU B 714 13.00 3.16 -29.15
CA LEU B 714 12.88 3.61 -30.55
C LEU B 714 13.12 5.12 -30.67
N ASN B 715 14.07 5.51 -31.52
CA ASN B 715 14.40 6.90 -31.86
C ASN B 715 15.06 7.74 -30.75
N LYS B 716 15.40 7.13 -29.62
CA LYS B 716 16.05 7.83 -28.52
C LYS B 716 17.56 7.79 -28.73
N GLU B 717 18.16 8.97 -28.91
CA GLU B 717 19.60 9.06 -29.03
C GLU B 717 20.26 9.06 -27.63
N THR B 718 21.23 8.18 -27.41
CA THR B 718 22.01 8.20 -26.18
C THR B 718 23.46 8.17 -26.50
N SER B 719 24.28 8.49 -25.51
CA SER B 719 25.71 8.60 -25.75
C SER B 719 26.55 8.46 -24.51
N PHE B 720 27.85 8.29 -24.71
CA PHE B 720 28.84 8.42 -23.64
C PHE B 720 30.07 9.10 -24.23
N THR B 721 30.63 10.06 -23.50
CA THR B 721 31.83 10.77 -23.95
C THR B 721 33.04 10.28 -23.14
N PHE B 722 33.81 9.41 -23.77
CA PHE B 722 34.99 8.75 -23.20
C PHE B 722 36.15 9.73 -23.09
N TYR B 723 36.49 10.09 -21.84
CA TYR B 723 37.54 11.07 -21.55
C TYR B 723 38.89 10.40 -21.30
N GLU B 724 39.95 10.98 -21.87
CA GLU B 724 41.30 10.51 -21.63
C GLU B 724 42.26 11.68 -21.47
N ASP B 725 43.29 11.47 -20.66
CA ASP B 725 44.32 12.47 -20.45
C ASP B 725 45.57 11.71 -19.99
N ASP B 726 46.63 12.42 -19.62
CA ASP B 726 47.90 11.73 -19.37
C ASP B 726 47.93 11.05 -18.00
N GLY B 727 46.93 11.33 -17.15
CA GLY B 727 46.75 10.62 -15.89
C GLY B 727 47.69 10.98 -14.76
N GLU B 728 48.66 11.87 -15.01
CA GLU B 728 49.74 12.11 -14.03
C GLU B 728 50.04 13.57 -13.79
N SER B 729 50.03 14.38 -14.84
CA SER B 729 50.35 15.80 -14.74
C SER B 729 49.15 16.67 -14.35
N ARG B 730 49.42 17.94 -14.12
CA ARG B 730 48.39 18.94 -13.91
C ARG B 730 47.86 19.56 -15.21
N ASP B 731 48.27 19.05 -16.37
CA ASP B 731 47.80 19.58 -17.67
C ASP B 731 46.27 19.56 -17.80
N TYR B 732 45.62 18.53 -17.24
CA TYR B 732 44.14 18.46 -17.26
C TYR B 732 43.49 19.70 -16.62
N GLU B 733 44.17 20.37 -15.67
CA GLU B 733 43.59 21.59 -15.08
C GLU B 733 43.50 22.74 -16.10
N ARG B 734 44.39 22.70 -17.11
CA ARG B 734 44.38 23.61 -18.26
C ARG B 734 43.61 23.05 -19.46
N ASP B 735 42.77 22.03 -19.23
CA ASP B 735 41.92 21.42 -20.26
C ASP B 735 42.71 20.84 -21.42
N VAL B 736 43.77 20.13 -21.05
CA VAL B 736 44.57 19.32 -21.95
C VAL B 736 44.16 17.85 -21.79
N PHE B 737 43.51 17.33 -22.82
CA PHE B 737 42.86 16.03 -22.83
C PHE B 737 42.40 15.66 -24.25
N CYS B 738 41.83 14.47 -24.38
CA CYS B 738 41.01 14.16 -25.56
C CYS B 738 39.71 13.50 -25.15
N LYS B 739 38.73 13.56 -26.03
CA LYS B 739 37.43 12.94 -25.79
C LYS B 739 36.94 12.24 -27.04
N THR B 740 36.28 11.10 -26.84
CA THR B 740 35.67 10.35 -27.93
C THR B 740 34.23 10.04 -27.56
N LYS B 741 33.30 10.64 -28.30
CA LYS B 741 31.88 10.46 -28.06
C LYS B 741 31.34 9.28 -28.86
N ILE B 742 30.73 8.32 -28.18
CA ILE B 742 30.02 7.20 -28.80
C ILE B 742 28.53 7.46 -28.67
N THR B 743 27.80 7.37 -29.78
CA THR B 743 26.36 7.61 -29.81
C THR B 743 25.64 6.35 -30.27
N SER B 744 24.44 6.13 -29.73
CA SER B 744 23.57 5.03 -30.11
C SER B 744 22.17 5.57 -30.38
N LYS B 745 21.56 5.10 -31.46
CA LYS B 745 20.18 5.44 -31.78
C LYS B 745 19.53 4.32 -32.56
N ALA B 746 18.51 3.71 -31.96
CA ALA B 746 17.75 2.61 -32.57
C ALA B 746 16.55 3.16 -33.35
N SER B 747 16.35 2.64 -34.55
CA SER B 747 15.14 2.84 -35.34
C SER B 747 14.41 1.50 -35.41
N ASN B 748 13.32 1.47 -36.16
CA ASN B 748 12.66 0.22 -36.54
C ASN B 748 13.66 -0.61 -37.35
N GLU B 749 13.93 -1.82 -36.88
CA GLU B 749 14.87 -2.78 -37.49
C GLU B 749 16.21 -2.17 -37.98
N GLU B 750 16.77 -1.28 -37.16
CA GLU B 750 18.09 -0.66 -37.44
C GLU B 750 18.67 -0.04 -36.16
N ILE B 751 19.95 -0.31 -35.88
CA ILE B 751 20.67 0.36 -34.79
C ILE B 751 21.85 1.12 -35.39
N LYS B 752 21.93 2.42 -35.11
CA LYS B 752 23.04 3.23 -35.57
C LYS B 752 23.97 3.57 -34.41
N ILE B 753 25.21 3.09 -34.47
CA ILE B 753 26.25 3.45 -33.50
C ILE B 753 27.27 4.37 -34.15
N THR B 754 27.47 5.56 -33.59
CA THR B 754 28.42 6.49 -34.12
C THR B 754 29.62 6.61 -33.18
N VAL B 755 30.80 6.33 -33.74
CA VAL B 755 32.06 6.64 -33.09
C VAL B 755 32.46 8.03 -33.59
N GLY B 756 32.34 9.02 -32.72
CA GLY B 756 32.60 10.40 -33.06
C GLY B 756 34.06 10.66 -33.30
N GLU B 757 34.33 11.63 -34.18
CA GLU B 757 35.68 12.07 -34.43
C GLU B 757 36.29 12.49 -33.10
N ARG B 758 37.51 12.03 -32.84
CA ARG B 758 38.17 12.35 -31.58
C ARG B 758 38.34 13.86 -31.43
N GLU B 759 37.90 14.35 -30.29
CA GLU B 759 38.13 15.72 -29.90
C GLU B 759 39.53 15.81 -29.30
N TYR B 760 40.44 16.50 -30.00
CA TYR B 760 41.82 16.68 -29.55
C TYR B 760 41.97 18.03 -28.87
N LYS B 761 42.36 18.02 -27.60
CA LYS B 761 42.67 19.24 -26.87
C LYS B 761 44.05 19.14 -26.25
N GLY B 762 45.02 18.71 -27.05
CA GLY B 762 46.43 18.80 -26.64
C GLY B 762 46.97 17.47 -26.16
N TYR B 763 46.12 16.45 -26.12
CA TYR B 763 46.54 15.12 -25.64
C TYR B 763 46.01 14.10 -26.61
N SER B 764 46.86 13.16 -27.03
CA SER B 764 46.38 12.03 -27.82
C SER B 764 46.53 10.71 -27.05
N PRO B 765 45.57 9.82 -27.26
CA PRO B 765 45.51 8.62 -26.46
C PRO B 765 46.57 7.61 -26.81
N ALA B 766 46.69 6.60 -25.95
CA ALA B 766 47.53 5.44 -26.22
C ALA B 766 47.06 4.79 -27.51
N GLY B 767 48.01 4.38 -28.34
CA GLY B 767 47.67 3.71 -29.57
C GLY B 767 48.92 3.17 -30.22
N PRO B 768 48.77 2.45 -31.33
CA PRO B 768 47.48 2.11 -31.93
C PRO B 768 46.70 1.09 -31.10
N ARG B 769 45.38 1.12 -31.24
CA ARG B 769 44.48 0.22 -30.54
C ARG B 769 43.19 0.01 -31.32
N ASN B 770 42.47 -1.05 -30.96
CA ASN B 770 41.14 -1.30 -31.50
C ASN B 770 40.04 -0.96 -30.48
N PHE B 771 38.87 -0.67 -31.01
CA PHE B 771 37.64 -0.57 -30.24
C PHE B 771 36.81 -1.78 -30.56
N ILE B 772 36.04 -2.24 -29.59
CA ILE B 772 35.04 -3.28 -29.83
C ILE B 772 33.73 -2.74 -29.30
N LEU B 773 32.78 -2.51 -30.22
CA LEU B 773 31.45 -2.06 -29.86
C LEU B 773 30.67 -3.32 -29.55
N LYS B 774 30.15 -3.44 -28.33
CA LYS B 774 29.39 -4.64 -27.93
C LYS B 774 27.96 -4.23 -27.72
N ILE B 775 27.12 -4.49 -28.73
CA ILE B 775 25.72 -4.10 -28.73
C ILE B 775 24.89 -5.27 -28.23
N HIS B 776 24.14 -5.03 -27.15
CA HIS B 776 23.26 -6.03 -26.56
C HIS B 776 21.93 -6.05 -27.32
N ALA B 777 21.58 -7.20 -27.87
CA ALA B 777 20.38 -7.33 -28.70
C ALA B 777 19.87 -8.76 -28.63
N SER B 778 18.59 -8.94 -28.89
CA SER B 778 17.94 -10.25 -28.68
C SER B 778 18.16 -11.28 -29.81
N ASN B 779 18.44 -10.82 -31.04
CA ASN B 779 18.69 -11.71 -32.18
C ASN B 779 19.90 -11.25 -33.00
N LYS B 780 20.60 -12.21 -33.60
CA LYS B 780 21.65 -11.89 -34.56
C LYS B 780 21.07 -10.98 -35.63
N PRO B 781 21.81 -9.91 -36.02
CA PRO B 781 21.33 -9.04 -37.07
C PRO B 781 21.56 -9.64 -38.46
N LYS B 782 20.88 -9.07 -39.46
CA LYS B 782 21.06 -9.48 -40.87
C LYS B 782 22.46 -9.10 -41.36
N ASP B 783 22.82 -7.83 -41.21
CA ASP B 783 24.11 -7.29 -41.65
C ASP B 783 24.57 -6.13 -40.76
N VAL B 784 25.86 -5.82 -40.86
CA VAL B 784 26.44 -4.65 -40.22
C VAL B 784 27.28 -3.89 -41.26
N PHE B 785 27.10 -2.58 -41.30
CA PHE B 785 27.80 -1.70 -42.22
C PHE B 785 28.65 -0.70 -41.43
N ALA B 786 29.80 -0.35 -42.00
CA ALA B 786 30.59 0.79 -41.57
C ALA B 786 30.55 1.76 -42.75
N GLY B 787 29.92 2.92 -42.55
CA GLY B 787 29.62 3.81 -43.66
C GLY B 787 28.72 3.08 -44.65
N GLY B 788 29.06 3.15 -45.92
CA GLY B 788 28.34 2.42 -46.96
C GLY B 788 28.72 0.96 -47.13
N GLU B 789 29.89 0.57 -46.60
CA GLU B 789 30.46 -0.77 -46.84
C GLU B 789 29.94 -1.83 -45.88
N LYS B 790 29.45 -2.94 -46.43
CA LYS B 790 29.05 -4.10 -45.64
C LYS B 790 30.28 -4.74 -45.02
N LEU B 791 30.15 -5.15 -43.75
CA LEU B 791 31.23 -5.78 -43.02
C LEU B 791 31.11 -7.29 -43.05
N LYS B 792 32.25 -7.95 -42.94
CA LYS B 792 32.32 -9.39 -42.91
C LYS B 792 31.89 -9.88 -41.52
N ASN B 793 30.95 -10.82 -41.50
CA ASN B 793 30.59 -11.55 -40.30
C ASN B 793 31.62 -12.65 -40.06
N VAL B 794 32.23 -12.67 -38.88
CA VAL B 794 33.25 -13.66 -38.54
C VAL B 794 32.87 -14.32 -37.23
N LYS B 795 33.55 -15.42 -36.93
CA LYS B 795 33.37 -16.09 -35.65
C LYS B 795 34.08 -15.27 -34.56
N PRO B 796 33.54 -15.28 -33.31
CA PRO B 796 34.15 -14.63 -32.15
C PRO B 796 35.67 -14.75 -32.03
N HIS B 797 36.20 -15.97 -32.18
CA HIS B 797 37.65 -16.21 -32.14
C HIS B 797 38.43 -15.39 -33.20
N VAL B 798 37.87 -15.22 -34.39
CA VAL B 798 38.51 -14.45 -35.44
C VAL B 798 38.49 -12.94 -35.12
N LEU B 799 37.37 -12.44 -34.59
CA LEU B 799 37.27 -11.02 -34.16
C LEU B 799 38.26 -10.71 -33.04
N GLU B 800 38.48 -11.67 -32.15
CA GLU B 800 39.42 -11.51 -31.03
C GLU B 800 40.90 -11.69 -31.41
N LYS B 801 41.15 -12.40 -32.50
CA LYS B 801 42.50 -12.68 -33.02
C LYS B 801 43.33 -11.41 -33.24
N ASN B 802 44.48 -11.31 -32.57
CA ASN B 802 45.40 -10.18 -32.74
C ASN B 802 44.76 -8.82 -32.44
N ILE B 803 43.92 -8.78 -31.41
CA ILE B 803 43.24 -7.55 -31.03
C ILE B 803 44.24 -6.47 -30.56
N GLU B 804 45.41 -6.89 -30.06
CA GLU B 804 46.49 -5.98 -29.63
C GLU B 804 47.65 -5.86 -30.61
N ALA B 805 47.55 -6.48 -31.78
CA ALA B 805 48.63 -6.51 -32.79
C ALA B 805 48.23 -5.99 -34.18
N ASP B 806 47.00 -6.28 -34.61
CA ASP B 806 46.51 -5.92 -35.94
C ASP B 806 45.42 -4.84 -35.83
N PHE B 807 45.63 -3.69 -36.50
CA PHE B 807 44.73 -2.54 -36.44
C PHE B 807 44.21 -2.17 -37.84
N THR B 808 44.04 -3.18 -38.68
CA THR B 808 43.50 -3.02 -40.02
C THR B 808 42.19 -3.78 -40.25
N LYS B 809 41.71 -4.54 -39.25
CA LYS B 809 40.50 -5.34 -39.41
C LYS B 809 39.27 -4.60 -38.88
N ILE B 810 38.22 -4.62 -39.69
CA ILE B 810 36.90 -4.15 -39.31
C ILE B 810 35.95 -5.29 -39.65
N ASN B 811 35.34 -5.87 -38.64
CA ASN B 811 34.45 -7.02 -38.84
C ASN B 811 33.49 -7.13 -37.65
N TRP B 812 32.59 -8.10 -37.69
CA TRP B 812 31.67 -8.30 -36.60
C TRP B 812 31.37 -9.76 -36.33
N SER B 813 30.97 -10.04 -35.09
CA SER B 813 30.61 -11.37 -34.67
C SER B 813 29.36 -11.33 -33.81
N TRP B 814 28.80 -12.51 -33.61
CA TRP B 814 27.61 -12.72 -32.80
C TRP B 814 27.91 -13.77 -31.74
N ASN B 815 27.36 -13.54 -30.55
CA ASN B 815 27.44 -14.47 -29.43
C ASN B 815 25.98 -14.71 -29.02
N GLU B 816 25.45 -15.89 -29.34
CA GLU B 816 24.04 -16.22 -29.04
C GLU B 816 23.79 -16.30 -27.53
N ALA B 817 24.73 -16.88 -26.79
CA ALA B 817 24.58 -17.06 -25.33
C ALA B 817 24.49 -15.73 -24.58
N GLU B 818 25.47 -14.85 -24.81
CA GLU B 818 25.48 -13.53 -24.20
C GLU B 818 24.56 -12.50 -24.88
N ASN B 819 24.04 -12.82 -26.07
CA ASN B 819 23.17 -11.91 -26.82
C ASN B 819 23.88 -10.56 -27.11
N VAL B 820 25.07 -10.67 -27.71
CA VAL B 820 25.93 -9.52 -27.98
C VAL B 820 26.44 -9.55 -29.43
N ILE B 821 26.20 -8.44 -30.13
CA ILE B 821 26.86 -8.15 -31.41
C ILE B 821 28.18 -7.43 -31.10
N SER B 822 29.32 -8.02 -31.49
CA SER B 822 30.61 -7.35 -31.36
C SER B 822 31.05 -6.80 -32.72
N VAL B 823 31.41 -5.51 -32.75
CA VAL B 823 31.95 -4.87 -33.96
C VAL B 823 33.34 -4.36 -33.64
N ARG B 824 34.35 -4.93 -34.32
CA ARG B 824 35.76 -4.54 -34.17
C ARG B 824 36.07 -3.43 -35.14
N ILE B 825 36.66 -2.34 -34.65
CA ILE B 825 37.03 -1.20 -35.51
C ILE B 825 38.27 -0.51 -34.94
N PRO B 826 39.28 -0.23 -35.80
CA PRO B 826 40.45 0.49 -35.30
C PRO B 826 40.09 1.86 -34.76
N ASP B 827 40.78 2.27 -33.69
CA ASP B 827 40.59 3.61 -33.11
C ASP B 827 41.44 4.56 -33.95
N SER B 828 40.88 4.93 -35.10
CA SER B 828 41.54 5.86 -36.03
C SER B 828 41.46 7.32 -35.57
N GLY B 829 40.50 7.65 -34.73
CA GLY B 829 40.23 9.03 -34.37
C GLY B 829 39.28 9.70 -35.35
N LYS B 830 38.78 8.94 -36.33
CA LYS B 830 37.90 9.48 -37.36
C LYS B 830 36.47 9.12 -37.02
N ASN B 831 35.54 9.90 -37.57
CA ASN B 831 34.13 9.61 -37.44
C ASN B 831 33.82 8.32 -38.17
N ALA B 832 32.97 7.49 -37.59
CA ALA B 832 32.48 6.30 -38.27
C ALA B 832 31.06 6.01 -37.81
N VAL B 833 30.20 5.65 -38.75
CA VAL B 833 28.82 5.31 -38.48
C VAL B 833 28.65 3.82 -38.75
N ILE B 834 28.28 3.09 -37.71
CA ILE B 834 28.06 1.66 -37.80
C ILE B 834 26.56 1.44 -37.82
N THR B 835 26.06 0.81 -38.88
CA THR B 835 24.63 0.56 -39.04
C THR B 835 24.38 -0.95 -38.92
N ILE B 836 23.60 -1.33 -37.92
CA ILE B 836 23.20 -2.70 -37.71
C ILE B 836 21.76 -2.84 -38.22
N LYS B 837 21.54 -3.76 -39.16
CA LYS B 837 20.22 -4.00 -39.75
C LYS B 837 19.67 -5.29 -39.16
N ASN B 838 18.56 -5.20 -38.43
CA ASN B 838 18.06 -6.32 -37.62
C ASN B 838 17.38 -7.42 -38.46
N GLU C 27 -19.61 15.43 19.25
CA GLU C 27 -20.30 15.76 17.97
C GLU C 27 -21.78 15.37 17.99
N GLN C 28 -22.59 16.15 17.29
CA GLN C 28 -24.06 16.07 17.35
C GLN C 28 -24.60 15.45 16.04
N TYR C 29 -25.51 14.48 16.16
CA TYR C 29 -26.25 13.91 15.03
C TYR C 29 -27.71 14.32 15.07
N LEU C 30 -28.44 14.09 14.00
CA LEU C 30 -29.85 14.44 14.01
C LEU C 30 -30.68 13.64 15.01
N GLY C 31 -30.37 12.35 15.14
CA GLY C 31 -31.12 11.47 16.01
C GLY C 31 -32.51 11.25 15.46
N ASN C 32 -33.45 10.92 16.36
CA ASN C 32 -34.79 10.53 15.95
C ASN C 32 -35.63 11.72 15.51
N CYS C 33 -36.37 11.52 14.42
CA CYS C 33 -37.33 12.48 13.91
C CYS C 33 -38.66 12.28 14.60
N THR C 34 -39.17 13.34 15.22
CA THR C 34 -40.40 13.28 16.00
C THR C 34 -41.63 13.84 15.29
N ALA C 35 -41.43 14.56 14.19
CA ALA C 35 -42.52 15.31 13.55
C ALA C 35 -42.04 15.87 12.23
N TYR C 36 -43.01 16.22 11.38
CA TYR C 36 -42.74 16.94 10.16
C TYR C 36 -43.82 17.99 9.93
N SER C 37 -43.47 18.95 9.10
CA SER C 37 -44.36 20.03 8.69
C SER C 37 -44.11 20.34 7.22
N VAL C 38 -45.21 20.50 6.47
CA VAL C 38 -45.15 20.84 5.05
C VAL C 38 -45.59 22.28 4.84
N LYS C 39 -44.83 23.02 4.05
CA LYS C 39 -45.22 24.36 3.61
C LYS C 39 -44.86 24.48 2.13
N GLY C 40 -45.88 24.34 1.27
CA GLY C 40 -45.67 24.44 -0.16
C GLY C 40 -44.78 23.29 -0.63
N ASN C 41 -43.68 23.65 -1.29
CA ASN C 41 -42.73 22.66 -1.82
C ASN C 41 -41.64 22.23 -0.81
N LYS C 42 -41.80 22.61 0.47
CA LYS C 42 -40.84 22.33 1.52
C LYS C 42 -41.45 21.45 2.59
N VAL C 43 -40.65 20.53 3.11
CA VAL C 43 -41.02 19.75 4.29
C VAL C 43 -39.87 19.88 5.28
N VAL C 44 -40.18 20.17 6.53
CA VAL C 44 -39.19 20.27 7.57
C VAL C 44 -39.40 19.14 8.56
N PHE C 45 -38.36 18.34 8.78
CA PHE C 45 -38.40 17.23 9.73
C PHE C 45 -37.71 17.68 10.99
N SER C 46 -38.41 17.57 12.11
CA SER C 46 -37.86 17.95 13.42
C SER C 46 -37.19 16.76 14.07
N CYS C 47 -35.95 16.94 14.49
CA CYS C 47 -35.15 15.86 15.03
C CYS C 47 -34.72 16.21 16.48
N ALA C 48 -33.60 15.67 16.95
CA ALA C 48 -33.21 15.81 18.36
C ALA C 48 -32.67 17.20 18.67
N ASN C 49 -32.97 17.71 19.86
CA ASN C 49 -32.34 18.95 20.39
C ASN C 49 -32.34 20.13 19.45
N ASN C 50 -33.54 20.48 18.99
CA ASN C 50 -33.77 21.61 18.10
C ASN C 50 -33.22 21.47 16.68
N SER C 51 -32.51 20.38 16.37
CA SER C 51 -32.03 20.13 15.01
C SER C 51 -33.19 19.80 14.08
N LYS C 52 -33.05 20.21 12.81
CA LYS C 52 -34.08 19.98 11.80
C LYS C 52 -33.42 19.78 10.45
N ILE C 53 -34.16 19.18 9.53
CA ILE C 53 -33.71 19.06 8.16
C ILE C 53 -34.87 19.34 7.23
N MET C 54 -34.59 20.16 6.22
CA MET C 54 -35.58 20.55 5.24
C MET C 54 -35.26 19.83 3.94
N LEU C 55 -36.30 19.30 3.31
CA LEU C 55 -36.27 18.88 1.90
C LEU C 55 -37.19 19.80 1.10
N GLN C 56 -36.68 20.33 -0.01
CA GLN C 56 -37.44 21.23 -0.87
C GLN C 56 -37.40 20.66 -2.27
N LEU C 57 -38.58 20.37 -2.83
CA LEU C 57 -38.69 19.84 -4.17
C LEU C 57 -38.65 20.98 -5.18
N CYS C 58 -37.48 21.19 -5.78
CA CYS C 58 -37.32 22.18 -6.82
C CYS C 58 -37.98 21.71 -8.10
N SER C 59 -37.86 20.42 -8.36
CA SER C 59 -38.59 19.68 -9.41
C SER C 59 -38.70 18.24 -8.94
N GLY C 60 -39.26 17.38 -9.79
CA GLY C 60 -39.24 15.94 -9.54
C GLY C 60 -37.88 15.30 -9.50
N GLU C 61 -36.88 15.99 -10.04
CA GLU C 61 -35.51 15.47 -10.08
C GLU C 61 -34.51 16.20 -9.18
N VAL C 62 -34.85 17.39 -8.70
CA VAL C 62 -33.89 18.19 -7.97
C VAL C 62 -34.45 18.51 -6.58
N VAL C 63 -33.73 18.06 -5.57
CA VAL C 63 -34.10 18.21 -4.19
C VAL C 63 -33.06 19.09 -3.48
N LYS C 64 -33.49 20.23 -2.93
CA LYS C 64 -32.65 21.05 -2.08
C LYS C 64 -32.77 20.51 -0.66
N ILE C 65 -31.63 20.25 -0.04
CA ILE C 65 -31.57 19.66 1.29
C ILE C 65 -30.81 20.64 2.17
N TRP C 66 -31.40 20.97 3.32
CA TRP C 66 -30.79 21.88 4.26
C TRP C 66 -30.87 21.24 5.66
N ALA C 67 -29.72 20.79 6.16
CA ALA C 67 -29.63 20.20 7.51
C ALA C 67 -29.14 21.29 8.47
N SER C 68 -29.82 21.43 9.61
CA SER C 68 -29.57 22.52 10.56
C SER C 68 -29.45 21.99 11.98
N ALA C 69 -28.30 22.26 12.61
CA ALA C 69 -28.01 21.85 13.98
C ALA C 69 -28.91 22.56 15.01
N ASP C 70 -29.33 23.80 14.71
CA ASP C 70 -30.14 24.63 15.63
C ASP C 70 -31.59 24.87 15.18
N GLY C 71 -31.96 24.36 14.00
CA GLY C 71 -33.31 24.55 13.45
C GLY C 71 -33.65 25.90 12.84
N ASN C 72 -32.67 26.78 12.65
CA ASN C 72 -32.97 28.16 12.21
C ASN C 72 -33.16 28.45 10.70
N PHE C 73 -32.37 27.79 9.87
CA PHE C 73 -32.40 28.01 8.40
C PHE C 73 -32.12 29.43 7.93
N VAL C 74 -31.01 29.99 8.40
CA VAL C 74 -30.52 31.27 7.92
C VAL C 74 -29.05 31.13 7.57
N ARG C 75 -28.63 31.94 6.60
CA ARG C 75 -27.25 31.91 6.16
C ARG C 75 -26.78 33.34 6.02
N ASN C 76 -25.50 33.57 6.29
CA ASN C 76 -24.93 34.93 6.26
C ASN C 76 -25.08 35.58 4.87
N ASN C 77 -24.83 34.79 3.83
CA ASN C 77 -25.10 35.24 2.47
C ASN C 77 -25.93 34.19 1.78
N GLU C 78 -26.91 34.64 0.99
CA GLU C 78 -27.67 33.76 0.11
C GLU C 78 -26.70 33.25 -0.96
N SER C 79 -27.10 32.23 -1.71
CA SER C 79 -26.21 31.60 -2.70
C SER C 79 -25.69 32.61 -3.69
N PHE C 80 -24.36 32.59 -3.91
CA PHE C 80 -23.74 33.29 -5.04
C PHE C 80 -23.90 32.54 -6.38
N ALA C 81 -24.12 31.23 -6.31
CA ALA C 81 -24.18 30.35 -7.47
C ALA C 81 -25.58 30.12 -7.98
N VAL C 82 -26.53 29.87 -7.07
CA VAL C 82 -27.90 29.52 -7.50
C VAL C 82 -28.63 30.77 -7.92
N ILE C 83 -29.15 30.76 -9.14
CA ILE C 83 -29.99 31.89 -9.62
C ILE C 83 -31.47 31.54 -9.76
N GLU C 84 -31.83 30.26 -9.65
CA GLU C 84 -33.24 29.85 -9.73
C GLU C 84 -33.45 28.55 -8.98
N GLU C 85 -34.35 28.57 -7.99
CA GLU C 85 -34.72 27.36 -7.23
C GLU C 85 -35.99 26.69 -7.76
N ASP C 86 -36.80 27.42 -8.53
CA ASP C 86 -38.02 26.87 -9.08
C ASP C 86 -37.73 26.18 -10.41
N LEU C 87 -37.61 24.86 -10.38
CA LEU C 87 -37.38 24.04 -11.56
C LEU C 87 -38.67 23.32 -12.02
N GLY C 88 -39.82 23.83 -11.60
CA GLY C 88 -41.11 23.41 -12.18
C GLY C 88 -41.91 22.45 -11.32
N TRP C 89 -41.48 22.18 -10.08
CA TRP C 89 -42.28 21.36 -9.17
C TRP C 89 -43.67 21.95 -9.04
N LYS C 90 -44.70 21.12 -9.19
CA LYS C 90 -46.09 21.58 -9.04
C LYS C 90 -46.69 21.09 -7.73
N GLY C 91 -47.32 22.02 -7.00
CA GLY C 91 -48.12 21.69 -5.84
C GLY C 91 -47.30 21.57 -4.57
N ASN C 92 -47.95 21.07 -3.52
CA ASN C 92 -47.26 20.84 -2.26
C ASN C 92 -46.43 19.56 -2.33
N VAL C 93 -45.44 19.46 -1.46
CA VAL C 93 -44.83 18.17 -1.19
C VAL C 93 -45.91 17.33 -0.52
N THR C 94 -46.07 16.09 -0.97
CA THR C 94 -46.98 15.16 -0.34
C THR C 94 -46.17 14.16 0.47
N VAL C 95 -46.42 14.11 1.77
CA VAL C 95 -45.71 13.22 2.71
C VAL C 95 -46.67 12.14 3.18
N LYS C 96 -46.29 10.86 2.98
CA LYS C 96 -47.06 9.75 3.52
C LYS C 96 -46.35 9.22 4.76
N GLU C 97 -47.05 9.21 5.90
CA GLU C 97 -46.42 8.70 7.13
C GLU C 97 -46.72 7.22 7.27
N GLU C 98 -45.68 6.44 7.56
CA GLU C 98 -45.80 5.02 7.84
C GLU C 98 -45.36 4.84 9.29
N PRO C 99 -45.49 3.63 9.85
CA PRO C 99 -45.07 3.48 11.26
C PRO C 99 -43.63 3.80 11.53
N SER C 100 -42.71 3.44 10.65
CA SER C 100 -41.29 3.64 10.92
C SER C 100 -40.56 4.58 9.94
N THR C 101 -41.29 5.10 8.95
CA THR C 101 -40.75 5.89 7.88
C THR C 101 -41.74 6.97 7.41
N TYR C 102 -41.22 7.95 6.68
CA TYR C 102 -42.02 8.81 5.83
C TYR C 102 -41.65 8.51 4.36
N GLU C 103 -42.61 8.69 3.46
CA GLU C 103 -42.39 8.51 2.01
C GLU C 103 -42.80 9.80 1.26
N ILE C 104 -41.99 10.17 0.25
CA ILE C 104 -42.31 11.26 -0.67
C ILE C 104 -41.99 10.70 -2.06
N PHE C 105 -42.91 10.87 -3.01
CA PHE C 105 -42.79 10.34 -4.37
C PHE C 105 -42.74 11.51 -5.34
N THR C 106 -41.94 11.37 -6.39
CA THR C 106 -42.03 12.25 -7.55
C THR C 106 -42.14 11.36 -8.75
N GLU C 107 -42.29 11.97 -9.93
CA GLU C 107 -42.26 11.26 -11.20
C GLU C 107 -40.99 10.40 -11.40
N GLN C 108 -39.85 10.81 -10.82
CA GLN C 108 -38.57 10.13 -10.98
C GLN C 108 -37.95 9.53 -9.71
N LEU C 109 -38.40 9.97 -8.54
CA LEU C 109 -37.76 9.55 -7.27
C LEU C 109 -38.76 8.94 -6.30
N ARG C 110 -38.23 8.09 -5.43
CA ARG C 110 -38.95 7.54 -4.31
C ARG C 110 -38.07 7.82 -3.12
N ILE C 111 -38.54 8.67 -2.22
CA ILE C 111 -37.75 9.10 -1.08
C ILE C 111 -38.31 8.41 0.14
N ARG C 112 -37.42 7.76 0.89
CA ARG C 112 -37.74 7.05 2.12
C ARG C 112 -36.97 7.73 3.22
N VAL C 113 -37.69 8.21 4.24
CA VAL C 113 -37.09 8.86 5.39
C VAL C 113 -37.28 7.94 6.61
N ASN C 114 -36.19 7.38 7.12
CA ASN C 114 -36.26 6.60 8.35
C ASN C 114 -36.49 7.56 9.50
N LYS C 115 -37.40 7.19 10.40
CA LYS C 115 -37.74 8.05 11.55
C LYS C 115 -36.68 8.00 12.64
N ALA C 116 -36.27 6.79 13.01
CA ALA C 116 -35.46 6.54 14.21
C ALA C 116 -34.25 5.66 13.90
N PRO C 117 -33.05 6.21 13.72
CA PRO C 117 -32.78 7.66 13.64
C PRO C 117 -33.11 8.20 12.25
N PHE C 118 -33.05 9.52 12.11
CA PHE C 118 -33.26 10.12 10.80
C PHE C 118 -32.25 9.59 9.79
N GLN C 119 -32.77 9.10 8.66
CA GLN C 119 -31.96 8.77 7.50
C GLN C 119 -32.73 9.13 6.24
N LEU C 120 -32.10 9.91 5.36
CA LEU C 120 -32.61 10.19 4.03
C LEU C 120 -32.12 9.15 3.01
N GLN C 121 -33.06 8.53 2.30
CA GLN C 121 -32.74 7.55 1.28
C GLN C 121 -33.51 7.91 0.02
N ILE C 122 -32.81 8.00 -1.12
CA ILE C 122 -33.45 8.32 -2.39
C ILE C 122 -33.23 7.15 -3.34
N PHE C 123 -34.36 6.67 -3.87
CA PHE C 123 -34.39 5.58 -4.80
C PHE C 123 -34.89 6.10 -6.14
N ASP C 124 -34.57 5.38 -7.21
CA ASP C 124 -35.22 5.61 -8.49
C ASP C 124 -36.56 4.87 -8.52
N LYS C 125 -37.32 5.06 -9.60
CA LYS C 125 -38.67 4.50 -9.67
C LYS C 125 -38.67 2.96 -9.83
N TYR C 126 -37.51 2.34 -10.05
CA TYR C 126 -37.35 0.86 -10.11
C TYR C 126 -36.97 0.29 -8.74
N GLN C 127 -36.89 1.19 -7.75
CA GLN C 127 -36.57 0.89 -6.37
C GLN C 127 -35.13 0.47 -6.17
N LYS C 128 -34.24 0.99 -7.02
CA LYS C 128 -32.79 0.90 -6.83
C LYS C 128 -32.37 2.10 -5.95
N LEU C 129 -31.60 1.82 -4.89
CA LEU C 129 -31.14 2.87 -3.99
C LEU C 129 -30.03 3.67 -4.65
N LEU C 130 -30.22 4.97 -4.75
CA LEU C 130 -29.23 5.88 -5.34
C LEU C 130 -28.31 6.54 -4.33
N PHE C 131 -28.84 6.89 -3.16
CA PHE C 131 -28.23 7.92 -2.32
C PHE C 131 -28.82 7.79 -0.92
N SER C 132 -27.97 7.49 0.07
CA SER C 132 -28.43 7.17 1.43
C SER C 132 -27.49 7.72 2.47
N ASP C 133 -28.07 8.28 3.54
CA ASP C 133 -27.32 8.64 4.72
C ASP C 133 -26.64 7.42 5.32
N TYR C 134 -25.42 7.61 5.78
CA TYR C 134 -24.68 6.54 6.44
C TYR C 134 -25.10 6.42 7.91
N ALA C 135 -25.66 5.26 8.25
CA ALA C 135 -26.06 4.93 9.61
C ALA C 135 -26.84 6.10 10.24
N GLU C 136 -26.45 6.55 11.43
CA GLU C 136 -27.12 7.67 12.10
C GLU C 136 -26.37 8.99 11.88
N LYS C 137 -25.39 8.98 10.97
CA LYS C 137 -24.44 10.08 10.83
C LYS C 137 -24.63 10.81 9.51
N GLY C 138 -25.85 10.85 9.00
CA GLY C 138 -26.14 11.58 7.78
C GLY C 138 -25.80 13.05 7.87
N PHE C 139 -26.01 13.65 9.04
CA PHE C 139 -25.57 15.01 9.32
C PHE C 139 -24.86 15.03 10.67
N VAL C 140 -23.68 15.63 10.70
CA VAL C 140 -22.89 15.77 11.90
C VAL C 140 -22.52 17.23 12.06
N ASN C 141 -22.79 17.81 13.24
CA ASN C 141 -22.35 19.14 13.61
C ASN C 141 -21.37 19.01 14.78
N ASP C 142 -20.25 19.71 14.70
CA ASP C 142 -19.27 19.77 15.79
C ASP C 142 -18.83 21.23 15.93
N ASN C 143 -19.57 21.97 16.74
CA ASN C 143 -19.24 23.36 17.06
C ASN C 143 -19.08 24.21 15.80
N GLY C 144 -19.99 24.06 14.86
CA GLY C 144 -19.94 24.81 13.60
C GLY C 144 -19.39 24.04 12.41
N LYS C 145 -18.51 23.06 12.65
CA LYS C 145 -18.03 22.17 11.57
C LYS C 145 -19.21 21.29 11.19
N ILE C 146 -19.49 21.18 9.90
CA ILE C 146 -20.69 20.47 9.41
C ILE C 146 -20.26 19.43 8.39
N ARG C 147 -20.84 18.25 8.47
CA ARG C 147 -20.43 17.15 7.61
C ARG C 147 -21.62 16.28 7.26
N THR C 148 -21.65 15.80 6.03
CA THR C 148 -22.64 14.84 5.58
C THR C 148 -21.92 13.55 5.23
N ASN C 149 -22.40 12.41 5.76
CA ASN C 149 -21.84 11.08 5.48
C ASN C 149 -22.88 10.26 4.74
N LYS C 150 -22.49 9.72 3.60
CA LYS C 150 -23.39 8.94 2.76
C LYS C 150 -22.85 7.52 2.57
N VAL C 151 -23.75 6.55 2.42
CA VAL C 151 -23.36 5.18 2.10
C VAL C 151 -22.56 5.19 0.78
N LEU C 152 -21.49 4.41 0.74
CA LEU C 152 -20.67 4.25 -0.45
C LEU C 152 -20.73 2.80 -0.90
N ARG C 153 -21.07 2.59 -2.16
CA ARG C 153 -21.13 1.24 -2.73
C ARG C 153 -19.83 0.93 -3.47
N ASN C 154 -19.48 -0.36 -3.52
CA ASN C 154 -18.24 -0.80 -4.14
C ASN C 154 -18.07 -0.36 -5.58
N ASP C 155 -19.18 -0.29 -6.32
CA ASP C 155 -19.14 0.08 -7.73
C ASP C 155 -19.40 1.58 -8.00
N GLU C 156 -19.49 2.41 -6.97
CA GLU C 156 -19.80 3.83 -7.16
C GLU C 156 -18.55 4.63 -7.49
N GLN C 157 -18.57 5.31 -8.64
CA GLN C 157 -17.49 6.17 -9.10
C GLN C 157 -17.95 7.63 -9.06
N PHE C 158 -17.01 8.56 -9.06
CA PHE C 158 -17.32 9.99 -8.97
C PHE C 158 -16.51 10.80 -9.96
N PHE C 159 -17.14 11.84 -10.52
CA PHE C 159 -16.48 12.78 -11.43
C PHE C 159 -16.79 14.22 -11.05
N GLY C 160 -15.89 15.13 -11.43
CA GLY C 160 -16.12 16.55 -11.33
C GLY C 160 -15.33 17.26 -10.26
N LEU C 161 -16.02 18.13 -9.52
CA LEU C 161 -15.42 19.12 -8.62
C LEU C 161 -14.59 20.14 -9.37
N GLY C 162 -14.93 20.36 -10.64
CA GLY C 162 -14.32 21.41 -11.43
C GLY C 162 -12.88 21.21 -11.88
N GLU C 163 -12.14 22.30 -11.88
CA GLU C 163 -10.81 22.32 -12.44
C GLU C 163 -9.84 21.82 -11.38
N LYS C 164 -9.68 20.51 -11.38
CA LYS C 164 -8.80 19.82 -10.45
C LYS C 164 -8.00 18.77 -11.19
N SER C 165 -6.84 18.47 -10.60
CA SER C 165 -5.86 17.57 -11.18
C SER C 165 -6.12 16.10 -10.90
N GLY C 166 -5.20 15.25 -11.36
CA GLY C 166 -5.28 13.80 -11.14
C GLY C 166 -6.19 13.14 -12.15
N ASN C 167 -6.54 11.88 -11.86
CA ASN C 167 -7.42 11.13 -12.74
C ASN C 167 -8.85 11.67 -12.71
N LEU C 168 -9.53 11.55 -13.85
CA LEU C 168 -10.95 11.89 -14.00
C LEU C 168 -11.80 11.33 -12.89
N ASN C 169 -11.62 10.03 -12.62
CA ASN C 169 -12.39 9.33 -11.60
C ASN C 169 -11.85 9.72 -10.24
N ARG C 170 -12.70 10.38 -9.47
CA ARG C 170 -12.35 10.89 -8.15
C ARG C 170 -12.45 9.84 -7.04
N ARG C 171 -13.04 8.68 -7.34
CA ARG C 171 -13.20 7.62 -6.34
C ARG C 171 -11.87 7.27 -5.68
N GLY C 172 -11.87 7.25 -4.34
CA GLY C 172 -10.72 6.86 -3.54
C GLY C 172 -9.88 8.02 -3.03
N SER C 173 -10.15 9.24 -3.51
CA SER C 173 -9.37 10.41 -3.18
C SER C 173 -10.20 11.48 -2.48
N ALA C 174 -9.47 12.42 -1.91
CA ALA C 174 -10.04 13.55 -1.22
C ALA C 174 -9.61 14.84 -1.92
N TYR C 175 -10.51 15.83 -1.86
CA TYR C 175 -10.31 17.11 -2.53
C TYR C 175 -10.85 18.24 -1.66
N LYS C 176 -10.24 19.41 -1.80
CA LYS C 176 -10.51 20.56 -0.96
C LYS C 176 -10.80 21.77 -1.84
N MET C 177 -11.70 22.63 -1.39
CA MET C 177 -12.01 23.89 -2.07
C MET C 177 -11.38 25.05 -1.30
N TRP C 178 -10.24 25.51 -1.79
CA TRP C 178 -9.64 26.76 -1.30
C TRP C 178 -8.85 27.29 -2.47
N ASN C 179 -9.33 28.35 -3.11
CA ASN C 179 -8.70 28.84 -4.33
C ASN C 179 -7.26 29.16 -4.01
N SER C 180 -6.35 28.51 -4.74
CA SER C 180 -4.94 28.51 -4.41
C SER C 180 -4.10 28.85 -5.62
N ASP C 181 -2.90 29.33 -5.32
CA ASP C 181 -1.95 29.86 -6.25
C ASP C 181 -0.72 28.94 -6.07
N GLN C 182 -0.66 27.94 -6.94
CA GLN C 182 0.35 26.88 -6.87
C GLN C 182 1.05 26.83 -8.23
N PRO C 183 2.08 27.68 -8.41
CA PRO C 183 2.73 27.74 -9.71
C PRO C 183 3.40 26.44 -10.10
N CYS C 184 3.39 26.13 -11.38
CA CYS C 184 4.04 24.93 -11.91
C CYS C 184 3.50 23.68 -11.22
N TYR C 185 2.17 23.62 -11.11
CA TYR C 185 1.56 22.62 -10.24
C TYR C 185 1.72 21.21 -10.79
N GLY C 186 1.81 20.25 -9.86
CA GLY C 186 2.01 18.85 -10.22
C GLY C 186 0.74 18.16 -10.67
N VAL C 187 0.94 16.91 -11.09
CA VAL C 187 -0.10 16.07 -11.67
C VAL C 187 -1.23 15.74 -10.69
N ASN C 188 -0.97 15.84 -9.38
CA ASN C 188 -1.99 15.60 -8.35
C ASN C 188 -2.21 16.75 -7.39
N GLU C 189 -1.69 17.93 -7.71
CA GLU C 189 -1.75 19.04 -6.78
C GLU C 189 -3.20 19.48 -6.59
N ASP C 190 -3.59 19.65 -5.34
CA ASP C 190 -4.92 20.13 -4.96
C ASP C 190 -4.78 20.83 -3.61
N PRO C 191 -5.52 21.94 -3.36
CA PRO C 191 -6.44 22.64 -4.27
C PRO C 191 -5.71 23.45 -5.32
N LEU C 192 -6.40 23.71 -6.43
CA LEU C 192 -5.91 24.65 -7.43
C LEU C 192 -6.74 25.95 -7.40
N TYR C 193 -6.89 26.63 -8.54
CA TYR C 193 -7.34 28.03 -8.59
C TYR C 193 -8.84 28.25 -8.44
N LYS C 194 -9.64 27.25 -8.81
CA LYS C 194 -11.10 27.37 -8.87
C LYS C 194 -11.77 26.36 -7.95
N SER C 195 -12.92 26.76 -7.43
CA SER C 195 -13.70 25.91 -6.52
C SER C 195 -15.13 25.75 -7.02
N ILE C 196 -15.41 24.63 -7.68
CA ILE C 196 -16.74 24.35 -8.20
C ILE C 196 -17.25 23.09 -7.51
N PRO C 197 -17.97 23.23 -6.39
CA PRO C 197 -18.35 22.02 -5.61
C PRO C 197 -19.57 21.29 -6.16
N PHE C 198 -19.40 20.79 -7.39
CA PHE C 198 -20.40 20.04 -8.10
C PHE C 198 -19.74 18.76 -8.58
N PHE C 199 -20.24 17.62 -8.10
CA PHE C 199 -19.75 16.30 -8.53
C PHE C 199 -20.91 15.45 -9.00
N MET C 200 -20.57 14.42 -9.77
CA MET C 200 -21.56 13.43 -10.25
C MET C 200 -21.08 12.05 -9.86
N SER C 201 -22.04 11.22 -9.49
CA SER C 201 -21.83 9.83 -9.15
C SER C 201 -22.26 8.96 -10.31
N SER C 202 -21.62 7.80 -10.46
CA SER C 202 -22.04 6.80 -11.45
C SER C 202 -23.39 6.13 -11.12
N TYR C 203 -23.94 6.41 -9.94
CA TYR C 203 -25.35 6.11 -9.65
C TYR C 203 -26.33 7.12 -10.28
N ARG C 204 -25.80 8.05 -11.06
CA ARG C 204 -26.55 8.99 -11.91
C ARG C 204 -27.33 10.00 -11.08
N TYR C 205 -26.60 10.64 -10.17
CA TYR C 205 -27.06 11.85 -9.54
C TYR C 205 -25.86 12.76 -9.42
N GLY C 206 -26.15 14.05 -9.35
CA GLY C 206 -25.16 15.03 -9.00
C GLY C 206 -25.47 15.65 -7.67
N ILE C 207 -24.42 16.22 -7.08
CA ILE C 207 -24.52 16.98 -5.84
C ILE C 207 -23.86 18.32 -6.05
N PHE C 208 -24.59 19.39 -5.71
CA PHE C 208 -23.99 20.73 -5.61
C PHE C 208 -24.03 21.16 -4.15
N PHE C 209 -22.85 21.35 -3.56
CA PHE C 209 -22.76 21.72 -2.16
C PHE C 209 -22.64 23.23 -2.12
N ASP C 210 -23.71 23.87 -1.69
CA ASP C 210 -23.94 25.29 -1.86
C ASP C 210 -23.34 26.05 -0.69
N ASN C 211 -22.04 25.87 -0.51
CA ASN C 211 -21.31 26.42 0.63
C ASN C 211 -19.97 26.95 0.08
N THR C 212 -19.58 28.14 0.53
CA THR C 212 -18.40 28.84 -0.04
C THR C 212 -17.16 28.72 0.83
N TYR C 213 -17.25 28.03 1.96
CA TYR C 213 -16.12 27.88 2.87
C TYR C 213 -15.12 26.85 2.32
N LYS C 214 -14.08 26.54 3.10
CA LYS C 214 -13.10 25.53 2.74
C LYS C 214 -13.68 24.12 2.86
N THR C 215 -14.47 23.75 1.86
CA THR C 215 -15.15 22.46 1.86
C THR C 215 -14.20 21.33 1.47
N GLU C 216 -14.48 20.14 1.95
CA GLU C 216 -13.68 18.95 1.63
C GLU C 216 -14.58 17.82 1.24
N PHE C 217 -14.17 17.09 0.20
CA PHE C 217 -14.91 15.96 -0.34
C PHE C 217 -14.01 14.75 -0.25
N LYS C 218 -14.53 13.67 0.30
CA LYS C 218 -13.77 12.46 0.60
C LYS C 218 -14.53 11.28 0.03
N PHE C 219 -14.10 10.84 -1.15
CA PHE C 219 -14.87 9.88 -1.95
C PHE C 219 -14.40 8.45 -1.62
N GLY C 220 -14.63 8.01 -0.39
CA GLY C 220 -14.11 6.73 0.05
C GLY C 220 -12.62 6.74 0.36
N SER C 221 -12.07 7.91 0.64
CA SER C 221 -10.66 8.03 0.99
C SER C 221 -10.40 7.71 2.48
N GLU C 222 -11.45 7.75 3.32
CA GLU C 222 -11.35 7.38 4.74
C GLU C 222 -11.82 5.95 4.99
N SER C 223 -12.78 5.49 4.23
CA SER C 223 -13.38 4.16 4.39
C SER C 223 -14.08 3.76 3.12
N ASN C 224 -14.18 2.46 2.90
CA ASN C 224 -14.99 1.95 1.81
C ASN C 224 -16.49 1.94 2.08
N ASP C 225 -16.89 2.24 3.32
CA ASP C 225 -18.29 2.13 3.69
C ASP C 225 -19.04 3.43 3.51
N TYR C 226 -18.32 4.56 3.46
CA TYR C 226 -18.99 5.86 3.33
C TYR C 226 -18.15 6.85 2.56
N TYR C 227 -18.84 7.84 1.99
CA TYR C 227 -18.18 9.04 1.49
C TYR C 227 -18.75 10.25 2.20
N SER C 228 -18.01 11.36 2.13
CA SER C 228 -18.44 12.56 2.85
C SER C 228 -18.16 13.86 2.15
N PHE C 229 -18.97 14.88 2.47
CA PHE C 229 -18.60 16.26 2.20
C PHE C 229 -18.89 17.13 3.43
N GLU C 230 -18.06 18.15 3.63
CA GLU C 230 -18.03 18.87 4.88
C GLU C 230 -17.52 20.29 4.68
N ALA C 231 -17.82 21.15 5.65
CA ALA C 231 -17.33 22.52 5.70
C ALA C 231 -16.96 22.89 7.16
N PRO C 232 -16.02 23.82 7.35
CA PRO C 232 -15.65 24.19 8.71
C PRO C 232 -16.64 25.18 9.35
N ALA C 233 -17.58 25.73 8.56
CA ALA C 233 -18.56 26.70 9.01
C ALA C 233 -19.64 26.86 7.93
N GLY C 234 -20.58 27.76 8.18
CA GLY C 234 -21.69 27.99 7.27
C GLY C 234 -22.74 26.90 7.39
N GLN C 235 -23.55 26.78 6.35
CA GLN C 235 -24.74 25.96 6.41
C GLN C 235 -24.61 24.73 5.49
N MET C 236 -25.19 23.64 5.94
CA MET C 236 -25.21 22.38 5.19
C MET C 236 -26.39 22.40 4.23
N VAL C 237 -26.18 23.12 3.12
CA VAL C 237 -27.16 23.24 2.03
C VAL C 237 -26.58 22.57 0.79
N TYR C 238 -27.28 21.58 0.26
CA TYR C 238 -26.84 20.91 -0.97
C TYR C 238 -28.02 20.51 -1.84
N TYR C 239 -27.77 20.41 -3.14
CA TYR C 239 -28.78 20.03 -4.11
C TYR C 239 -28.45 18.65 -4.61
N PHE C 240 -29.42 17.74 -4.47
CA PHE C 240 -29.40 16.44 -5.11
C PHE C 240 -30.06 16.61 -6.48
N MET C 241 -29.35 16.25 -7.55
CA MET C 241 -29.83 16.41 -8.93
C MET C 241 -29.84 15.04 -9.61
N PHE C 242 -31.01 14.44 -9.68
CA PHE C 242 -31.13 13.18 -10.38
C PHE C 242 -31.00 13.37 -11.87
N GLY C 243 -30.54 12.34 -12.55
CA GLY C 243 -30.71 12.25 -14.01
C GLY C 243 -30.69 10.82 -14.44
N ASN C 244 -31.35 10.53 -15.56
CA ASN C 244 -31.19 9.21 -16.17
C ASN C 244 -29.85 9.03 -16.87
N ASP C 245 -29.10 10.12 -17.04
CA ASP C 245 -27.73 10.08 -17.54
C ASP C 245 -27.02 11.37 -17.10
N TYR C 246 -25.76 11.54 -17.47
CA TYR C 246 -25.02 12.75 -17.01
C TYR C 246 -25.50 14.04 -17.66
N LYS C 247 -25.98 13.93 -18.90
CA LYS C 247 -26.54 15.07 -19.61
C LYS C 247 -27.70 15.69 -18.83
N GLU C 248 -28.61 14.84 -18.36
CA GLU C 248 -29.75 15.31 -17.60
C GLU C 248 -29.32 15.95 -16.29
N ILE C 249 -28.30 15.41 -15.64
CA ILE C 249 -27.79 16.01 -14.41
C ILE C 249 -27.26 17.43 -14.68
N ILE C 250 -26.47 17.56 -15.72
CA ILE C 250 -25.89 18.87 -16.12
C ILE C 250 -26.98 19.87 -16.54
N GLN C 251 -28.01 19.40 -17.25
CA GLN C 251 -29.17 20.24 -17.57
C GLN C 251 -29.84 20.79 -16.28
N ASN C 252 -29.98 19.94 -15.26
CA ASN C 252 -30.48 20.35 -13.97
C ASN C 252 -29.55 21.35 -13.29
N TYR C 253 -28.25 21.09 -13.35
CA TYR C 253 -27.27 22.01 -12.77
C TYR C 253 -27.31 23.42 -13.38
N ILE C 254 -27.42 23.52 -14.69
CA ILE C 254 -27.55 24.87 -15.32
C ILE C 254 -28.92 25.52 -15.11
N ALA C 255 -29.99 24.74 -14.87
CA ALA C 255 -31.25 25.35 -14.45
C ALA C 255 -31.06 26.06 -13.12
N LEU C 256 -30.28 25.48 -12.21
CA LEU C 256 -30.01 26.07 -10.92
C LEU C 256 -29.00 27.22 -10.99
N THR C 257 -27.90 27.03 -11.72
CA THR C 257 -26.76 27.96 -11.68
C THR C 257 -26.51 28.80 -12.94
N GLY C 258 -27.34 28.63 -13.96
CA GLY C 258 -27.33 29.50 -15.12
C GLY C 258 -26.72 28.89 -16.37
N LYS C 259 -27.22 29.36 -17.51
CA LYS C 259 -26.69 28.94 -18.80
C LYS C 259 -25.33 29.58 -19.07
N PRO C 260 -24.40 28.82 -19.65
CA PRO C 260 -23.14 29.47 -20.04
C PRO C 260 -23.35 30.55 -21.12
N ILE C 261 -22.75 31.71 -20.91
CA ILE C 261 -22.63 32.69 -21.98
C ILE C 261 -21.67 32.18 -23.04
N MET C 262 -21.93 32.55 -24.29
CA MET C 262 -21.09 32.20 -25.43
C MET C 262 -20.05 33.30 -25.65
N PRO C 263 -18.82 32.91 -26.04
CA PRO C 263 -17.89 33.95 -26.42
C PRO C 263 -18.26 34.58 -27.77
N PRO C 264 -17.64 35.70 -28.08
CA PRO C 264 -17.66 36.14 -29.48
C PRO C 264 -17.09 35.02 -30.35
N LYS C 265 -17.62 34.87 -31.56
CA LYS C 265 -17.27 33.75 -32.41
C LYS C 265 -15.76 33.60 -32.69
N TRP C 266 -15.08 34.73 -32.81
CA TRP C 266 -13.64 34.76 -33.08
C TRP C 266 -12.77 34.20 -31.95
N ALA C 267 -13.33 34.03 -30.75
CA ALA C 267 -12.63 33.39 -29.64
C ALA C 267 -12.27 31.93 -29.89
N LEU C 268 -12.99 31.27 -30.79
CA LEU C 268 -12.74 29.89 -31.17
C LEU C 268 -11.61 29.67 -32.20
N GLY C 269 -10.94 30.75 -32.59
CA GLY C 269 -9.70 30.63 -33.36
C GLY C 269 -8.52 30.34 -32.44
N PHE C 270 -7.34 30.79 -32.87
CA PHE C 270 -6.12 30.60 -32.10
C PHE C 270 -5.73 31.91 -31.43
N SER C 271 -5.16 31.80 -30.25
CA SER C 271 -4.77 32.93 -29.45
C SER C 271 -3.29 32.85 -29.01
N GLN C 272 -2.68 34.01 -28.88
CA GLN C 272 -1.26 34.09 -28.51
C GLN C 272 -1.02 35.09 -27.42
N CYS C 273 -0.19 34.66 -26.47
CA CYS C 273 0.22 35.50 -25.37
C CYS C 273 1.69 35.25 -25.03
N ARG C 274 2.22 36.10 -24.16
CA ARG C 274 3.50 35.85 -23.49
C ARG C 274 3.55 36.78 -22.30
N GLY C 275 4.35 36.41 -21.30
CA GLY C 275 4.55 37.25 -20.13
C GLY C 275 5.01 38.67 -20.40
N ASP C 276 5.73 38.86 -21.50
CA ASP C 276 6.21 40.20 -21.89
C ASP C 276 5.40 40.83 -23.02
N TYR C 277 4.20 40.34 -23.30
CA TYR C 277 3.32 40.96 -24.31
C TYR C 277 2.69 42.20 -23.66
N THR C 278 3.49 43.27 -23.61
CA THR C 278 3.14 44.50 -22.88
C THR C 278 3.59 45.75 -23.67
N ARG C 279 3.80 45.61 -24.98
CA ARG C 279 4.32 46.70 -25.80
C ARG C 279 3.70 46.73 -27.17
N GLU C 280 3.55 47.94 -27.71
CA GLU C 280 3.03 48.16 -29.06
C GLU C 280 3.95 47.60 -30.13
N ASP C 281 5.25 47.87 -30.01
CA ASP C 281 6.17 47.42 -31.05
C ASP C 281 6.11 45.91 -31.23
N GLN C 282 6.16 45.21 -30.11
CA GLN C 282 6.11 43.76 -30.11
C GLN C 282 4.77 43.24 -30.64
N ALA C 283 3.67 43.91 -30.28
CA ALA C 283 2.35 43.54 -30.82
C ALA C 283 2.32 43.65 -32.35
N ARG C 284 2.85 44.76 -32.86
CA ARG C 284 2.92 44.95 -34.32
C ARG C 284 3.80 43.91 -34.98
N GLU C 285 4.94 43.60 -34.35
CA GLU C 285 5.87 42.61 -34.90
C GLU C 285 5.20 41.23 -35.00
N ILE C 286 4.64 40.79 -33.89
CA ILE C 286 4.00 39.46 -33.80
C ILE C 286 2.82 39.35 -34.77
N ALA C 287 1.97 40.35 -34.81
CA ALA C 287 0.80 40.34 -35.72
C ALA C 287 1.25 40.15 -37.15
N ALA C 288 2.26 40.92 -37.57
CA ALA C 288 2.80 40.79 -38.93
C ALA C 288 3.36 39.42 -39.21
N GLU C 289 4.08 38.84 -38.24
CA GLU C 289 4.69 37.52 -38.41
C GLU C 289 3.65 36.42 -38.65
N PHE C 290 2.59 36.41 -37.84
CA PHE C 290 1.53 35.41 -37.99
C PHE C 290 1.01 35.45 -39.40
N ARG C 291 0.71 36.64 -39.89
CA ARG C 291 0.10 36.78 -41.22
C ARG C 291 1.09 36.44 -42.34
N LYS C 292 2.35 36.82 -42.17
CA LYS C 292 3.39 36.50 -43.17
C LYS C 292 3.58 34.99 -43.31
N ARG C 293 3.57 34.29 -42.17
CA ARG C 293 3.75 32.85 -42.14
C ARG C 293 2.47 32.07 -42.38
N LYS C 294 1.35 32.77 -42.56
CA LYS C 294 0.05 32.14 -42.78
C LYS C 294 -0.25 31.09 -41.69
N ILE C 295 -0.05 31.50 -40.45
CA ILE C 295 -0.41 30.68 -39.29
C ILE C 295 -1.65 31.39 -38.74
N PRO C 296 -2.84 30.76 -38.83
CA PRO C 296 -4.04 31.50 -38.40
C PRO C 296 -4.00 31.88 -36.93
N CYS C 297 -4.59 33.03 -36.63
CA CYS C 297 -4.57 33.59 -35.29
C CYS C 297 -5.57 34.73 -35.19
N ASP C 298 -6.44 34.67 -34.19
CA ASP C 298 -7.44 35.69 -33.97
C ASP C 298 -7.13 36.67 -32.88
N ILE C 299 -6.45 36.23 -31.80
CA ILE C 299 -6.32 37.05 -30.61
C ILE C 299 -4.86 37.21 -30.19
N ILE C 300 -4.49 38.47 -30.00
CA ILE C 300 -3.24 38.84 -29.35
C ILE C 300 -3.59 39.38 -27.98
N TYR C 301 -3.17 38.63 -26.96
CA TYR C 301 -3.33 39.03 -25.58
C TYR C 301 -2.26 40.04 -25.21
N GLN C 302 -2.53 40.84 -24.18
CA GLN C 302 -1.52 41.64 -23.50
C GLN C 302 -1.52 41.29 -22.02
N ASP C 303 -0.32 41.04 -21.48
CA ASP C 303 -0.18 40.65 -20.09
C ASP C 303 -0.18 41.89 -19.18
N ILE C 304 -0.08 41.66 -17.88
CA ILE C 304 -0.37 42.63 -16.83
C ILE C 304 0.53 43.88 -16.88
N GLY C 305 1.72 43.75 -17.47
CA GLY C 305 2.59 44.90 -17.66
C GLY C 305 2.10 45.94 -18.65
N TRP C 306 0.96 45.69 -19.31
CA TRP C 306 0.39 46.66 -20.26
C TRP C 306 -0.04 47.95 -19.59
N THR C 307 -0.45 47.87 -18.32
CA THR C 307 -1.05 48.98 -17.60
C THR C 307 0.03 49.74 -16.83
N GLU C 308 -0.14 51.07 -16.71
CA GLU C 308 0.84 51.95 -16.05
C GLU C 308 1.12 51.48 -14.65
N GLY C 309 0.05 51.13 -13.93
CA GLY C 309 0.14 50.55 -12.60
C GLY C 309 -1.07 49.68 -12.30
N LEU C 310 -0.95 48.84 -11.27
CA LEU C 310 -2.09 48.08 -10.76
C LEU C 310 -3.01 49.04 -10.00
N GLN C 311 -4.24 49.28 -10.47
CA GLN C 311 -4.82 48.70 -11.67
C GLN C 311 -5.65 49.82 -12.29
N ASP C 312 -4.95 50.71 -13.00
CA ASP C 312 -5.53 51.97 -13.50
C ASP C 312 -6.02 51.89 -14.94
N PHE C 313 -5.67 50.80 -15.64
CA PHE C 313 -6.07 50.57 -17.01
C PHE C 313 -5.63 51.67 -18.00
N ASP C 314 -4.49 52.29 -17.70
CA ASP C 314 -3.88 53.27 -18.61
C ASP C 314 -2.75 52.57 -19.35
N TRP C 315 -2.72 52.71 -20.67
CA TRP C 315 -1.67 52.10 -21.46
C TRP C 315 -0.31 52.65 -20.98
N ARG C 316 0.60 51.76 -20.61
CA ARG C 316 1.88 52.16 -20.03
C ARG C 316 2.60 53.06 -21.04
N LYS C 317 2.98 54.27 -20.63
CA LYS C 317 3.41 55.33 -21.59
C LYS C 317 4.60 54.99 -22.46
N ASN C 318 5.63 54.41 -21.87
CA ASN C 318 6.85 54.05 -22.64
C ASN C 318 6.64 52.86 -23.58
N ASN C 319 5.64 52.03 -23.26
CA ASN C 319 5.40 50.77 -23.94
C ASN C 319 4.49 50.93 -25.14
N TYR C 320 3.67 51.99 -25.16
CA TYR C 320 2.74 52.21 -26.25
C TYR C 320 2.80 53.67 -26.76
N ASN C 321 3.19 53.86 -28.03
CA ASN C 321 3.24 55.20 -28.66
C ASN C 321 1.83 55.66 -29.10
N ASN C 322 1.09 54.76 -29.73
CA ASN C 322 -0.18 55.08 -30.35
C ASN C 322 -1.14 53.89 -30.12
N PRO C 323 -1.62 53.74 -28.86
CA PRO C 323 -2.44 52.56 -28.53
C PRO C 323 -3.72 52.45 -29.35
N LYS C 324 -4.40 53.57 -29.61
CA LYS C 324 -5.58 53.52 -30.49
C LYS C 324 -5.23 53.04 -31.87
N GLY C 325 -4.13 53.57 -32.42
CA GLY C 325 -3.66 53.16 -33.73
C GLY C 325 -3.26 51.69 -33.78
N MET C 326 -2.56 51.23 -32.73
CA MET C 326 -2.21 49.81 -32.60
C MET C 326 -3.43 48.89 -32.71
N VAL C 327 -4.44 49.19 -31.91
CA VAL C 327 -5.64 48.35 -31.86
C VAL C 327 -6.33 48.35 -33.23
N LYS C 328 -6.43 49.52 -33.84
CA LYS C 328 -7.04 49.66 -35.15
C LYS C 328 -6.24 48.95 -36.24
N ASP C 329 -4.92 49.12 -36.23
CA ASP C 329 -4.06 48.46 -37.20
C ASP C 329 -4.13 46.94 -37.06
N LEU C 330 -4.10 46.45 -35.82
CA LEU C 330 -4.27 45.01 -35.57
C LEU C 330 -5.66 44.53 -36.02
N SER C 331 -6.68 45.32 -35.69
CA SER C 331 -8.05 45.02 -36.12
C SER C 331 -8.20 44.94 -37.64
N ASP C 332 -7.52 45.82 -38.37
CA ASP C 332 -7.53 45.74 -39.83
C ASP C 332 -6.86 44.45 -40.35
N MET C 333 -5.94 43.90 -39.56
CA MET C 333 -5.32 42.61 -39.87
C MET C 333 -6.09 41.40 -39.30
N GLY C 334 -7.32 41.61 -38.80
CA GLY C 334 -8.14 40.54 -38.24
C GLY C 334 -7.81 40.13 -36.80
N PHE C 335 -6.93 40.86 -36.13
CA PHE C 335 -6.62 40.56 -34.72
C PHE C 335 -7.51 41.35 -33.75
N LYS C 336 -7.95 40.66 -32.69
CA LYS C 336 -8.62 41.24 -31.53
C LYS C 336 -7.65 41.20 -30.35
N MET C 337 -7.72 42.20 -29.49
CA MET C 337 -6.84 42.28 -28.35
C MET C 337 -7.62 42.11 -27.04
N ILE C 338 -7.02 41.35 -26.13
CA ILE C 338 -7.57 41.07 -24.80
C ILE C 338 -6.48 41.42 -23.79
N VAL C 339 -6.80 42.21 -22.76
CA VAL C 339 -5.80 42.70 -21.83
C VAL C 339 -6.04 42.14 -20.45
N SER C 340 -4.97 42.06 -19.67
CA SER C 340 -5.03 41.54 -18.33
C SER C 340 -5.51 42.57 -17.31
N GLN C 341 -6.16 42.08 -16.27
CA GLN C 341 -6.32 42.87 -15.05
C GLN C 341 -6.09 41.99 -13.84
N ASP C 342 -5.46 42.57 -12.82
CA ASP C 342 -5.34 42.02 -11.50
C ASP C 342 -6.36 42.75 -10.61
N PRO C 343 -6.71 42.17 -9.45
CA PRO C 343 -7.79 42.74 -8.61
C PRO C 343 -7.30 43.62 -7.45
N VAL C 344 -6.11 44.23 -7.60
CA VAL C 344 -5.45 44.96 -6.53
C VAL C 344 -4.97 46.31 -7.02
N ILE C 345 -4.80 47.23 -6.08
CA ILE C 345 -4.20 48.54 -6.33
C ILE C 345 -2.88 48.62 -5.56
N SER C 346 -1.76 48.75 -6.27
CA SER C 346 -0.47 48.93 -5.60
C SER C 346 -0.50 50.20 -4.75
N GLN C 347 0.01 50.08 -3.53
CA GLN C 347 0.24 51.23 -2.65
C GLN C 347 1.12 52.31 -3.34
N ALA C 348 2.05 51.86 -4.17
CA ALA C 348 2.94 52.73 -4.93
C ALA C 348 2.22 53.50 -6.02
N ASN C 349 1.09 52.97 -6.48
CA ASN C 349 0.16 53.68 -7.36
C ASN C 349 -0.68 54.59 -6.46
N GLN C 350 -0.06 55.69 -6.03
CA GLN C 350 -0.59 56.46 -4.92
C GLN C 350 -1.93 57.12 -5.19
N GLN C 351 -2.10 57.66 -6.38
CA GLN C 351 -3.34 58.34 -6.76
C GLN C 351 -4.54 57.37 -6.66
N GLN C 352 -4.42 56.20 -7.27
CA GLN C 352 -5.52 55.21 -7.23
C GLN C 352 -5.67 54.54 -5.87
N TRP C 353 -4.55 54.24 -5.19
CA TRP C 353 -4.65 53.63 -3.88
C TRP C 353 -5.35 54.56 -2.89
N LYS C 354 -4.92 55.81 -2.84
CA LYS C 354 -5.54 56.80 -1.96
C LYS C 354 -7.02 56.99 -2.30
N GLU C 355 -7.34 57.05 -3.58
CA GLU C 355 -8.73 57.15 -4.01
C GLU C 355 -9.60 55.98 -3.48
N ALA C 356 -9.11 54.74 -3.67
CA ALA C 356 -9.85 53.54 -3.27
C ALA C 356 -9.94 53.42 -1.75
N ASP C 357 -8.82 53.66 -1.08
CA ASP C 357 -8.77 53.64 0.38
C ASP C 357 -9.74 54.65 1.01
N ALA C 358 -9.72 55.88 0.50
CA ALA C 358 -10.59 56.95 1.03
C ALA C 358 -12.08 56.65 0.79
N LEU C 359 -12.41 56.03 -0.34
CA LEU C 359 -13.79 55.60 -0.63
C LEU C 359 -14.27 54.39 0.17
N GLY C 360 -13.37 53.72 0.89
CA GLY C 360 -13.68 52.47 1.56
C GLY C 360 -13.83 51.29 0.58
N HIS C 361 -13.13 51.36 -0.55
CA HIS C 361 -13.28 50.35 -1.63
C HIS C 361 -12.32 49.17 -1.51
N LEU C 362 -11.40 49.22 -0.54
CA LEU C 362 -10.50 48.11 -0.31
C LEU C 362 -10.98 47.20 0.80
N VAL C 363 -10.68 45.92 0.66
CA VAL C 363 -10.95 44.93 1.68
C VAL C 363 -10.20 45.37 2.93
N LYS C 364 -10.87 45.20 4.07
CA LYS C 364 -10.33 45.67 5.35
C LYS C 364 -9.63 44.57 6.13
N ASP C 365 -8.88 44.98 7.13
CA ASP C 365 -8.30 44.07 8.11
C ASP C 365 -9.11 44.20 9.39
N VAL C 366 -9.71 43.10 9.83
CA VAL C 366 -10.54 43.10 11.04
C VAL C 366 -9.80 43.58 12.31
N ARG C 367 -8.49 43.38 12.36
CA ARG C 367 -7.68 43.81 13.49
C ARG C 367 -7.54 45.33 13.62
N THR C 368 -7.58 46.05 12.49
CA THR C 368 -7.35 47.49 12.50
C THR C 368 -8.52 48.36 12.05
N GLY C 369 -9.52 47.79 11.36
CA GLY C 369 -10.55 48.59 10.71
C GLY C 369 -10.11 49.33 9.44
N LYS C 370 -8.87 49.18 9.03
CA LYS C 370 -8.31 49.92 7.89
C LYS C 370 -8.10 48.92 6.73
N SER C 371 -7.69 49.43 5.58
CA SER C 371 -7.45 48.58 4.40
C SER C 371 -6.40 47.52 4.69
N TYR C 372 -6.67 46.28 4.29
CA TYR C 372 -5.74 45.18 4.52
C TYR C 372 -4.48 45.39 3.71
N ASP C 373 -3.35 45.12 4.35
CA ASP C 373 -2.04 45.36 3.77
C ASP C 373 -1.50 44.05 3.14
N MET C 374 -1.61 43.95 1.83
CA MET C 374 -1.46 42.67 1.09
C MET C 374 -0.14 42.67 0.32
N PRO C 375 0.71 41.65 0.56
CA PRO C 375 1.87 41.51 -0.31
C PRO C 375 1.47 41.11 -1.73
N TRP C 376 2.27 41.49 -2.72
CA TRP C 376 2.02 41.13 -4.12
C TRP C 376 3.35 40.93 -4.84
N PRO C 377 3.38 40.02 -5.83
CA PRO C 377 4.66 39.73 -6.49
C PRO C 377 5.23 40.83 -7.38
N TRP C 378 4.38 41.78 -7.82
CA TRP C 378 4.86 42.94 -8.56
C TRP C 378 4.14 44.22 -8.13
N GLY C 379 4.88 45.33 -8.15
CA GLY C 379 4.33 46.64 -7.80
C GLY C 379 4.32 46.98 -6.32
N GLY C 380 4.78 46.07 -5.46
CA GLY C 380 4.85 46.27 -4.02
C GLY C 380 3.54 45.89 -3.32
N ASN C 381 3.48 46.15 -2.01
CA ASN C 381 2.26 45.88 -1.25
C ASN C 381 1.08 46.66 -1.84
N CYS C 382 -0.11 46.10 -1.64
CA CYS C 382 -1.28 46.54 -2.37
C CYS C 382 -2.52 46.50 -1.51
N GLY C 383 -3.57 47.14 -2.04
CA GLY C 383 -4.91 46.98 -1.50
C GLY C 383 -5.68 46.01 -2.37
N VAL C 384 -6.46 45.14 -1.74
CA VAL C 384 -7.31 44.18 -2.43
C VAL C 384 -8.67 44.85 -2.62
N VAL C 385 -9.12 44.98 -3.87
CA VAL C 385 -10.35 45.70 -4.17
C VAL C 385 -11.53 44.86 -3.72
N ASP C 386 -12.46 45.48 -2.99
CA ASP C 386 -13.57 44.73 -2.42
C ASP C 386 -14.73 44.69 -3.41
N PHE C 387 -14.71 43.70 -4.29
CA PHE C 387 -15.81 43.57 -5.25
C PHE C 387 -17.14 43.07 -4.65
N THR C 388 -17.18 42.75 -3.36
CA THR C 388 -18.45 42.44 -2.72
C THR C 388 -19.18 43.72 -2.25
N LYS C 389 -18.47 44.85 -2.23
CA LYS C 389 -19.08 46.14 -1.87
C LYS C 389 -19.78 46.74 -3.08
N PRO C 390 -21.12 46.99 -3.00
CA PRO C 390 -21.86 47.41 -4.19
C PRO C 390 -21.28 48.60 -4.95
N GLU C 391 -20.84 49.64 -4.24
CA GLU C 391 -20.36 50.86 -4.91
C GLU C 391 -19.06 50.64 -5.72
N VAL C 392 -18.31 49.60 -5.36
CA VAL C 392 -17.08 49.27 -6.12
C VAL C 392 -17.37 48.95 -7.58
N ALA C 393 -18.55 48.37 -7.87
CA ALA C 393 -18.86 47.92 -9.22
C ALA C 393 -18.79 49.04 -10.28
N ASP C 394 -19.51 50.14 -10.07
CA ASP C 394 -19.49 51.26 -11.02
C ASP C 394 -18.11 51.93 -11.09
N TRP C 395 -17.44 52.01 -9.95
CA TRP C 395 -16.08 52.57 -9.84
C TRP C 395 -15.09 51.76 -10.71
N TRP C 396 -15.10 50.44 -10.57
CA TRP C 396 -14.23 49.58 -11.38
C TRP C 396 -14.62 49.61 -12.84
N GLY C 397 -15.92 49.58 -13.11
CA GLY C 397 -16.46 49.60 -14.45
C GLY C 397 -15.98 50.78 -15.27
N SER C 398 -15.87 51.93 -14.64
CA SER C 398 -15.36 53.12 -15.30
C SER C 398 -13.85 53.04 -15.56
N TYR C 399 -13.08 52.51 -14.61
CA TYR C 399 -11.66 52.26 -14.83
C TYR C 399 -11.41 51.29 -15.98
N GLN C 400 -12.07 50.13 -15.95
CA GLN C 400 -11.78 49.08 -16.95
C GLN C 400 -12.25 49.45 -18.34
N GLN C 401 -13.21 50.37 -18.46
CA GLN C 401 -13.75 50.74 -19.77
C GLN C 401 -12.72 51.46 -20.66
N LYS C 402 -11.69 52.05 -20.06
CA LYS C 402 -10.69 52.80 -20.86
C LYS C 402 -10.11 52.04 -22.06
N PRO C 403 -9.52 50.84 -21.82
CA PRO C 403 -8.98 50.13 -23.00
C PRO C 403 -10.07 49.74 -23.98
N LEU C 404 -11.27 49.46 -23.47
CA LEU C 404 -12.38 49.08 -24.32
C LEU C 404 -12.80 50.22 -25.24
N ASN C 405 -12.71 51.45 -24.75
CA ASN C 405 -12.95 52.65 -25.56
C ASN C 405 -11.94 52.80 -26.69
N ASP C 406 -10.76 52.18 -26.57
CA ASP C 406 -9.79 52.10 -27.69
C ASP C 406 -9.93 50.90 -28.62
N GLY C 407 -10.93 50.04 -28.38
CA GLY C 407 -11.19 48.89 -29.23
C GLY C 407 -10.73 47.52 -28.73
N VAL C 408 -10.20 47.47 -27.51
CA VAL C 408 -9.89 46.20 -26.83
C VAL C 408 -11.25 45.47 -26.59
N ARG C 409 -11.25 44.14 -26.72
CA ARG C 409 -12.49 43.35 -26.76
C ARG C 409 -12.82 42.57 -25.49
N GLY C 410 -11.99 42.69 -24.47
CA GLY C 410 -12.21 41.98 -23.23
C GLY C 410 -10.96 41.79 -22.41
N PHE C 411 -11.06 40.90 -21.45
CA PHE C 411 -10.07 40.77 -20.43
C PHE C 411 -9.72 39.35 -20.10
N TRP C 412 -8.53 39.20 -19.50
CA TRP C 412 -8.26 38.03 -18.69
C TRP C 412 -8.04 38.49 -17.26
N THR C 413 -8.80 37.89 -16.35
CA THR C 413 -8.84 38.29 -14.94
C THR C 413 -7.97 37.30 -14.18
N ALA C 414 -6.79 37.78 -13.79
CA ALA C 414 -5.75 36.93 -13.18
C ALA C 414 -5.67 37.18 -11.71
N MET C 415 -5.18 36.19 -10.97
CA MET C 415 -4.79 36.33 -9.57
C MET C 415 -5.93 36.62 -8.59
N GLY C 416 -7.13 36.16 -8.96
CA GLY C 416 -8.31 36.40 -8.15
C GLY C 416 -8.54 35.40 -7.02
N GLU C 417 -7.51 34.67 -6.60
CA GLU C 417 -7.72 33.63 -5.60
C GLU C 417 -8.12 34.14 -4.19
N PRO C 418 -7.69 35.33 -3.74
CA PRO C 418 -6.59 36.13 -4.27
C PRO C 418 -5.28 35.35 -4.31
N ALA C 419 -4.41 35.72 -5.23
CA ALA C 419 -3.09 35.13 -5.32
C ALA C 419 -2.36 35.27 -3.97
N TRP C 420 -1.33 34.45 -3.80
CA TRP C 420 -0.48 34.53 -2.59
C TRP C 420 -1.32 34.39 -1.31
N SER C 421 -2.36 33.57 -1.37
CA SER C 421 -3.30 33.41 -0.26
C SER C 421 -3.73 31.96 -0.08
N ASN C 422 -2.74 31.06 -0.15
CA ASN C 422 -2.97 29.64 0.09
C ASN C 422 -3.34 29.38 1.54
N GLU C 423 -3.76 28.14 1.83
CA GLU C 423 -4.22 27.75 3.17
C GLU C 423 -3.29 28.16 4.29
N ASP C 424 -2.00 27.98 4.05
CA ASP C 424 -0.99 28.26 5.06
C ASP C 424 -0.75 29.74 5.31
N ALA C 425 -1.21 30.62 4.40
CA ALA C 425 -1.07 32.07 4.59
C ALA C 425 -2.25 32.54 5.45
N VAL C 426 -2.14 32.21 6.74
CA VAL C 426 -3.25 32.40 7.68
C VAL C 426 -3.56 33.86 7.98
N ASP C 427 -2.60 34.76 7.71
CA ASP C 427 -2.82 36.18 7.90
C ASP C 427 -4.00 36.68 7.08
N ARG C 428 -4.22 36.05 5.91
CA ARG C 428 -5.31 36.46 5.01
C ARG C 428 -6.70 36.31 5.64
N LEU C 429 -6.81 35.45 6.65
CA LEU C 429 -8.07 35.23 7.34
C LEU C 429 -8.56 36.46 8.12
N ASN C 430 -7.68 37.44 8.32
CA ASN C 430 -8.06 38.74 8.88
C ASN C 430 -8.77 39.67 7.91
N MET C 431 -8.83 39.31 6.62
CA MET C 431 -9.51 40.15 5.66
C MET C 431 -11.01 40.13 5.95
N LYS C 432 -11.57 41.33 6.02
CA LYS C 432 -12.98 41.55 6.25
C LYS C 432 -13.52 42.26 5.03
N HIS C 433 -14.37 41.55 4.29
CA HIS C 433 -14.98 42.04 3.07
C HIS C 433 -16.37 42.54 3.44
N HIS C 434 -16.97 43.32 2.54
CA HIS C 434 -18.30 43.88 2.78
C HIS C 434 -19.32 42.80 3.12
N LEU C 435 -19.27 41.66 2.41
CA LEU C 435 -20.23 40.56 2.61
C LEU C 435 -19.79 39.50 3.59
N GLY C 436 -18.57 39.58 4.10
CA GLY C 436 -18.15 38.66 5.16
C GLY C 436 -16.67 38.56 5.40
N MET C 437 -16.29 37.64 6.28
CA MET C 437 -14.89 37.38 6.58
C MET C 437 -14.26 36.49 5.51
N HIS C 438 -12.92 36.51 5.45
CA HIS C 438 -12.20 35.85 4.38
C HIS C 438 -12.45 34.35 4.33
N ASN C 439 -12.65 33.71 5.48
CA ASN C 439 -12.92 32.27 5.47
C ASN C 439 -14.17 31.89 4.63
N GLU C 440 -15.17 32.76 4.64
CA GLU C 440 -16.39 32.62 3.83
C GLU C 440 -16.22 33.13 2.39
N ILE C 441 -15.56 34.28 2.25
CA ILE C 441 -15.55 35.04 0.99
C ILE C 441 -14.41 34.66 0.04
N HIS C 442 -13.29 34.14 0.57
CA HIS C 442 -12.13 33.74 -0.24
C HIS C 442 -12.52 33.01 -1.54
N ASN C 443 -13.32 31.96 -1.42
CA ASN C 443 -13.67 31.18 -2.61
C ASN C 443 -14.62 31.87 -3.57
N VAL C 444 -15.26 32.96 -3.14
CA VAL C 444 -16.04 33.79 -4.06
C VAL C 444 -15.45 35.19 -4.29
N TYR C 445 -14.20 35.39 -3.87
CA TYR C 445 -13.52 36.68 -4.12
C TYR C 445 -13.40 36.95 -5.62
N GLY C 446 -12.78 36.01 -6.32
CA GLY C 446 -12.62 36.10 -7.77
C GLY C 446 -13.96 36.01 -8.51
N PHE C 447 -14.87 35.18 -8.01
CA PHE C 447 -16.21 35.06 -8.60
C PHE C 447 -16.94 36.42 -8.65
N THR C 448 -16.95 37.12 -7.53
CA THR C 448 -17.67 38.40 -7.43
C THR C 448 -16.95 39.50 -8.19
N TRP C 449 -15.62 39.44 -8.23
CA TRP C 449 -14.85 40.29 -9.12
C TRP C 449 -15.24 40.08 -10.59
N ASP C 450 -15.26 38.82 -11.01
CA ASP C 450 -15.53 38.48 -12.39
C ASP C 450 -16.94 38.89 -12.77
N LYS C 451 -17.86 38.73 -11.83
CA LYS C 451 -19.25 39.16 -12.00
C LYS C 451 -19.33 40.67 -12.29
N VAL C 452 -18.66 41.46 -11.46
CA VAL C 452 -18.56 42.92 -11.67
C VAL C 452 -17.99 43.25 -13.05
N VAL C 453 -16.90 42.58 -13.42
CA VAL C 453 -16.25 42.86 -14.71
C VAL C 453 -17.26 42.68 -15.84
N THR C 454 -18.02 41.58 -15.80
CA THR C 454 -18.98 41.31 -16.85
C THR C 454 -20.21 42.22 -16.77
N GLU C 455 -20.78 42.42 -15.59
CA GLU C 455 -21.91 43.36 -15.40
C GLU C 455 -21.59 44.78 -15.88
N GLN C 456 -20.38 45.24 -15.54
CA GLN C 456 -19.94 46.55 -15.94
C GLN C 456 -19.70 46.63 -17.43
N PHE C 457 -19.11 45.59 -18.01
CA PHE C 457 -18.96 45.52 -19.45
C PHE C 457 -20.34 45.67 -20.11
N TYR C 458 -21.33 44.94 -19.60
CA TYR C 458 -22.68 45.01 -20.18
C TYR C 458 -23.27 46.43 -20.11
N LYS C 459 -23.12 47.06 -18.94
CA LYS C 459 -23.65 48.42 -18.72
C LYS C 459 -23.02 49.43 -19.69
N HIS C 460 -21.70 49.34 -19.86
CA HIS C 460 -20.94 50.28 -20.69
C HIS C 460 -20.86 49.94 -22.18
N ASN C 461 -21.23 48.70 -22.57
CA ASN C 461 -21.10 48.25 -23.96
C ASN C 461 -22.32 47.43 -24.34
N PRO C 462 -23.49 48.10 -24.46
CA PRO C 462 -24.75 47.34 -24.55
C PRO C 462 -24.86 46.40 -25.74
N ASN C 463 -25.48 45.27 -25.49
CA ASN C 463 -25.77 44.21 -26.47
C ASN C 463 -24.53 43.61 -27.13
N LYS C 464 -23.44 43.49 -26.36
CA LYS C 464 -22.21 42.86 -26.84
C LYS C 464 -21.80 41.74 -25.89
N ARG C 465 -21.33 40.65 -26.48
CA ARG C 465 -20.78 39.56 -25.69
C ARG C 465 -19.46 40.00 -25.11
N ILE C 466 -19.27 39.74 -23.82
CA ILE C 466 -17.95 39.88 -23.25
C ILE C 466 -17.01 38.76 -23.68
N PHE C 467 -15.72 39.09 -23.78
CA PHE C 467 -14.68 38.07 -23.65
C PHE C 467 -14.03 38.27 -22.29
N GLN C 468 -14.20 37.29 -21.40
CA GLN C 468 -13.51 37.26 -20.12
C GLN C 468 -13.02 35.84 -19.89
N MET C 469 -11.72 35.70 -19.60
CA MET C 469 -11.14 34.39 -19.27
C MET C 469 -10.45 34.54 -17.93
N THR C 470 -10.82 33.68 -16.97
CA THR C 470 -10.40 33.84 -15.59
C THR C 470 -9.57 32.71 -15.01
N ARG C 471 -8.80 33.05 -13.97
CA ARG C 471 -8.00 32.06 -13.24
C ARG C 471 -8.75 31.54 -12.01
N ALA C 472 -9.24 32.44 -11.15
CA ALA C 472 -9.95 32.09 -9.91
C ALA C 472 -11.44 32.19 -10.12
N ALA C 473 -12.17 31.20 -9.61
CA ALA C 473 -13.63 31.21 -9.75
C ALA C 473 -14.32 30.34 -8.70
N TYR C 474 -15.65 30.44 -8.71
CA TYR C 474 -16.55 29.57 -7.94
C TYR C 474 -17.66 29.07 -8.84
N ALA C 475 -18.40 28.05 -8.39
CA ALA C 475 -19.60 27.56 -9.10
C ALA C 475 -20.53 28.70 -9.54
N GLY C 476 -21.04 28.58 -10.76
CA GLY C 476 -21.86 29.62 -11.38
C GLY C 476 -21.10 30.57 -12.30
N LEU C 477 -19.77 30.43 -12.32
CA LEU C 477 -18.93 31.30 -13.14
C LEU C 477 -19.31 31.36 -14.62
N GLN C 478 -19.96 30.32 -15.14
CA GLN C 478 -20.35 30.26 -16.55
C GLN C 478 -21.25 31.40 -17.00
N ARG C 479 -21.94 32.03 -16.06
CA ARG C 479 -22.75 33.21 -16.37
C ARG C 479 -21.91 34.42 -16.73
N TYR C 480 -20.66 34.48 -16.28
CA TYR C 480 -19.85 35.68 -16.41
C TYR C 480 -18.51 35.53 -17.13
N THR C 481 -17.96 34.32 -17.20
CA THR C 481 -16.57 34.17 -17.57
C THR C 481 -16.24 32.77 -18.06
N PHE C 482 -15.19 32.73 -18.88
CA PHE C 482 -14.58 31.53 -19.38
C PHE C 482 -13.38 31.29 -18.44
N GLY C 483 -12.58 30.25 -18.72
CA GLY C 483 -11.48 29.89 -17.82
C GLY C 483 -10.24 29.37 -18.49
N TRP C 484 -9.08 29.62 -17.87
CA TRP C 484 -7.86 28.89 -18.20
C TRP C 484 -7.23 28.34 -16.92
N SER C 485 -6.42 27.30 -17.07
CA SER C 485 -5.95 26.49 -15.94
C SER C 485 -4.67 27.03 -15.27
N GLY C 486 -4.34 28.28 -15.50
CA GLY C 486 -3.27 28.94 -14.76
C GLY C 486 -1.88 28.48 -15.11
N ASP C 487 -0.99 28.48 -14.11
CA ASP C 487 0.44 28.40 -14.34
C ASP C 487 0.91 26.96 -14.30
N SER C 488 0.70 26.26 -15.41
CA SER C 488 1.01 24.83 -15.55
C SER C 488 2.41 24.62 -16.09
N GLY C 489 2.87 23.38 -16.03
CA GLY C 489 4.14 23.01 -16.62
C GLY C 489 5.26 22.98 -15.58
N ASN C 490 6.45 22.57 -16.02
CA ASN C 490 7.56 22.33 -15.09
C ASN C 490 8.52 23.52 -15.06
N GLY C 491 8.69 24.11 -13.89
CA GLY C 491 9.54 25.29 -13.70
C GLY C 491 11.02 24.96 -13.58
N SER C 492 11.34 23.79 -13.05
CA SER C 492 12.77 23.39 -12.90
C SER C 492 13.42 23.02 -14.23
N ASN C 493 12.67 22.35 -15.08
CA ASN C 493 13.12 22.07 -16.42
C ASN C 493 11.89 21.92 -17.32
N VAL C 494 11.73 22.87 -18.24
CA VAL C 494 10.58 22.91 -19.14
C VAL C 494 10.40 21.58 -19.88
N LEU C 495 11.53 20.94 -20.21
CA LEU C 495 11.51 19.70 -20.98
C LEU C 495 10.90 18.50 -20.25
N ASP C 496 10.79 18.61 -18.93
CA ASP C 496 10.22 17.58 -18.05
C ASP C 496 8.71 17.72 -17.83
N GLY C 497 8.02 18.54 -18.63
CA GLY C 497 6.59 18.80 -18.43
C GLY C 497 5.61 17.82 -19.02
N TRP C 498 6.09 16.71 -19.59
CA TRP C 498 5.22 15.76 -20.29
C TRP C 498 3.99 15.30 -19.50
N LYS C 499 4.21 14.81 -18.29
CA LYS C 499 3.09 14.28 -17.49
C LYS C 499 2.16 15.40 -17.01
N GLN C 500 2.72 16.56 -16.71
CA GLN C 500 1.92 17.74 -16.40
C GLN C 500 1.06 18.18 -17.60
N MET C 501 1.63 18.20 -18.81
CA MET C 501 0.84 18.46 -20.03
C MET C 501 -0.27 17.42 -20.18
N ALA C 502 0.09 16.15 -20.06
CA ALA C 502 -0.89 15.06 -20.15
C ALA C 502 -2.05 15.24 -19.18
N ASN C 503 -1.77 15.70 -17.96
CA ASN C 503 -2.84 15.88 -16.98
C ASN C 503 -3.79 17.03 -17.29
N GLN C 504 -3.41 17.93 -18.21
CA GLN C 504 -4.32 18.99 -18.67
C GLN C 504 -5.53 18.43 -19.38
N ILE C 505 -5.45 17.21 -19.91
CA ILE C 505 -6.63 16.55 -20.47
C ILE C 505 -7.74 16.36 -19.43
N PRO C 506 -7.52 15.58 -18.36
CA PRO C 506 -8.60 15.47 -17.38
C PRO C 506 -8.89 16.77 -16.61
N VAL C 507 -7.90 17.64 -16.44
CA VAL C 507 -8.18 18.96 -15.87
C VAL C 507 -9.23 19.70 -16.71
N GLY C 508 -9.02 19.76 -18.02
CA GLY C 508 -9.94 20.42 -18.94
C GLY C 508 -11.31 19.75 -19.05
N LEU C 509 -11.32 18.42 -19.06
CA LEU C 509 -12.58 17.67 -19.09
C LEU C 509 -13.36 17.85 -17.80
N SER C 510 -12.67 17.87 -16.67
CA SER C 510 -13.29 18.09 -15.40
C SER C 510 -13.81 19.54 -15.31
N ALA C 511 -13.01 20.48 -15.81
CA ALA C 511 -13.47 21.88 -15.86
C ALA C 511 -14.75 21.97 -16.66
N GLY C 512 -14.81 21.25 -17.79
CA GLY C 512 -16.00 21.23 -18.64
C GLY C 512 -17.21 20.69 -17.90
N MET C 513 -17.00 19.61 -17.13
CA MET C 513 -18.07 19.04 -16.30
C MET C 513 -18.50 19.95 -15.16
N GLY C 514 -17.64 20.92 -14.80
CA GLY C 514 -17.92 21.95 -13.83
C GLY C 514 -18.41 23.26 -14.42
N LEU C 515 -18.82 23.21 -15.68
CA LEU C 515 -19.40 24.34 -16.42
C LEU C 515 -18.37 25.43 -16.75
N ILE C 516 -17.22 24.96 -17.22
CA ILE C 516 -16.27 25.79 -17.96
C ILE C 516 -16.18 25.21 -19.39
N PRO C 517 -17.24 25.42 -20.19
CA PRO C 517 -17.22 24.89 -21.55
C PRO C 517 -16.19 25.62 -22.43
N PHE C 518 -15.91 26.88 -22.10
CA PHE C 518 -14.97 27.70 -22.84
C PHE C 518 -13.72 27.77 -22.00
N TRP C 519 -12.81 26.86 -22.35
CA TRP C 519 -11.64 26.55 -21.53
C TRP C 519 -10.40 26.46 -22.40
N THR C 520 -9.24 26.72 -21.79
CA THR C 520 -7.97 26.36 -22.40
C THR C 520 -6.92 26.23 -21.33
N CYS C 521 -5.75 25.72 -21.72
CA CYS C 521 -4.56 25.76 -20.89
C CYS C 521 -3.50 26.57 -21.60
N ASP C 522 -2.41 26.88 -20.89
CA ASP C 522 -1.26 27.50 -21.54
C ASP C 522 -0.58 26.45 -22.41
N ILE C 523 -0.70 26.62 -23.72
CA ILE C 523 0.01 25.77 -24.67
C ILE C 523 1.49 26.10 -24.55
N SER C 524 2.30 25.05 -24.33
CA SER C 524 3.73 25.08 -23.90
C SER C 524 3.88 25.11 -22.39
N GLY C 525 2.76 25.20 -21.67
CA GLY C 525 2.78 25.47 -20.23
C GLY C 525 3.20 26.90 -19.93
N TYR C 526 2.98 27.33 -18.70
CA TYR C 526 3.47 28.63 -18.26
C TYR C 526 4.94 28.53 -17.87
N CYS C 527 5.27 27.51 -17.09
CA CYS C 527 6.58 27.44 -16.43
C CYS C 527 7.73 26.89 -17.29
N GLY C 528 8.94 27.26 -16.90
CA GLY C 528 10.19 26.68 -17.38
C GLY C 528 10.83 27.51 -18.46
N ASP C 529 12.07 27.94 -18.23
CA ASP C 529 12.81 28.67 -19.26
C ASP C 529 13.08 27.78 -20.45
N ILE C 530 12.90 28.33 -21.65
CA ILE C 530 13.17 27.58 -22.87
C ILE C 530 14.58 27.94 -23.34
N LYS C 531 15.53 27.19 -22.82
CA LYS C 531 16.96 27.36 -23.17
C LYS C 531 17.40 26.64 -24.45
N ASP C 532 16.60 25.70 -24.93
CA ASP C 532 16.93 24.93 -26.13
C ASP C 532 15.65 24.70 -26.90
N TYR C 533 15.42 25.51 -27.92
CA TYR C 533 14.21 25.44 -28.72
C TYR C 533 14.10 24.12 -29.52
N ASP C 534 15.23 23.62 -30.03
CA ASP C 534 15.21 22.31 -30.70
C ASP C 534 14.70 21.19 -29.78
N ALA C 535 15.21 21.17 -28.56
CA ALA C 535 14.88 20.13 -27.58
C ALA C 535 13.41 20.23 -27.13
N MET C 536 12.89 21.46 -27.07
CA MET C 536 11.50 21.72 -26.68
C MET C 536 10.50 21.47 -27.79
N ALA C 537 10.96 21.34 -29.03
CA ALA C 537 10.07 21.31 -30.18
C ALA C 537 9.03 20.19 -30.08
N GLU C 538 9.45 18.99 -29.67
CA GLU C 538 8.51 17.86 -29.61
C GLU C 538 7.38 18.14 -28.62
N LEU C 539 7.75 18.51 -27.40
CA LEU C 539 6.78 18.83 -26.36
C LEU C 539 5.85 19.97 -26.79
N TYR C 540 6.40 21.01 -27.40
CA TYR C 540 5.56 22.11 -27.92
C TYR C 540 4.53 21.63 -28.93
N VAL C 541 4.98 20.86 -29.92
CA VAL C 541 4.09 20.32 -30.94
C VAL C 541 2.96 19.51 -30.33
N ARG C 542 3.27 18.60 -29.42
CA ARG C 542 2.25 17.78 -28.80
C ARG C 542 1.30 18.61 -27.95
N TRP C 543 1.85 19.60 -27.25
CA TRP C 543 1.03 20.51 -26.42
C TRP C 543 0.03 21.30 -27.28
N LEU C 544 0.47 21.72 -28.47
CA LEU C 544 -0.37 22.47 -29.39
C LEU C 544 -1.38 21.55 -30.07
N GLN C 545 -0.97 20.33 -30.44
CA GLN C 545 -1.92 19.36 -31.03
C GLN C 545 -3.10 19.07 -30.10
N PHE C 546 -2.82 18.90 -28.81
CA PHE C 546 -3.88 18.87 -27.80
C PHE C 546 -4.60 20.22 -27.72
N GLY C 547 -3.82 21.29 -27.59
CA GLY C 547 -4.37 22.60 -27.31
C GLY C 547 -5.32 23.16 -28.36
N VAL C 548 -5.15 22.79 -29.62
CA VAL C 548 -6.06 23.26 -30.66
C VAL C 548 -7.44 22.65 -30.57
N PHE C 549 -7.59 21.59 -29.77
CA PHE C 549 -8.91 21.03 -29.46
C PHE C 549 -9.47 21.52 -28.13
N THR C 550 -8.86 22.55 -27.55
CA THR C 550 -9.47 23.29 -26.46
C THR C 550 -10.15 24.53 -27.07
N PRO C 551 -11.34 24.89 -26.56
CA PRO C 551 -12.07 25.96 -27.26
C PRO C 551 -11.34 27.31 -27.35
N LEU C 552 -10.58 27.69 -26.33
CA LEU C 552 -9.93 29.00 -26.28
C LEU C 552 -8.41 28.90 -26.47
N SER C 553 -7.98 27.82 -27.13
CA SER C 553 -6.59 27.54 -27.49
C SER C 553 -5.66 28.76 -27.47
N ARG C 554 -4.84 28.83 -26.42
CA ARG C 554 -3.93 29.94 -26.23
C ARG C 554 -2.53 29.47 -25.88
N ALA C 555 -1.54 29.84 -26.70
CA ALA C 555 -0.16 29.66 -26.33
C ALA C 555 0.28 30.82 -25.44
N HIS C 556 1.07 30.51 -24.41
CA HIS C 556 1.55 31.49 -23.43
C HIS C 556 2.78 30.91 -22.75
N HIS C 557 3.60 31.76 -22.15
CA HIS C 557 4.72 31.29 -21.35
C HIS C 557 5.19 32.44 -20.47
N GLU C 558 5.87 32.09 -19.39
CA GLU C 558 6.43 33.07 -18.48
C GLU C 558 7.42 33.98 -19.20
N GLY C 559 7.39 35.26 -18.80
CA GLY C 559 8.40 36.24 -19.14
C GLY C 559 8.69 36.41 -20.61
N GLY C 560 9.98 36.35 -20.95
CA GLY C 560 10.42 36.51 -22.32
C GLY C 560 10.56 35.21 -23.11
N ASN C 561 9.93 34.13 -22.64
CA ASN C 561 10.07 32.83 -23.28
C ASN C 561 9.12 32.73 -24.43
N ALA C 562 9.61 33.09 -25.61
CA ALA C 562 8.76 33.16 -26.80
C ALA C 562 8.25 31.78 -27.17
N VAL C 563 6.93 31.67 -27.39
CA VAL C 563 6.31 30.39 -27.74
C VAL C 563 5.31 30.49 -28.91
N GLU C 564 5.60 31.36 -29.87
CA GLU C 564 4.81 31.41 -31.07
C GLU C 564 5.11 30.13 -31.88
N PRO C 565 4.19 29.72 -32.76
CA PRO C 565 4.35 28.42 -33.39
C PRO C 565 5.48 28.26 -34.45
N TRP C 566 6.20 29.33 -34.75
CA TRP C 566 7.37 29.28 -35.64
C TRP C 566 8.72 29.25 -34.92
N LYS C 567 8.71 29.24 -33.58
CA LYS C 567 9.93 29.41 -32.79
C LYS C 567 10.74 28.13 -32.61
N PHE C 568 10.19 27.00 -33.05
CA PHE C 568 10.72 25.67 -32.73
C PHE C 568 11.24 24.97 -33.98
N GLY C 569 11.42 25.73 -35.06
CA GLY C 569 11.96 25.22 -36.32
C GLY C 569 10.88 24.92 -37.33
N THR C 570 11.32 24.72 -38.57
CA THR C 570 10.41 24.58 -39.70
C THR C 570 9.49 23.37 -39.61
N GLU C 571 10.01 22.22 -39.17
CA GLU C 571 9.17 21.02 -39.05
C GLU C 571 8.01 21.29 -38.07
N ALA C 572 8.33 21.80 -36.89
CA ALA C 572 7.32 22.08 -35.87
C ALA C 572 6.36 23.18 -36.33
N GLU C 573 6.88 24.13 -37.09
CA GLU C 573 6.05 25.20 -37.65
C GLU C 573 5.00 24.65 -38.62
N ASN C 574 5.43 23.78 -39.54
CA ASN C 574 4.50 23.22 -40.53
C ASN C 574 3.44 22.34 -39.89
N ILE C 575 3.84 21.55 -38.90
CA ILE C 575 2.89 20.74 -38.14
C ILE C 575 1.91 21.61 -37.37
N SER C 576 2.42 22.67 -36.73
CA SER C 576 1.60 23.54 -35.91
C SER C 576 0.60 24.31 -36.75
N ARG C 577 1.03 24.76 -37.94
CA ARG C 577 0.13 25.42 -38.88
C ARG C 577 -1.01 24.47 -39.21
N LYS C 578 -0.70 23.22 -39.54
CA LYS C 578 -1.74 22.23 -39.85
C LYS C 578 -2.68 21.96 -38.66
N SER C 579 -2.12 21.89 -37.45
CA SER C 579 -2.94 21.72 -36.24
C SER C 579 -3.96 22.88 -36.12
N ILE C 580 -3.46 24.11 -36.29
CA ILE C 580 -4.31 25.29 -36.15
C ILE C 580 -5.32 25.34 -37.30
N GLU C 581 -4.86 25.07 -38.52
CA GLU C 581 -5.74 25.02 -39.68
C GLU C 581 -6.92 24.06 -39.52
N LEU C 582 -6.67 22.94 -38.86
CA LEU C 582 -7.71 21.92 -38.60
C LEU C 582 -8.80 22.51 -37.71
N LYS C 583 -8.40 23.25 -36.67
CA LYS C 583 -9.38 23.91 -35.79
C LYS C 583 -10.21 24.92 -36.52
N TYR C 584 -9.57 25.72 -37.38
CA TYR C 584 -10.27 26.74 -38.15
C TYR C 584 -11.26 26.12 -39.13
N LYS C 585 -10.84 25.07 -39.82
CA LYS C 585 -11.72 24.34 -40.73
C LYS C 585 -12.97 23.83 -40.00
N LEU C 586 -12.79 23.37 -38.77
CA LEU C 586 -13.90 22.90 -37.95
C LEU C 586 -14.74 23.97 -37.25
N PHE C 587 -14.45 25.26 -37.49
CA PHE C 587 -15.17 26.32 -36.82
C PHE C 587 -16.70 26.14 -36.81
N PRO C 588 -17.33 25.89 -37.97
CA PRO C 588 -18.82 25.80 -37.92
C PRO C 588 -19.34 24.63 -37.07
N TYR C 589 -18.58 23.54 -37.00
CA TYR C 589 -18.82 22.42 -36.11
C TYR C 589 -18.63 22.82 -34.65
N LEU C 590 -17.49 23.42 -34.35
CA LEU C 590 -17.18 23.85 -32.99
C LEU C 590 -18.16 24.89 -32.46
N TYR C 591 -18.50 25.85 -33.31
CA TYR C 591 -19.44 26.90 -32.93
C TYR C 591 -20.86 26.38 -32.66
N THR C 592 -21.28 25.36 -33.40
CA THR C 592 -22.54 24.68 -33.12
C THR C 592 -22.50 24.06 -31.72
N TYR C 593 -21.37 23.45 -31.36
CA TYR C 593 -21.22 22.91 -29.98
C TYR C 593 -21.07 24.00 -28.91
N ALA C 594 -20.51 25.16 -29.28
CA ALA C 594 -20.52 26.32 -28.39
C ALA C 594 -21.94 26.73 -28.01
N ARG C 595 -22.84 26.74 -28.98
CA ARG C 595 -24.26 27.03 -28.71
C ARG C 595 -24.88 25.92 -27.84
N GLU C 596 -24.57 24.68 -28.14
CA GLU C 596 -25.08 23.59 -27.34
C GLU C 596 -24.65 23.73 -25.87
N ALA C 597 -23.43 24.23 -25.62
CA ALA C 597 -22.99 24.48 -24.26
C ALA C 597 -23.92 25.48 -23.56
N HIS C 598 -24.31 26.53 -24.28
CA HIS C 598 -25.27 27.49 -23.76
C HIS C 598 -26.65 26.84 -23.46
N ASP C 599 -27.14 25.99 -24.34
CA ASP C 599 -28.49 25.44 -24.19
C ASP C 599 -28.59 24.32 -23.17
N THR C 600 -27.57 23.48 -23.10
CA THR C 600 -27.59 22.23 -22.33
C THR C 600 -26.56 22.16 -21.19
N GLY C 601 -25.56 23.04 -21.22
CA GLY C 601 -24.47 23.01 -20.26
C GLY C 601 -23.33 22.05 -20.61
N LEU C 602 -23.50 21.24 -21.65
CA LEU C 602 -22.47 20.25 -22.02
C LEU C 602 -21.24 20.96 -22.56
N PRO C 603 -20.06 20.59 -22.07
CA PRO C 603 -18.86 21.19 -22.59
C PRO C 603 -18.58 20.74 -24.02
N ILE C 604 -17.76 21.49 -24.74
CA ILE C 604 -17.30 21.10 -26.04
C ILE C 604 -16.38 19.88 -25.93
N MET C 605 -15.44 19.96 -24.99
CA MET C 605 -14.54 18.87 -24.66
C MET C 605 -15.25 17.95 -23.70
N ARG C 606 -15.59 16.75 -24.18
CA ARG C 606 -16.42 15.80 -23.44
C ARG C 606 -15.68 14.54 -23.07
N ALA C 607 -15.56 14.28 -21.77
CA ALA C 607 -15.17 12.96 -21.31
C ALA C 607 -16.09 11.95 -21.97
N LEU C 608 -15.54 10.82 -22.42
CA LEU C 608 -16.38 9.83 -23.12
C LEU C 608 -17.58 9.36 -22.28
N LEU C 609 -17.40 9.33 -20.94
CA LEU C 609 -18.47 8.94 -20.03
C LEU C 609 -19.77 9.76 -20.18
N LEU C 610 -19.63 11.02 -20.57
CA LEU C 610 -20.80 11.88 -20.81
C LEU C 610 -21.66 11.38 -21.97
N GLU C 611 -21.03 10.80 -22.98
CA GLU C 611 -21.73 10.28 -24.17
C GLU C 611 -21.98 8.77 -24.14
N TYR C 612 -21.15 8.04 -23.40
CA TYR C 612 -21.23 6.56 -23.26
C TYR C 612 -21.31 6.16 -21.79
N PRO C 613 -22.38 6.59 -21.09
CA PRO C 613 -22.42 6.35 -19.64
C PRO C 613 -22.58 4.88 -19.24
N ASN C 614 -23.03 4.06 -20.18
CA ASN C 614 -23.18 2.61 -19.95
C ASN C 614 -21.85 1.86 -20.00
N ASP C 615 -20.79 2.51 -20.46
CA ASP C 615 -19.53 1.84 -20.72
C ASP C 615 -18.51 2.25 -19.65
N LYS C 616 -18.31 1.36 -18.67
CA LYS C 616 -17.45 1.63 -17.51
C LYS C 616 -15.98 1.82 -17.86
N GLU C 617 -15.56 1.33 -19.01
CA GLU C 617 -14.19 1.55 -19.48
C GLU C 617 -13.89 3.06 -19.62
N THR C 618 -14.90 3.86 -19.96
CA THR C 618 -14.74 5.28 -20.15
C THR C 618 -14.34 5.99 -18.87
N PHE C 619 -14.60 5.42 -17.70
CA PHE C 619 -14.21 6.08 -16.44
C PHE C 619 -12.69 6.19 -16.27
N LYS C 620 -11.96 5.34 -16.99
CA LYS C 620 -10.50 5.27 -16.91
C LYS C 620 -9.78 6.18 -17.89
N LEU C 621 -10.51 6.79 -18.83
CA LEU C 621 -9.89 7.39 -20.01
C LEU C 621 -9.42 8.83 -19.76
N ASN C 622 -8.15 8.96 -19.43
CA ASN C 622 -7.54 10.27 -19.21
C ASN C 622 -6.70 10.76 -20.38
N GLY C 623 -6.58 9.97 -21.45
CA GLY C 623 -5.73 10.28 -22.58
C GLY C 623 -6.45 10.62 -23.87
N GLN C 624 -7.77 10.79 -23.80
CA GLN C 624 -8.59 11.05 -24.96
C GLN C 624 -9.92 11.67 -24.55
N PHE C 625 -10.62 12.23 -25.53
CA PHE C 625 -11.90 12.87 -25.27
C PHE C 625 -12.65 13.07 -26.56
N LEU C 626 -13.95 13.34 -26.45
CA LEU C 626 -14.74 13.71 -27.61
C LEU C 626 -14.76 15.23 -27.75
N VAL C 627 -14.85 15.72 -28.99
CA VAL C 627 -15.07 17.14 -29.25
C VAL C 627 -16.44 17.16 -29.90
N GLY C 628 -17.46 17.66 -29.18
CA GLY C 628 -18.87 17.35 -29.50
C GLY C 628 -19.11 15.85 -29.44
N LYS C 629 -20.05 15.35 -30.24
CA LYS C 629 -20.38 13.93 -30.30
C LYS C 629 -19.66 13.19 -31.40
N GLU C 630 -19.34 13.87 -32.49
CA GLU C 630 -18.93 13.21 -33.72
C GLU C 630 -17.45 12.91 -33.80
N LEU C 631 -16.62 13.67 -33.06
CA LEU C 631 -15.17 13.52 -33.14
C LEU C 631 -14.54 12.99 -31.85
N LEU C 632 -13.65 12.01 -32.00
CA LEU C 632 -12.89 11.46 -30.87
C LEU C 632 -11.43 11.87 -31.10
N VAL C 633 -10.87 12.57 -30.13
CA VAL C 633 -9.50 13.09 -30.22
C VAL C 633 -8.65 12.38 -29.17
N ALA C 634 -7.53 11.81 -29.61
CA ALA C 634 -6.62 11.07 -28.74
C ALA C 634 -5.19 11.57 -28.91
N PRO C 635 -4.87 12.73 -28.30
CA PRO C 635 -3.54 13.34 -28.48
C PRO C 635 -2.41 12.52 -27.88
N VAL C 636 -1.29 12.49 -28.59
CA VAL C 636 -0.11 11.85 -28.06
C VAL C 636 0.46 12.77 -26.99
N VAL C 637 0.61 12.25 -25.76
CA VAL C 637 1.11 13.04 -24.64
C VAL C 637 2.22 12.30 -23.89
N GLU C 638 2.90 11.38 -24.59
CA GLU C 638 4.06 10.65 -24.05
C GLU C 638 5.30 11.01 -24.85
N GLN C 639 6.39 11.30 -24.15
CA GLN C 639 7.65 11.72 -24.79
C GLN C 639 8.20 10.61 -25.67
N GLY C 640 8.50 10.97 -26.92
CA GLY C 640 9.06 10.03 -27.87
C GLY C 640 8.11 9.06 -28.51
N ALA C 641 6.83 9.07 -28.11
CA ALA C 641 5.84 8.17 -28.67
C ALA C 641 5.53 8.51 -30.12
N VAL C 642 5.44 7.45 -30.94
CA VAL C 642 5.02 7.56 -32.32
C VAL C 642 3.81 6.67 -32.59
N THR C 643 3.18 6.21 -31.51
CA THR C 643 1.91 5.48 -31.54
C THR C 643 1.01 5.99 -30.41
N LYS C 644 -0.27 5.62 -30.49
CA LYS C 644 -1.26 5.98 -29.47
C LYS C 644 -2.24 4.82 -29.29
N ASP C 645 -2.46 4.43 -28.04
CA ASP C 645 -3.52 3.51 -27.66
C ASP C 645 -4.82 4.31 -27.51
N VAL C 646 -5.87 3.87 -28.20
CA VAL C 646 -7.14 4.58 -28.26
C VAL C 646 -8.23 3.58 -27.91
N TYR C 647 -9.12 3.98 -27.01
CA TYR C 647 -10.32 3.20 -26.74
C TYR C 647 -11.45 3.73 -27.61
N LEU C 648 -12.02 2.86 -28.45
CA LEU C 648 -13.17 3.23 -29.24
C LEU C 648 -14.42 2.72 -28.52
N PRO C 649 -15.42 3.60 -28.26
CA PRO C 649 -16.66 3.16 -27.63
C PRO C 649 -17.63 2.61 -28.68
N GLU C 650 -18.89 2.43 -28.32
CA GLU C 650 -19.92 1.92 -29.24
C GLU C 650 -19.90 2.66 -30.56
N GLY C 651 -20.04 1.90 -31.64
CA GLY C 651 -20.21 2.40 -32.99
C GLY C 651 -19.08 1.91 -33.87
N GLU C 652 -18.98 2.47 -35.07
CA GLU C 652 -17.81 2.27 -35.92
C GLU C 652 -17.14 3.62 -36.07
N TRP C 653 -15.82 3.60 -36.17
CA TRP C 653 -15.01 4.80 -36.08
C TRP C 653 -14.04 4.86 -37.23
N ILE C 654 -14.02 6.01 -37.92
CA ILE C 654 -13.23 6.24 -39.11
C ILE C 654 -12.08 7.22 -38.82
N ASP C 655 -10.88 6.90 -39.29
CA ASP C 655 -9.71 7.82 -39.18
C ASP C 655 -10.04 9.11 -39.92
N PHE C 656 -10.14 10.21 -39.16
CA PHE C 656 -10.50 11.51 -39.72
C PHE C 656 -9.38 12.11 -40.59
N ASN C 657 -8.14 11.68 -40.38
CA ASN C 657 -6.99 12.19 -41.16
C ASN C 657 -6.98 11.65 -42.59
N ASN C 658 -7.34 10.39 -42.80
CA ASN C 658 -7.41 9.81 -44.16
C ASN C 658 -8.83 9.52 -44.71
N CYS C 659 -9.75 9.10 -43.82
CA CYS C 659 -11.14 8.64 -44.11
C CYS C 659 -11.31 7.25 -44.74
N LYS C 660 -10.22 6.53 -44.97
CA LYS C 660 -10.28 5.16 -45.49
C LYS C 660 -10.36 4.11 -44.38
N THR C 661 -9.60 4.32 -43.31
CA THR C 661 -9.45 3.32 -42.26
C THR C 661 -10.64 3.36 -41.30
N LYS C 662 -11.35 2.24 -41.22
CA LYS C 662 -12.53 2.09 -40.38
C LYS C 662 -12.24 1.06 -39.31
N TYR C 663 -12.78 1.29 -38.12
CA TYR C 663 -12.59 0.38 -36.99
C TYR C 663 -13.92 0.06 -36.34
N LYS C 664 -14.03 -1.14 -35.82
CA LYS C 664 -15.19 -1.54 -35.01
C LYS C 664 -15.04 -0.92 -33.62
N GLY C 665 -16.17 -0.67 -32.97
CA GLY C 665 -16.19 -0.07 -31.63
C GLY C 665 -16.02 -1.04 -30.49
N GLU C 666 -16.01 -0.49 -29.28
CA GLU C 666 -15.85 -1.24 -28.02
C GLU C 666 -14.59 -2.08 -28.00
N GLN C 667 -13.48 -1.41 -28.26
CA GLN C 667 -12.17 -2.06 -28.25
C GLN C 667 -11.05 -1.05 -28.12
N TRP C 668 -9.94 -1.51 -27.56
CA TRP C 668 -8.68 -0.79 -27.59
C TRP C 668 -7.97 -1.07 -28.92
N ILE C 669 -7.43 -0.02 -29.53
CA ILE C 669 -6.55 -0.15 -30.71
C ILE C 669 -5.27 0.64 -30.50
N THR C 670 -4.23 0.32 -31.25
CA THR C 670 -3.02 1.11 -31.28
C THR C 670 -2.89 1.63 -32.70
N VAL C 671 -2.72 2.94 -32.84
CA VAL C 671 -2.57 3.57 -34.17
C VAL C 671 -1.20 4.22 -34.29
N ASP C 672 -0.73 4.36 -35.53
CA ASP C 672 0.48 5.12 -35.80
C ASP C 672 0.17 6.58 -35.54
N ALA C 673 1.10 7.26 -34.87
CA ALA C 673 0.92 8.64 -34.48
C ALA C 673 2.27 9.33 -34.36
N PRO C 674 2.98 9.52 -35.51
CA PRO C 674 4.25 10.23 -35.45
C PRO C 674 4.03 11.69 -35.14
N LEU C 675 5.11 12.45 -35.04
CA LEU C 675 5.05 13.83 -34.56
C LEU C 675 4.08 14.73 -35.34
N ASN C 676 3.92 14.47 -36.63
CA ASN C 676 3.02 15.27 -37.48
C ASN C 676 1.54 14.86 -37.45
N THR C 677 1.17 13.95 -36.55
CA THR C 677 -0.17 13.37 -36.52
C THR C 677 -0.85 13.56 -35.17
N ILE C 678 -2.13 13.96 -35.22
CA ILE C 678 -3.05 13.93 -34.09
C ILE C 678 -4.07 12.85 -34.40
N PRO C 679 -4.16 11.79 -33.58
CA PRO C 679 -5.19 10.78 -33.80
C PRO C 679 -6.57 11.37 -33.56
N VAL C 680 -7.36 11.43 -34.62
CA VAL C 680 -8.73 11.95 -34.58
C VAL C 680 -9.59 10.94 -35.33
N PHE C 681 -10.75 10.63 -34.78
CA PHE C 681 -11.67 9.67 -35.39
C PHE C 681 -13.03 10.30 -35.50
N VAL C 682 -13.73 9.99 -36.59
CA VAL C 682 -15.11 10.42 -36.76
C VAL C 682 -16.02 9.22 -36.62
N LYS C 683 -17.15 9.40 -35.93
CA LYS C 683 -18.07 8.32 -35.74
C LYS C 683 -18.83 8.05 -37.04
N LYS C 684 -18.97 6.78 -37.40
CA LYS C 684 -19.78 6.43 -38.57
C LYS C 684 -21.21 6.92 -38.33
N GLY C 685 -21.77 7.61 -39.32
CA GLY C 685 -23.04 8.31 -39.21
C GLY C 685 -22.92 9.84 -39.10
N SER C 686 -21.72 10.34 -38.80
CA SER C 686 -21.53 11.78 -38.55
C SER C 686 -21.67 12.65 -39.79
N ILE C 687 -22.15 13.86 -39.56
CA ILE C 687 -22.14 14.91 -40.55
C ILE C 687 -21.37 16.09 -39.94
N ILE C 688 -20.27 16.49 -40.58
CA ILE C 688 -19.37 17.54 -40.03
C ILE C 688 -19.34 18.77 -40.91
N PRO C 689 -19.90 19.90 -40.46
CA PRO C 689 -19.73 21.14 -41.24
C PRO C 689 -18.31 21.67 -41.13
N GLN C 690 -17.75 22.13 -42.25
CA GLN C 690 -16.45 22.79 -42.25
C GLN C 690 -16.45 24.03 -43.12
N MET C 691 -15.50 24.91 -42.83
CA MET C 691 -15.26 26.08 -43.66
C MET C 691 -13.84 26.02 -44.24
N PRO C 692 -13.57 26.85 -45.25
CA PRO C 692 -12.21 26.87 -45.80
C PRO C 692 -11.24 27.48 -44.82
N VAL C 693 -9.96 27.17 -44.98
CA VAL C 693 -8.91 27.78 -44.16
C VAL C 693 -9.00 29.29 -44.31
N MET C 694 -8.93 29.98 -43.19
CA MET C 694 -8.83 31.44 -43.13
C MET C 694 -7.80 31.76 -42.08
N GLN C 695 -7.27 32.98 -42.15
CA GLN C 695 -6.25 33.44 -41.20
C GLN C 695 -6.85 33.94 -39.89
N TYR C 696 -8.14 34.27 -39.94
CA TYR C 696 -8.89 34.63 -38.76
C TYR C 696 -10.38 34.39 -39.06
N ILE C 697 -11.18 34.31 -38.01
CA ILE C 697 -12.60 34.07 -38.15
C ILE C 697 -13.22 35.26 -38.86
N ASP C 698 -14.03 34.98 -39.88
CA ASP C 698 -14.61 36.01 -40.75
C ASP C 698 -13.64 36.76 -41.65
N GLU C 699 -12.45 36.22 -41.91
CA GLU C 699 -11.60 36.80 -42.95
C GLU C 699 -12.41 36.90 -44.26
N LYS C 700 -13.09 35.81 -44.61
CA LYS C 700 -14.18 35.84 -45.59
C LYS C 700 -15.48 35.84 -44.83
N LYS C 701 -16.30 36.87 -45.00
CA LYS C 701 -17.58 36.97 -44.28
C LYS C 701 -18.62 36.00 -44.83
N VAL C 702 -18.42 35.57 -46.08
CA VAL C 702 -19.28 34.61 -46.74
C VAL C 702 -18.38 33.52 -47.29
N TYR C 703 -18.73 32.26 -47.06
CA TYR C 703 -17.97 31.15 -47.56
C TYR C 703 -18.87 29.98 -47.87
N PRO C 704 -18.47 29.14 -48.83
CA PRO C 704 -19.19 27.88 -49.04
C PRO C 704 -19.00 26.97 -47.84
N VAL C 705 -20.06 26.28 -47.44
CA VAL C 705 -20.00 25.39 -46.31
C VAL C 705 -19.99 23.98 -46.85
N THR C 706 -19.00 23.19 -46.44
CA THR C 706 -18.95 21.78 -46.78
C THR C 706 -19.51 20.98 -45.61
N PHE C 707 -20.19 19.88 -45.93
CA PHE C 707 -20.66 18.92 -44.95
C PHE C 707 -20.08 17.55 -45.29
N ASP C 708 -19.12 17.09 -44.49
CA ASP C 708 -18.56 15.75 -44.67
C ASP C 708 -19.47 14.76 -43.99
N ILE C 709 -20.00 13.85 -44.79
CA ILE C 709 -21.03 12.92 -44.38
C ILE C 709 -20.46 11.54 -44.45
N PHE C 710 -20.56 10.81 -43.35
CA PHE C 710 -20.10 9.42 -43.26
C PHE C 710 -21.33 8.61 -42.94
N PRO C 711 -22.05 8.10 -43.99
CA PRO C 711 -23.35 7.46 -43.77
C PRO C 711 -23.32 6.35 -42.73
N GLY C 712 -24.34 6.33 -41.88
CA GLY C 712 -24.49 5.28 -40.87
C GLY C 712 -24.88 3.94 -41.49
N ASN C 713 -25.18 2.98 -40.61
CA ASN C 713 -25.62 1.65 -41.03
C ASN C 713 -27.00 1.78 -41.64
N LEU C 714 -27.36 0.77 -42.44
CA LEU C 714 -28.61 0.79 -43.20
C LEU C 714 -29.80 1.07 -42.26
N ASN C 715 -30.63 2.03 -42.68
CA ASN C 715 -31.89 2.39 -42.03
C ASN C 715 -31.75 2.98 -40.62
N LYS C 716 -30.64 3.69 -40.41
CA LYS C 716 -30.44 4.51 -39.22
C LYS C 716 -30.26 5.95 -39.68
N GLU C 717 -31.15 6.82 -39.21
CA GLU C 717 -31.13 8.23 -39.58
C GLU C 717 -30.17 8.93 -38.64
N THR C 718 -29.23 9.68 -39.22
CA THR C 718 -28.33 10.56 -38.45
C THR C 718 -28.47 11.98 -38.99
N SER C 719 -28.06 12.95 -38.17
CA SER C 719 -28.18 14.35 -38.55
C SER C 719 -27.14 15.21 -37.88
N PHE C 720 -27.01 16.44 -38.38
CA PHE C 720 -26.32 17.51 -37.69
C PHE C 720 -27.13 18.78 -37.91
N THR C 721 -27.29 19.56 -36.85
CA THR C 721 -28.03 20.80 -36.94
C THR C 721 -27.04 21.99 -36.88
N PHE C 722 -26.79 22.57 -38.06
CA PHE C 722 -25.82 23.64 -38.25
C PHE C 722 -26.38 24.97 -37.72
N TYR C 723 -25.78 25.45 -36.64
CA TYR C 723 -26.23 26.66 -35.95
C TYR C 723 -25.45 27.89 -36.40
N GLU C 724 -26.17 28.99 -36.68
CA GLU C 724 -25.55 30.28 -36.99
C GLU C 724 -26.24 31.43 -36.30
N ASP C 725 -25.45 32.43 -35.94
CA ASP C 725 -25.96 33.68 -35.37
C ASP C 725 -24.92 34.78 -35.70
N ASP C 726 -25.11 35.99 -35.17
CA ASP C 726 -24.27 37.12 -35.55
C ASP C 726 -22.87 37.09 -34.93
N GLY C 727 -22.68 36.22 -33.94
CA GLY C 727 -21.36 35.97 -33.35
C GLY C 727 -20.81 37.01 -32.40
N GLU C 728 -21.53 38.11 -32.22
CA GLU C 728 -21.01 39.29 -31.50
C GLU C 728 -21.94 39.87 -30.44
N SER C 729 -23.24 39.87 -30.71
CA SER C 729 -24.21 40.51 -29.83
C SER C 729 -24.78 39.48 -28.85
N ARG C 730 -25.61 39.97 -27.95
CA ARG C 730 -26.33 39.13 -26.99
C ARG C 730 -27.68 38.65 -27.51
N ASP C 731 -27.98 38.91 -28.80
CA ASP C 731 -29.26 38.46 -29.36
C ASP C 731 -29.47 36.95 -29.21
N TYR C 732 -28.40 36.16 -29.25
CA TYR C 732 -28.50 34.70 -29.11
C TYR C 732 -29.12 34.30 -27.76
N GLU C 733 -28.98 35.14 -26.74
CA GLU C 733 -29.56 34.89 -25.43
C GLU C 733 -31.10 34.95 -25.46
N ARG C 734 -31.65 35.67 -26.44
CA ARG C 734 -33.09 35.70 -26.73
C ARG C 734 -33.44 34.82 -27.94
N ASP C 735 -32.59 33.83 -28.24
CA ASP C 735 -32.82 32.86 -29.31
C ASP C 735 -33.02 33.48 -30.69
N VAL C 736 -32.15 34.43 -30.99
CA VAL C 736 -32.06 35.02 -32.33
C VAL C 736 -30.89 34.33 -33.03
N PHE C 737 -31.22 33.50 -34.01
CA PHE C 737 -30.26 32.67 -34.71
C PHE C 737 -30.93 32.07 -35.94
N CYS C 738 -30.19 31.24 -36.69
CA CYS C 738 -30.81 30.28 -37.57
C CYS C 738 -30.15 28.93 -37.41
N LYS C 739 -30.85 27.91 -37.90
CA LYS C 739 -30.37 26.55 -37.91
C LYS C 739 -30.74 25.89 -39.22
N THR C 740 -29.83 25.06 -39.70
CA THR C 740 -30.04 24.28 -40.90
C THR C 740 -29.72 22.83 -40.57
N LYS C 741 -30.73 21.97 -40.58
CA LYS C 741 -30.55 20.56 -40.22
C LYS C 741 -30.21 19.73 -41.45
N ILE C 742 -29.11 18.98 -41.38
CA ILE C 742 -28.70 18.05 -42.43
C ILE C 742 -28.97 16.65 -41.92
N THR C 743 -29.69 15.85 -42.70
CA THR C 743 -30.05 14.50 -42.30
C THR C 743 -29.47 13.51 -43.29
N SER C 744 -29.03 12.34 -42.81
CA SER C 744 -28.53 11.25 -43.65
C SER C 744 -29.18 9.94 -43.26
N LYS C 745 -29.60 9.17 -44.27
CA LYS C 745 -30.21 7.85 -44.07
C LYS C 745 -29.85 6.94 -45.26
N ALA C 746 -29.12 5.86 -44.99
CA ALA C 746 -28.73 4.89 -46.02
C ALA C 746 -29.76 3.76 -46.07
N SER C 747 -30.28 3.47 -47.25
CA SER C 747 -31.42 2.57 -47.43
C SER C 747 -30.99 1.31 -48.21
N ASN C 748 -31.96 0.60 -48.78
CA ASN C 748 -31.70 -0.47 -49.74
C ASN C 748 -30.95 0.08 -50.96
N GLU C 749 -29.63 -0.03 -50.92
CA GLU C 749 -28.71 0.48 -51.96
C GLU C 749 -29.01 1.92 -52.48
N GLU C 750 -29.36 2.82 -51.56
CA GLU C 750 -29.37 4.27 -51.83
C GLU C 750 -29.10 5.07 -50.55
N ILE C 751 -28.65 6.32 -50.71
CA ILE C 751 -28.39 7.22 -49.58
C ILE C 751 -29.27 8.46 -49.73
N LYS C 752 -30.06 8.76 -48.69
CA LYS C 752 -30.93 9.94 -48.67
C LYS C 752 -30.33 11.03 -47.76
N ILE C 753 -29.82 12.11 -48.38
CA ILE C 753 -29.35 13.30 -47.68
C ILE C 753 -30.35 14.44 -47.81
N THR C 754 -30.89 14.90 -46.68
CA THR C 754 -31.84 16.00 -46.66
C THR C 754 -31.19 17.28 -46.11
N VAL C 755 -31.34 18.38 -46.85
CA VAL C 755 -31.00 19.72 -46.37
C VAL C 755 -32.31 20.33 -45.91
N GLY C 756 -32.50 20.40 -44.60
CA GLY C 756 -33.73 20.91 -44.01
C GLY C 756 -33.99 22.36 -44.36
N GLU C 757 -35.28 22.72 -44.40
CA GLU C 757 -35.69 24.11 -44.58
C GLU C 757 -35.06 24.94 -43.48
N ARG C 758 -34.53 26.10 -43.83
CA ARG C 758 -33.85 26.91 -42.84
C ARG C 758 -34.83 27.41 -41.81
N GLU C 759 -34.44 27.20 -40.56
CA GLU C 759 -35.18 27.66 -39.41
C GLU C 759 -34.74 29.10 -39.10
N TYR C 760 -35.61 30.08 -39.39
CA TYR C 760 -35.33 31.51 -39.22
C TYR C 760 -35.92 32.02 -37.89
N LYS C 761 -35.05 32.44 -36.98
CA LYS C 761 -35.46 33.04 -35.72
C LYS C 761 -34.85 34.42 -35.56
N GLY C 762 -34.94 35.24 -36.61
CA GLY C 762 -34.51 36.64 -36.54
C GLY C 762 -33.08 36.93 -37.01
N TYR C 763 -32.42 35.93 -37.57
CA TYR C 763 -31.05 36.04 -38.10
C TYR C 763 -30.96 35.38 -39.47
N SER C 764 -30.47 36.14 -40.45
CA SER C 764 -30.26 35.65 -41.83
C SER C 764 -28.77 35.38 -41.98
N PRO C 765 -28.43 34.17 -42.44
CA PRO C 765 -27.03 33.76 -42.47
C PRO C 765 -26.28 34.44 -43.58
N ALA C 766 -24.96 34.32 -43.51
CA ALA C 766 -24.06 34.77 -44.57
C ALA C 766 -24.52 34.20 -45.90
N GLY C 767 -24.59 35.05 -46.92
CA GLY C 767 -24.92 34.62 -48.24
C GLY C 767 -24.80 35.74 -49.25
N PRO C 768 -25.06 35.44 -50.54
CA PRO C 768 -25.37 34.11 -51.04
C PRO C 768 -24.16 33.16 -50.98
N ARG C 769 -24.40 31.87 -50.82
CA ARG C 769 -23.35 30.86 -50.77
C ARG C 769 -23.88 29.53 -51.27
N ASN C 770 -22.94 28.62 -51.55
CA ASN C 770 -23.24 27.25 -51.91
C ASN C 770 -22.90 26.34 -50.74
N PHE C 771 -23.61 25.22 -50.67
CA PHE C 771 -23.19 24.10 -49.83
C PHE C 771 -22.55 23.08 -50.73
N ILE C 772 -21.60 22.33 -50.19
CA ILE C 772 -21.09 21.14 -50.82
C ILE C 772 -21.27 19.98 -49.87
N LEU C 773 -22.12 19.04 -50.25
CA LEU C 773 -22.32 17.81 -49.49
C LEU C 773 -21.24 16.84 -49.95
N LYS C 774 -20.44 16.33 -49.01
CA LYS C 774 -19.34 15.45 -49.33
C LYS C 774 -19.61 14.12 -48.66
N ILE C 775 -20.16 13.18 -49.43
CA ILE C 775 -20.55 11.89 -48.92
C ILE C 775 -19.40 10.93 -49.16
N HIS C 776 -18.87 10.35 -48.08
CA HIS C 776 -17.79 9.37 -48.18
C HIS C 776 -18.38 8.01 -48.55
N ALA C 777 -17.84 7.42 -49.62
CA ALA C 777 -18.37 6.18 -50.19
C ALA C 777 -17.26 5.45 -50.93
N SER C 778 -17.30 4.12 -50.94
CA SER C 778 -16.24 3.34 -51.60
C SER C 778 -16.35 3.39 -53.14
N ASN C 779 -17.57 3.30 -53.69
CA ASN C 779 -17.80 3.28 -55.14
C ASN C 779 -18.58 4.49 -55.64
N LYS C 780 -18.14 5.05 -56.77
CA LYS C 780 -18.91 6.07 -57.49
C LYS C 780 -20.34 5.59 -57.70
N PRO C 781 -21.34 6.40 -57.31
CA PRO C 781 -22.72 5.97 -57.48
C PRO C 781 -23.14 6.02 -58.95
N LYS C 782 -24.25 5.36 -59.27
CA LYS C 782 -24.75 5.32 -60.65
C LYS C 782 -25.31 6.69 -61.04
N ASP C 783 -26.22 7.20 -60.20
CA ASP C 783 -26.80 8.54 -60.37
C ASP C 783 -27.13 9.22 -59.02
N VAL C 784 -27.26 10.55 -59.07
CA VAL C 784 -27.67 11.37 -57.93
C VAL C 784 -28.85 12.26 -58.36
N PHE C 785 -29.93 12.25 -57.57
CA PHE C 785 -31.14 13.06 -57.82
C PHE C 785 -31.31 14.19 -56.80
N ALA C 786 -31.89 15.31 -57.23
CA ALA C 786 -32.33 16.39 -56.35
C ALA C 786 -33.84 16.58 -56.51
N GLY C 787 -34.61 16.13 -55.52
CA GLY C 787 -36.06 16.07 -55.64
C GLY C 787 -36.42 14.93 -56.57
N GLY C 788 -37.15 15.24 -57.64
CA GLY C 788 -37.47 14.27 -58.69
C GLY C 788 -36.51 14.29 -59.87
N GLU C 789 -35.65 15.31 -59.95
CA GLU C 789 -34.76 15.50 -61.11
C GLU C 789 -33.41 14.84 -60.93
N LYS C 790 -32.94 14.18 -61.99
CA LYS C 790 -31.58 13.67 -62.06
C LYS C 790 -30.61 14.84 -62.21
N LEU C 791 -29.48 14.77 -61.49
CA LEU C 791 -28.43 15.78 -61.55
C LEU C 791 -27.32 15.36 -62.51
N LYS C 792 -26.72 16.35 -63.16
CA LYS C 792 -25.69 16.09 -64.17
C LYS C 792 -24.33 15.90 -63.48
N ASN C 793 -23.74 14.74 -63.74
CA ASN C 793 -22.40 14.40 -63.26
C ASN C 793 -21.40 15.26 -64.01
N VAL C 794 -20.43 15.82 -63.28
CA VAL C 794 -19.39 16.67 -63.86
C VAL C 794 -18.05 16.37 -63.21
N LYS C 795 -16.99 16.97 -63.75
CA LYS C 795 -15.64 16.78 -63.23
C LYS C 795 -15.45 17.62 -61.97
N PRO C 796 -14.55 17.21 -61.05
CA PRO C 796 -14.27 17.98 -59.83
C PRO C 796 -13.99 19.47 -60.06
N HIS C 797 -13.18 19.78 -61.06
CA HIS C 797 -12.83 21.18 -61.38
C HIS C 797 -14.07 22.01 -61.76
N VAL C 798 -15.03 21.39 -62.43
CA VAL C 798 -16.28 22.07 -62.85
C VAL C 798 -17.17 22.39 -61.64
N LEU C 799 -17.34 21.42 -60.73
CA LEU C 799 -18.09 21.63 -59.47
C LEU C 799 -17.47 22.74 -58.62
N GLU C 800 -16.15 22.78 -58.60
CA GLU C 800 -15.40 23.78 -57.84
C GLU C 800 -15.41 25.18 -58.50
N LYS C 801 -15.73 25.26 -59.79
CA LYS C 801 -15.60 26.50 -60.56
C LYS C 801 -16.71 27.49 -60.21
N ASN C 802 -16.31 28.71 -59.88
CA ASN C 802 -17.23 29.75 -59.40
C ASN C 802 -18.07 29.27 -58.20
N ILE C 803 -17.43 28.56 -57.27
CA ILE C 803 -18.12 28.12 -56.04
C ILE C 803 -18.54 29.30 -55.15
N GLU C 804 -17.85 30.44 -55.28
CA GLU C 804 -18.18 31.68 -54.54
C GLU C 804 -18.78 32.81 -55.38
N ALA C 805 -19.25 32.50 -56.59
CA ALA C 805 -19.76 33.55 -57.51
C ALA C 805 -21.03 33.19 -58.27
N ASP C 806 -21.16 31.93 -58.65
CA ASP C 806 -22.39 31.40 -59.23
C ASP C 806 -23.14 30.63 -58.15
N PHE C 807 -24.41 30.95 -57.96
CA PHE C 807 -25.29 30.29 -56.98
C PHE C 807 -26.52 29.69 -57.66
N THR C 808 -26.34 29.21 -58.89
CA THR C 808 -27.41 28.58 -59.66
C THR C 808 -27.18 27.10 -60.01
N LYS C 809 -25.98 26.57 -59.80
CA LYS C 809 -25.65 25.21 -60.26
C LYS C 809 -25.91 24.15 -59.21
N ILE C 810 -26.53 23.04 -59.65
CA ILE C 810 -26.75 21.86 -58.84
C ILE C 810 -26.19 20.70 -59.64
N ASN C 811 -25.02 20.20 -59.23
CA ASN C 811 -24.34 19.10 -59.92
C ASN C 811 -23.60 18.22 -58.92
N TRP C 812 -22.96 17.15 -59.39
CA TRP C 812 -22.17 16.30 -58.51
C TRP C 812 -20.91 15.78 -59.18
N SER C 813 -19.85 15.59 -58.38
CA SER C 813 -18.59 15.05 -58.86
C SER C 813 -18.18 13.83 -58.02
N TRP C 814 -17.22 13.07 -58.54
CA TRP C 814 -16.66 11.91 -57.85
C TRP C 814 -15.15 12.08 -57.76
N ASN C 815 -14.60 11.71 -56.61
CA ASN C 815 -13.17 11.71 -56.39
C ASN C 815 -12.82 10.29 -55.95
N GLU C 816 -12.15 9.57 -56.85
CA GLU C 816 -11.75 8.18 -56.63
C GLU C 816 -10.71 8.04 -55.52
N ALA C 817 -9.69 8.89 -55.57
CA ALA C 817 -8.61 8.88 -54.58
C ALA C 817 -9.18 9.03 -53.17
N GLU C 818 -9.89 10.14 -52.94
CA GLU C 818 -10.46 10.45 -51.63
C GLU C 818 -11.73 9.67 -51.28
N ASN C 819 -12.34 9.02 -52.28
CA ASN C 819 -13.55 8.21 -52.11
C ASN C 819 -14.72 9.08 -51.63
N VAL C 820 -14.94 10.20 -52.34
CA VAL C 820 -15.95 11.21 -51.96
C VAL C 820 -16.83 11.61 -53.13
N ILE C 821 -18.14 11.58 -52.89
CA ILE C 821 -19.15 12.17 -53.75
C ILE C 821 -19.40 13.59 -53.27
N SER C 822 -19.04 14.58 -54.09
CA SER C 822 -19.35 15.98 -53.81
C SER C 822 -20.62 16.38 -54.53
N VAL C 823 -21.57 17.00 -53.81
CA VAL C 823 -22.81 17.52 -54.38
C VAL C 823 -22.91 19.02 -54.06
N ARG C 824 -22.84 19.84 -55.11
CA ARG C 824 -23.02 21.27 -55.01
C ARG C 824 -24.51 21.61 -55.05
N ILE C 825 -24.97 22.42 -54.09
CA ILE C 825 -26.34 22.91 -54.06
C ILE C 825 -26.33 24.31 -53.42
N PRO C 826 -27.05 25.28 -54.03
CA PRO C 826 -27.12 26.60 -53.41
C PRO C 826 -27.82 26.56 -52.07
N ASP C 827 -27.36 27.41 -51.16
CA ASP C 827 -28.01 27.55 -49.86
C ASP C 827 -29.20 28.48 -50.02
N SER C 828 -30.29 27.91 -50.52
CA SER C 828 -31.53 28.66 -50.78
C SER C 828 -32.36 28.87 -49.54
N GLY C 829 -32.15 28.05 -48.51
CA GLY C 829 -33.00 28.04 -47.34
C GLY C 829 -34.23 27.13 -47.48
N LYS C 830 -34.41 26.49 -48.64
CA LYS C 830 -35.57 25.62 -48.86
C LYS C 830 -35.18 24.16 -48.59
N ASN C 831 -36.18 23.35 -48.26
CA ASN C 831 -35.98 21.92 -48.08
C ASN C 831 -35.49 21.29 -49.39
N ALA C 832 -34.50 20.41 -49.31
CA ALA C 832 -34.00 19.68 -50.48
C ALA C 832 -33.62 18.25 -50.12
N VAL C 833 -34.03 17.30 -50.95
CA VAL C 833 -33.76 15.88 -50.70
C VAL C 833 -32.86 15.39 -51.81
N ILE C 834 -31.68 14.95 -51.43
CA ILE C 834 -30.68 14.46 -52.35
C ILE C 834 -30.68 12.95 -52.20
N THR C 835 -30.99 12.25 -53.31
CA THR C 835 -30.99 10.78 -53.31
C THR C 835 -29.80 10.31 -54.16
N ILE C 836 -28.95 9.50 -53.57
CA ILE C 836 -27.79 8.91 -54.23
C ILE C 836 -28.13 7.44 -54.50
N LYS C 837 -27.99 7.01 -55.76
CA LYS C 837 -28.25 5.62 -56.17
C LYS C 837 -26.95 4.81 -56.22
N ASN C 838 -26.81 3.82 -55.33
CA ASN C 838 -25.56 3.04 -55.24
C ASN C 838 -25.44 2.10 -56.44
N GLU D 27 -8.49 -27.65 4.39
CA GLU D 27 -9.60 -28.41 3.72
C GLU D 27 -9.40 -29.94 3.73
N GLN D 28 -10.51 -30.65 3.70
CA GLN D 28 -10.60 -32.09 3.98
C GLN D 28 -11.16 -32.78 2.71
N TYR D 29 -10.49 -33.86 2.28
CA TYR D 29 -10.94 -34.70 1.15
C TYR D 29 -11.40 -36.05 1.67
N LEU D 30 -12.04 -36.85 0.82
CA LEU D 30 -12.48 -38.17 1.25
C LEU D 30 -11.28 -39.07 1.60
N GLY D 31 -10.25 -39.04 0.76
CA GLY D 31 -9.08 -39.90 0.93
C GLY D 31 -9.41 -41.35 0.62
N ASN D 32 -8.65 -42.27 1.23
CA ASN D 32 -8.80 -43.70 0.93
C ASN D 32 -10.09 -44.33 1.47
N CYS D 33 -10.73 -45.10 0.61
CA CYS D 33 -11.91 -45.85 0.97
C CYS D 33 -11.48 -47.21 1.47
N THR D 34 -11.92 -47.55 2.69
CA THR D 34 -11.51 -48.78 3.38
C THR D 34 -12.59 -49.84 3.42
N ALA D 35 -13.84 -49.51 3.09
CA ALA D 35 -14.95 -50.43 3.26
C ALA D 35 -16.20 -49.91 2.55
N TYR D 36 -17.13 -50.80 2.27
CA TYR D 36 -18.43 -50.41 1.77
C TYR D 36 -19.50 -51.23 2.47
N SER D 37 -20.73 -50.76 2.35
CA SER D 37 -21.90 -51.41 2.88
C SER D 37 -23.06 -51.19 1.93
N VAL D 38 -23.82 -52.23 1.65
CA VAL D 38 -24.99 -52.14 0.80
C VAL D 38 -26.26 -52.28 1.64
N LYS D 39 -27.26 -51.45 1.38
CA LYS D 39 -28.57 -51.58 1.99
C LYS D 39 -29.58 -51.25 0.91
N GLY D 40 -30.20 -52.27 0.33
CA GLY D 40 -31.13 -52.10 -0.78
C GLY D 40 -30.42 -51.43 -1.95
N ASN D 41 -31.00 -50.36 -2.47
CA ASN D 41 -30.42 -49.63 -3.60
C ASN D 41 -29.36 -48.58 -3.22
N LYS D 42 -28.89 -48.60 -1.97
CA LYS D 42 -27.86 -47.67 -1.51
C LYS D 42 -26.56 -48.40 -1.17
N VAL D 43 -25.43 -47.81 -1.55
CA VAL D 43 -24.11 -48.27 -1.10
C VAL D 43 -23.41 -47.10 -0.45
N VAL D 44 -22.80 -47.36 0.70
CA VAL D 44 -22.03 -46.36 1.42
C VAL D 44 -20.58 -46.77 1.45
N PHE D 45 -19.70 -45.87 1.00
CA PHE D 45 -18.25 -46.06 0.99
C PHE D 45 -17.68 -45.26 2.15
N SER D 46 -16.94 -45.96 3.02
CA SER D 46 -16.30 -45.31 4.17
C SER D 46 -14.91 -44.88 3.80
N CYS D 47 -14.60 -43.62 4.00
CA CYS D 47 -13.33 -43.05 3.62
C CYS D 47 -12.59 -42.54 4.87
N ALA D 48 -11.77 -41.50 4.74
CA ALA D 48 -10.89 -41.06 5.83
C ALA D 48 -11.65 -40.28 6.89
N ASN D 49 -11.20 -40.40 8.14
CA ASN D 49 -11.65 -39.54 9.25
C ASN D 49 -13.16 -39.37 9.32
N ASN D 50 -13.86 -40.50 9.40
CA ASN D 50 -15.33 -40.59 9.50
C ASN D 50 -16.15 -40.18 8.28
N SER D 51 -15.52 -39.63 7.26
CA SER D 51 -16.23 -39.22 6.04
C SER D 51 -16.72 -40.43 5.27
N LYS D 52 -17.83 -40.26 4.56
CA LYS D 52 -18.48 -41.31 3.83
C LYS D 52 -19.15 -40.70 2.60
N ILE D 53 -19.40 -41.53 1.60
CA ILE D 53 -20.15 -41.09 0.41
C ILE D 53 -21.10 -42.20 0.01
N MET D 54 -22.36 -41.85 -0.23
CA MET D 54 -23.38 -42.78 -0.61
C MET D 54 -23.68 -42.64 -2.11
N LEU D 55 -23.84 -43.77 -2.78
CA LEU D 55 -24.47 -43.82 -4.09
C LEU D 55 -25.78 -44.56 -3.96
N GLN D 56 -26.84 -44.01 -4.56
CA GLN D 56 -28.15 -44.63 -4.52
C GLN D 56 -28.69 -44.70 -5.93
N LEU D 57 -29.01 -45.91 -6.37
CA LEU D 57 -29.55 -46.14 -7.69
C LEU D 57 -31.04 -45.93 -7.69
N CYS D 58 -31.47 -44.73 -8.08
CA CYS D 58 -32.90 -44.45 -8.27
C CYS D 58 -33.46 -45.20 -9.47
N SER D 59 -32.65 -45.29 -10.51
CA SER D 59 -32.89 -46.13 -11.68
C SER D 59 -31.52 -46.49 -12.24
N GLY D 60 -31.49 -47.20 -13.36
CA GLY D 60 -30.26 -47.46 -14.09
C GLY D 60 -29.59 -46.20 -14.65
N GLU D 61 -30.35 -45.10 -14.76
CA GLU D 61 -29.85 -43.85 -15.30
C GLU D 61 -29.67 -42.73 -14.28
N VAL D 62 -30.30 -42.83 -13.10
CA VAL D 62 -30.30 -41.74 -12.13
C VAL D 62 -29.68 -42.22 -10.82
N VAL D 63 -28.55 -41.59 -10.47
CA VAL D 63 -27.81 -41.91 -9.27
C VAL D 63 -27.87 -40.71 -8.34
N LYS D 64 -28.38 -40.92 -7.12
CA LYS D 64 -28.29 -39.93 -6.07
C LYS D 64 -26.95 -40.12 -5.39
N ILE D 65 -26.20 -39.04 -5.21
CA ILE D 65 -24.87 -39.06 -4.61
C ILE D 65 -24.89 -38.11 -3.43
N TRP D 66 -24.47 -38.60 -2.27
CA TRP D 66 -24.42 -37.81 -1.05
C TRP D 66 -23.06 -37.99 -0.42
N ALA D 67 -22.23 -36.95 -0.47
CA ALA D 67 -20.91 -36.94 0.16
C ALA D 67 -21.02 -36.24 1.52
N SER D 68 -20.48 -36.89 2.56
CA SER D 68 -20.61 -36.42 3.95
C SER D 68 -19.25 -36.36 4.64
N ALA D 69 -18.90 -35.20 5.14
CA ALA D 69 -17.61 -35.01 5.84
C ALA D 69 -17.54 -35.77 7.16
N ASP D 70 -18.69 -35.95 7.81
CA ASP D 70 -18.77 -36.57 9.14
C ASP D 70 -19.41 -37.95 9.14
N GLY D 71 -19.95 -38.39 8.00
CA GLY D 71 -20.57 -39.70 7.86
C GLY D 71 -21.99 -39.86 8.32
N ASN D 72 -22.67 -38.76 8.66
CA ASN D 72 -24.02 -38.83 9.30
C ASN D 72 -25.27 -38.95 8.41
N PHE D 73 -25.23 -38.40 7.21
CA PHE D 73 -26.37 -38.42 6.28
C PHE D 73 -27.70 -37.86 6.83
N VAL D 74 -27.60 -36.69 7.43
CA VAL D 74 -28.79 -35.93 7.84
C VAL D 74 -28.77 -34.52 7.27
N ARG D 75 -29.95 -34.00 7.03
CA ARG D 75 -30.09 -32.68 6.51
C ARG D 75 -31.17 -31.99 7.31
N ASN D 76 -31.00 -30.68 7.52
CA ASN D 76 -31.95 -29.90 8.31
C ASN D 76 -33.37 -30.00 7.73
N ASN D 77 -33.48 -29.91 6.39
CA ASN D 77 -34.74 -30.10 5.69
C ASN D 77 -34.56 -31.12 4.58
N GLU D 78 -35.52 -32.01 4.45
CA GLU D 78 -35.59 -32.89 3.30
C GLU D 78 -35.81 -32.01 2.06
N SER D 79 -35.58 -32.59 0.89
CA SER D 79 -35.66 -31.83 -0.34
C SER D 79 -37.02 -31.17 -0.54
N PHE D 80 -37.01 -29.87 -0.92
CA PHE D 80 -38.23 -29.17 -1.38
C PHE D 80 -38.57 -29.49 -2.83
N ALA D 81 -37.58 -29.96 -3.60
CA ALA D 81 -37.73 -30.15 -5.06
C ALA D 81 -38.07 -31.58 -5.43
N VAL D 82 -37.39 -32.53 -4.80
CA VAL D 82 -37.56 -33.93 -5.12
C VAL D 82 -38.84 -34.48 -4.51
N ILE D 83 -39.75 -34.96 -5.35
CA ILE D 83 -40.97 -35.64 -4.89
C ILE D 83 -40.97 -37.16 -5.06
N GLU D 84 -39.98 -37.73 -5.75
CA GLU D 84 -39.90 -39.18 -5.96
C GLU D 84 -38.45 -39.62 -6.18
N GLU D 85 -37.94 -40.53 -5.35
CA GLU D 85 -36.58 -41.11 -5.53
C GLU D 85 -36.62 -42.51 -6.15
N ASP D 86 -37.78 -43.15 -6.19
CA ASP D 86 -37.91 -44.45 -6.81
C ASP D 86 -38.24 -44.25 -8.28
N LEU D 87 -37.22 -44.33 -9.12
CA LEU D 87 -37.37 -44.24 -10.55
C LEU D 87 -37.32 -45.62 -11.22
N GLY D 88 -37.58 -46.67 -10.45
CA GLY D 88 -37.83 -48.00 -11.00
C GLY D 88 -36.67 -48.99 -10.88
N TRP D 89 -35.60 -48.63 -10.16
CA TRP D 89 -34.53 -49.59 -9.88
C TRP D 89 -35.11 -50.78 -9.10
N LYS D 90 -34.80 -51.98 -9.54
CA LYS D 90 -35.28 -53.21 -8.87
C LYS D 90 -34.11 -53.91 -8.19
N GLY D 91 -34.32 -54.29 -6.93
CA GLY D 91 -33.35 -55.09 -6.17
C GLY D 91 -32.27 -54.25 -5.49
N ASN D 92 -31.24 -54.94 -5.02
CA ASN D 92 -30.12 -54.28 -4.38
C ASN D 92 -29.19 -53.71 -5.43
N VAL D 93 -28.35 -52.76 -5.01
CA VAL D 93 -27.16 -52.41 -5.80
C VAL D 93 -26.22 -53.60 -5.67
N THR D 94 -25.63 -54.02 -6.77
CA THR D 94 -24.58 -55.04 -6.75
C THR D 94 -23.24 -54.34 -6.88
N VAL D 95 -22.36 -54.57 -5.91
CA VAL D 95 -21.02 -54.01 -5.90
C VAL D 95 -20.03 -55.16 -6.10
N LYS D 96 -19.13 -54.98 -7.07
CA LYS D 96 -18.12 -55.97 -7.38
C LYS D 96 -16.81 -55.38 -6.90
N GLU D 97 -16.19 -56.02 -5.92
CA GLU D 97 -14.92 -55.54 -5.40
C GLU D 97 -13.80 -56.15 -6.23
N GLU D 98 -12.89 -55.27 -6.66
CA GLU D 98 -11.66 -55.65 -7.35
C GLU D 98 -10.50 -55.22 -6.44
N PRO D 99 -9.26 -55.59 -6.80
CA PRO D 99 -8.17 -55.25 -5.90
C PRO D 99 -7.99 -53.76 -5.63
N SER D 100 -8.18 -52.89 -6.62
CA SER D 100 -7.97 -51.45 -6.44
C SER D 100 -9.22 -50.57 -6.69
N THR D 101 -10.36 -51.20 -6.99
CA THR D 101 -11.58 -50.50 -7.34
C THR D 101 -12.81 -51.26 -6.89
N TYR D 102 -13.96 -50.60 -6.92
CA TYR D 102 -15.25 -51.28 -6.91
C TYR D 102 -15.95 -50.96 -8.22
N GLU D 103 -16.80 -51.87 -8.68
CA GLU D 103 -17.57 -51.69 -9.91
C GLU D 103 -19.04 -51.83 -9.64
N ILE D 104 -19.84 -50.95 -10.23
CA ILE D 104 -21.30 -51.08 -10.21
C ILE D 104 -21.77 -50.88 -11.64
N PHE D 105 -22.62 -51.79 -12.13
CA PHE D 105 -23.11 -51.78 -13.51
C PHE D 105 -24.61 -51.53 -13.47
N THR D 106 -25.13 -50.75 -14.41
CA THR D 106 -26.56 -50.74 -14.73
C THR D 106 -26.69 -50.99 -16.22
N GLU D 107 -27.93 -51.02 -16.68
CA GLU D 107 -28.23 -51.18 -18.10
C GLU D 107 -27.60 -50.07 -18.96
N GLN D 108 -27.43 -48.87 -18.40
CA GLN D 108 -26.83 -47.74 -19.13
C GLN D 108 -25.46 -47.25 -18.65
N LEU D 109 -25.07 -47.58 -17.43
CA LEU D 109 -23.86 -47.01 -16.82
C LEU D 109 -22.86 -48.08 -16.36
N ARG D 110 -21.60 -47.72 -16.37
CA ARG D 110 -20.55 -48.51 -15.78
C ARG D 110 -19.84 -47.60 -14.78
N ILE D 111 -19.99 -47.90 -13.50
CA ILE D 111 -19.42 -47.05 -12.45
C ILE D 111 -18.15 -47.69 -11.92
N ARG D 112 -17.06 -46.94 -11.97
CA ARG D 112 -15.79 -47.37 -11.45
C ARG D 112 -15.47 -46.47 -10.27
N VAL D 113 -15.28 -47.08 -9.09
CA VAL D 113 -14.88 -46.38 -7.88
C VAL D 113 -13.44 -46.76 -7.52
N ASN D 114 -12.54 -45.79 -7.59
CA ASN D 114 -11.18 -45.97 -7.15
C ASN D 114 -11.13 -46.07 -5.62
N LYS D 115 -10.31 -46.97 -5.08
CA LYS D 115 -10.20 -47.13 -3.63
C LYS D 115 -9.31 -46.09 -3.00
N ALA D 116 -8.11 -45.92 -3.54
CA ALA D 116 -7.05 -45.16 -2.87
C ALA D 116 -6.43 -44.16 -3.82
N PRO D 117 -6.84 -42.89 -3.77
CA PRO D 117 -7.95 -42.36 -2.96
C PRO D 117 -9.34 -42.54 -3.62
N PHE D 118 -10.40 -42.21 -2.89
CA PHE D 118 -11.74 -42.35 -3.44
C PHE D 118 -11.88 -41.47 -4.67
N GLN D 119 -12.36 -42.06 -5.77
CA GLN D 119 -12.74 -41.32 -6.97
C GLN D 119 -13.92 -42.00 -7.62
N LEU D 120 -14.97 -41.24 -7.88
CA LEU D 120 -16.14 -41.74 -8.61
C LEU D 120 -15.98 -41.46 -10.09
N GLN D 121 -16.08 -42.50 -10.92
CA GLN D 121 -15.99 -42.35 -12.38
C GLN D 121 -17.19 -43.07 -12.97
N ILE D 122 -17.99 -42.35 -13.76
CA ILE D 122 -19.13 -42.94 -14.44
C ILE D 122 -18.91 -42.94 -15.96
N PHE D 123 -19.00 -44.13 -16.53
CA PHE D 123 -18.81 -44.37 -17.94
C PHE D 123 -20.14 -44.77 -18.55
N ASP D 124 -20.27 -44.57 -19.86
CA ASP D 124 -21.38 -45.19 -20.57
C ASP D 124 -21.01 -46.65 -20.91
N LYS D 125 -21.93 -47.38 -21.52
CA LYS D 125 -21.71 -48.80 -21.79
C LYS D 125 -20.67 -49.09 -22.90
N TYR D 126 -20.24 -48.05 -23.61
CA TYR D 126 -19.18 -48.15 -24.61
C TYR D 126 -17.83 -47.83 -23.99
N GLN D 127 -17.81 -47.64 -22.66
CA GLN D 127 -16.60 -47.34 -21.89
C GLN D 127 -15.97 -45.97 -22.19
N LYS D 128 -16.84 -45.02 -22.56
CA LYS D 128 -16.47 -43.60 -22.64
C LYS D 128 -16.74 -42.99 -21.27
N LEU D 129 -15.77 -42.23 -20.78
CA LEU D 129 -15.86 -41.61 -19.46
C LEU D 129 -16.78 -40.37 -19.56
N LEU D 130 -17.86 -40.36 -18.76
CA LEU D 130 -18.83 -39.25 -18.79
C LEU D 130 -18.55 -38.19 -17.71
N PHE D 131 -18.16 -38.64 -16.52
CA PHE D 131 -18.29 -37.83 -15.31
C PHE D 131 -17.29 -38.37 -14.29
N SER D 132 -16.32 -37.55 -13.92
CA SER D 132 -15.19 -38.04 -13.14
C SER D 132 -14.76 -37.05 -12.07
N ASP D 133 -14.54 -37.54 -10.84
CA ASP D 133 -13.91 -36.72 -9.80
C ASP D 133 -12.54 -36.20 -10.25
N TYR D 134 -12.24 -34.95 -9.93
CA TYR D 134 -10.94 -34.36 -10.20
C TYR D 134 -9.93 -34.77 -9.11
N ALA D 135 -8.94 -35.57 -9.52
CA ALA D 135 -7.87 -36.02 -8.66
C ALA D 135 -8.43 -36.62 -7.36
N GLU D 136 -7.90 -36.22 -6.21
CA GLU D 136 -8.39 -36.66 -4.90
C GLU D 136 -9.46 -35.69 -4.36
N LYS D 137 -9.82 -34.67 -5.14
CA LYS D 137 -10.63 -33.57 -4.63
C LYS D 137 -12.07 -33.64 -5.13
N GLY D 138 -12.59 -34.84 -5.37
CA GLY D 138 -13.96 -35.00 -5.82
C GLY D 138 -14.96 -34.38 -4.85
N PHE D 139 -14.70 -34.55 -3.55
CA PHE D 139 -15.46 -33.87 -2.49
C PHE D 139 -14.49 -33.12 -1.59
N VAL D 140 -14.77 -31.84 -1.34
CA VAL D 140 -13.96 -31.02 -0.47
C VAL D 140 -14.87 -30.39 0.58
N ASN D 141 -14.50 -30.53 1.86
CA ASN D 141 -15.17 -29.87 2.97
C ASN D 141 -14.18 -28.91 3.63
N ASP D 142 -14.62 -27.70 3.87
CA ASP D 142 -13.80 -26.77 4.62
C ASP D 142 -14.70 -26.05 5.61
N ASN D 143 -14.77 -26.60 6.82
CA ASN D 143 -15.48 -25.98 7.93
C ASN D 143 -16.94 -25.68 7.54
N GLY D 144 -17.58 -26.66 6.90
CA GLY D 144 -18.97 -26.52 6.49
C GLY D 144 -19.17 -26.14 5.03
N LYS D 145 -18.19 -25.46 4.42
CA LYS D 145 -18.22 -25.18 2.97
C LYS D 145 -17.99 -26.49 2.26
N ILE D 146 -18.85 -26.81 1.30
CA ILE D 146 -18.82 -28.08 0.60
C ILE D 146 -18.69 -27.83 -0.90
N ARG D 147 -17.83 -28.61 -1.56
CA ARG D 147 -17.53 -28.39 -2.96
C ARG D 147 -17.26 -29.73 -3.63
N THR D 148 -17.74 -29.86 -4.86
CA THR D 148 -17.49 -31.01 -5.71
C THR D 148 -16.69 -30.57 -6.94
N ASN D 149 -15.57 -31.25 -7.22
CA ASN D 149 -14.70 -30.91 -8.35
C ASN D 149 -14.70 -32.08 -9.30
N LYS D 150 -14.96 -31.80 -10.57
CA LYS D 150 -15.04 -32.81 -11.61
C LYS D 150 -14.07 -32.47 -12.73
N VAL D 151 -13.52 -33.52 -13.35
CA VAL D 151 -12.66 -33.34 -14.51
C VAL D 151 -13.46 -32.62 -15.60
N LEU D 152 -12.84 -31.64 -16.23
CA LEU D 152 -13.45 -30.90 -17.34
C LEU D 152 -12.67 -31.21 -18.62
N ARG D 153 -13.36 -31.63 -19.69
CA ARG D 153 -12.67 -31.81 -20.99
C ARG D 153 -12.89 -30.62 -21.91
N ASN D 154 -11.97 -30.48 -22.86
CA ASN D 154 -11.95 -29.33 -23.76
C ASN D 154 -13.21 -29.14 -24.56
N ASP D 155 -13.89 -30.23 -24.88
CA ASP D 155 -15.12 -30.17 -25.69
C ASP D 155 -16.43 -30.18 -24.89
N GLU D 156 -16.35 -30.15 -23.55
CA GLU D 156 -17.56 -30.27 -22.74
C GLU D 156 -18.26 -28.90 -22.62
N GLN D 157 -19.49 -28.82 -23.11
CA GLN D 157 -20.31 -27.63 -22.97
C GLN D 157 -21.40 -27.85 -21.91
N PHE D 158 -21.98 -26.75 -21.43
CA PHE D 158 -22.98 -26.79 -20.37
C PHE D 158 -24.16 -25.88 -20.66
N PHE D 159 -25.37 -26.36 -20.33
CA PHE D 159 -26.61 -25.56 -20.47
C PHE D 159 -27.40 -25.59 -19.17
N GLY D 160 -28.22 -24.55 -18.98
CA GLY D 160 -29.24 -24.57 -17.94
C GLY D 160 -28.98 -23.65 -16.77
N LEU D 161 -29.19 -24.16 -15.55
CA LEU D 161 -29.27 -23.34 -14.32
C LEU D 161 -30.43 -22.38 -14.30
N GLY D 162 -31.47 -22.69 -15.07
CA GLY D 162 -32.73 -21.99 -15.04
C GLY D 162 -32.74 -20.64 -15.69
N GLU D 163 -33.46 -19.72 -15.06
CA GLU D 163 -33.70 -18.41 -15.59
C GLU D 163 -32.52 -17.49 -15.29
N LYS D 164 -31.55 -17.54 -16.19
CA LYS D 164 -30.30 -16.81 -16.07
C LYS D 164 -29.94 -16.18 -17.42
N SER D 165 -29.21 -15.08 -17.33
CA SER D 165 -28.81 -14.24 -18.46
C SER D 165 -27.55 -14.77 -19.17
N GLY D 166 -27.11 -14.04 -20.19
CA GLY D 166 -25.93 -14.38 -20.98
C GLY D 166 -26.25 -15.35 -22.07
N ASN D 167 -25.20 -15.93 -22.65
CA ASN D 167 -25.37 -16.90 -23.73
C ASN D 167 -25.87 -18.24 -23.17
N LEU D 168 -26.64 -18.96 -23.98
CA LEU D 168 -27.12 -20.32 -23.61
C LEU D 168 -26.04 -21.23 -23.06
N ASN D 169 -24.89 -21.25 -23.72
CA ASN D 169 -23.79 -22.10 -23.32
C ASN D 169 -23.09 -21.46 -22.14
N ARG D 170 -23.10 -22.16 -21.00
CA ARG D 170 -22.54 -21.67 -19.75
C ARG D 170 -21.04 -21.97 -19.61
N ARG D 171 -20.47 -22.75 -20.54
CA ARG D 171 -19.04 -23.10 -20.48
C ARG D 171 -18.17 -21.83 -20.37
N GLY D 172 -17.25 -21.85 -19.41
CA GLY D 172 -16.31 -20.76 -19.18
C GLY D 172 -16.77 -19.70 -18.18
N SER D 173 -18.01 -19.79 -17.72
CA SER D 173 -18.56 -18.78 -16.81
C SER D 173 -18.96 -19.39 -15.46
N ALA D 174 -19.17 -18.51 -14.49
CA ALA D 174 -19.62 -18.87 -13.15
C ALA D 174 -20.99 -18.24 -12.87
N TYR D 175 -21.79 -18.96 -12.08
CA TYR D 175 -23.16 -18.58 -11.78
C TYR D 175 -23.45 -18.88 -10.32
N LYS D 176 -24.35 -18.10 -9.74
CA LYS D 176 -24.68 -18.17 -8.30
C LYS D 176 -26.19 -18.25 -8.13
N MET D 177 -26.60 -18.96 -7.09
CA MET D 177 -28.00 -19.09 -6.70
C MET D 177 -28.28 -18.28 -5.44
N TRP D 178 -28.80 -17.09 -5.67
CA TRP D 178 -29.30 -16.24 -4.60
C TRP D 178 -30.40 -15.40 -5.22
N ASN D 179 -31.65 -15.77 -4.96
CA ASN D 179 -32.79 -15.09 -5.59
C ASN D 179 -32.64 -13.59 -5.30
N SER D 180 -32.52 -12.81 -6.37
CA SER D 180 -32.14 -11.42 -6.29
C SER D 180 -33.14 -10.54 -7.02
N ASP D 181 -33.13 -9.27 -6.61
CA ASP D 181 -34.01 -8.24 -7.09
C ASP D 181 -33.09 -7.19 -7.72
N GLN D 182 -32.90 -7.33 -9.04
CA GLN D 182 -31.98 -6.50 -9.83
C GLN D 182 -32.77 -5.90 -10.98
N PRO D 183 -33.47 -4.78 -10.71
CA PRO D 183 -34.32 -4.22 -11.75
C PRO D 183 -33.52 -3.71 -12.94
N CYS D 184 -34.15 -3.77 -14.12
CA CYS D 184 -33.56 -3.28 -15.37
C CYS D 184 -32.20 -3.97 -15.61
N TYR D 185 -32.18 -5.27 -15.36
CA TYR D 185 -30.97 -6.03 -15.34
C TYR D 185 -30.32 -6.15 -16.71
N GLY D 186 -28.99 -6.21 -16.69
CA GLY D 186 -28.21 -6.26 -17.90
C GLY D 186 -28.15 -7.63 -18.54
N VAL D 187 -27.47 -7.67 -19.67
CA VAL D 187 -27.36 -8.85 -20.51
C VAL D 187 -26.59 -10.00 -19.85
N ASN D 188 -25.76 -9.71 -18.85
CA ASN D 188 -25.00 -10.74 -18.13
C ASN D 188 -25.24 -10.78 -16.62
N GLU D 189 -26.22 -10.04 -16.13
CA GLU D 189 -26.44 -9.90 -14.70
C GLU D 189 -26.79 -11.25 -14.07
N ASP D 190 -26.11 -11.59 -12.99
CA ASP D 190 -26.33 -12.82 -12.25
C ASP D 190 -25.91 -12.57 -10.81
N PRO D 191 -26.67 -13.08 -9.82
CA PRO D 191 -27.92 -13.85 -9.92
C PRO D 191 -29.13 -13.01 -10.24
N LEU D 192 -30.18 -13.66 -10.75
CA LEU D 192 -31.45 -13.04 -10.96
C LEU D 192 -32.47 -13.67 -9.98
N TYR D 193 -33.74 -13.72 -10.37
CA TYR D 193 -34.85 -13.95 -9.46
C TYR D 193 -35.08 -15.39 -9.02
N LYS D 194 -34.72 -16.35 -9.87
CA LYS D 194 -35.01 -17.78 -9.64
C LYS D 194 -33.73 -18.62 -9.59
N SER D 195 -33.77 -19.66 -8.76
CA SER D 195 -32.63 -20.52 -8.49
C SER D 195 -33.02 -21.97 -8.74
N ILE D 196 -32.67 -22.45 -9.94
CA ILE D 196 -32.97 -23.81 -10.35
C ILE D 196 -31.64 -24.51 -10.63
N PRO D 197 -31.07 -25.20 -9.63
CA PRO D 197 -29.71 -25.75 -9.80
C PRO D 197 -29.66 -27.10 -10.54
N PHE D 198 -30.11 -27.05 -11.79
CA PHE D 198 -30.16 -28.18 -12.70
C PHE D 198 -29.48 -27.73 -13.97
N PHE D 199 -28.36 -28.38 -14.30
CA PHE D 199 -27.63 -28.12 -15.55
C PHE D 199 -27.45 -29.40 -16.33
N MET D 200 -27.17 -29.28 -17.63
CA MET D 200 -26.89 -30.40 -18.51
C MET D 200 -25.55 -30.19 -19.17
N SER D 201 -24.83 -31.28 -19.33
CA SER D 201 -23.55 -31.30 -19.99
C SER D 201 -23.72 -31.88 -21.38
N SER D 202 -22.90 -31.41 -22.33
CA SER D 202 -22.88 -31.99 -23.67
C SER D 202 -22.29 -33.43 -23.73
N TYR D 203 -21.74 -33.91 -22.60
CA TYR D 203 -21.47 -35.34 -22.42
C TYR D 203 -22.74 -36.15 -22.12
N ARG D 204 -23.89 -35.48 -22.13
CA ARG D 204 -25.22 -36.08 -22.05
C ARG D 204 -25.49 -36.66 -20.67
N TYR D 205 -25.26 -35.82 -19.66
CA TYR D 205 -25.81 -36.08 -18.35
C TYR D 205 -26.30 -34.75 -17.78
N GLY D 206 -27.24 -34.86 -16.86
CA GLY D 206 -27.68 -33.72 -16.06
C GLY D 206 -27.19 -33.85 -14.62
N ILE D 207 -27.09 -32.71 -13.95
CA ILE D 207 -26.84 -32.65 -12.53
C ILE D 207 -27.90 -31.76 -11.89
N PHE D 208 -28.53 -32.28 -10.85
CA PHE D 208 -29.40 -31.47 -10.01
C PHE D 208 -28.74 -31.42 -8.64
N PHE D 209 -28.30 -30.23 -8.22
CA PHE D 209 -27.63 -30.05 -6.96
C PHE D 209 -28.73 -29.67 -5.94
N ASP D 210 -29.06 -30.63 -5.09
CA ASP D 210 -30.25 -30.63 -4.23
C ASP D 210 -29.90 -29.90 -2.93
N ASN D 211 -29.51 -28.63 -3.05
CA ASN D 211 -29.04 -27.80 -1.93
C ASN D 211 -29.64 -26.39 -2.17
N THR D 212 -30.17 -25.78 -1.11
CA THR D 212 -30.94 -24.54 -1.23
C THR D 212 -30.16 -23.31 -0.79
N TYR D 213 -28.92 -23.50 -0.36
CA TYR D 213 -28.06 -22.41 0.07
C TYR D 213 -27.56 -21.63 -1.15
N LYS D 214 -26.67 -20.67 -0.92
CA LYS D 214 -26.09 -19.86 -1.99
C LYS D 214 -25.05 -20.66 -2.77
N THR D 215 -25.55 -21.52 -3.65
CA THR D 215 -24.69 -22.41 -4.42
C THR D 215 -23.98 -21.69 -5.56
N GLU D 216 -22.79 -22.14 -5.93
CA GLU D 216 -22.06 -21.55 -7.04
C GLU D 216 -21.58 -22.63 -7.98
N PHE D 217 -21.69 -22.34 -9.29
CA PHE D 217 -21.34 -23.26 -10.35
C PHE D 217 -20.25 -22.59 -11.18
N LYS D 218 -19.14 -23.29 -11.38
CA LYS D 218 -17.98 -22.73 -12.08
C LYS D 218 -17.61 -23.70 -13.20
N PHE D 219 -18.02 -23.36 -14.42
CA PHE D 219 -17.93 -24.29 -15.54
C PHE D 219 -16.63 -24.05 -16.29
N GLY D 220 -15.51 -24.31 -15.64
CA GLY D 220 -14.22 -24.00 -16.22
C GLY D 220 -13.88 -22.53 -16.17
N SER D 221 -14.51 -21.78 -15.28
CA SER D 221 -14.18 -20.38 -15.06
C SER D 221 -12.91 -20.19 -14.20
N GLU D 222 -12.49 -21.23 -13.46
CA GLU D 222 -11.24 -21.18 -12.67
C GLU D 222 -10.06 -21.85 -13.35
N SER D 223 -10.35 -22.93 -14.07
CA SER D 223 -9.34 -23.75 -14.72
C SER D 223 -9.98 -24.47 -15.88
N ASN D 224 -9.20 -24.78 -16.89
CA ASN D 224 -9.62 -25.72 -17.95
C ASN D 224 -9.64 -27.16 -17.52
N ASP D 225 -9.02 -27.49 -16.37
CA ASP D 225 -8.87 -28.87 -15.93
C ASP D 225 -10.04 -29.40 -15.12
N TYR D 226 -10.84 -28.52 -14.55
CA TYR D 226 -11.95 -28.95 -13.73
C TYR D 226 -13.10 -27.95 -13.72
N TYR D 227 -14.29 -28.45 -13.42
CA TYR D 227 -15.42 -27.60 -13.08
C TYR D 227 -15.90 -28.01 -11.71
N SER D 228 -16.69 -27.13 -11.09
CA SER D 228 -17.15 -27.37 -9.72
C SER D 228 -18.55 -26.84 -9.46
N PHE D 229 -19.19 -27.44 -8.47
CA PHE D 229 -20.33 -26.84 -7.82
C PHE D 229 -20.18 -26.95 -6.31
N GLU D 230 -20.65 -25.91 -5.60
CA GLU D 230 -20.38 -25.76 -4.18
C GLU D 230 -21.50 -25.04 -3.44
N ALA D 231 -21.41 -25.11 -2.12
CA ALA D 231 -22.34 -24.40 -1.24
C ALA D 231 -21.61 -24.02 0.04
N PRO D 232 -22.06 -22.95 0.71
CA PRO D 232 -21.37 -22.48 1.91
C PRO D 232 -21.76 -23.27 3.14
N ALA D 233 -22.79 -24.10 3.03
CA ALA D 233 -23.30 -24.89 4.14
C ALA D 233 -24.26 -25.94 3.60
N GLY D 234 -24.82 -26.74 4.51
CA GLY D 234 -25.77 -27.80 4.15
C GLY D 234 -25.06 -29.03 3.62
N GLN D 235 -25.79 -29.86 2.88
CA GLN D 235 -25.31 -31.18 2.47
C GLN D 235 -25.02 -31.28 0.97
N MET D 236 -23.95 -32.02 0.65
CA MET D 236 -23.54 -32.23 -0.72
C MET D 236 -24.34 -33.39 -1.27
N VAL D 237 -25.55 -33.09 -1.71
CA VAL D 237 -26.47 -34.05 -2.25
C VAL D 237 -26.75 -33.63 -3.69
N TYR D 238 -26.43 -34.50 -4.65
CA TYR D 238 -26.76 -34.21 -6.05
C TYR D 238 -27.15 -35.45 -6.79
N TYR D 239 -27.87 -35.23 -7.87
CA TYR D 239 -28.37 -36.30 -8.70
C TYR D 239 -27.69 -36.23 -10.04
N PHE D 240 -27.06 -37.35 -10.41
CA PHE D 240 -26.52 -37.57 -11.74
C PHE D 240 -27.62 -38.23 -12.54
N MET D 241 -27.99 -37.59 -13.66
CA MET D 241 -29.09 -38.04 -14.50
C MET D 241 -28.55 -38.28 -15.91
N PHE D 242 -28.29 -39.54 -16.22
CA PHE D 242 -27.86 -39.94 -17.56
C PHE D 242 -28.98 -39.76 -18.56
N GLY D 243 -28.63 -39.44 -19.79
CA GLY D 243 -29.53 -39.58 -20.93
C GLY D 243 -28.72 -39.89 -22.17
N ASN D 244 -29.33 -40.54 -23.15
CA ASN D 244 -28.68 -40.64 -24.47
C ASN D 244 -28.93 -39.37 -25.30
N ASP D 245 -29.76 -38.47 -24.78
CA ASP D 245 -29.96 -37.16 -25.34
C ASP D 245 -30.51 -36.25 -24.25
N TYR D 246 -30.73 -34.98 -24.57
CA TYR D 246 -31.25 -34.02 -23.57
C TYR D 246 -32.67 -34.32 -23.16
N LYS D 247 -33.46 -34.83 -24.09
CA LYS D 247 -34.85 -35.17 -23.77
C LYS D 247 -34.93 -36.20 -22.66
N GLU D 248 -34.13 -37.25 -22.77
CA GLU D 248 -34.10 -38.28 -21.71
C GLU D 248 -33.62 -37.74 -20.35
N ILE D 249 -32.68 -36.81 -20.37
CA ILE D 249 -32.22 -36.17 -19.14
C ILE D 249 -33.37 -35.39 -18.49
N ILE D 250 -34.09 -34.63 -19.30
CA ILE D 250 -35.23 -33.85 -18.81
C ILE D 250 -36.36 -34.77 -18.32
N GLN D 251 -36.62 -35.87 -19.03
CA GLN D 251 -37.61 -36.85 -18.57
C GLN D 251 -37.21 -37.39 -17.17
N ASN D 252 -35.91 -37.65 -16.96
CA ASN D 252 -35.41 -38.07 -15.65
C ASN D 252 -35.63 -36.98 -14.60
N TYR D 253 -35.33 -35.74 -14.98
CA TYR D 253 -35.50 -34.64 -14.06
C TYR D 253 -36.95 -34.48 -13.58
N ILE D 254 -37.95 -34.63 -14.47
CA ILE D 254 -39.34 -34.51 -14.03
C ILE D 254 -39.84 -35.75 -13.30
N ALA D 255 -39.21 -36.91 -13.52
CA ALA D 255 -39.48 -38.07 -12.66
C ALA D 255 -39.11 -37.74 -11.20
N LEU D 256 -38.01 -37.03 -11.01
CA LEU D 256 -37.55 -36.65 -9.69
C LEU D 256 -38.35 -35.50 -9.08
N THR D 257 -38.63 -34.47 -9.89
CA THR D 257 -39.13 -33.17 -9.39
C THR D 257 -40.55 -32.81 -9.84
N GLY D 258 -41.20 -33.66 -10.63
CA GLY D 258 -42.61 -33.54 -10.95
C GLY D 258 -42.95 -33.04 -12.34
N LYS D 259 -44.06 -33.54 -12.85
CA LYS D 259 -44.60 -33.11 -14.12
C LYS D 259 -45.08 -31.65 -14.03
N PRO D 260 -44.80 -30.83 -15.04
CA PRO D 260 -45.43 -29.50 -15.06
C PRO D 260 -46.94 -29.54 -15.13
N ILE D 261 -47.60 -28.78 -14.25
CA ILE D 261 -49.02 -28.50 -14.43
C ILE D 261 -49.22 -27.64 -15.68
N MET D 262 -50.35 -27.85 -16.33
CA MET D 262 -50.75 -27.09 -17.49
C MET D 262 -51.57 -25.88 -17.03
N PRO D 263 -51.43 -24.74 -17.70
CA PRO D 263 -52.35 -23.66 -17.42
C PRO D 263 -53.76 -23.96 -17.94
N PRO D 264 -54.75 -23.19 -17.48
CA PRO D 264 -56.01 -23.16 -18.23
C PRO D 264 -55.72 -22.77 -19.68
N LYS D 265 -56.46 -23.36 -20.60
CA LYS D 265 -56.20 -23.17 -22.04
C LYS D 265 -56.11 -21.72 -22.54
N TRP D 266 -56.95 -20.88 -21.95
CA TRP D 266 -57.01 -19.45 -22.28
C TRP D 266 -55.76 -18.65 -21.90
N ALA D 267 -54.91 -19.19 -21.03
CA ALA D 267 -53.59 -18.61 -20.77
C ALA D 267 -52.65 -18.55 -21.98
N LEU D 268 -52.92 -19.35 -23.02
CA LEU D 268 -52.06 -19.34 -24.21
C LEU D 268 -52.42 -18.26 -25.21
N GLY D 269 -53.42 -17.43 -24.90
CA GLY D 269 -53.69 -16.24 -25.68
C GLY D 269 -52.75 -15.10 -25.34
N PHE D 270 -53.21 -13.88 -25.54
CA PHE D 270 -52.42 -12.66 -25.26
C PHE D 270 -52.91 -12.06 -23.96
N SER D 271 -51.96 -11.49 -23.20
CA SER D 271 -52.21 -10.95 -21.88
C SER D 271 -51.70 -9.51 -21.82
N GLN D 272 -52.36 -8.68 -21.02
CA GLN D 272 -52.04 -7.25 -20.91
C GLN D 272 -52.02 -6.82 -19.46
N CYS D 273 -51.01 -6.03 -19.13
CA CYS D 273 -50.81 -5.50 -17.80
C CYS D 273 -50.20 -4.10 -17.92
N ARG D 274 -50.15 -3.42 -16.78
CA ARG D 274 -49.39 -2.19 -16.62
C ARG D 274 -49.23 -1.98 -15.13
N GLY D 275 -48.21 -1.22 -14.75
CA GLY D 275 -47.96 -0.88 -13.37
C GLY D 275 -49.12 -0.25 -12.63
N ASP D 276 -49.94 0.51 -13.37
CA ASP D 276 -51.11 1.19 -12.78
C ASP D 276 -52.45 0.51 -13.13
N TYR D 277 -52.44 -0.76 -13.58
CA TYR D 277 -53.69 -1.50 -13.80
C TYR D 277 -54.21 -1.88 -12.43
N THR D 278 -54.87 -0.91 -11.77
CA THR D 278 -55.31 -1.04 -10.40
C THR D 278 -56.71 -0.37 -10.18
N ARG D 279 -57.49 -0.22 -11.25
CA ARG D 279 -58.74 0.55 -11.23
C ARG D 279 -59.84 -0.08 -12.08
N GLU D 280 -61.06 -0.05 -11.56
CA GLU D 280 -62.22 -0.55 -12.28
C GLU D 280 -62.50 0.12 -13.63
N ASP D 281 -62.54 1.45 -13.63
CA ASP D 281 -62.82 2.19 -14.86
C ASP D 281 -61.81 1.88 -15.98
N GLN D 282 -60.57 1.75 -15.59
CA GLN D 282 -59.49 1.50 -16.54
C GLN D 282 -59.60 0.07 -17.09
N ALA D 283 -59.84 -0.90 -16.21
CA ALA D 283 -60.07 -2.28 -16.63
C ALA D 283 -61.21 -2.38 -17.64
N ARG D 284 -62.33 -1.72 -17.36
CA ARG D 284 -63.46 -1.67 -18.30
C ARG D 284 -63.08 -1.04 -19.63
N GLU D 285 -62.34 0.06 -19.58
CA GLU D 285 -61.94 0.81 -20.77
C GLU D 285 -60.98 0.00 -21.65
N ILE D 286 -59.98 -0.60 -21.03
CA ILE D 286 -59.03 -1.45 -21.75
C ILE D 286 -59.72 -2.66 -22.41
N ALA D 287 -60.57 -3.36 -21.67
CA ALA D 287 -61.33 -4.48 -22.23
C ALA D 287 -62.11 -4.04 -23.48
N ALA D 288 -62.82 -2.93 -23.36
CA ALA D 288 -63.58 -2.37 -24.50
C ALA D 288 -62.71 -2.02 -25.70
N GLU D 289 -61.55 -1.43 -25.44
CA GLU D 289 -60.61 -1.03 -26.50
C GLU D 289 -60.03 -2.23 -27.30
N PHE D 290 -59.64 -3.29 -26.60
CA PHE D 290 -59.14 -4.49 -27.28
C PHE D 290 -60.21 -5.03 -28.24
N ARG D 291 -61.43 -5.20 -27.74
CA ARG D 291 -62.50 -5.78 -28.54
C ARG D 291 -62.91 -4.89 -29.73
N LYS D 292 -62.98 -3.58 -29.51
CA LYS D 292 -63.30 -2.63 -30.59
C LYS D 292 -62.23 -2.64 -31.68
N ARG D 293 -60.96 -2.70 -31.27
CA ARG D 293 -59.86 -2.72 -32.22
C ARG D 293 -59.56 -4.13 -32.80
N LYS D 294 -60.35 -5.12 -32.42
CA LYS D 294 -60.18 -6.51 -32.84
C LYS D 294 -58.71 -6.96 -32.68
N ILE D 295 -58.16 -6.68 -31.50
CA ILE D 295 -56.83 -7.18 -31.09
C ILE D 295 -57.11 -8.29 -30.07
N PRO D 296 -56.89 -9.58 -30.47
CA PRO D 296 -57.25 -10.65 -29.54
C PRO D 296 -56.52 -10.52 -28.20
N CYS D 297 -57.22 -10.89 -27.13
CA CYS D 297 -56.68 -10.75 -25.78
C CYS D 297 -57.56 -11.53 -24.84
N ASP D 298 -56.93 -12.35 -24.00
CA ASP D 298 -57.63 -13.16 -23.01
C ASP D 298 -57.54 -12.67 -21.58
N ILE D 299 -56.40 -12.10 -21.19
CA ILE D 299 -56.17 -11.82 -19.77
C ILE D 299 -55.87 -10.36 -19.56
N ILE D 300 -56.62 -9.76 -18.64
CA ILE D 300 -56.27 -8.45 -18.12
C ILE D 300 -55.79 -8.67 -16.69
N TYR D 301 -54.52 -8.35 -16.45
CA TYR D 301 -53.91 -8.44 -15.13
C TYR D 301 -54.28 -7.17 -14.34
N GLN D 302 -54.19 -7.27 -13.02
CA GLN D 302 -54.16 -6.11 -12.15
C GLN D 302 -52.90 -6.18 -11.29
N ASP D 303 -52.23 -5.03 -11.18
CA ASP D 303 -51.01 -4.95 -10.41
C ASP D 303 -51.32 -4.69 -8.92
N ILE D 304 -50.26 -4.58 -8.13
CA ILE D 304 -50.31 -4.70 -6.68
C ILE D 304 -51.14 -3.61 -6.00
N GLY D 305 -51.27 -2.44 -6.63
CA GLY D 305 -52.17 -1.41 -6.09
C GLY D 305 -53.64 -1.73 -6.11
N TRP D 306 -54.04 -2.88 -6.67
CA TRP D 306 -55.44 -3.30 -6.62
C TRP D 306 -55.95 -3.53 -5.19
N THR D 307 -55.06 -3.98 -4.30
CA THR D 307 -55.43 -4.39 -2.95
C THR D 307 -55.36 -3.20 -1.99
N GLU D 308 -56.27 -3.18 -1.02
CA GLU D 308 -56.39 -2.05 -0.09
C GLU D 308 -55.10 -1.87 0.68
N GLY D 309 -54.50 -2.98 1.09
CA GLY D 309 -53.22 -2.98 1.75
C GLY D 309 -52.50 -4.30 1.51
N LEU D 310 -51.18 -4.29 1.67
CA LEU D 310 -50.41 -5.52 1.64
C LEU D 310 -50.74 -6.26 2.93
N GLN D 311 -51.35 -7.45 2.89
CA GLN D 311 -51.81 -8.15 1.68
C GLN D 311 -53.15 -8.76 2.05
N ASP D 312 -54.16 -7.89 2.05
CA ASP D 312 -55.48 -8.27 2.58
C ASP D 312 -56.41 -8.79 1.54
N PHE D 313 -56.04 -8.63 0.25
CA PHE D 313 -56.86 -9.08 -0.89
C PHE D 313 -58.28 -8.45 -0.93
N ASP D 314 -58.39 -7.22 -0.43
CA ASP D 314 -59.64 -6.44 -0.52
C ASP D 314 -59.48 -5.45 -1.65
N TRP D 315 -60.48 -5.38 -2.53
CA TRP D 315 -60.43 -4.47 -3.66
C TRP D 315 -60.37 -3.06 -3.13
N ARG D 316 -59.33 -2.31 -3.49
CA ARG D 316 -59.10 -0.97 -2.93
C ARG D 316 -60.31 -0.06 -3.18
N LYS D 317 -60.90 0.49 -2.11
CA LYS D 317 -62.19 1.20 -2.21
C LYS D 317 -62.15 2.42 -3.14
N ASN D 318 -61.04 3.16 -3.09
CA ASN D 318 -60.82 4.32 -3.97
C ASN D 318 -60.79 3.96 -5.45
N ASN D 319 -60.48 2.70 -5.76
CA ASN D 319 -60.18 2.27 -7.12
C ASN D 319 -61.22 1.36 -7.77
N TYR D 320 -62.03 0.67 -6.96
CA TYR D 320 -63.10 -0.18 -7.47
C TYR D 320 -64.40 0.11 -6.73
N ASN D 321 -65.44 0.31 -7.50
CA ASN D 321 -66.79 0.55 -6.99
C ASN D 321 -67.62 -0.75 -6.89
N ASN D 322 -67.63 -1.50 -7.98
CA ASN D 322 -68.38 -2.77 -8.08
C ASN D 322 -67.45 -3.85 -8.64
N PRO D 323 -66.52 -4.36 -7.81
CA PRO D 323 -65.56 -5.34 -8.34
C PRO D 323 -66.22 -6.62 -8.87
N LYS D 324 -67.25 -7.14 -8.21
CA LYS D 324 -67.96 -8.32 -8.74
C LYS D 324 -68.54 -8.06 -10.12
N GLY D 325 -69.17 -6.90 -10.29
CA GLY D 325 -69.74 -6.53 -11.58
C GLY D 325 -68.70 -6.35 -12.67
N MET D 326 -67.56 -5.76 -12.28
CA MET D 326 -66.42 -5.56 -13.20
C MET D 326 -65.92 -6.91 -13.73
N VAL D 327 -65.68 -7.85 -12.83
CA VAL D 327 -65.12 -9.16 -13.22
C VAL D 327 -66.12 -9.91 -14.12
N LYS D 328 -67.39 -9.86 -13.75
CA LYS D 328 -68.45 -10.53 -14.53
C LYS D 328 -68.57 -9.90 -15.93
N ASP D 329 -68.59 -8.56 -16.00
CA ASP D 329 -68.67 -7.87 -17.28
C ASP D 329 -67.49 -8.19 -18.18
N LEU D 330 -66.29 -8.23 -17.59
CA LEU D 330 -65.11 -8.58 -18.36
C LEU D 330 -65.20 -10.05 -18.82
N SER D 331 -65.67 -10.93 -17.95
CA SER D 331 -65.85 -12.36 -18.27
C SER D 331 -66.83 -12.55 -19.44
N ASP D 332 -67.94 -11.79 -19.42
CA ASP D 332 -68.89 -11.83 -20.54
C ASP D 332 -68.27 -11.38 -21.85
N MET D 333 -67.24 -10.51 -21.79
CA MET D 333 -66.48 -10.09 -22.98
C MET D 333 -65.27 -10.99 -23.28
N GLY D 334 -65.16 -12.09 -22.55
CA GLY D 334 -64.13 -13.11 -22.81
C GLY D 334 -62.83 -12.89 -22.08
N PHE D 335 -62.79 -11.91 -21.16
CA PHE D 335 -61.57 -11.58 -20.41
C PHE D 335 -61.55 -12.28 -19.05
N LYS D 336 -60.41 -12.85 -18.73
CA LYS D 336 -60.13 -13.41 -17.41
C LYS D 336 -59.22 -12.44 -16.68
N MET D 337 -59.38 -12.32 -15.38
CA MET D 337 -58.54 -11.43 -14.58
C MET D 337 -57.59 -12.19 -13.66
N ILE D 338 -56.36 -11.69 -13.56
CA ILE D 338 -55.31 -12.24 -12.74
C ILE D 338 -54.74 -11.10 -11.90
N VAL D 339 -54.73 -11.26 -10.58
CA VAL D 339 -54.33 -10.19 -9.68
C VAL D 339 -53.02 -10.50 -8.97
N SER D 340 -52.29 -9.44 -8.63
CA SER D 340 -51.01 -9.55 -7.97
C SER D 340 -51.15 -9.85 -6.48
N GLN D 341 -50.12 -10.50 -5.94
CA GLN D 341 -49.93 -10.54 -4.49
C GLN D 341 -48.46 -10.45 -4.17
N ASP D 342 -48.15 -9.71 -3.12
CA ASP D 342 -46.83 -9.70 -2.50
C ASP D 342 -46.89 -10.60 -1.26
N PRO D 343 -45.70 -11.03 -0.75
CA PRO D 343 -45.67 -11.98 0.36
C PRO D 343 -45.53 -11.33 1.75
N VAL D 344 -45.95 -10.07 1.86
CA VAL D 344 -45.69 -9.29 3.09
C VAL D 344 -46.96 -8.63 3.58
N ILE D 345 -46.98 -8.34 4.87
CA ILE D 345 -48.07 -7.57 5.50
C ILE D 345 -47.50 -6.25 5.99
N SER D 346 -48.01 -5.15 5.44
CA SER D 346 -47.56 -3.81 5.86
C SER D 346 -47.87 -3.60 7.33
N GLN D 347 -46.91 -3.11 8.09
CA GLN D 347 -47.17 -2.71 9.49
C GLN D 347 -48.30 -1.67 9.57
N ALA D 348 -48.39 -0.79 8.58
CA ALA D 348 -49.49 0.17 8.46
C ALA D 348 -50.86 -0.45 8.31
N ASN D 349 -50.90 -1.66 7.77
CA ASN D 349 -52.12 -2.46 7.67
C ASN D 349 -52.27 -3.14 9.03
N GLN D 350 -52.67 -2.35 10.03
CA GLN D 350 -52.56 -2.74 11.43
C GLN D 350 -53.36 -3.98 11.78
N GLN D 351 -54.59 -4.07 11.27
CA GLN D 351 -55.48 -5.20 11.54
C GLN D 351 -54.82 -6.52 11.16
N GLN D 352 -54.31 -6.59 9.93
CA GLN D 352 -53.73 -7.84 9.42
C GLN D 352 -52.34 -8.09 10.00
N TRP D 353 -51.52 -7.05 10.17
CA TRP D 353 -50.18 -7.24 10.72
C TRP D 353 -50.27 -7.78 12.16
N LYS D 354 -51.13 -7.14 12.97
CA LYS D 354 -51.33 -7.59 14.37
C LYS D 354 -51.81 -9.03 14.47
N GLU D 355 -52.71 -9.41 13.58
CA GLU D 355 -53.23 -10.77 13.55
C GLU D 355 -52.12 -11.75 13.20
N ALA D 356 -51.38 -11.48 12.13
CA ALA D 356 -50.26 -12.33 11.71
C ALA D 356 -49.20 -12.42 12.80
N ASP D 357 -48.81 -11.27 13.34
CA ASP D 357 -47.82 -11.21 14.40
C ASP D 357 -48.26 -12.04 15.64
N ALA D 358 -49.51 -11.86 16.06
CA ALA D 358 -50.06 -12.54 17.25
C ALA D 358 -50.10 -14.06 17.08
N LEU D 359 -50.42 -14.50 15.86
CA LEU D 359 -50.45 -15.93 15.53
C LEU D 359 -49.07 -16.55 15.33
N GLY D 360 -48.02 -15.75 15.29
CA GLY D 360 -46.68 -16.26 15.05
C GLY D 360 -46.47 -16.62 13.58
N HIS D 361 -47.19 -15.94 12.69
CA HIS D 361 -47.17 -16.23 11.27
C HIS D 361 -46.13 -15.44 10.46
N LEU D 362 -45.41 -14.53 11.11
CA LEU D 362 -44.36 -13.75 10.43
C LEU D 362 -42.97 -14.32 10.69
N VAL D 363 -42.08 -14.17 9.71
CA VAL D 363 -40.69 -14.57 9.86
C VAL D 363 -40.08 -13.75 11.00
N LYS D 364 -39.27 -14.40 11.84
CA LYS D 364 -38.71 -13.77 13.03
C LYS D 364 -37.32 -13.25 12.76
N ASP D 365 -36.86 -12.41 13.68
CA ASP D 365 -35.48 -11.94 13.70
C ASP D 365 -34.82 -12.74 14.82
N VAL D 366 -33.78 -13.49 14.48
CA VAL D 366 -33.04 -14.30 15.47
C VAL D 366 -32.44 -13.48 16.61
N ARG D 367 -32.18 -12.20 16.40
CA ARG D 367 -31.63 -11.32 17.43
C ARG D 367 -32.62 -10.93 18.52
N THR D 368 -33.92 -10.90 18.19
CA THR D 368 -34.96 -10.47 19.15
C THR D 368 -36.00 -11.52 19.50
N GLY D 369 -36.11 -12.59 18.72
CA GLY D 369 -37.22 -13.51 18.83
C GLY D 369 -38.56 -12.97 18.36
N LYS D 370 -38.60 -11.75 17.82
CA LYS D 370 -39.86 -11.13 17.42
C LYS D 370 -39.90 -11.03 15.89
N SER D 371 -41.02 -10.57 15.37
CA SER D 371 -41.20 -10.47 13.94
C SER D 371 -40.11 -9.59 13.31
N TYR D 372 -39.49 -10.08 12.24
CA TYR D 372 -38.45 -9.33 11.53
C TYR D 372 -39.03 -8.05 10.92
N ASP D 373 -38.30 -6.96 11.06
CA ASP D 373 -38.73 -5.65 10.62
C ASP D 373 -38.15 -5.35 9.23
N MET D 374 -38.97 -5.56 8.21
CA MET D 374 -38.51 -5.61 6.82
C MET D 374 -38.90 -4.33 6.08
N PRO D 375 -37.93 -3.61 5.49
CA PRO D 375 -38.33 -2.48 4.64
C PRO D 375 -39.01 -2.97 3.38
N TRP D 376 -39.86 -2.15 2.77
CA TRP D 376 -40.54 -2.51 1.52
C TRP D 376 -40.75 -1.24 0.69
N PRO D 377 -40.72 -1.34 -0.65
CA PRO D 377 -40.82 -0.11 -1.46
C PRO D 377 -42.14 0.62 -1.45
N TRP D 378 -43.23 -0.08 -1.09
CA TRP D 378 -44.54 0.55 -0.91
C TRP D 378 -45.23 0.01 0.34
N GLY D 379 -45.99 0.88 0.99
CA GLY D 379 -46.75 0.47 2.15
C GLY D 379 -46.02 0.58 3.48
N GLY D 380 -44.75 1.00 3.48
CA GLY D 380 -43.92 1.06 4.71
C GLY D 380 -43.30 -0.27 5.12
N ASN D 381 -42.62 -0.28 6.26
CA ASN D 381 -42.03 -1.51 6.76
C ASN D 381 -43.14 -2.55 6.98
N CYS D 382 -42.73 -3.81 6.88
CA CYS D 382 -43.66 -4.90 6.75
C CYS D 382 -43.18 -6.11 7.55
N GLY D 383 -44.10 -7.05 7.73
CA GLY D 383 -43.76 -8.39 8.20
C GLY D 383 -43.69 -9.31 6.99
N VAL D 384 -42.68 -10.16 6.97
CA VAL D 384 -42.51 -11.18 5.91
C VAL D 384 -43.32 -12.41 6.34
N VAL D 385 -44.31 -12.82 5.55
CA VAL D 385 -45.18 -13.94 5.92
C VAL D 385 -44.37 -15.26 5.86
N ASP D 386 -44.44 -16.05 6.93
CA ASP D 386 -43.65 -17.28 6.97
C ASP D 386 -44.37 -18.48 6.31
N PHE D 387 -44.24 -18.61 5.00
CA PHE D 387 -44.90 -19.72 4.28
C PHE D 387 -44.24 -21.09 4.51
N THR D 388 -43.14 -21.15 5.25
CA THR D 388 -42.61 -22.43 5.73
C THR D 388 -43.34 -22.96 6.98
N LYS D 389 -44.10 -22.10 7.66
CA LYS D 389 -44.88 -22.53 8.82
C LYS D 389 -46.19 -23.16 8.34
N PRO D 390 -46.43 -24.44 8.67
CA PRO D 390 -47.59 -25.14 8.11
C PRO D 390 -48.93 -24.41 8.29
N GLU D 391 -49.17 -23.82 9.46
CA GLU D 391 -50.47 -23.24 9.75
C GLU D 391 -50.74 -21.96 8.94
N VAL D 392 -49.67 -21.30 8.46
CA VAL D 392 -49.79 -20.15 7.57
C VAL D 392 -50.56 -20.47 6.28
N ALA D 393 -50.44 -21.70 5.77
CA ALA D 393 -51.09 -22.01 4.50
C ALA D 393 -52.58 -21.73 4.52
N ASP D 394 -53.28 -22.25 5.53
CA ASP D 394 -54.74 -22.11 5.57
C ASP D 394 -55.15 -20.69 5.88
N TRP D 395 -54.36 -20.00 6.70
CA TRP D 395 -54.56 -18.59 6.98
C TRP D 395 -54.46 -17.74 5.68
N TRP D 396 -53.38 -17.93 4.93
CA TRP D 396 -53.24 -17.23 3.64
C TRP D 396 -54.33 -17.60 2.65
N GLY D 397 -54.69 -18.89 2.61
CA GLY D 397 -55.72 -19.36 1.70
C GLY D 397 -57.05 -18.64 1.84
N SER D 398 -57.44 -18.35 3.07
CA SER D 398 -58.69 -17.64 3.35
C SER D 398 -58.65 -16.21 2.83
N TYR D 399 -57.50 -15.54 3.01
CA TYR D 399 -57.33 -14.19 2.48
C TYR D 399 -57.35 -14.18 0.96
N GLN D 400 -56.54 -15.03 0.32
CA GLN D 400 -56.41 -14.96 -1.15
C GLN D 400 -57.66 -15.41 -1.87
N GLN D 401 -58.52 -16.20 -1.21
CA GLN D 401 -59.74 -16.69 -1.84
C GLN D 401 -60.74 -15.56 -2.16
N LYS D 402 -60.67 -14.46 -1.44
CA LYS D 402 -61.64 -13.36 -1.65
C LYS D 402 -61.81 -12.91 -3.12
N PRO D 403 -60.72 -12.51 -3.82
CA PRO D 403 -60.89 -12.13 -5.23
C PRO D 403 -61.35 -13.28 -6.10
N LEU D 404 -60.96 -14.50 -5.75
CA LEU D 404 -61.39 -15.67 -6.51
C LEU D 404 -62.90 -15.89 -6.38
N ASN D 405 -63.45 -15.61 -5.20
CA ASN D 405 -64.90 -15.68 -5.01
C ASN D 405 -65.65 -14.67 -5.88
N ASP D 406 -64.96 -13.60 -6.29
CA ASP D 406 -65.52 -12.62 -7.23
C ASP D 406 -65.28 -12.94 -8.69
N GLY D 407 -64.64 -14.07 -8.96
CA GLY D 407 -64.44 -14.53 -10.34
C GLY D 407 -63.03 -14.30 -10.91
N VAL D 408 -62.11 -13.79 -10.08
CA VAL D 408 -60.70 -13.69 -10.51
C VAL D 408 -60.20 -15.14 -10.72
N ARG D 409 -59.31 -15.35 -11.69
CA ARG D 409 -58.92 -16.71 -12.10
C ARG D 409 -57.56 -17.17 -11.62
N GLY D 410 -56.83 -16.33 -10.89
CA GLY D 410 -55.50 -16.68 -10.41
C GLY D 410 -54.65 -15.47 -10.12
N PHE D 411 -53.35 -15.70 -9.95
CA PHE D 411 -52.45 -14.70 -9.37
C PHE D 411 -51.12 -14.58 -10.11
N TRP D 412 -50.49 -13.43 -9.93
CA TRP D 412 -49.06 -13.33 -10.13
C TRP D 412 -48.41 -13.01 -8.81
N THR D 413 -47.48 -13.86 -8.42
CA THR D 413 -46.77 -13.80 -7.16
C THR D 413 -45.46 -13.08 -7.39
N ALA D 414 -45.42 -11.84 -6.93
CA ALA D 414 -44.29 -10.95 -7.15
C ALA D 414 -43.51 -10.80 -5.88
N MET D 415 -42.22 -10.51 -6.03
CA MET D 415 -41.37 -10.07 -4.93
C MET D 415 -41.03 -11.10 -3.87
N GLY D 416 -41.04 -12.37 -4.29
CA GLY D 416 -40.80 -13.49 -3.39
C GLY D 416 -39.35 -13.89 -3.22
N GLU D 417 -38.40 -13.00 -3.54
CA GLU D 417 -36.99 -13.40 -3.50
C GLU D 417 -36.45 -13.67 -2.06
N PRO D 418 -36.97 -13.05 -1.00
CA PRO D 418 -37.80 -11.83 -0.97
C PRO D 418 -37.14 -10.64 -1.63
N ALA D 419 -37.94 -9.68 -2.10
CA ALA D 419 -37.38 -8.48 -2.72
C ALA D 419 -36.51 -7.71 -1.73
N TRP D 420 -35.66 -6.85 -2.24
CA TRP D 420 -34.82 -5.99 -1.42
C TRP D 420 -33.95 -6.84 -0.48
N SER D 421 -33.53 -8.01 -0.95
CA SER D 421 -32.77 -8.95 -0.14
C SER D 421 -31.61 -9.57 -0.93
N ASN D 422 -30.86 -8.73 -1.65
CA ASN D 422 -29.73 -9.19 -2.44
C ASN D 422 -28.61 -9.60 -1.49
N GLU D 423 -27.56 -10.18 -2.05
CA GLU D 423 -26.43 -10.69 -1.25
C GLU D 423 -25.87 -9.68 -0.26
N ASP D 424 -25.79 -8.43 -0.70
CA ASP D 424 -25.20 -7.38 0.12
C ASP D 424 -26.11 -6.86 1.24
N ALA D 425 -27.40 -7.18 1.21
CA ALA D 425 -28.32 -6.87 2.30
C ALA D 425 -28.19 -7.92 3.42
N VAL D 426 -27.04 -7.91 4.08
CA VAL D 426 -26.67 -8.92 5.06
C VAL D 426 -27.57 -8.94 6.30
N ASP D 427 -28.29 -7.85 6.58
CA ASP D 427 -29.26 -7.86 7.68
C ASP D 427 -30.31 -8.96 7.56
N ARG D 428 -30.68 -9.30 6.32
CA ARG D 428 -31.68 -10.33 6.03
C ARG D 428 -31.27 -11.72 6.58
N LEU D 429 -29.96 -11.94 6.77
CA LEU D 429 -29.47 -13.22 7.28
C LEU D 429 -29.93 -13.49 8.70
N ASN D 430 -30.41 -12.45 9.39
CA ASN D 430 -31.04 -12.58 10.69
C ASN D 430 -32.45 -13.17 10.66
N MET D 431 -33.06 -13.29 9.49
CA MET D 431 -34.40 -13.88 9.39
C MET D 431 -34.34 -15.35 9.77
N LYS D 432 -35.25 -15.71 10.66
CA LYS D 432 -35.40 -17.05 11.18
C LYS D 432 -36.80 -17.50 10.84
N HIS D 433 -36.86 -18.46 9.93
CA HIS D 433 -38.12 -19.01 9.41
C HIS D 433 -38.40 -20.27 10.21
N HIS D 434 -39.63 -20.73 10.16
CA HIS D 434 -40.01 -21.97 10.84
C HIS D 434 -39.09 -23.13 10.48
N LEU D 435 -38.77 -23.26 9.19
CA LEU D 435 -37.92 -24.36 8.71
C LEU D 435 -36.43 -24.06 8.68
N GLY D 436 -36.00 -22.85 9.03
CA GLY D 436 -34.57 -22.58 9.08
C GLY D 436 -34.18 -21.13 8.98
N MET D 437 -32.88 -20.90 9.00
CA MET D 437 -32.31 -19.57 8.91
C MET D 437 -32.34 -19.09 7.47
N HIS D 438 -32.27 -17.78 7.28
CA HIS D 438 -32.40 -17.19 5.94
C HIS D 438 -31.38 -17.72 4.94
N ASN D 439 -30.15 -18.01 5.40
CA ASN D 439 -29.11 -18.51 4.49
C ASN D 439 -29.53 -19.79 3.79
N GLU D 440 -30.26 -20.65 4.50
CA GLU D 440 -30.85 -21.87 3.95
C GLU D 440 -32.17 -21.65 3.19
N ILE D 441 -33.03 -20.80 3.75
CA ILE D 441 -34.43 -20.69 3.32
C ILE D 441 -34.65 -19.62 2.24
N HIS D 442 -33.76 -18.62 2.12
CA HIS D 442 -33.90 -17.55 1.11
C HIS D 442 -34.32 -18.10 -0.26
N ASN D 443 -33.54 -19.06 -0.78
CA ASN D 443 -33.80 -19.56 -2.15
C ASN D 443 -35.07 -20.37 -2.28
N VAL D 444 -35.66 -20.80 -1.16
CA VAL D 444 -36.97 -21.46 -1.19
C VAL D 444 -38.09 -20.64 -0.53
N TYR D 445 -37.82 -19.38 -0.20
CA TYR D 445 -38.85 -18.50 0.39
C TYR D 445 -40.04 -18.35 -0.57
N GLY D 446 -39.76 -17.91 -1.79
CA GLY D 446 -40.77 -17.78 -2.83
C GLY D 446 -41.38 -19.10 -3.27
N PHE D 447 -40.54 -20.14 -3.33
CA PHE D 447 -41.00 -21.49 -3.69
C PHE D 447 -42.09 -21.97 -2.72
N THR D 448 -41.82 -21.87 -1.42
CA THR D 448 -42.79 -22.33 -0.41
C THR D 448 -44.03 -21.44 -0.36
N TRP D 449 -43.86 -20.15 -0.63
CA TRP D 449 -45.02 -19.27 -0.84
C TRP D 449 -45.89 -19.74 -2.00
N ASP D 450 -45.26 -19.93 -3.16
CA ASP D 450 -45.96 -20.32 -4.37
C ASP D 450 -46.68 -21.66 -4.22
N LYS D 451 -46.05 -22.58 -3.50
CA LYS D 451 -46.66 -23.88 -3.15
C LYS D 451 -47.93 -23.70 -2.31
N VAL D 452 -47.85 -22.85 -1.28
CA VAL D 452 -49.05 -22.48 -0.49
C VAL D 452 -50.14 -21.90 -1.36
N VAL D 453 -49.79 -20.98 -2.26
CA VAL D 453 -50.79 -20.33 -3.11
C VAL D 453 -51.56 -21.40 -3.92
N THR D 454 -50.82 -22.33 -4.52
CA THR D 454 -51.42 -23.36 -5.35
C THR D 454 -52.19 -24.39 -4.52
N GLU D 455 -51.60 -24.88 -3.43
CA GLU D 455 -52.30 -25.82 -2.52
C GLU D 455 -53.62 -25.26 -2.01
N GLN D 456 -53.59 -23.98 -1.63
CA GLN D 456 -54.81 -23.34 -1.12
C GLN D 456 -55.81 -23.08 -2.21
N PHE D 457 -55.34 -22.74 -3.41
CA PHE D 457 -56.24 -22.65 -4.55
C PHE D 457 -56.96 -23.98 -4.76
N TYR D 458 -56.21 -25.10 -4.73
CA TYR D 458 -56.80 -26.42 -4.90
C TYR D 458 -57.85 -26.72 -3.83
N LYS D 459 -57.50 -26.45 -2.58
CA LYS D 459 -58.39 -26.70 -1.45
C LYS D 459 -59.72 -25.97 -1.60
N HIS D 460 -59.65 -24.69 -1.95
CA HIS D 460 -60.82 -23.84 -2.02
C HIS D 460 -61.55 -23.90 -3.36
N ASN D 461 -60.93 -24.45 -4.41
CA ASN D 461 -61.49 -24.44 -5.75
C ASN D 461 -61.23 -25.80 -6.43
N PRO D 462 -61.91 -26.86 -5.93
CA PRO D 462 -61.53 -28.22 -6.31
C PRO D 462 -61.61 -28.54 -7.81
N ASN D 463 -60.66 -29.36 -8.29
CA ASN D 463 -60.61 -29.81 -9.70
C ASN D 463 -60.55 -28.67 -10.72
N LYS D 464 -59.83 -27.59 -10.38
CA LYS D 464 -59.61 -26.50 -11.31
C LYS D 464 -58.11 -26.23 -11.43
N ARG D 465 -57.67 -25.96 -12.64
CA ARG D 465 -56.28 -25.54 -12.85
C ARG D 465 -56.07 -24.16 -12.28
N ILE D 466 -55.00 -24.00 -11.52
CA ILE D 466 -54.57 -22.67 -11.12
C ILE D 466 -53.92 -21.93 -12.30
N PHE D 467 -54.09 -20.60 -12.31
CA PHE D 467 -53.15 -19.75 -13.02
C PHE D 467 -52.31 -19.04 -11.98
N GLN D 468 -51.02 -19.38 -11.93
CA GLN D 468 -50.05 -18.65 -11.11
C GLN D 468 -48.83 -18.39 -11.98
N MET D 469 -48.38 -17.13 -11.99
CA MET D 469 -47.12 -16.77 -12.65
C MET D 469 -46.26 -16.04 -11.64
N THR D 470 -45.01 -16.50 -11.44
CA THR D 470 -44.16 -16.05 -10.34
C THR D 470 -42.85 -15.41 -10.77
N ARG D 471 -42.30 -14.61 -9.86
CA ARG D 471 -41.02 -13.97 -10.07
C ARG D 471 -39.90 -14.78 -9.42
N ALA D 472 -40.04 -15.09 -8.14
CA ALA D 472 -39.03 -15.85 -7.42
C ALA D 472 -39.41 -17.31 -7.32
N ALA D 473 -38.42 -18.19 -7.42
CA ALA D 473 -38.68 -19.63 -7.39
C ALA D 473 -37.43 -20.45 -7.14
N TYR D 474 -37.65 -21.74 -6.92
CA TYR D 474 -36.61 -22.76 -6.81
C TYR D 474 -36.98 -23.94 -7.70
N ALA D 475 -36.01 -24.83 -7.95
CA ALA D 475 -36.27 -26.09 -8.65
C ALA D 475 -37.50 -26.81 -8.12
N GLY D 476 -38.30 -27.38 -9.02
CA GLY D 476 -39.55 -28.03 -8.62
C GLY D 476 -40.77 -27.14 -8.80
N LEU D 477 -40.55 -25.86 -9.12
CA LEU D 477 -41.65 -24.89 -9.25
C LEU D 477 -42.73 -25.31 -10.22
N GLN D 478 -42.38 -26.15 -11.21
CA GLN D 478 -43.30 -26.55 -12.25
C GLN D 478 -44.58 -27.23 -11.73
N ARG D 479 -44.51 -27.78 -10.52
CA ARG D 479 -45.67 -28.41 -9.87
C ARG D 479 -46.74 -27.39 -9.45
N TYR D 480 -46.31 -26.14 -9.23
CA TYR D 480 -47.16 -25.11 -8.63
C TYR D 480 -47.37 -23.83 -9.44
N THR D 481 -46.46 -23.50 -10.35
CA THR D 481 -46.46 -22.16 -10.91
C THR D 481 -45.74 -22.07 -12.24
N PHE D 482 -46.12 -21.04 -12.98
CA PHE D 482 -45.48 -20.61 -14.21
C PHE D 482 -44.55 -19.44 -13.83
N GLY D 483 -43.84 -18.87 -14.79
CA GLY D 483 -42.87 -17.83 -14.48
C GLY D 483 -42.81 -16.72 -15.53
N TRP D 484 -42.44 -15.51 -15.07
CA TRP D 484 -42.00 -14.46 -15.95
C TRP D 484 -40.68 -13.93 -15.43
N SER D 485 -39.93 -13.32 -16.34
CA SER D 485 -38.54 -12.95 -16.06
C SER D 485 -38.32 -11.62 -15.34
N GLY D 486 -39.35 -11.08 -14.69
CA GLY D 486 -39.19 -9.90 -13.85
C GLY D 486 -38.97 -8.58 -14.59
N ASP D 487 -38.23 -7.69 -13.94
CA ASP D 487 -38.14 -6.29 -14.35
C ASP D 487 -37.00 -6.07 -15.31
N SER D 488 -37.26 -6.40 -16.57
CA SER D 488 -36.27 -6.32 -17.64
C SER D 488 -36.35 -5.00 -18.37
N GLY D 489 -35.38 -4.75 -19.24
CA GLY D 489 -35.38 -3.54 -20.06
C GLY D 489 -34.46 -2.48 -19.50
N ASN D 490 -34.29 -1.40 -20.26
CA ASN D 490 -33.40 -0.32 -19.88
C ASN D 490 -34.15 0.81 -19.18
N GLY D 491 -33.77 1.07 -17.92
CA GLY D 491 -34.45 2.09 -17.13
C GLY D 491 -33.96 3.52 -17.42
N SER D 492 -32.71 3.66 -17.84
CA SER D 492 -32.17 5.00 -18.13
C SER D 492 -32.71 5.56 -19.45
N ASN D 493 -32.91 4.68 -20.42
CA ASN D 493 -33.47 5.07 -21.72
C ASN D 493 -34.13 3.85 -22.32
N VAL D 494 -35.46 3.84 -22.33
CA VAL D 494 -36.21 2.69 -22.83
C VAL D 494 -35.80 2.28 -24.25
N LEU D 495 -35.41 3.27 -25.06
CA LEU D 495 -35.05 3.05 -26.46
C LEU D 495 -33.74 2.28 -26.64
N ASP D 496 -32.90 2.27 -25.60
CA ASP D 496 -31.63 1.55 -25.56
C ASP D 496 -31.76 0.10 -25.08
N GLY D 497 -32.96 -0.46 -25.10
CA GLY D 497 -33.19 -1.80 -24.59
C GLY D 497 -32.99 -2.96 -25.56
N TRP D 498 -32.46 -2.71 -26.76
CA TRP D 498 -32.37 -3.76 -27.79
C TRP D 498 -31.63 -5.03 -27.35
N LYS D 499 -30.44 -4.87 -26.77
CA LYS D 499 -29.64 -6.03 -26.37
C LYS D 499 -30.26 -6.74 -25.19
N GLN D 500 -30.90 -5.98 -24.31
CA GLN D 500 -31.64 -6.58 -23.19
C GLN D 500 -32.84 -7.40 -23.68
N MET D 501 -33.61 -6.88 -24.65
CA MET D 501 -34.69 -7.63 -25.26
C MET D 501 -34.15 -8.90 -25.87
N ALA D 502 -33.08 -8.77 -26.66
CA ALA D 502 -32.50 -9.92 -27.35
C ALA D 502 -32.10 -11.02 -26.37
N ASN D 503 -31.62 -10.63 -25.20
CA ASN D 503 -31.19 -11.64 -24.24
C ASN D 503 -32.35 -12.40 -23.59
N GLN D 504 -33.56 -11.86 -23.68
CA GLN D 504 -34.74 -12.58 -23.24
C GLN D 504 -34.95 -13.92 -24.01
N ILE D 505 -34.37 -14.05 -25.21
CA ILE D 505 -34.42 -15.34 -25.92
C ILE D 505 -33.71 -16.45 -25.10
N PRO D 506 -32.38 -16.33 -24.86
CA PRO D 506 -31.74 -17.41 -24.08
C PRO D 506 -32.21 -17.48 -22.63
N VAL D 507 -32.60 -16.34 -22.03
CA VAL D 507 -33.23 -16.37 -20.70
C VAL D 507 -34.46 -17.30 -20.71
N GLY D 508 -35.37 -17.12 -21.68
CA GLY D 508 -36.58 -17.95 -21.79
C GLY D 508 -36.34 -19.41 -22.16
N LEU D 509 -35.38 -19.63 -23.06
CA LEU D 509 -34.95 -20.98 -23.41
C LEU D 509 -34.31 -21.69 -22.23
N SER D 510 -33.50 -20.99 -21.46
CA SER D 510 -32.88 -21.55 -20.28
C SER D 510 -33.92 -21.82 -19.19
N ALA D 511 -34.88 -20.89 -19.02
CA ALA D 511 -35.98 -21.11 -18.10
C ALA D 511 -36.74 -22.37 -18.50
N GLY D 512 -36.96 -22.55 -19.80
CA GLY D 512 -37.62 -23.76 -20.30
C GLY D 512 -36.86 -25.03 -19.93
N MET D 513 -35.54 -25.01 -20.10
CA MET D 513 -34.69 -26.16 -19.73
C MET D 513 -34.62 -26.40 -18.22
N GLY D 514 -34.98 -25.38 -17.43
CA GLY D 514 -35.10 -25.51 -15.98
C GLY D 514 -36.52 -25.74 -15.51
N LEU D 515 -37.38 -26.17 -16.42
CA LEU D 515 -38.77 -26.56 -16.13
C LEU D 515 -39.67 -25.37 -15.77
N ILE D 516 -39.55 -24.32 -16.59
CA ILE D 516 -40.55 -23.27 -16.71
C ILE D 516 -41.06 -23.31 -18.15
N PRO D 517 -41.82 -24.35 -18.50
CA PRO D 517 -42.40 -24.40 -19.82
C PRO D 517 -43.39 -23.29 -20.11
N PHE D 518 -44.11 -22.83 -19.08
CA PHE D 518 -45.08 -21.75 -19.23
C PHE D 518 -44.44 -20.47 -18.73
N TRP D 519 -43.91 -19.73 -19.69
CA TRP D 519 -43.00 -18.62 -19.41
C TRP D 519 -43.37 -17.41 -20.29
N THR D 520 -43.07 -16.22 -19.79
CA THR D 520 -43.05 -15.06 -20.64
C THR D 520 -42.08 -14.02 -20.10
N CYS D 521 -41.89 -12.97 -20.86
CA CYS D 521 -41.20 -11.77 -20.39
C CYS D 521 -42.16 -10.58 -20.53
N ASP D 522 -41.79 -9.45 -19.93
CA ASP D 522 -42.55 -8.22 -20.10
C ASP D 522 -42.33 -7.73 -21.51
N ILE D 523 -43.36 -7.87 -22.35
CA ILE D 523 -43.29 -7.34 -23.71
C ILE D 523 -43.25 -5.81 -23.58
N SER D 524 -42.22 -5.21 -24.18
CA SER D 524 -41.80 -3.80 -24.05
C SER D 524 -40.77 -3.58 -22.93
N GLY D 525 -40.47 -4.65 -22.19
CA GLY D 525 -39.72 -4.58 -20.96
C GLY D 525 -40.54 -3.95 -19.85
N TYR D 526 -40.06 -4.11 -18.62
CA TYR D 526 -40.61 -3.36 -17.50
C TYR D 526 -40.12 -1.92 -17.46
N CYS D 527 -38.81 -1.74 -17.65
CA CYS D 527 -38.14 -0.49 -17.36
C CYS D 527 -38.18 0.55 -18.49
N GLY D 528 -38.11 1.83 -18.09
CA GLY D 528 -37.86 2.97 -18.98
C GLY D 528 -39.12 3.73 -19.33
N ASP D 529 -39.12 5.03 -19.04
CA ASP D 529 -40.26 5.86 -19.39
C ASP D 529 -40.35 6.00 -20.91
N ILE D 530 -41.56 5.81 -21.44
CA ILE D 530 -41.82 5.96 -22.87
C ILE D 530 -42.22 7.41 -23.13
N LYS D 531 -41.19 8.23 -23.34
CA LYS D 531 -41.37 9.67 -23.60
C LYS D 531 -41.69 9.95 -25.06
N ASP D 532 -41.52 8.96 -25.94
CA ASP D 532 -41.73 9.16 -27.37
C ASP D 532 -42.20 7.85 -27.99
N TYR D 533 -43.51 7.75 -28.17
CA TYR D 533 -44.13 6.52 -28.68
C TYR D 533 -43.73 6.21 -30.11
N ASP D 534 -43.60 7.23 -30.95
CA ASP D 534 -43.08 7.04 -32.31
C ASP D 534 -41.72 6.37 -32.32
N ALA D 535 -40.81 6.90 -31.51
CA ALA D 535 -39.45 6.36 -31.40
C ALA D 535 -39.39 4.93 -30.82
N MET D 536 -40.32 4.63 -29.92
CA MET D 536 -40.38 3.30 -29.29
C MET D 536 -41.07 2.24 -30.17
N ALA D 537 -41.82 2.65 -31.20
CA ALA D 537 -42.66 1.73 -31.97
C ALA D 537 -41.91 0.50 -32.52
N GLU D 538 -40.72 0.71 -33.07
CA GLU D 538 -39.95 -0.39 -33.68
C GLU D 538 -39.58 -1.45 -32.63
N LEU D 539 -38.97 -1.00 -31.55
CA LEU D 539 -38.57 -1.88 -30.43
C LEU D 539 -39.81 -2.60 -29.84
N TYR D 540 -40.92 -1.87 -29.66
CA TYR D 540 -42.16 -2.50 -29.21
C TYR D 540 -42.60 -3.61 -30.15
N VAL D 541 -42.62 -3.31 -31.44
CA VAL D 541 -43.08 -4.30 -32.43
C VAL D 541 -42.21 -5.57 -32.39
N ARG D 542 -40.90 -5.40 -32.36
CA ARG D 542 -39.99 -6.55 -32.33
C ARG D 542 -40.10 -7.34 -31.02
N TRP D 543 -40.32 -6.62 -29.93
CA TRP D 543 -40.51 -7.23 -28.63
C TRP D 543 -41.78 -8.09 -28.62
N LEU D 544 -42.85 -7.59 -29.23
CA LEU D 544 -44.10 -8.32 -29.29
C LEU D 544 -44.01 -9.52 -30.27
N GLN D 545 -43.30 -9.34 -31.38
CA GLN D 545 -43.09 -10.40 -32.37
C GLN D 545 -42.39 -11.60 -31.73
N PHE D 546 -41.35 -11.34 -30.94
CA PHE D 546 -40.77 -12.37 -30.07
C PHE D 546 -41.77 -12.88 -29.03
N GLY D 547 -42.39 -11.94 -28.31
CA GLY D 547 -43.28 -12.24 -27.19
C GLY D 547 -44.48 -13.12 -27.47
N VAL D 548 -45.08 -13.00 -28.66
CA VAL D 548 -46.22 -13.83 -29.02
C VAL D 548 -45.83 -15.32 -29.23
N PHE D 549 -44.53 -15.60 -29.34
CA PHE D 549 -44.02 -16.98 -29.31
C PHE D 549 -43.49 -17.42 -27.93
N THR D 550 -43.82 -16.66 -26.88
CA THR D 550 -43.71 -17.12 -25.50
C THR D 550 -45.10 -17.61 -25.07
N PRO D 551 -45.16 -18.71 -24.31
CA PRO D 551 -46.47 -19.25 -23.95
C PRO D 551 -47.42 -18.28 -23.24
N LEU D 552 -46.90 -17.48 -22.33
CA LEU D 552 -47.75 -16.60 -21.51
C LEU D 552 -47.65 -15.12 -21.91
N SER D 553 -47.33 -14.88 -23.19
CA SER D 553 -47.17 -13.54 -23.79
C SER D 553 -47.94 -12.43 -23.08
N ARG D 554 -47.20 -11.59 -22.38
CA ARG D 554 -47.79 -10.51 -21.59
C ARG D 554 -47.04 -9.22 -21.84
N ALA D 555 -47.77 -8.23 -22.33
CA ALA D 555 -47.26 -6.85 -22.33
C ALA D 555 -47.48 -6.21 -20.97
N HIS D 556 -46.47 -5.47 -20.53
CA HIS D 556 -46.45 -4.86 -19.21
C HIS D 556 -45.38 -3.76 -19.25
N HIS D 557 -45.51 -2.77 -18.36
CA HIS D 557 -44.48 -1.75 -18.21
C HIS D 557 -44.66 -1.04 -16.86
N GLU D 558 -43.62 -0.40 -16.37
CA GLU D 558 -43.68 0.30 -15.11
C GLU D 558 -44.70 1.42 -15.14
N GLY D 559 -45.40 1.58 -14.02
CA GLY D 559 -46.22 2.77 -13.75
C GLY D 559 -47.31 3.04 -14.78
N GLY D 560 -47.34 4.28 -15.24
CA GLY D 560 -48.33 4.75 -16.21
C GLY D 560 -47.92 4.68 -17.65
N ASN D 561 -46.84 3.95 -17.92
CA ASN D 561 -46.33 3.79 -19.27
C ASN D 561 -47.18 2.78 -20.04
N ALA D 562 -48.20 3.28 -20.71
CA ALA D 562 -49.14 2.44 -21.43
C ALA D 562 -48.47 1.73 -22.61
N VAL D 563 -48.68 0.41 -22.71
CA VAL D 563 -48.01 -0.38 -23.74
C VAL D 563 -48.97 -1.40 -24.34
N GLU D 564 -50.24 -1.02 -24.47
CA GLU D 564 -51.19 -1.82 -25.25
C GLU D 564 -50.79 -1.71 -26.73
N PRO D 565 -51.20 -2.69 -27.57
CA PRO D 565 -50.64 -2.77 -28.92
C PRO D 565 -51.07 -1.66 -29.90
N TRP D 566 -51.99 -0.79 -29.48
CA TRP D 566 -52.46 0.35 -30.30
C TRP D 566 -51.78 1.69 -29.93
N LYS D 567 -50.89 1.69 -28.94
CA LYS D 567 -50.30 2.93 -28.44
C LYS D 567 -49.14 3.50 -29.26
N PHE D 568 -48.65 2.75 -30.25
CA PHE D 568 -47.47 3.12 -31.02
C PHE D 568 -47.74 3.51 -32.47
N GLY D 569 -49.02 3.79 -32.77
CA GLY D 569 -49.44 4.19 -34.10
C GLY D 569 -50.03 3.04 -34.91
N THR D 570 -50.61 3.41 -36.04
CA THR D 570 -51.43 2.51 -36.83
C THR D 570 -50.63 1.35 -37.45
N GLU D 571 -49.42 1.65 -37.95
CA GLU D 571 -48.57 0.62 -38.55
C GLU D 571 -48.20 -0.43 -37.50
N ALA D 572 -47.73 0.03 -36.34
CA ALA D 572 -47.35 -0.89 -35.27
C ALA D 572 -48.58 -1.67 -34.78
N GLU D 573 -49.75 -1.04 -34.76
CA GLU D 573 -50.98 -1.70 -34.34
C GLU D 573 -51.36 -2.84 -35.29
N ASN D 574 -51.30 -2.58 -36.59
CA ASN D 574 -51.66 -3.59 -37.58
C ASN D 574 -50.70 -4.77 -37.57
N ILE D 575 -49.40 -4.48 -37.45
CA ILE D 575 -48.39 -5.54 -37.32
C ILE D 575 -48.62 -6.34 -36.04
N SER D 576 -48.91 -5.65 -34.94
CA SER D 576 -49.08 -6.30 -33.63
C SER D 576 -50.33 -7.14 -33.60
N ARG D 577 -51.39 -6.69 -34.26
CA ARG D 577 -52.60 -7.50 -34.40
C ARG D 577 -52.31 -8.81 -35.15
N LYS D 578 -51.55 -8.74 -36.23
CA LYS D 578 -51.21 -9.93 -37.01
C LYS D 578 -50.33 -10.89 -36.20
N SER D 579 -49.34 -10.36 -35.46
CA SER D 579 -48.50 -11.18 -34.58
C SER D 579 -49.34 -11.97 -33.60
N ILE D 580 -50.27 -11.26 -32.95
CA ILE D 580 -51.16 -11.85 -31.97
C ILE D 580 -52.11 -12.85 -32.65
N GLU D 581 -52.68 -12.47 -33.80
CA GLU D 581 -53.56 -13.40 -34.52
C GLU D 581 -52.86 -14.72 -34.90
N LEU D 582 -51.57 -14.63 -35.25
CA LEU D 582 -50.76 -15.83 -35.58
C LEU D 582 -50.72 -16.80 -34.40
N LYS D 583 -50.48 -16.26 -33.20
CA LYS D 583 -50.43 -17.07 -31.98
C LYS D 583 -51.77 -17.75 -31.74
N TYR D 584 -52.86 -17.00 -31.92
CA TYR D 584 -54.21 -17.55 -31.74
C TYR D 584 -54.51 -18.64 -32.78
N LYS D 585 -54.16 -18.40 -34.03
CA LYS D 585 -54.36 -19.44 -35.05
C LYS D 585 -53.63 -20.74 -34.70
N LEU D 586 -52.45 -20.60 -34.11
CA LEU D 586 -51.62 -21.71 -33.68
C LEU D 586 -52.04 -22.36 -32.36
N PHE D 587 -53.11 -21.89 -31.71
CA PHE D 587 -53.54 -22.46 -30.45
C PHE D 587 -53.55 -24.01 -30.37
N PRO D 588 -54.22 -24.69 -31.33
CA PRO D 588 -54.26 -26.16 -31.24
C PRO D 588 -52.87 -26.81 -31.31
N TYR D 589 -51.97 -26.21 -32.07
CA TYR D 589 -50.57 -26.63 -32.14
C TYR D 589 -49.87 -26.36 -30.82
N LEU D 590 -49.99 -25.14 -30.32
CA LEU D 590 -49.32 -24.75 -29.06
C LEU D 590 -49.85 -25.54 -27.88
N TYR D 591 -51.16 -25.76 -27.83
CA TYR D 591 -51.78 -26.50 -26.74
C TYR D 591 -51.34 -27.97 -26.71
N THR D 592 -51.16 -28.57 -27.88
CA THR D 592 -50.59 -29.90 -27.96
C THR D 592 -49.20 -29.94 -27.30
N TYR D 593 -48.38 -28.92 -27.57
CA TYR D 593 -47.06 -28.82 -26.92
C TYR D 593 -47.10 -28.46 -25.44
N ALA D 594 -48.12 -27.72 -25.01
CA ALA D 594 -48.36 -27.52 -23.59
C ALA D 594 -48.58 -28.88 -22.90
N ARG D 595 -49.36 -29.78 -23.52
CA ARG D 595 -49.53 -31.12 -22.96
C ARG D 595 -48.22 -31.92 -22.96
N GLU D 596 -47.45 -31.82 -24.03
CA GLU D 596 -46.16 -32.51 -24.11
C GLU D 596 -45.24 -32.03 -22.96
N ALA D 597 -45.32 -30.74 -22.60
CA ALA D 597 -44.55 -30.24 -21.46
C ALA D 597 -44.90 -30.98 -20.20
N HIS D 598 -46.19 -31.18 -19.96
CA HIS D 598 -46.68 -31.96 -18.80
C HIS D 598 -46.14 -33.39 -18.83
N ASP D 599 -46.15 -34.04 -19.99
CA ASP D 599 -45.78 -35.46 -20.10
C ASP D 599 -44.27 -35.75 -20.09
N THR D 600 -43.49 -34.86 -20.68
CA THR D 600 -42.07 -35.09 -20.93
C THR D 600 -41.14 -34.10 -20.26
N GLY D 601 -41.69 -32.98 -19.78
CA GLY D 601 -40.86 -31.89 -19.29
C GLY D 601 -40.32 -30.94 -20.34
N LEU D 602 -40.47 -31.25 -21.63
CA LEU D 602 -39.89 -30.38 -22.66
C LEU D 602 -40.61 -29.04 -22.72
N PRO D 603 -39.85 -27.93 -22.78
CA PRO D 603 -40.51 -26.64 -22.91
C PRO D 603 -41.14 -26.48 -24.29
N ILE D 604 -42.09 -25.56 -24.39
CA ILE D 604 -42.65 -25.22 -25.70
C ILE D 604 -41.58 -24.51 -26.56
N MET D 605 -40.92 -23.54 -25.94
CA MET D 605 -39.78 -22.82 -26.54
C MET D 605 -38.55 -23.67 -26.35
N ARG D 606 -38.02 -24.21 -27.45
CA ARG D 606 -36.92 -25.17 -27.37
C ARG D 606 -35.67 -24.61 -28.00
N ALA D 607 -34.59 -24.53 -27.21
CA ALA D 607 -33.27 -24.34 -27.79
C ALA D 607 -33.06 -25.45 -28.85
N LEU D 608 -32.51 -25.09 -30.00
CA LEU D 608 -32.33 -26.09 -31.07
C LEU D 608 -31.52 -27.32 -30.62
N LEU D 609 -30.58 -27.13 -29.68
CA LEU D 609 -29.80 -28.25 -29.14
C LEU D 609 -30.66 -29.39 -28.57
N LEU D 610 -31.86 -29.07 -28.07
CA LEU D 610 -32.78 -30.08 -27.54
C LEU D 610 -33.26 -31.05 -28.60
N GLU D 611 -33.45 -30.53 -29.82
CA GLU D 611 -33.91 -31.35 -30.95
C GLU D 611 -32.79 -31.87 -31.84
N TYR D 612 -31.65 -31.17 -31.87
CA TYR D 612 -30.51 -31.48 -32.76
C TYR D 612 -29.23 -31.57 -31.93
N PRO D 613 -29.23 -32.48 -30.94
CA PRO D 613 -28.07 -32.56 -30.04
C PRO D 613 -26.75 -32.93 -30.74
N ASN D 614 -26.83 -33.54 -31.92
CA ASN D 614 -25.61 -33.90 -32.66
C ASN D 614 -24.99 -32.73 -33.39
N ASP D 615 -25.71 -31.59 -33.47
CA ASP D 615 -25.26 -30.45 -34.23
C ASP D 615 -24.70 -29.39 -33.28
N LYS D 616 -23.37 -29.32 -33.20
CA LYS D 616 -22.69 -28.41 -32.27
C LYS D 616 -22.88 -26.94 -32.61
N GLU D 617 -23.25 -26.62 -33.84
CA GLU D 617 -23.61 -25.24 -34.18
C GLU D 617 -24.76 -24.71 -33.32
N THR D 618 -25.69 -25.59 -32.90
CA THR D 618 -26.86 -25.18 -32.11
C THR D 618 -26.48 -24.65 -30.73
N PHE D 619 -25.30 -24.99 -30.23
CA PHE D 619 -24.84 -24.49 -28.93
C PHE D 619 -24.70 -22.97 -28.88
N LYS D 620 -24.47 -22.37 -30.05
CA LYS D 620 -24.22 -20.94 -30.21
C LYS D 620 -25.47 -20.10 -30.48
N LEU D 621 -26.64 -20.73 -30.63
CA LEU D 621 -27.79 -20.05 -31.19
C LEU D 621 -28.63 -19.37 -30.12
N ASN D 622 -28.34 -18.10 -29.92
CA ASN D 622 -29.06 -17.26 -28.97
C ASN D 622 -30.12 -16.36 -29.62
N GLY D 623 -30.26 -16.39 -30.94
CA GLY D 623 -31.17 -15.50 -31.67
C GLY D 623 -32.34 -16.20 -32.30
N GLN D 624 -32.56 -17.47 -31.98
CA GLN D 624 -33.65 -18.24 -32.61
C GLN D 624 -33.98 -19.44 -31.76
N PHE D 625 -35.15 -20.04 -32.03
CA PHE D 625 -35.57 -21.19 -31.26
C PHE D 625 -36.66 -21.95 -32.00
N LEU D 626 -36.90 -23.17 -31.55
CA LEU D 626 -38.02 -23.95 -32.03
C LEU D 626 -39.22 -23.71 -31.12
N VAL D 627 -40.42 -23.79 -31.70
CA VAL D 627 -41.64 -23.77 -30.96
C VAL D 627 -42.25 -25.11 -31.26
N GLY D 628 -42.20 -26.01 -30.27
CA GLY D 628 -42.39 -27.45 -30.53
C GLY D 628 -41.30 -27.95 -31.47
N LYS D 629 -41.59 -28.96 -32.27
CA LYS D 629 -40.61 -29.50 -33.21
C LYS D 629 -40.72 -28.93 -34.62
N GLU D 630 -41.94 -28.56 -35.01
CA GLU D 630 -42.23 -28.25 -36.40
C GLU D 630 -41.87 -26.82 -36.84
N LEU D 631 -41.87 -25.88 -35.90
CA LEU D 631 -41.67 -24.46 -36.22
C LEU D 631 -40.37 -23.93 -35.66
N LEU D 632 -39.64 -23.20 -36.50
CA LEU D 632 -38.42 -22.50 -36.13
C LEU D 632 -38.69 -21.01 -36.22
N VAL D 633 -38.53 -20.30 -35.12
CA VAL D 633 -38.81 -18.87 -35.02
C VAL D 633 -37.48 -18.15 -34.83
N ALA D 634 -37.24 -17.12 -35.64
CA ALA D 634 -35.99 -16.36 -35.60
C ALA D 634 -36.31 -14.87 -35.54
N PRO D 635 -36.66 -14.38 -34.35
CA PRO D 635 -37.14 -13.00 -34.27
C PRO D 635 -36.05 -11.99 -34.56
N VAL D 636 -36.37 -10.89 -35.25
CA VAL D 636 -35.42 -9.80 -35.43
C VAL D 636 -35.30 -9.05 -34.10
N VAL D 637 -34.08 -8.96 -33.60
CA VAL D 637 -33.80 -8.32 -32.31
C VAL D 637 -32.65 -7.31 -32.43
N GLU D 638 -32.47 -6.77 -33.63
CA GLU D 638 -31.44 -5.74 -33.94
C GLU D 638 -32.15 -4.50 -34.46
N GLN D 639 -31.81 -3.34 -33.90
CA GLN D 639 -32.43 -2.07 -34.25
C GLN D 639 -32.10 -1.73 -35.70
N GLY D 640 -33.14 -1.40 -36.46
CA GLY D 640 -32.98 -1.01 -37.87
C GLY D 640 -32.83 -2.18 -38.84
N ALA D 641 -32.74 -3.43 -38.34
CA ALA D 641 -32.54 -4.59 -39.21
C ALA D 641 -33.82 -4.90 -39.99
N VAL D 642 -33.64 -5.15 -41.29
CA VAL D 642 -34.72 -5.58 -42.16
C VAL D 642 -34.38 -6.93 -42.79
N THR D 643 -33.36 -7.58 -42.23
CA THR D 643 -33.02 -8.97 -42.55
C THR D 643 -32.69 -9.72 -41.24
N LYS D 644 -32.63 -11.04 -41.35
CA LYS D 644 -32.28 -11.93 -40.23
C LYS D 644 -31.43 -13.09 -40.75
N ASP D 645 -30.32 -13.36 -40.06
CA ASP D 645 -29.49 -14.52 -40.27
C ASP D 645 -30.09 -15.69 -39.47
N VAL D 646 -30.34 -16.81 -40.15
CA VAL D 646 -31.02 -17.95 -39.58
C VAL D 646 -30.18 -19.19 -39.83
N TYR D 647 -29.93 -19.97 -38.78
CA TYR D 647 -29.34 -21.29 -38.91
C TYR D 647 -30.45 -22.34 -39.07
N LEU D 648 -30.45 -23.03 -40.21
CA LEU D 648 -31.35 -24.15 -40.41
C LEU D 648 -30.63 -25.43 -40.07
N PRO D 649 -31.16 -26.22 -39.13
CA PRO D 649 -30.55 -27.52 -38.79
C PRO D 649 -30.94 -28.57 -39.83
N GLU D 650 -30.68 -29.84 -39.53
CA GLU D 650 -31.03 -30.97 -40.41
C GLU D 650 -32.47 -30.87 -40.92
N GLY D 651 -32.64 -31.18 -42.20
CA GLY D 651 -33.95 -31.30 -42.82
C GLY D 651 -34.11 -30.25 -43.89
N GLU D 652 -35.34 -30.10 -44.38
CA GLU D 652 -35.66 -29.05 -45.31
C GLU D 652 -36.68 -28.17 -44.64
N TRP D 653 -36.63 -26.88 -44.94
CA TRP D 653 -37.36 -25.86 -44.19
C TRP D 653 -38.09 -24.90 -45.14
N ILE D 654 -39.35 -24.64 -44.84
CA ILE D 654 -40.24 -23.87 -45.68
C ILE D 654 -40.58 -22.58 -44.93
N ASP D 655 -40.53 -21.45 -45.63
CA ASP D 655 -41.03 -20.17 -45.07
C ASP D 655 -42.49 -20.32 -44.71
N PHE D 656 -42.82 -20.14 -43.43
CA PHE D 656 -44.17 -20.36 -42.94
C PHE D 656 -45.09 -19.19 -43.27
N ASN D 657 -44.52 -18.03 -43.54
CA ASN D 657 -45.31 -16.84 -43.90
C ASN D 657 -45.87 -16.99 -45.31
N ASN D 658 -45.05 -17.42 -46.27
CA ASN D 658 -45.50 -17.59 -47.69
C ASN D 658 -45.80 -19.04 -48.15
N CYS D 659 -44.98 -20.00 -47.68
CA CYS D 659 -45.01 -21.44 -48.04
C CYS D 659 -44.44 -21.83 -49.41
N LYS D 660 -44.06 -20.85 -50.21
CA LYS D 660 -43.49 -21.09 -51.53
C LYS D 660 -42.00 -21.40 -51.38
N THR D 661 -41.28 -20.58 -50.60
CA THR D 661 -39.82 -20.66 -50.50
C THR D 661 -39.34 -21.78 -49.59
N LYS D 662 -38.46 -22.63 -50.11
CA LYS D 662 -37.93 -23.80 -49.41
C LYS D 662 -36.41 -23.75 -49.39
N TYR D 663 -35.79 -24.24 -48.32
CA TYR D 663 -34.36 -24.18 -48.10
C TYR D 663 -33.84 -25.52 -47.63
N LYS D 664 -32.64 -25.87 -48.06
CA LYS D 664 -31.93 -27.03 -47.53
C LYS D 664 -31.43 -26.72 -46.11
N GLY D 665 -31.26 -27.78 -45.33
CA GLY D 665 -30.82 -27.70 -43.95
C GLY D 665 -29.33 -27.66 -43.79
N GLU D 666 -28.92 -27.52 -42.53
CA GLU D 666 -27.51 -27.45 -42.12
C GLU D 666 -26.74 -26.34 -42.84
N GLN D 667 -27.30 -25.14 -42.76
CA GLN D 667 -26.68 -23.96 -43.34
C GLN D 667 -27.23 -22.70 -42.69
N TRP D 668 -26.40 -21.66 -42.69
CA TRP D 668 -26.84 -20.30 -42.39
C TRP D 668 -27.39 -19.68 -43.65
N ILE D 669 -28.54 -19.01 -43.51
CA ILE D 669 -29.12 -18.20 -44.56
C ILE D 669 -29.40 -16.81 -44.01
N THR D 670 -29.61 -15.87 -44.94
CA THR D 670 -30.12 -14.54 -44.60
C THR D 670 -31.43 -14.35 -45.33
N VAL D 671 -32.47 -13.96 -44.60
CA VAL D 671 -33.80 -13.76 -45.17
C VAL D 671 -34.24 -12.31 -44.98
N ASP D 672 -35.17 -11.86 -45.83
CA ASP D 672 -35.75 -10.54 -45.66
C ASP D 672 -36.66 -10.59 -44.45
N ALA D 673 -36.64 -9.54 -43.65
CA ALA D 673 -37.42 -9.52 -42.41
C ALA D 673 -37.69 -8.06 -42.07
N PRO D 674 -38.55 -7.42 -42.89
CA PRO D 674 -38.92 -6.04 -42.56
C PRO D 674 -39.75 -5.96 -41.27
N LEU D 675 -40.05 -4.74 -40.84
CA LEU D 675 -40.69 -4.57 -39.54
C LEU D 675 -41.98 -5.41 -39.41
N ASN D 676 -42.76 -5.52 -40.50
CA ASN D 676 -43.99 -6.29 -40.51
C ASN D 676 -43.83 -7.83 -40.51
N THR D 677 -42.61 -8.34 -40.39
CA THR D 677 -42.35 -9.78 -40.57
C THR D 677 -41.62 -10.42 -39.39
N ILE D 678 -42.10 -11.61 -38.99
CA ILE D 678 -41.36 -12.51 -38.10
C ILE D 678 -40.86 -13.68 -38.94
N PRO D 679 -39.54 -13.89 -39.02
CA PRO D 679 -39.06 -15.11 -39.69
C PRO D 679 -39.50 -16.37 -38.94
N VAL D 680 -40.39 -17.14 -39.57
CA VAL D 680 -40.87 -18.40 -39.06
C VAL D 680 -40.72 -19.43 -40.19
N PHE D 681 -40.24 -20.61 -39.85
CA PHE D 681 -40.02 -21.70 -40.81
C PHE D 681 -40.72 -22.94 -40.31
N VAL D 682 -41.28 -23.70 -41.24
CA VAL D 682 -41.91 -24.98 -40.92
C VAL D 682 -41.08 -26.09 -41.55
N LYS D 683 -40.82 -27.15 -40.80
CA LYS D 683 -39.98 -28.25 -41.29
C LYS D 683 -40.76 -29.07 -42.30
N LYS D 684 -40.13 -29.38 -43.42
CA LYS D 684 -40.72 -30.31 -44.38
C LYS D 684 -41.07 -31.64 -43.72
N GLY D 685 -42.31 -32.08 -43.91
CA GLY D 685 -42.86 -33.24 -43.19
C GLY D 685 -43.92 -32.85 -42.18
N SER D 686 -43.91 -31.59 -41.74
CA SER D 686 -44.78 -31.14 -40.65
C SER D 686 -46.27 -31.13 -40.98
N ILE D 687 -47.07 -31.35 -39.94
CA ILE D 687 -48.50 -31.15 -39.98
C ILE D 687 -48.87 -30.24 -38.83
N ILE D 688 -49.48 -29.10 -39.14
CA ILE D 688 -49.75 -28.03 -38.17
C ILE D 688 -51.26 -27.79 -38.00
N PRO D 689 -51.83 -28.15 -36.83
CA PRO D 689 -53.23 -27.81 -36.60
C PRO D 689 -53.41 -26.33 -36.31
N GLN D 690 -54.47 -25.73 -36.86
CA GLN D 690 -54.78 -24.33 -36.63
C GLN D 690 -56.27 -24.11 -36.50
N MET D 691 -56.61 -23.04 -35.78
CA MET D 691 -58.00 -22.64 -35.59
C MET D 691 -58.19 -21.28 -36.24
N PRO D 692 -59.46 -20.91 -36.51
CA PRO D 692 -59.73 -19.55 -37.01
C PRO D 692 -59.33 -18.47 -36.00
N VAL D 693 -59.08 -17.27 -36.52
CA VAL D 693 -58.88 -16.09 -35.66
C VAL D 693 -60.12 -15.95 -34.77
N MET D 694 -59.87 -15.75 -33.48
CA MET D 694 -60.89 -15.40 -32.49
C MET D 694 -60.30 -14.32 -31.61
N GLN D 695 -61.16 -13.61 -30.90
CA GLN D 695 -60.73 -12.52 -30.04
C GLN D 695 -60.30 -12.99 -28.67
N TYR D 696 -60.73 -14.20 -28.32
CA TYR D 696 -60.27 -14.89 -27.12
C TYR D 696 -60.48 -16.39 -27.29
N ILE D 697 -59.75 -17.17 -26.49
CA ILE D 697 -59.79 -18.61 -26.60
C ILE D 697 -61.21 -19.03 -26.20
N ASP D 698 -61.82 -19.86 -27.04
CA ASP D 698 -63.21 -20.30 -26.86
C ASP D 698 -64.29 -19.22 -27.09
N GLU D 699 -63.96 -18.15 -27.83
CA GLU D 699 -65.00 -17.23 -28.32
C GLU D 699 -65.99 -18.02 -29.18
N LYS D 700 -65.47 -18.91 -30.03
CA LYS D 700 -66.29 -19.99 -30.60
C LYS D 700 -65.93 -21.26 -29.81
N LYS D 701 -66.92 -21.87 -29.16
CA LYS D 701 -66.70 -23.13 -28.41
C LYS D 701 -66.40 -24.33 -29.31
N VAL D 702 -66.93 -24.27 -30.54
CA VAL D 702 -66.75 -25.28 -31.57
C VAL D 702 -66.21 -24.55 -32.78
N TYR D 703 -65.23 -25.14 -33.47
CA TYR D 703 -64.70 -24.54 -34.69
C TYR D 703 -64.08 -25.57 -35.63
N PRO D 704 -64.04 -25.26 -36.94
CA PRO D 704 -63.33 -26.15 -37.86
C PRO D 704 -61.83 -26.12 -37.55
N VAL D 705 -61.18 -27.28 -37.60
CA VAL D 705 -59.73 -27.36 -37.44
C VAL D 705 -59.09 -27.63 -38.79
N THR D 706 -58.11 -26.79 -39.14
CA THR D 706 -57.34 -26.95 -40.36
C THR D 706 -56.02 -27.61 -40.00
N PHE D 707 -55.51 -28.43 -40.92
CA PHE D 707 -54.21 -29.05 -40.74
C PHE D 707 -53.37 -28.73 -41.96
N ASP D 708 -52.40 -27.83 -41.80
CA ASP D 708 -51.48 -27.53 -42.88
C ASP D 708 -50.41 -28.61 -42.94
N ILE D 709 -50.36 -29.29 -44.08
CA ILE D 709 -49.55 -30.49 -44.27
C ILE D 709 -48.50 -30.17 -45.32
N PHE D 710 -47.24 -30.34 -44.93
CA PHE D 710 -46.10 -30.14 -45.81
C PHE D 710 -45.45 -31.51 -45.99
N PRO D 711 -45.83 -32.23 -47.06
CA PRO D 711 -45.40 -33.63 -47.18
C PRO D 711 -43.88 -33.80 -47.18
N GLY D 712 -43.42 -34.83 -46.48
CA GLY D 712 -42.01 -35.15 -46.40
C GLY D 712 -41.52 -35.81 -47.68
N ASN D 713 -40.26 -36.23 -47.67
CA ASN D 713 -39.65 -36.89 -48.82
C ASN D 713 -40.35 -38.21 -49.15
N LEU D 714 -40.08 -38.71 -50.37
CA LEU D 714 -40.66 -39.96 -50.86
C LEU D 714 -40.60 -41.06 -49.79
N ASN D 715 -41.76 -41.65 -49.50
CA ASN D 715 -41.93 -42.77 -48.55
C ASN D 715 -41.72 -42.45 -47.08
N LYS D 716 -41.44 -41.20 -46.73
CA LYS D 716 -41.23 -40.88 -45.33
C LYS D 716 -42.58 -40.53 -44.68
N GLU D 717 -42.91 -41.29 -43.66
CA GLU D 717 -44.17 -41.11 -42.95
C GLU D 717 -43.96 -40.08 -41.84
N THR D 718 -44.79 -39.04 -41.83
CA THR D 718 -44.74 -38.05 -40.75
C THR D 718 -46.11 -37.92 -40.15
N SER D 719 -46.18 -37.34 -38.96
CA SER D 719 -47.44 -37.24 -38.23
C SER D 719 -47.51 -36.07 -37.26
N PHE D 720 -48.73 -35.76 -36.84
CA PHE D 720 -48.97 -34.90 -35.68
C PHE D 720 -50.16 -35.45 -34.89
N THR D 721 -50.02 -35.53 -33.57
CA THR D 721 -51.06 -36.02 -32.70
C THR D 721 -51.70 -34.81 -31.98
N PHE D 722 -52.89 -34.44 -32.48
CA PHE D 722 -53.68 -33.31 -32.01
C PHE D 722 -54.35 -33.67 -30.68
N TYR D 723 -53.89 -33.01 -29.62
CA TYR D 723 -54.36 -33.26 -28.26
C TYR D 723 -55.47 -32.29 -27.89
N GLU D 724 -56.54 -32.80 -27.27
CA GLU D 724 -57.59 -31.96 -26.71
C GLU D 724 -58.03 -32.46 -25.34
N ASP D 725 -58.47 -31.53 -24.50
CA ASP D 725 -59.04 -31.84 -23.22
C ASP D 725 -59.98 -30.69 -22.82
N ASP D 726 -60.50 -30.70 -21.59
CA ASP D 726 -61.50 -29.70 -21.23
C ASP D 726 -60.91 -28.31 -20.98
N GLY D 727 -59.58 -28.23 -20.82
CA GLY D 727 -58.88 -26.94 -20.74
C GLY D 727 -58.96 -26.18 -19.44
N GLU D 728 -59.70 -26.72 -18.47
CA GLU D 728 -60.00 -26.01 -17.22
C GLU D 728 -59.81 -26.81 -15.95
N SER D 729 -60.15 -28.12 -15.98
CA SER D 729 -60.14 -28.97 -14.80
C SER D 729 -58.79 -29.64 -14.65
N ARG D 730 -58.61 -30.37 -13.56
CA ARG D 730 -57.38 -31.14 -13.35
C ARG D 730 -57.48 -32.56 -13.90
N ASP D 731 -58.56 -32.86 -14.61
CA ASP D 731 -58.77 -34.21 -15.18
C ASP D 731 -57.61 -34.65 -16.08
N TYR D 732 -56.98 -33.70 -16.78
CA TYR D 732 -55.82 -34.03 -17.63
C TYR D 732 -54.71 -34.71 -16.82
N GLU D 733 -54.61 -34.40 -15.53
CA GLU D 733 -53.58 -35.01 -14.69
C GLU D 733 -53.82 -36.50 -14.48
N ARG D 734 -55.07 -36.91 -14.58
CA ARG D 734 -55.48 -38.32 -14.56
C ARG D 734 -55.63 -38.89 -15.97
N ASP D 735 -55.06 -38.20 -16.97
CA ASP D 735 -55.03 -38.64 -18.36
C ASP D 735 -56.43 -38.79 -18.95
N VAL D 736 -57.27 -37.80 -18.64
CA VAL D 736 -58.57 -37.65 -19.29
C VAL D 736 -58.44 -36.64 -20.42
N PHE D 737 -58.54 -37.13 -21.66
CA PHE D 737 -58.34 -36.31 -22.86
C PHE D 737 -58.79 -37.06 -24.08
N CYS D 738 -58.64 -36.47 -25.25
CA CYS D 738 -58.66 -37.23 -26.50
C CYS D 738 -57.51 -36.81 -27.40
N LYS D 739 -57.15 -37.69 -28.32
CA LYS D 739 -56.10 -37.42 -29.31
C LYS D 739 -56.56 -37.85 -30.69
N THR D 740 -56.17 -37.09 -31.70
CA THR D 740 -56.42 -37.42 -33.08
C THR D 740 -55.11 -37.36 -33.84
N LYS D 741 -54.62 -38.51 -34.31
CA LYS D 741 -53.35 -38.56 -35.06
C LYS D 741 -53.58 -38.35 -36.55
N ILE D 742 -52.91 -37.36 -37.13
CA ILE D 742 -52.91 -37.12 -38.58
C ILE D 742 -51.57 -37.60 -39.12
N THR D 743 -51.61 -38.45 -40.15
CA THR D 743 -50.39 -39.02 -40.74
C THR D 743 -50.31 -38.60 -42.22
N SER D 744 -49.09 -38.33 -42.67
CA SER D 744 -48.80 -38.03 -44.07
C SER D 744 -47.70 -38.95 -44.61
N LYS D 745 -47.89 -39.48 -45.81
CA LYS D 745 -46.85 -40.27 -46.49
C LYS D 745 -46.97 -40.11 -48.01
N ALA D 746 -45.92 -39.58 -48.64
CA ALA D 746 -45.88 -39.39 -50.10
C ALA D 746 -45.23 -40.60 -50.76
N SER D 747 -45.89 -41.10 -51.81
CA SER D 747 -45.32 -42.05 -52.79
C SER D 747 -45.01 -41.30 -54.07
N ASN D 748 -44.56 -42.02 -55.10
CA ASN D 748 -44.42 -41.45 -56.45
C ASN D 748 -45.79 -41.03 -56.98
N GLU D 749 -45.94 -39.73 -57.20
CA GLU D 749 -47.22 -39.09 -57.60
C GLU D 749 -48.46 -39.66 -56.87
N GLU D 750 -48.34 -39.76 -55.54
CA GLU D 750 -49.47 -40.08 -54.67
C GLU D 750 -49.14 -39.62 -53.24
N ILE D 751 -50.13 -39.05 -52.54
CA ILE D 751 -49.99 -38.60 -51.15
C ILE D 751 -51.13 -39.23 -50.37
N LYS D 752 -50.79 -39.92 -49.28
CA LYS D 752 -51.78 -40.58 -48.44
C LYS D 752 -51.86 -39.82 -47.08
N ILE D 753 -53.00 -39.18 -46.82
CA ILE D 753 -53.25 -38.53 -45.54
C ILE D 753 -54.23 -39.36 -44.73
N THR D 754 -53.81 -39.78 -43.54
CA THR D 754 -54.66 -40.55 -42.67
C THR D 754 -55.13 -39.67 -41.55
N VAL D 755 -56.45 -39.53 -41.42
CA VAL D 755 -57.06 -39.01 -40.21
C VAL D 755 -57.33 -40.21 -39.31
N GLY D 756 -56.49 -40.40 -38.31
CA GLY D 756 -56.58 -41.54 -37.43
C GLY D 756 -57.84 -41.54 -36.59
N GLU D 757 -58.30 -42.74 -36.24
CA GLU D 757 -59.45 -42.90 -35.35
C GLU D 757 -59.17 -42.19 -34.04
N ARG D 758 -60.17 -41.47 -33.53
CA ARG D 758 -59.98 -40.69 -32.32
C ARG D 758 -59.69 -41.61 -31.16
N GLU D 759 -58.60 -41.30 -30.45
CA GLU D 759 -58.24 -41.95 -29.21
C GLU D 759 -59.03 -41.27 -28.09
N TYR D 760 -59.99 -42.00 -27.54
CA TYR D 760 -60.90 -41.49 -26.56
C TYR D 760 -60.43 -41.95 -25.21
N LYS D 761 -60.02 -41.01 -24.35
CA LYS D 761 -59.63 -41.32 -22.97
C LYS D 761 -60.47 -40.50 -21.97
N GLY D 762 -61.79 -40.56 -22.17
CA GLY D 762 -62.76 -39.99 -21.22
C GLY D 762 -63.15 -38.54 -21.46
N TYR D 763 -62.76 -37.97 -22.60
CA TYR D 763 -63.14 -36.63 -22.98
C TYR D 763 -63.47 -36.64 -24.45
N SER D 764 -64.61 -36.04 -24.82
CA SER D 764 -65.02 -35.91 -26.22
C SER D 764 -64.83 -34.49 -26.63
N PRO D 765 -64.32 -34.27 -27.84
CA PRO D 765 -64.05 -32.91 -28.22
C PRO D 765 -65.32 -32.13 -28.54
N ALA D 766 -65.12 -30.84 -28.74
CA ALA D 766 -66.17 -29.97 -29.23
C ALA D 766 -66.63 -30.49 -30.60
N GLY D 767 -67.94 -30.56 -30.78
CA GLY D 767 -68.49 -30.91 -32.07
C GLY D 767 -69.99 -30.69 -32.10
N PRO D 768 -70.61 -30.90 -33.27
CA PRO D 768 -70.00 -31.34 -34.51
C PRO D 768 -69.09 -30.27 -35.15
N ARG D 769 -68.06 -30.72 -35.86
CA ARG D 769 -67.19 -29.83 -36.60
C ARG D 769 -66.62 -30.54 -37.79
N ASN D 770 -66.09 -29.76 -38.73
CA ASN D 770 -65.36 -30.25 -39.87
C ASN D 770 -63.84 -30.07 -39.71
N PHE D 771 -63.08 -31.00 -40.28
CA PHE D 771 -61.65 -30.81 -40.49
C PHE D 771 -61.45 -30.32 -41.90
N ILE D 772 -60.40 -29.53 -42.09
CA ILE D 772 -59.93 -29.16 -43.42
C ILE D 772 -58.45 -29.56 -43.52
N LEU D 773 -58.14 -30.54 -44.36
CA LEU D 773 -56.77 -30.93 -44.62
C LEU D 773 -56.26 -30.02 -45.71
N LYS D 774 -55.13 -29.34 -45.46
CA LYS D 774 -54.54 -28.42 -46.43
C LYS D 774 -53.16 -28.93 -46.80
N ILE D 775 -53.09 -29.59 -47.95
CA ILE D 775 -51.86 -30.21 -48.44
C ILE D 775 -51.18 -29.22 -49.40
N HIS D 776 -49.95 -28.85 -49.04
CA HIS D 776 -49.14 -27.95 -49.87
C HIS D 776 -48.44 -28.76 -50.94
N ALA D 777 -48.78 -28.48 -52.21
CA ALA D 777 -48.23 -29.20 -53.35
C ALA D 777 -48.06 -28.25 -54.53
N SER D 778 -47.13 -28.56 -55.42
CA SER D 778 -46.83 -27.66 -56.55
C SER D 778 -47.90 -27.66 -57.65
N ASN D 779 -48.62 -28.78 -57.82
CA ASN D 779 -49.59 -28.94 -58.92
C ASN D 779 -50.94 -29.42 -58.44
N LYS D 780 -52.00 -28.98 -59.13
CA LYS D 780 -53.33 -29.54 -58.94
C LYS D 780 -53.27 -31.05 -59.17
N PRO D 781 -53.79 -31.87 -58.23
CA PRO D 781 -53.81 -33.31 -58.46
C PRO D 781 -54.96 -33.70 -59.40
N LYS D 782 -54.88 -34.91 -59.93
CA LYS D 782 -55.91 -35.45 -60.84
C LYS D 782 -57.22 -35.68 -60.09
N ASP D 783 -57.12 -36.41 -58.97
CA ASP D 783 -58.27 -36.78 -58.15
C ASP D 783 -57.88 -36.91 -56.68
N VAL D 784 -58.90 -36.87 -55.82
CA VAL D 784 -58.77 -37.20 -54.40
C VAL D 784 -59.85 -38.21 -54.01
N PHE D 785 -59.45 -39.22 -53.25
CA PHE D 785 -60.33 -40.29 -52.79
C PHE D 785 -60.34 -40.34 -51.27
N ALA D 786 -61.53 -40.57 -50.70
CA ALA D 786 -61.68 -40.88 -49.29
C ALA D 786 -62.13 -42.33 -49.24
N GLY D 787 -61.30 -43.18 -48.65
CA GLY D 787 -61.46 -44.63 -48.79
C GLY D 787 -61.39 -45.01 -50.27
N GLY D 788 -62.31 -45.85 -50.71
CA GLY D 788 -62.47 -46.18 -52.13
C GLY D 788 -63.20 -45.14 -52.97
N GLU D 789 -63.95 -44.25 -52.33
CA GLU D 789 -64.82 -43.29 -53.04
C GLU D 789 -64.02 -42.13 -53.62
N LYS D 790 -64.19 -41.85 -54.92
CA LYS D 790 -63.68 -40.63 -55.53
C LYS D 790 -64.49 -39.44 -54.99
N LEU D 791 -63.80 -38.37 -54.61
CA LEU D 791 -64.45 -37.17 -54.08
C LEU D 791 -64.71 -36.17 -55.19
N LYS D 792 -65.73 -35.36 -55.00
CA LYS D 792 -66.05 -34.29 -55.92
C LYS D 792 -65.05 -33.15 -55.75
N ASN D 793 -64.50 -32.67 -56.86
CA ASN D 793 -63.74 -31.42 -56.87
C ASN D 793 -64.75 -30.28 -56.92
N VAL D 794 -64.57 -29.28 -56.06
CA VAL D 794 -65.44 -28.11 -56.02
C VAL D 794 -64.60 -26.84 -56.02
N LYS D 795 -65.26 -25.69 -56.18
CA LYS D 795 -64.57 -24.40 -56.15
C LYS D 795 -64.28 -24.07 -54.68
N PRO D 796 -63.21 -23.30 -54.39
CA PRO D 796 -62.90 -22.92 -53.00
C PRO D 796 -64.09 -22.36 -52.20
N HIS D 797 -64.90 -21.51 -52.84
CA HIS D 797 -66.12 -20.96 -52.22
C HIS D 797 -67.09 -22.05 -51.73
N VAL D 798 -67.25 -23.13 -52.51
CA VAL D 798 -68.17 -24.22 -52.14
C VAL D 798 -67.63 -25.03 -50.95
N LEU D 799 -66.33 -25.35 -50.96
CA LEU D 799 -65.69 -26.07 -49.84
C LEU D 799 -65.81 -25.30 -48.51
N GLU D 800 -65.66 -23.98 -48.58
CA GLU D 800 -65.80 -23.08 -47.42
C GLU D 800 -67.25 -22.81 -46.99
N LYS D 801 -68.20 -23.01 -47.90
CA LYS D 801 -69.63 -22.70 -47.66
C LYS D 801 -70.24 -23.59 -46.57
N ASN D 802 -70.72 -22.96 -45.49
CA ASN D 802 -71.32 -23.64 -44.33
C ASN D 802 -70.38 -24.59 -43.60
N ILE D 803 -69.14 -24.13 -43.41
CA ILE D 803 -68.10 -24.92 -42.75
C ILE D 803 -68.43 -25.18 -41.27
N GLU D 804 -69.23 -24.29 -40.67
CA GLU D 804 -69.69 -24.46 -39.27
C GLU D 804 -71.16 -24.90 -39.10
N ALA D 805 -71.83 -25.22 -40.21
CA ALA D 805 -73.26 -25.61 -40.19
C ALA D 805 -73.55 -26.97 -40.81
N ASP D 806 -72.84 -27.33 -41.89
CA ASP D 806 -73.07 -28.59 -42.60
C ASP D 806 -71.91 -29.58 -42.34
N PHE D 807 -72.24 -30.74 -41.77
CA PHE D 807 -71.26 -31.77 -41.40
C PHE D 807 -71.45 -33.09 -42.15
N THR D 808 -71.96 -32.98 -43.38
CA THR D 808 -72.22 -34.12 -44.27
C THR D 808 -71.44 -34.07 -45.59
N LYS D 809 -70.69 -32.99 -45.85
CA LYS D 809 -69.97 -32.81 -47.11
C LYS D 809 -68.53 -33.30 -46.97
N ILE D 810 -68.11 -34.16 -47.90
CA ILE D 810 -66.71 -34.55 -48.06
C ILE D 810 -66.36 -34.17 -49.49
N ASN D 811 -65.49 -33.17 -49.66
CA ASN D 811 -65.10 -32.69 -50.99
C ASN D 811 -63.71 -32.08 -50.96
N TRP D 812 -63.23 -31.59 -52.09
CA TRP D 812 -61.91 -30.95 -52.16
C TRP D 812 -61.82 -29.84 -53.18
N SER D 813 -60.90 -28.92 -52.95
CA SER D 813 -60.66 -27.78 -53.83
C SER D 813 -59.17 -27.53 -54.02
N TRP D 814 -58.86 -26.71 -55.02
CA TRP D 814 -57.50 -26.33 -55.34
C TRP D 814 -57.38 -24.81 -55.33
N ASN D 815 -56.23 -24.34 -54.84
CA ASN D 815 -55.86 -22.93 -54.87
C ASN D 815 -54.49 -22.82 -55.54
N GLU D 816 -54.48 -22.24 -56.75
CA GLU D 816 -53.28 -22.17 -57.57
C GLU D 816 -52.25 -21.15 -57.03
N ALA D 817 -52.72 -20.04 -56.46
CA ALA D 817 -51.84 -19.00 -55.94
C ALA D 817 -51.09 -19.47 -54.71
N GLU D 818 -51.81 -20.10 -53.78
CA GLU D 818 -51.24 -20.64 -52.53
C GLU D 818 -50.61 -22.03 -52.64
N ASN D 819 -50.82 -22.73 -53.77
CA ASN D 819 -50.33 -24.10 -53.95
C ASN D 819 -50.86 -25.04 -52.86
N VAL D 820 -52.17 -25.00 -52.62
CA VAL D 820 -52.80 -25.80 -51.58
C VAL D 820 -54.01 -26.59 -52.09
N ILE D 821 -54.01 -27.88 -51.77
CA ILE D 821 -55.16 -28.75 -51.91
C ILE D 821 -55.92 -28.74 -50.59
N SER D 822 -57.18 -28.34 -50.59
CA SER D 822 -58.03 -28.43 -49.39
C SER D 822 -58.98 -29.62 -49.51
N VAL D 823 -59.06 -30.44 -48.47
CA VAL D 823 -59.98 -31.55 -48.40
C VAL D 823 -60.84 -31.37 -47.15
N ARG D 824 -62.12 -31.08 -47.35
CA ARG D 824 -63.10 -30.98 -46.28
C ARG D 824 -63.59 -32.37 -45.91
N ILE D 825 -63.53 -32.68 -44.61
CA ILE D 825 -64.06 -33.94 -44.09
C ILE D 825 -64.62 -33.70 -42.69
N PRO D 826 -65.83 -34.23 -42.39
CA PRO D 826 -66.37 -34.13 -41.04
C PRO D 826 -65.54 -34.88 -40.03
N ASP D 827 -65.46 -34.33 -38.82
CA ASP D 827 -64.73 -34.96 -37.73
C ASP D 827 -65.65 -36.01 -37.10
N SER D 828 -65.69 -37.19 -37.71
CA SER D 828 -66.52 -38.29 -37.23
C SER D 828 -65.91 -39.02 -36.05
N GLY D 829 -64.59 -38.88 -35.88
CA GLY D 829 -63.83 -39.69 -34.90
C GLY D 829 -63.41 -41.05 -35.43
N LYS D 830 -63.71 -41.33 -36.70
CA LYS D 830 -63.38 -42.58 -37.36
C LYS D 830 -62.11 -42.43 -38.18
N ASN D 831 -61.43 -43.56 -38.39
CA ASN D 831 -60.30 -43.62 -39.32
C ASN D 831 -60.77 -43.25 -40.73
N ALA D 832 -60.00 -42.41 -41.41
CA ALA D 832 -60.21 -42.17 -42.84
C ALA D 832 -58.85 -42.03 -43.55
N VAL D 833 -58.74 -42.65 -44.73
CA VAL D 833 -57.55 -42.58 -45.55
C VAL D 833 -57.90 -41.75 -46.79
N ILE D 834 -57.20 -40.63 -46.95
CA ILE D 834 -57.39 -39.73 -48.05
C ILE D 834 -56.20 -39.94 -48.97
N THR D 835 -56.49 -40.24 -50.24
CA THR D 835 -55.46 -40.50 -51.23
C THR D 835 -55.54 -39.45 -52.30
N ILE D 836 -54.42 -38.74 -52.49
CA ILE D 836 -54.31 -37.70 -53.49
C ILE D 836 -53.48 -38.29 -54.63
N LYS D 837 -54.08 -38.39 -55.82
CA LYS D 837 -53.41 -38.96 -57.00
C LYS D 837 -52.92 -37.78 -57.80
N ASN D 838 -51.61 -37.65 -57.93
CA ASN D 838 -51.04 -36.55 -58.71
C ASN D 838 -51.07 -36.88 -60.19
#